data_1WJJ
#
_entry.id   1WJJ
#
_entity_poly.entity_id   1
_entity_poly.type   'polypeptide(L)'
_entity_poly.pdbx_seq_one_letter_code
;GSSGSSGSTVKRKPVFVKVEQLKPGTTGHTLTVKVIEANIVVPVTRKTRPASSLSRPSQPSRIVECLIGDETGCILFTAR
NDQVDLMKPGATVILRNSRIDMFKGTMRLGVDKWGRIEATGAASFTVKEDNNLSLVEYESGPSSG
;
_entity_poly.pdbx_strand_id   A
#
# COMPACT_ATOMS: atom_id res chain seq x y z
N GLY A 1 -13.73 -47.53 17.59
CA GLY A 1 -12.46 -46.97 18.00
C GLY A 1 -11.95 -45.95 16.98
N SER A 2 -10.78 -45.41 17.25
CA SER A 2 -10.17 -44.42 16.37
C SER A 2 -11.07 -43.19 16.27
N SER A 3 -10.46 -42.09 15.88
CA SER A 3 -11.19 -40.84 15.73
C SER A 3 -10.72 -40.09 14.48
N GLY A 4 -9.42 -39.80 14.48
CA GLY A 4 -8.82 -39.08 13.37
C GLY A 4 -8.95 -37.57 13.55
N SER A 5 -7.80 -36.91 13.57
CA SER A 5 -7.77 -35.47 13.74
C SER A 5 -6.49 -34.89 13.13
N SER A 6 -6.66 -33.81 12.39
CA SER A 6 -5.52 -33.16 11.75
C SER A 6 -5.59 -31.65 11.98
N GLY A 7 -4.46 -30.99 11.73
CA GLY A 7 -4.38 -29.55 11.91
C GLY A 7 -3.02 -29.15 12.49
N SER A 8 -2.43 -28.14 11.87
CA SER A 8 -1.14 -27.64 12.32
C SER A 8 -1.15 -26.11 12.38
N THR A 9 -1.47 -25.51 11.25
CA THR A 9 -1.53 -24.06 11.16
C THR A 9 -0.17 -23.46 11.52
N VAL A 10 0.52 -22.99 10.48
CA VAL A 10 1.84 -22.39 10.67
C VAL A 10 1.92 -21.09 9.86
N LYS A 11 1.29 -20.06 10.39
CA LYS A 11 1.28 -18.76 9.73
C LYS A 11 2.70 -18.43 9.25
N ARG A 12 3.59 -18.31 10.22
CA ARG A 12 4.98 -18.00 9.91
C ARG A 12 5.08 -16.59 9.34
N LYS A 13 5.19 -15.62 10.23
CA LYS A 13 5.30 -14.22 9.83
C LYS A 13 5.63 -13.37 11.06
N PRO A 14 6.26 -12.20 10.79
CA PRO A 14 6.63 -11.28 11.85
C PRO A 14 5.40 -10.54 12.39
N VAL A 15 5.67 -9.53 13.20
CA VAL A 15 4.59 -8.73 13.78
C VAL A 15 3.93 -7.89 12.69
N PHE A 16 4.74 -7.54 11.69
CA PHE A 16 4.24 -6.72 10.59
C PHE A 16 4.26 -7.52 9.29
N VAL A 17 3.47 -7.05 8.33
CA VAL A 17 3.38 -7.71 7.04
C VAL A 17 4.36 -7.04 6.07
N LYS A 18 4.47 -7.63 4.89
CA LYS A 18 5.36 -7.11 3.87
C LYS A 18 4.55 -6.75 2.62
N VAL A 19 5.20 -6.02 1.73
CA VAL A 19 4.55 -5.59 0.50
C VAL A 19 4.28 -6.82 -0.38
N GLU A 20 5.31 -7.63 -0.53
CA GLU A 20 5.18 -8.84 -1.34
C GLU A 20 4.24 -9.84 -0.66
N GLN A 21 3.87 -9.52 0.57
CA GLN A 21 2.98 -10.38 1.33
C GLN A 21 1.53 -9.93 1.14
N LEU A 22 1.37 -8.86 0.39
CA LEU A 22 0.04 -8.32 0.13
C LEU A 22 -0.68 -9.22 -0.88
N LYS A 23 -1.99 -9.07 -0.92
CA LYS A 23 -2.80 -9.86 -1.84
C LYS A 23 -4.21 -9.27 -1.91
N PRO A 24 -4.92 -9.60 -3.02
CA PRO A 24 -6.27 -9.12 -3.23
C PRO A 24 -7.26 -9.84 -2.31
N GLY A 25 -8.21 -9.08 -1.80
CA GLY A 25 -9.23 -9.64 -0.91
C GLY A 25 -8.80 -9.52 0.55
N THR A 26 -7.65 -8.90 0.75
CA THR A 26 -7.14 -8.71 2.09
C THR A 26 -7.40 -7.28 2.57
N THR A 27 -7.38 -7.11 3.88
CA THR A 27 -7.61 -5.80 4.48
C THR A 27 -6.83 -5.66 5.79
N GLY A 28 -6.97 -4.49 6.40
CA GLY A 28 -6.29 -4.22 7.65
C GLY A 28 -4.90 -4.87 7.68
N HIS A 29 -3.93 -4.11 7.22
CA HIS A 29 -2.55 -4.60 7.19
C HIS A 29 -1.66 -3.68 8.03
N THR A 30 -0.53 -4.24 8.45
CA THR A 30 0.41 -3.49 9.26
C THR A 30 1.85 -3.76 8.81
N LEU A 31 2.44 -2.76 8.18
CA LEU A 31 3.80 -2.88 7.69
C LEU A 31 4.44 -1.49 7.60
N THR A 32 5.73 -1.49 7.33
CA THR A 32 6.46 -0.23 7.22
C THR A 32 6.82 0.04 5.75
N VAL A 33 6.13 1.04 5.19
CA VAL A 33 6.37 1.41 3.81
C VAL A 33 7.23 2.67 3.77
N LYS A 34 8.23 2.64 2.89
CA LYS A 34 9.14 3.76 2.74
C LYS A 34 8.84 4.47 1.41
N VAL A 35 8.53 5.75 1.52
CA VAL A 35 8.23 6.54 0.34
C VAL A 35 9.52 6.76 -0.46
N ILE A 36 9.36 6.77 -1.78
CA ILE A 36 10.49 6.97 -2.66
C ILE A 36 10.26 8.22 -3.52
N GLU A 37 9.09 8.26 -4.15
CA GLU A 37 8.74 9.39 -4.99
C GLU A 37 7.29 9.80 -4.73
N ALA A 38 7.01 11.06 -5.04
CA ALA A 38 5.68 11.60 -4.84
C ALA A 38 5.36 12.60 -5.96
N ASN A 39 4.51 12.17 -6.87
CA ASN A 39 4.12 13.02 -7.98
C ASN A 39 2.61 12.90 -8.21
N ILE A 40 2.04 13.98 -8.71
CA ILE A 40 0.60 14.01 -8.97
C ILE A 40 0.23 12.81 -9.85
N VAL A 41 -1.03 12.43 -9.76
CA VAL A 41 -1.54 11.31 -10.53
C VAL A 41 -1.82 11.77 -11.96
N VAL A 42 -0.89 11.44 -12.85
CA VAL A 42 -1.02 11.81 -14.25
C VAL A 42 -2.09 10.95 -14.90
N PRO A 43 -2.67 11.47 -16.02
CA PRO A 43 -3.69 10.76 -16.75
C PRO A 43 -3.09 9.60 -17.55
N VAL A 44 -3.88 9.12 -18.51
CA VAL A 44 -3.45 8.02 -19.35
C VAL A 44 -3.27 6.76 -18.50
N THR A 45 -2.10 6.66 -17.88
CA THR A 45 -1.79 5.53 -17.04
C THR A 45 -2.33 5.75 -15.62
N ARG A 46 -3.26 4.90 -15.23
CA ARG A 46 -3.86 4.99 -13.92
C ARG A 46 -4.63 6.31 -13.77
N LYS A 47 -5.93 6.19 -13.60
CA LYS A 47 -6.79 7.36 -13.46
C LYS A 47 -8.16 6.92 -12.95
N THR A 48 -8.39 7.18 -11.68
CA THR A 48 -9.66 6.81 -11.06
C THR A 48 -9.87 7.62 -9.77
N ARG A 49 -11.10 8.08 -9.61
CA ARG A 49 -11.46 8.86 -8.44
C ARG A 49 -12.77 9.61 -8.67
N PRO A 50 -12.81 10.36 -9.79
CA PRO A 50 -14.00 11.12 -10.14
C PRO A 50 -15.10 10.20 -10.68
N ALA A 51 -14.76 9.45 -11.71
CA ALA A 51 -15.70 8.54 -12.33
C ALA A 51 -17.01 9.28 -12.63
N SER A 52 -16.93 10.18 -13.59
CA SER A 52 -18.08 10.96 -13.98
C SER A 52 -18.65 11.71 -12.78
N SER A 53 -18.15 12.93 -12.59
CA SER A 53 -18.59 13.76 -11.49
C SER A 53 -17.86 15.11 -11.52
N LEU A 54 -18.47 16.07 -12.21
CA LEU A 54 -17.90 17.39 -12.32
C LEU A 54 -19.02 18.42 -12.49
N SER A 55 -19.17 19.25 -11.48
CA SER A 55 -20.20 20.28 -11.50
C SER A 55 -20.25 21.01 -10.16
N ARG A 56 -20.56 20.24 -9.12
CA ARG A 56 -20.64 20.80 -7.78
C ARG A 56 -19.24 21.10 -7.24
N PRO A 57 -19.13 22.25 -6.53
CA PRO A 57 -17.86 22.67 -5.96
C PRO A 57 -17.52 21.85 -4.72
N SER A 58 -16.52 20.99 -4.87
CA SER A 58 -16.09 20.15 -3.77
C SER A 58 -14.84 20.74 -3.11
N GLN A 59 -14.34 20.02 -2.11
CA GLN A 59 -13.16 20.47 -1.39
C GLN A 59 -11.90 20.05 -2.14
N PRO A 60 -10.83 20.86 -1.95
CA PRO A 60 -9.55 20.60 -2.61
C PRO A 60 -8.83 19.44 -1.92
N SER A 61 -9.10 18.24 -2.42
CA SER A 61 -8.49 17.04 -1.87
C SER A 61 -7.21 16.71 -2.65
N ARG A 62 -6.21 17.55 -2.46
CA ARG A 62 -4.93 17.35 -3.13
C ARG A 62 -4.48 15.90 -3.02
N ILE A 63 -4.66 15.17 -4.11
CA ILE A 63 -4.27 13.77 -4.13
C ILE A 63 -3.02 13.60 -5.01
N VAL A 64 -2.06 12.86 -4.48
CA VAL A 64 -0.82 12.62 -5.19
C VAL A 64 -0.35 11.19 -4.93
N GLU A 65 0.10 10.55 -5.98
CA GLU A 65 0.57 9.17 -5.88
C GLU A 65 2.05 9.16 -5.46
N CYS A 66 2.33 8.36 -4.43
CA CYS A 66 3.68 8.24 -3.91
C CYS A 66 4.06 6.77 -3.90
N LEU A 67 5.32 6.51 -4.21
CA LEU A 67 5.84 5.15 -4.24
C LEU A 67 6.32 4.77 -2.84
N ILE A 68 5.66 3.77 -2.27
CA ILE A 68 6.01 3.29 -0.95
C ILE A 68 6.06 1.76 -0.95
N GLY A 69 6.86 1.22 -0.05
CA GLY A 69 7.01 -0.22 0.06
C GLY A 69 8.18 -0.59 0.97
N ASP A 70 8.62 -1.83 0.85
CA ASP A 70 9.72 -2.31 1.65
C ASP A 70 10.70 -3.08 0.76
N GLU A 71 11.75 -3.59 1.38
CA GLU A 71 12.77 -4.34 0.65
C GLU A 71 12.10 -5.33 -0.31
N THR A 72 11.04 -5.95 0.18
CA THR A 72 10.31 -6.92 -0.63
C THR A 72 9.89 -6.30 -1.96
N GLY A 73 8.80 -5.54 -1.92
CA GLY A 73 8.29 -4.88 -3.10
C GLY A 73 7.68 -3.53 -2.75
N CYS A 74 7.07 -2.92 -3.76
CA CYS A 74 6.43 -1.62 -3.59
C CYS A 74 5.06 -1.66 -4.25
N ILE A 75 4.24 -0.67 -3.91
CA ILE A 75 2.91 -0.57 -4.48
C ILE A 75 2.50 0.90 -4.54
N LEU A 76 1.45 1.15 -5.32
CA LEU A 76 0.94 2.51 -5.47
C LEU A 76 -0.10 2.78 -4.39
N PHE A 77 0.14 3.82 -3.63
CA PHE A 77 -0.77 4.20 -2.55
C PHE A 77 -1.16 5.67 -2.67
N THR A 78 -2.46 5.92 -2.51
CA THR A 78 -2.98 7.27 -2.59
C THR A 78 -2.97 7.93 -1.22
N ALA A 79 -2.52 9.18 -1.20
CA ALA A 79 -2.44 9.93 0.04
C ALA A 79 -3.20 11.25 -0.12
N ARG A 80 -4.05 11.53 0.86
CA ARG A 80 -4.84 12.75 0.83
C ARG A 80 -3.95 13.97 1.13
N ASN A 81 -4.53 15.14 0.95
CA ASN A 81 -3.80 16.38 1.18
C ASN A 81 -3.13 16.32 2.55
N ASP A 82 -3.67 15.45 3.40
CA ASP A 82 -3.13 15.28 4.74
C ASP A 82 -2.07 14.18 4.73
N GLN A 83 -2.49 13.01 4.29
CA GLN A 83 -1.60 11.87 4.21
C GLN A 83 -0.37 12.20 3.35
N VAL A 84 -0.63 12.88 2.26
CA VAL A 84 0.44 13.27 1.34
C VAL A 84 1.67 13.69 2.17
N ASP A 85 1.41 14.53 3.17
CA ASP A 85 2.48 15.00 4.02
C ASP A 85 3.22 13.82 4.62
N LEU A 86 2.46 12.91 5.21
CA LEU A 86 3.03 11.72 5.82
C LEU A 86 3.63 10.83 4.74
N MET A 87 3.02 10.89 3.56
CA MET A 87 3.49 10.10 2.43
C MET A 87 4.48 10.90 1.58
N LYS A 88 5.31 11.66 2.25
CA LYS A 88 6.31 12.48 1.57
C LYS A 88 7.43 11.57 1.07
N PRO A 89 8.14 12.08 0.01
CA PRO A 89 9.24 11.33 -0.58
C PRO A 89 10.47 11.37 0.32
N GLY A 90 11.03 10.19 0.57
CA GLY A 90 12.21 10.08 1.41
C GLY A 90 11.83 10.05 2.88
N ALA A 91 10.61 9.62 3.14
CA ALA A 91 10.11 9.53 4.51
C ALA A 91 9.59 8.11 4.77
N THR A 92 9.71 7.71 6.02
CA THR A 92 9.27 6.38 6.42
C THR A 92 7.98 6.48 7.25
N VAL A 93 6.97 5.75 6.80
CA VAL A 93 5.69 5.74 7.49
C VAL A 93 5.12 4.33 7.48
N ILE A 94 4.21 4.08 8.42
CA ILE A 94 3.58 2.78 8.53
C ILE A 94 2.09 2.90 8.20
N LEU A 95 1.50 1.77 7.87
CA LEU A 95 0.08 1.74 7.54
C LEU A 95 -0.64 0.78 8.49
N ARG A 96 -1.53 1.34 9.28
CA ARG A 96 -2.30 0.54 10.24
C ARG A 96 -3.74 0.39 9.76
N ASN A 97 -4.18 -0.87 9.73
CA ASN A 97 -5.53 -1.17 9.30
C ASN A 97 -5.68 -0.81 7.81
N SER A 98 -4.56 -0.85 7.11
CA SER A 98 -4.54 -0.54 5.69
C SER A 98 -5.27 -1.63 4.91
N ARG A 99 -6.02 -1.20 3.90
CA ARG A 99 -6.75 -2.13 3.06
C ARG A 99 -6.21 -2.12 1.64
N ILE A 100 -6.44 -3.22 0.94
CA ILE A 100 -5.98 -3.35 -0.42
C ILE A 100 -7.17 -3.29 -1.38
N ASP A 101 -7.08 -2.39 -2.35
CA ASP A 101 -8.14 -2.23 -3.32
C ASP A 101 -7.82 -3.06 -4.56
N MET A 102 -8.77 -3.90 -4.94
CA MET A 102 -8.60 -4.75 -6.10
C MET A 102 -8.81 -3.95 -7.40
N PHE A 103 -7.70 -3.50 -7.96
CA PHE A 103 -7.73 -2.73 -9.19
C PHE A 103 -7.82 -3.64 -10.41
N LYS A 104 -8.30 -3.07 -11.51
CA LYS A 104 -8.43 -3.83 -12.74
C LYS A 104 -7.20 -4.71 -12.95
N GLY A 105 -7.32 -5.96 -12.55
CA GLY A 105 -6.23 -6.91 -12.67
C GLY A 105 -4.98 -6.40 -11.93
N THR A 106 -5.24 -5.71 -10.83
CA THR A 106 -4.15 -5.18 -10.03
C THR A 106 -4.65 -4.80 -8.62
N MET A 107 -3.77 -4.20 -7.85
CA MET A 107 -4.11 -3.79 -6.50
C MET A 107 -3.24 -2.61 -6.06
N ARG A 108 -3.63 -2.03 -4.94
CA ARG A 108 -2.91 -0.89 -4.38
C ARG A 108 -3.08 -0.83 -2.86
N LEU A 109 -2.22 -0.05 -2.24
CA LEU A 109 -2.26 0.10 -0.80
C LEU A 109 -3.05 1.37 -0.44
N GLY A 110 -3.91 1.22 0.56
CA GLY A 110 -4.73 2.34 0.99
C GLY A 110 -5.12 2.20 2.47
N VAL A 111 -5.72 3.24 3.00
CA VAL A 111 -6.14 3.24 4.40
C VAL A 111 -7.63 3.60 4.47
N ASP A 112 -8.37 2.78 5.19
CA ASP A 112 -9.80 3.00 5.35
C ASP A 112 -10.03 4.06 6.44
N LYS A 113 -11.29 4.41 6.63
CA LYS A 113 -11.66 5.40 7.62
C LYS A 113 -11.33 4.86 9.02
N TRP A 114 -11.27 3.53 9.10
CA TRP A 114 -10.97 2.88 10.36
C TRP A 114 -9.46 2.60 10.40
N GLY A 115 -8.72 3.43 9.69
CA GLY A 115 -7.28 3.28 9.64
C GLY A 115 -6.59 4.64 9.57
N ARG A 116 -5.45 4.73 10.23
CA ARG A 116 -4.69 5.96 10.26
C ARG A 116 -3.19 5.68 10.06
N ILE A 117 -2.49 6.69 9.58
CA ILE A 117 -1.06 6.56 9.34
C ILE A 117 -0.31 6.66 10.68
N GLU A 118 0.88 6.09 10.69
CA GLU A 118 1.70 6.11 11.89
C GLU A 118 2.77 7.21 11.79
N ALA A 119 3.58 7.10 10.75
CA ALA A 119 4.63 8.07 10.53
C ALA A 119 5.89 7.64 11.28
N THR A 120 6.20 6.35 11.17
CA THR A 120 7.36 5.80 11.84
C THR A 120 8.56 6.74 11.68
N GLY A 121 9.59 6.46 12.47
CA GLY A 121 10.80 7.27 12.43
C GLY A 121 11.48 7.15 11.06
N ALA A 122 12.28 6.11 10.92
CA ALA A 122 12.99 5.87 9.68
C ALA A 122 12.79 4.42 9.25
N ALA A 123 12.93 4.21 7.95
CA ALA A 123 12.76 2.87 7.39
C ALA A 123 13.91 1.97 7.87
N SER A 124 15.11 2.31 7.42
CA SER A 124 16.29 1.55 7.81
C SER A 124 16.49 0.39 6.83
N PHE A 125 15.62 0.33 5.83
CA PHE A 125 15.70 -0.71 4.83
C PHE A 125 15.63 -0.14 3.42
N THR A 126 16.29 -0.82 2.50
CA THR A 126 16.31 -0.38 1.11
C THR A 126 15.11 -0.96 0.35
N VAL A 127 14.25 -0.06 -0.10
CA VAL A 127 13.07 -0.45 -0.83
C VAL A 127 13.48 -1.05 -2.18
N LYS A 128 12.71 -2.03 -2.63
CA LYS A 128 12.99 -2.70 -3.88
C LYS A 128 12.12 -2.07 -4.98
N GLU A 129 12.56 -0.92 -5.45
CA GLU A 129 11.85 -0.21 -6.51
C GLU A 129 11.95 -0.98 -7.83
N ASP A 130 11.44 -2.21 -7.80
CA ASP A 130 11.46 -3.05 -8.98
C ASP A 130 10.32 -4.07 -8.89
N ASN A 131 10.19 -4.67 -7.71
CA ASN A 131 9.14 -5.65 -7.49
C ASN A 131 7.83 -4.94 -7.17
N ASN A 132 7.47 -4.01 -8.04
CA ASN A 132 6.25 -3.25 -7.85
C ASN A 132 5.05 -4.19 -7.90
N LEU A 133 4.07 -3.91 -7.06
CA LEU A 133 2.87 -4.73 -6.99
C LEU A 133 1.73 -4.00 -7.72
N SER A 134 1.90 -2.70 -7.87
CA SER A 134 0.90 -1.88 -8.54
C SER A 134 1.05 -2.00 -10.05
N LEU A 135 2.02 -2.81 -10.46
CA LEU A 135 2.28 -3.01 -11.88
C LEU A 135 1.82 -4.42 -12.27
N VAL A 136 2.40 -5.41 -11.60
CA VAL A 136 2.06 -6.80 -11.89
C VAL A 136 0.53 -6.94 -11.90
N GLU A 137 0.07 -7.90 -12.71
CA GLU A 137 -1.35 -8.15 -12.82
C GLU A 137 -1.68 -9.56 -12.32
N TYR A 138 -2.73 -9.64 -11.52
CA TYR A 138 -3.16 -10.92 -10.97
C TYR A 138 -4.31 -11.50 -11.79
N GLU A 139 -4.21 -12.80 -12.02
CA GLU A 139 -5.24 -13.50 -12.79
C GLU A 139 -5.36 -12.90 -14.19
N SER A 140 -5.03 -13.70 -15.19
CA SER A 140 -5.10 -13.27 -16.57
C SER A 140 -6.51 -12.77 -16.89
N GLY A 141 -6.60 -11.47 -17.16
CA GLY A 141 -7.88 -10.87 -17.49
C GLY A 141 -7.71 -9.71 -18.47
N PRO A 142 -8.76 -8.87 -18.57
CA PRO A 142 -8.74 -7.73 -19.46
C PRO A 142 -7.86 -6.61 -18.90
N SER A 143 -7.79 -5.51 -19.64
CA SER A 143 -7.00 -4.37 -19.23
C SER A 143 -7.78 -3.08 -19.46
N SER A 144 -8.23 -2.90 -20.70
CA SER A 144 -8.99 -1.72 -21.05
C SER A 144 -9.80 -1.99 -22.32
N GLY A 145 -10.97 -2.58 -22.12
CA GLY A 145 -11.85 -2.90 -23.23
C GLY A 145 -11.92 -4.41 -23.46
N GLY A 1 -17.17 -42.58 18.89
CA GLY A 1 -15.74 -42.34 18.93
C GLY A 1 -15.33 -41.26 17.93
N SER A 2 -14.04 -41.18 17.69
CA SER A 2 -13.51 -40.20 16.75
C SER A 2 -11.98 -40.29 16.70
N SER A 3 -11.42 -39.62 15.71
CA SER A 3 -9.97 -39.61 15.54
C SER A 3 -9.53 -38.34 14.83
N GLY A 4 -8.24 -38.07 14.91
CA GLY A 4 -7.68 -36.88 14.28
C GLY A 4 -6.15 -36.94 14.27
N SER A 5 -5.57 -36.04 13.49
CA SER A 5 -4.12 -35.98 13.38
C SER A 5 -3.69 -34.66 12.73
N SER A 6 -2.39 -34.40 12.77
CA SER A 6 -1.86 -33.18 12.20
C SER A 6 -0.36 -33.07 12.53
N GLY A 7 0.38 -32.50 11.57
CA GLY A 7 1.81 -32.33 11.74
C GLY A 7 2.14 -30.95 12.27
N SER A 8 3.10 -30.30 11.63
CA SER A 8 3.52 -28.98 12.04
C SER A 8 4.47 -28.38 11.00
N THR A 9 3.88 -27.73 10.00
CA THR A 9 4.67 -27.12 8.95
C THR A 9 3.93 -25.90 8.38
N VAL A 10 4.57 -24.75 8.52
CA VAL A 10 3.99 -23.51 8.02
C VAL A 10 4.92 -22.35 8.39
N LYS A 11 5.25 -21.56 7.38
CA LYS A 11 6.13 -20.42 7.57
C LYS A 11 5.40 -19.38 8.43
N ARG A 12 6.12 -18.86 9.42
CA ARG A 12 5.57 -17.86 10.31
C ARG A 12 5.86 -16.46 9.80
N LYS A 13 5.08 -15.51 10.28
CA LYS A 13 5.25 -14.12 9.87
C LYS A 13 5.61 -13.28 11.09
N PRO A 14 6.28 -12.12 10.82
CA PRO A 14 6.70 -11.22 11.87
C PRO A 14 5.50 -10.44 12.42
N VAL A 15 5.82 -9.48 13.29
CA VAL A 15 4.78 -8.65 13.88
C VAL A 15 4.11 -7.81 12.80
N PHE A 16 4.90 -7.45 11.80
CA PHE A 16 4.39 -6.65 10.69
C PHE A 16 4.40 -7.45 9.39
N VAL A 17 3.56 -7.01 8.46
CA VAL A 17 3.46 -7.68 7.18
C VAL A 17 4.40 -7.00 6.18
N LYS A 18 4.44 -7.55 4.97
CA LYS A 18 5.29 -7.01 3.93
C LYS A 18 4.44 -6.67 2.70
N VAL A 19 5.07 -6.03 1.74
CA VAL A 19 4.39 -5.64 0.51
C VAL A 19 4.16 -6.88 -0.34
N GLU A 20 5.19 -7.71 -0.43
CA GLU A 20 5.10 -8.93 -1.22
C GLU A 20 4.15 -9.93 -0.54
N GLN A 21 3.71 -9.56 0.65
CA GLN A 21 2.79 -10.41 1.40
C GLN A 21 1.35 -9.99 1.15
N LEU A 22 1.19 -8.86 0.48
CA LEU A 22 -0.12 -8.34 0.17
C LEU A 22 -0.80 -9.25 -0.86
N LYS A 23 -2.11 -9.17 -0.91
CA LYS A 23 -2.89 -9.97 -1.83
C LYS A 23 -4.32 -9.45 -1.90
N PRO A 24 -5.04 -9.86 -2.98
CA PRO A 24 -6.41 -9.43 -3.17
C PRO A 24 -7.35 -10.16 -2.21
N GLY A 25 -8.19 -9.37 -1.55
CA GLY A 25 -9.15 -9.94 -0.61
C GLY A 25 -8.69 -9.71 0.83
N THR A 26 -7.52 -9.09 0.96
CA THR A 26 -6.96 -8.81 2.27
C THR A 26 -7.32 -7.39 2.72
N THR A 27 -7.27 -7.18 4.02
CA THR A 27 -7.58 -5.88 4.58
C THR A 27 -6.81 -5.65 5.88
N GLY A 28 -6.91 -4.43 6.39
CA GLY A 28 -6.22 -4.08 7.61
C GLY A 28 -4.84 -4.73 7.68
N HIS A 29 -3.85 -4.00 7.22
CA HIS A 29 -2.49 -4.49 7.22
C HIS A 29 -1.59 -3.56 8.03
N THR A 30 -0.46 -4.09 8.47
CA THR A 30 0.48 -3.32 9.26
C THR A 30 1.92 -3.63 8.85
N LEU A 31 2.56 -2.66 8.24
CA LEU A 31 3.94 -2.82 7.79
C LEU A 31 4.60 -1.44 7.67
N THR A 32 5.91 -1.47 7.48
CA THR A 32 6.67 -0.24 7.34
C THR A 32 6.98 0.04 5.87
N VAL A 33 6.29 1.02 5.32
CA VAL A 33 6.50 1.39 3.93
C VAL A 33 7.36 2.64 3.86
N LYS A 34 8.35 2.60 2.98
CA LYS A 34 9.25 3.72 2.80
C LYS A 34 8.94 4.42 1.48
N VAL A 35 8.64 5.71 1.58
CA VAL A 35 8.32 6.50 0.41
C VAL A 35 9.59 6.69 -0.43
N ILE A 36 9.39 6.74 -1.74
CA ILE A 36 10.51 6.93 -2.66
C ILE A 36 10.25 8.17 -3.52
N GLU A 37 9.07 8.20 -4.12
CA GLU A 37 8.70 9.32 -4.96
C GLU A 37 7.27 9.77 -4.65
N ALA A 38 6.97 10.99 -5.06
CA ALA A 38 5.65 11.56 -4.82
C ALA A 38 5.36 12.63 -5.86
N ASN A 39 4.39 12.35 -6.72
CA ASN A 39 4.01 13.28 -7.77
C ASN A 39 2.49 13.32 -7.88
N ILE A 40 1.99 14.51 -8.20
CA ILE A 40 0.55 14.69 -8.34
C ILE A 40 0.00 13.63 -9.29
N VAL A 41 -1.31 13.38 -9.16
CA VAL A 41 -1.96 12.40 -10.00
C VAL A 41 -2.23 13.00 -11.38
N VAL A 42 -1.25 12.87 -12.25
CA VAL A 42 -1.36 13.38 -13.60
C VAL A 42 -2.52 12.70 -14.32
N PRO A 43 -3.04 13.39 -15.36
CA PRO A 43 -4.15 12.85 -16.13
C PRO A 43 -3.68 11.73 -17.06
N VAL A 44 -4.63 10.88 -17.45
CA VAL A 44 -4.33 9.77 -18.33
C VAL A 44 -3.47 8.75 -17.58
N THR A 45 -3.93 8.41 -16.38
CA THR A 45 -3.23 7.45 -15.56
C THR A 45 -4.21 6.46 -14.95
N ARG A 46 -3.70 5.65 -14.04
CA ARG A 46 -4.52 4.65 -13.37
C ARG A 46 -5.78 5.29 -12.80
N LYS A 47 -6.89 5.08 -13.51
CA LYS A 47 -8.17 5.64 -13.08
C LYS A 47 -8.13 7.16 -13.25
N THR A 48 -9.28 7.70 -13.67
CA THR A 48 -9.40 9.13 -13.88
C THR A 48 -10.27 9.75 -12.79
N ARG A 49 -11.54 9.38 -12.81
CA ARG A 49 -12.48 9.90 -11.83
C ARG A 49 -12.80 8.83 -10.78
N PRO A 50 -12.81 9.26 -9.49
CA PRO A 50 -13.10 8.37 -8.39
C PRO A 50 -14.59 8.04 -8.33
N ALA A 51 -15.39 9.08 -8.46
CA ALA A 51 -16.84 8.92 -8.41
C ALA A 51 -17.51 10.23 -8.81
N SER A 52 -18.83 10.17 -8.94
CA SER A 52 -19.60 11.34 -9.31
C SER A 52 -20.03 12.12 -8.07
N SER A 53 -19.09 12.89 -7.54
CA SER A 53 -19.35 13.69 -6.35
C SER A 53 -18.09 14.45 -5.94
N LEU A 54 -17.88 15.57 -6.61
CA LEU A 54 -16.72 16.40 -6.33
C LEU A 54 -16.81 17.69 -7.15
N SER A 55 -17.13 18.78 -6.46
CA SER A 55 -17.25 20.07 -7.12
C SER A 55 -16.73 21.18 -6.18
N ARG A 56 -17.41 21.33 -5.07
CA ARG A 56 -17.04 22.34 -4.09
C ARG A 56 -17.69 22.05 -2.74
N PRO A 57 -17.23 20.93 -2.10
CA PRO A 57 -17.76 20.53 -0.81
C PRO A 57 -17.24 21.44 0.30
N SER A 58 -15.96 21.78 0.20
CA SER A 58 -15.33 22.63 1.18
C SER A 58 -13.92 23.01 0.72
N GLN A 59 -13.13 21.98 0.44
CA GLN A 59 -11.76 22.19 0.00
C GLN A 59 -11.33 21.04 -0.91
N PRO A 60 -10.36 21.35 -1.81
CA PRO A 60 -9.84 20.35 -2.73
C PRO A 60 -8.90 19.37 -2.03
N SER A 61 -9.23 18.09 -2.14
CA SER A 61 -8.43 17.06 -1.52
C SER A 61 -7.25 16.70 -2.41
N ARG A 62 -6.26 17.57 -2.39
CA ARG A 62 -5.05 17.36 -3.20
C ARG A 62 -4.53 15.93 -3.00
N ILE A 63 -4.76 15.11 -4.01
CA ILE A 63 -4.33 13.73 -3.97
C ILE A 63 -3.05 13.58 -4.80
N VAL A 64 -2.05 12.94 -4.19
CA VAL A 64 -0.79 12.73 -4.86
C VAL A 64 -0.37 11.26 -4.71
N GLU A 65 0.18 10.71 -5.78
CA GLU A 65 0.62 9.33 -5.78
C GLU A 65 2.09 9.24 -5.37
N CYS A 66 2.35 8.46 -4.32
CA CYS A 66 3.69 8.29 -3.82
C CYS A 66 4.02 6.79 -3.86
N LEU A 67 5.30 6.51 -4.05
CA LEU A 67 5.76 5.13 -4.10
C LEU A 67 6.30 4.72 -2.73
N ILE A 68 5.64 3.73 -2.14
CA ILE A 68 6.04 3.25 -0.83
C ILE A 68 6.08 1.72 -0.85
N GLY A 69 6.91 1.17 0.01
CA GLY A 69 7.06 -0.29 0.11
C GLY A 69 8.23 -0.66 1.01
N ASP A 70 8.69 -1.89 0.84
CA ASP A 70 9.80 -2.38 1.64
C ASP A 70 10.77 -3.14 0.73
N GLU A 71 11.83 -3.65 1.34
CA GLU A 71 12.84 -4.40 0.61
C GLU A 71 12.17 -5.43 -0.31
N THR A 72 10.99 -5.86 0.11
CA THR A 72 10.25 -6.84 -0.66
C THR A 72 9.79 -6.25 -1.99
N GLY A 73 8.76 -5.41 -1.90
CA GLY A 73 8.21 -4.76 -3.08
C GLY A 73 7.59 -3.41 -2.73
N CYS A 74 6.92 -2.82 -3.72
CA CYS A 74 6.28 -1.54 -3.53
C CYS A 74 4.91 -1.59 -4.21
N ILE A 75 4.10 -0.58 -3.91
CA ILE A 75 2.77 -0.51 -4.48
C ILE A 75 2.37 0.97 -4.64
N LEU A 76 1.35 1.20 -5.46
CA LEU A 76 0.87 2.54 -5.69
C LEU A 76 -0.22 2.88 -4.67
N PHE A 77 0.18 3.63 -3.66
CA PHE A 77 -0.75 4.03 -2.62
C PHE A 77 -1.13 5.51 -2.75
N THR A 78 -2.41 5.78 -2.53
CA THR A 78 -2.91 7.14 -2.63
C THR A 78 -2.94 7.79 -1.24
N ALA A 79 -2.40 9.00 -1.18
CA ALA A 79 -2.37 9.74 0.07
C ALA A 79 -3.16 11.03 -0.08
N ARG A 80 -3.98 11.30 0.93
CA ARG A 80 -4.81 12.50 0.92
C ARG A 80 -3.95 13.74 1.16
N ASN A 81 -4.57 14.89 0.98
CA ASN A 81 -3.87 16.15 1.17
C ASN A 81 -3.19 16.15 2.53
N ASP A 82 -3.69 15.30 3.41
CA ASP A 82 -3.14 15.18 4.75
C ASP A 82 -2.05 14.11 4.76
N GLN A 83 -2.43 12.92 4.33
CA GLN A 83 -1.50 11.81 4.28
C GLN A 83 -0.28 12.16 3.41
N VAL A 84 -0.56 12.82 2.30
CA VAL A 84 0.49 13.22 1.39
C VAL A 84 1.71 13.67 2.19
N ASP A 85 1.45 14.49 3.20
CA ASP A 85 2.50 15.00 4.05
C ASP A 85 3.29 13.83 4.64
N LEU A 86 2.56 12.94 5.29
CA LEU A 86 3.17 11.77 5.90
C LEU A 86 3.79 10.89 4.81
N MET A 87 3.13 10.87 3.66
CA MET A 87 3.60 10.09 2.53
C MET A 87 4.57 10.89 1.67
N LYS A 88 5.45 11.61 2.34
CA LYS A 88 6.44 12.43 1.65
C LYS A 88 7.54 11.53 1.10
N PRO A 89 8.20 12.02 0.03
CA PRO A 89 9.28 11.27 -0.60
C PRO A 89 10.55 11.32 0.24
N GLY A 90 11.13 10.15 0.44
CA GLY A 90 12.36 10.04 1.23
C GLY A 90 12.04 10.01 2.72
N ALA A 91 10.82 9.60 3.02
CA ALA A 91 10.38 9.51 4.41
C ALA A 91 9.87 8.10 4.70
N THR A 92 9.89 7.73 5.97
CA THR A 92 9.43 6.43 6.38
C THR A 92 8.15 6.55 7.22
N VAL A 93 7.15 5.77 6.82
CA VAL A 93 5.87 5.78 7.52
C VAL A 93 5.28 4.37 7.51
N ILE A 94 4.37 4.15 8.44
CA ILE A 94 3.72 2.85 8.55
C ILE A 94 2.25 2.98 8.16
N LEU A 95 1.66 1.86 7.77
CA LEU A 95 0.27 1.84 7.37
C LEU A 95 -0.52 0.92 8.31
N ARG A 96 -1.43 1.53 9.06
CA ARG A 96 -2.24 0.79 10.00
C ARG A 96 -3.67 0.64 9.46
N ASN A 97 -4.19 -0.57 9.58
CA ASN A 97 -5.53 -0.86 9.11
C ASN A 97 -5.63 -0.53 7.62
N SER A 98 -4.55 -0.83 6.90
CA SER A 98 -4.51 -0.57 5.47
C SER A 98 -5.18 -1.71 4.72
N ARG A 99 -6.08 -1.34 3.81
CA ARG A 99 -6.79 -2.30 3.02
C ARG A 99 -6.24 -2.35 1.59
N ILE A 100 -6.52 -3.45 0.91
CA ILE A 100 -6.06 -3.62 -0.46
C ILE A 100 -7.25 -3.59 -1.40
N ASP A 101 -7.17 -2.71 -2.40
CA ASP A 101 -8.24 -2.56 -3.36
C ASP A 101 -7.90 -3.41 -4.60
N MET A 102 -8.87 -4.20 -5.02
CA MET A 102 -8.70 -5.05 -6.18
C MET A 102 -8.90 -4.27 -7.47
N PHE A 103 -7.77 -3.90 -8.08
CA PHE A 103 -7.81 -3.15 -9.33
C PHE A 103 -7.84 -4.09 -10.54
N LYS A 104 -8.32 -3.55 -11.65
CA LYS A 104 -8.40 -4.31 -12.88
C LYS A 104 -7.13 -5.15 -13.05
N GLY A 105 -7.22 -6.40 -12.62
CA GLY A 105 -6.09 -7.31 -12.72
C GLY A 105 -4.88 -6.76 -11.95
N THR A 106 -5.18 -6.06 -10.87
CA THR A 106 -4.13 -5.48 -10.05
C THR A 106 -4.68 -5.10 -8.67
N MET A 107 -3.83 -4.46 -7.89
CA MET A 107 -4.22 -4.04 -6.55
C MET A 107 -3.37 -2.86 -6.08
N ARG A 108 -3.85 -2.20 -5.03
CA ARG A 108 -3.14 -1.06 -4.48
C ARG A 108 -3.35 -1.00 -2.96
N LEU A 109 -2.48 -0.24 -2.31
CA LEU A 109 -2.55 -0.10 -0.87
C LEU A 109 -3.28 1.21 -0.54
N GLY A 110 -4.07 1.16 0.53
CA GLY A 110 -4.82 2.33 0.96
C GLY A 110 -5.21 2.21 2.43
N VAL A 111 -5.86 3.25 2.92
CA VAL A 111 -6.30 3.29 4.31
C VAL A 111 -7.74 3.80 4.38
N ASP A 112 -8.53 3.10 5.17
CA ASP A 112 -9.93 3.46 5.34
C ASP A 112 -10.07 4.40 6.53
N LYS A 113 -11.29 4.86 6.75
CA LYS A 113 -11.57 5.77 7.85
C LYS A 113 -11.26 5.06 9.17
N TRP A 114 -11.31 3.74 9.12
CA TRP A 114 -11.04 2.94 10.32
C TRP A 114 -9.53 2.70 10.39
N GLY A 115 -8.81 3.39 9.50
CA GLY A 115 -7.37 3.26 9.46
C GLY A 115 -6.70 4.63 9.35
N ARG A 116 -5.48 4.70 9.87
CA ARG A 116 -4.73 5.94 9.84
C ARG A 116 -3.23 5.65 9.72
N ILE A 117 -2.49 6.67 9.28
CA ILE A 117 -1.06 6.53 9.12
C ILE A 117 -0.38 6.63 10.49
N GLU A 118 0.81 6.06 10.57
CA GLU A 118 1.56 6.08 11.81
C GLU A 118 2.66 7.15 11.75
N ALA A 119 3.46 7.07 10.70
CA ALA A 119 4.54 8.02 10.52
C ALA A 119 5.74 7.60 11.36
N THR A 120 6.19 6.37 11.13
CA THR A 120 7.32 5.84 11.87
C THR A 120 8.57 6.69 11.62
N GLY A 121 9.61 6.39 12.39
CA GLY A 121 10.86 7.12 12.26
C GLY A 121 11.41 7.03 10.84
N ALA A 122 12.54 6.36 10.71
CA ALA A 122 13.17 6.19 9.42
C ALA A 122 13.21 4.71 9.05
N ALA A 123 13.38 4.45 7.76
CA ALA A 123 13.43 3.09 7.28
C ALA A 123 14.88 2.60 7.28
N SER A 124 15.05 1.35 7.69
CA SER A 124 16.39 0.77 7.75
C SER A 124 16.56 -0.24 6.61
N PHE A 125 15.67 -0.13 5.63
CA PHE A 125 15.72 -1.02 4.47
C PHE A 125 15.59 -0.22 3.17
N THR A 126 16.00 -0.87 2.09
CA THR A 126 15.95 -0.23 0.77
C THR A 126 14.82 -0.84 -0.06
N VAL A 127 13.87 0.01 -0.41
CA VAL A 127 12.73 -0.43 -1.21
C VAL A 127 13.24 -1.09 -2.49
N LYS A 128 12.55 -2.15 -2.88
CA LYS A 128 12.91 -2.89 -4.08
C LYS A 128 11.85 -2.65 -5.16
N GLU A 129 12.12 -1.67 -6.00
CA GLU A 129 11.20 -1.32 -7.08
C GLU A 129 11.21 -2.42 -8.14
N ASP A 130 12.15 -3.36 -7.98
CA ASP A 130 12.28 -4.45 -8.92
C ASP A 130 11.07 -5.39 -8.77
N ASN A 131 10.41 -5.26 -7.63
CA ASN A 131 9.25 -6.09 -7.34
C ASN A 131 8.05 -5.20 -7.03
N ASN A 132 7.55 -4.55 -8.07
CA ASN A 132 6.41 -3.67 -7.91
C ASN A 132 5.12 -4.48 -7.99
N LEU A 133 4.21 -4.18 -7.07
CA LEU A 133 2.93 -4.88 -7.02
C LEU A 133 1.88 -4.07 -7.80
N SER A 134 2.17 -2.78 -7.95
CA SER A 134 1.27 -1.90 -8.65
C SER A 134 1.41 -2.10 -10.16
N LEU A 135 2.35 -2.95 -10.52
CA LEU A 135 2.61 -3.24 -11.92
C LEU A 135 2.13 -4.66 -12.25
N VAL A 136 2.59 -5.60 -11.43
CA VAL A 136 2.22 -6.99 -11.61
C VAL A 136 0.70 -7.10 -11.75
N GLU A 137 0.26 -8.12 -12.45
CA GLU A 137 -1.16 -8.35 -12.66
C GLU A 137 -1.57 -9.73 -12.14
N TYR A 138 -2.64 -9.75 -11.37
CA TYR A 138 -3.14 -10.99 -10.80
C TYR A 138 -4.27 -11.56 -11.64
N GLU A 139 -4.15 -12.85 -11.97
CA GLU A 139 -5.16 -13.52 -12.77
C GLU A 139 -5.30 -12.82 -14.13
N SER A 140 -4.43 -13.22 -15.06
CA SER A 140 -4.46 -12.65 -16.38
C SER A 140 -5.52 -13.36 -17.24
N GLY A 141 -5.83 -12.74 -18.36
CA GLY A 141 -6.82 -13.29 -19.27
C GLY A 141 -6.63 -12.76 -20.70
N PRO A 142 -7.32 -13.42 -21.66
CA PRO A 142 -7.23 -13.02 -23.05
C PRO A 142 -8.03 -11.74 -23.30
N SER A 143 -7.38 -10.78 -23.94
CA SER A 143 -8.01 -9.51 -24.24
C SER A 143 -8.67 -8.95 -22.99
N SER A 144 -7.96 -8.02 -22.36
CA SER A 144 -8.46 -7.38 -21.15
C SER A 144 -9.61 -6.42 -21.49
N GLY A 145 -10.44 -6.17 -20.50
CA GLY A 145 -11.58 -5.28 -20.69
C GLY A 145 -11.55 -4.15 -19.66
N GLY A 1 7.78 -46.23 30.93
CA GLY A 1 7.63 -44.79 30.90
C GLY A 1 8.84 -44.10 31.54
N SER A 2 9.11 -42.89 31.08
CA SER A 2 10.23 -42.13 31.61
C SER A 2 10.33 -40.79 30.89
N SER A 3 10.49 -40.86 29.58
CA SER A 3 10.59 -39.67 28.75
C SER A 3 9.22 -39.02 28.58
N GLY A 4 9.24 -37.78 28.14
CA GLY A 4 8.00 -37.04 27.94
C GLY A 4 8.26 -35.53 27.90
N SER A 5 8.88 -35.09 26.80
CA SER A 5 9.19 -33.69 26.63
C SER A 5 8.74 -33.22 25.24
N SER A 6 8.21 -32.01 25.20
CA SER A 6 7.74 -31.44 23.96
C SER A 6 8.70 -30.35 23.49
N GLY A 7 8.49 -29.92 22.25
CA GLY A 7 9.34 -28.89 21.66
C GLY A 7 8.86 -28.52 20.26
N SER A 8 8.03 -27.48 20.22
CA SER A 8 7.49 -27.02 18.94
C SER A 8 7.39 -25.49 18.94
N THR A 9 8.26 -24.87 18.16
CA THR A 9 8.28 -23.43 18.07
C THR A 9 8.83 -22.98 16.70
N VAL A 10 8.04 -22.17 16.02
CA VAL A 10 8.44 -21.67 14.72
C VAL A 10 7.37 -20.71 14.19
N LYS A 11 7.80 -19.48 13.94
CA LYS A 11 6.88 -18.45 13.44
C LYS A 11 6.81 -18.56 11.92
N ARG A 12 5.66 -18.15 11.39
CA ARG A 12 5.45 -18.20 9.96
C ARG A 12 5.46 -16.77 9.39
N LYS A 13 5.18 -15.81 10.26
CA LYS A 13 5.15 -14.41 9.85
C LYS A 13 5.53 -13.54 11.05
N PRO A 14 6.15 -12.37 10.73
CA PRO A 14 6.56 -11.44 11.77
C PRO A 14 5.37 -10.68 12.33
N VAL A 15 5.67 -9.61 13.04
CA VAL A 15 4.62 -8.78 13.64
C VAL A 15 3.97 -7.93 12.55
N PHE A 16 4.78 -7.55 11.56
CA PHE A 16 4.30 -6.74 10.47
C PHE A 16 4.32 -7.52 9.16
N VAL A 17 3.47 -7.09 8.23
CA VAL A 17 3.37 -7.73 6.94
C VAL A 17 4.33 -7.04 5.96
N LYS A 18 4.41 -7.61 4.77
CA LYS A 18 5.27 -7.05 3.73
C LYS A 18 4.44 -6.70 2.51
N VAL A 19 5.07 -5.99 1.58
CA VAL A 19 4.39 -5.57 0.36
C VAL A 19 4.18 -6.80 -0.53
N GLU A 20 5.21 -7.63 -0.60
CA GLU A 20 5.15 -8.84 -1.41
C GLU A 20 4.21 -9.86 -0.77
N GLN A 21 3.72 -9.51 0.41
CA GLN A 21 2.82 -10.39 1.14
C GLN A 21 1.36 -9.95 0.91
N LEU A 22 1.21 -8.93 0.09
CA LEU A 22 -0.11 -8.39 -0.20
C LEU A 22 -0.82 -9.32 -1.19
N LYS A 23 -2.14 -9.33 -1.11
CA LYS A 23 -2.95 -10.17 -1.98
C LYS A 23 -4.39 -9.67 -1.97
N PRO A 24 -5.16 -10.09 -3.00
CA PRO A 24 -6.55 -9.70 -3.12
C PRO A 24 -7.43 -10.47 -2.13
N GLY A 25 -8.38 -9.76 -1.55
CA GLY A 25 -9.28 -10.36 -0.59
C GLY A 25 -8.77 -10.18 0.84
N THR A 26 -7.80 -9.28 0.97
CA THR A 26 -7.22 -8.99 2.27
C THR A 26 -7.54 -7.55 2.70
N THR A 27 -7.46 -7.33 4.00
CA THR A 27 -7.73 -6.01 4.54
C THR A 27 -6.94 -5.79 5.83
N GLY A 28 -7.05 -4.59 6.37
CA GLY A 28 -6.35 -4.23 7.59
C GLY A 28 -4.97 -4.89 7.63
N HIS A 29 -3.99 -4.16 7.14
CA HIS A 29 -2.62 -4.65 7.12
C HIS A 29 -1.73 -3.75 7.96
N THR A 30 -0.61 -4.30 8.39
CA THR A 30 0.34 -3.56 9.21
C THR A 30 1.77 -3.82 8.74
N LEU A 31 2.36 -2.79 8.14
CA LEU A 31 3.72 -2.90 7.66
C LEU A 31 4.33 -1.50 7.55
N THR A 32 5.64 -1.48 7.34
CA THR A 32 6.35 -0.21 7.22
C THR A 32 6.72 0.06 5.76
N VAL A 33 6.05 1.04 5.19
CA VAL A 33 6.29 1.41 3.80
C VAL A 33 7.18 2.66 3.76
N LYS A 34 8.18 2.61 2.90
CA LYS A 34 9.10 3.72 2.75
C LYS A 34 8.82 4.43 1.43
N VAL A 35 8.47 5.71 1.54
CA VAL A 35 8.17 6.50 0.36
C VAL A 35 9.45 6.67 -0.47
N ILE A 36 9.26 6.68 -1.78
CA ILE A 36 10.38 6.83 -2.69
C ILE A 36 10.20 8.10 -3.52
N GLU A 37 9.01 8.22 -4.09
CA GLU A 37 8.70 9.38 -4.91
C GLU A 37 7.26 9.83 -4.66
N ALA A 38 7.00 11.10 -4.94
CA ALA A 38 5.67 11.66 -4.75
C ALA A 38 5.39 12.66 -5.87
N ASN A 39 4.44 12.31 -6.72
CA ASN A 39 4.06 13.15 -7.82
C ASN A 39 2.54 13.16 -7.97
N ILE A 40 2.02 14.30 -8.42
CA ILE A 40 0.59 14.44 -8.59
C ILE A 40 0.06 13.29 -9.46
N VAL A 41 -1.24 13.04 -9.33
CA VAL A 41 -1.86 11.97 -10.09
C VAL A 41 -2.12 12.45 -11.51
N VAL A 42 -1.13 12.23 -12.37
CA VAL A 42 -1.23 12.64 -13.76
C VAL A 42 -2.36 11.84 -14.43
N PRO A 43 -2.89 12.42 -15.55
CA PRO A 43 -3.95 11.78 -16.29
C PRO A 43 -3.43 10.60 -17.10
N VAL A 44 -4.28 10.09 -17.97
CA VAL A 44 -3.92 8.96 -18.82
C VAL A 44 -3.77 7.71 -17.96
N THR A 45 -2.82 7.77 -17.05
CA THR A 45 -2.56 6.65 -16.16
C THR A 45 -3.58 6.64 -15.01
N ARG A 46 -3.21 5.95 -13.95
CA ARG A 46 -4.07 5.84 -12.78
C ARG A 46 -4.61 7.24 -12.40
N LYS A 47 -5.89 7.26 -12.06
CA LYS A 47 -6.53 8.51 -11.68
C LYS A 47 -7.48 8.24 -10.51
N THR A 48 -7.58 9.23 -9.63
CA THR A 48 -8.45 9.11 -8.48
C THR A 48 -9.83 8.61 -8.89
N ARG A 49 -10.30 7.60 -8.15
CA ARG A 49 -11.60 7.02 -8.42
C ARG A 49 -12.67 8.11 -8.49
N PRO A 50 -12.70 8.95 -7.42
CA PRO A 50 -13.66 10.04 -7.34
C PRO A 50 -13.29 11.17 -8.28
N ALA A 51 -13.73 11.05 -9.53
CA ALA A 51 -13.45 12.06 -10.53
C ALA A 51 -14.76 12.45 -11.24
N SER A 52 -15.23 13.64 -10.90
CA SER A 52 -16.46 14.15 -11.48
C SER A 52 -16.73 15.57 -10.99
N SER A 53 -16.01 16.51 -11.59
CA SER A 53 -16.15 17.91 -11.23
C SER A 53 -15.92 18.09 -9.73
N LEU A 54 -14.73 18.55 -9.39
CA LEU A 54 -14.37 18.77 -8.00
C LEU A 54 -14.54 17.46 -7.23
N SER A 55 -14.01 17.46 -6.01
CA SER A 55 -14.09 16.28 -5.16
C SER A 55 -15.23 16.44 -4.14
N ARG A 56 -15.03 17.38 -3.23
CA ARG A 56 -16.02 17.64 -2.21
C ARG A 56 -16.55 19.07 -2.33
N PRO A 57 -17.86 19.24 -1.97
CA PRO A 57 -18.48 20.55 -2.04
C PRO A 57 -18.02 21.44 -0.88
N SER A 58 -16.75 21.85 -0.97
CA SER A 58 -16.18 22.70 0.05
C SER A 58 -14.74 23.07 -0.33
N GLN A 59 -13.87 22.07 -0.27
CA GLN A 59 -12.47 22.27 -0.60
C GLN A 59 -11.92 21.07 -1.36
N PRO A 60 -10.89 21.34 -2.21
CA PRO A 60 -10.27 20.28 -2.99
C PRO A 60 -9.37 19.40 -2.11
N SER A 61 -9.27 18.14 -2.49
CA SER A 61 -8.46 17.18 -1.76
C SER A 61 -7.22 16.81 -2.58
N ARG A 62 -6.18 17.63 -2.43
CA ARG A 62 -4.95 17.39 -3.15
C ARG A 62 -4.55 15.91 -3.05
N ILE A 63 -4.68 15.22 -4.18
CA ILE A 63 -4.34 13.81 -4.24
C ILE A 63 -3.04 13.64 -5.02
N VAL A 64 -2.12 12.91 -4.41
CA VAL A 64 -0.83 12.66 -5.03
C VAL A 64 -0.45 11.19 -4.83
N GLU A 65 0.09 10.60 -5.90
CA GLU A 65 0.50 9.21 -5.85
C GLU A 65 1.99 9.10 -5.50
N CYS A 66 2.25 8.54 -4.33
CA CYS A 66 3.60 8.37 -3.86
C CYS A 66 3.96 6.89 -3.91
N LEU A 67 5.23 6.61 -4.13
CA LEU A 67 5.70 5.24 -4.21
C LEU A 67 6.23 4.81 -2.83
N ILE A 68 5.59 3.77 -2.29
CA ILE A 68 5.97 3.26 -1.00
C ILE A 68 6.10 1.73 -1.07
N GLY A 69 6.92 1.19 -0.20
CA GLY A 69 7.14 -0.25 -0.16
C GLY A 69 8.23 -0.61 0.84
N ASP A 70 8.63 -1.88 0.79
CA ASP A 70 9.66 -2.36 1.70
C ASP A 70 10.71 -3.14 0.89
N GLU A 71 11.70 -3.66 1.60
CA GLU A 71 12.77 -4.42 0.98
C GLU A 71 12.17 -5.42 -0.03
N THR A 72 10.93 -5.79 0.22
CA THR A 72 10.25 -6.73 -0.65
C THR A 72 9.86 -6.05 -1.96
N GLY A 73 8.78 -5.28 -1.91
CA GLY A 73 8.31 -4.58 -3.09
C GLY A 73 7.59 -3.28 -2.69
N CYS A 74 6.97 -2.66 -3.69
CA CYS A 74 6.26 -1.42 -3.46
C CYS A 74 4.93 -1.48 -4.21
N ILE A 75 4.07 -0.53 -3.91
CA ILE A 75 2.76 -0.47 -4.54
C ILE A 75 2.32 0.99 -4.65
N LEU A 76 1.32 1.22 -5.50
CA LEU A 76 0.80 2.55 -5.70
C LEU A 76 -0.25 2.85 -4.62
N PHE A 77 0.12 3.76 -3.74
CA PHE A 77 -0.77 4.15 -2.65
C PHE A 77 -1.21 5.61 -2.80
N THR A 78 -2.47 5.85 -2.45
CA THR A 78 -3.02 7.20 -2.54
C THR A 78 -3.01 7.86 -1.17
N ALA A 79 -2.38 9.03 -1.12
CA ALA A 79 -2.30 9.78 0.12
C ALA A 79 -3.15 11.06 0.01
N ARG A 80 -3.96 11.28 1.02
CA ARG A 80 -4.82 12.46 1.04
C ARG A 80 -3.99 13.72 1.28
N ASN A 81 -4.62 14.86 1.03
CA ASN A 81 -3.95 16.14 1.21
C ASN A 81 -3.26 16.15 2.58
N ASP A 82 -3.75 15.30 3.46
CA ASP A 82 -3.18 15.20 4.80
C ASP A 82 -2.05 14.17 4.80
N GLN A 83 -2.42 12.93 4.49
CA GLN A 83 -1.46 11.85 4.45
C GLN A 83 -0.30 12.20 3.53
N VAL A 84 -0.63 12.87 2.44
CA VAL A 84 0.37 13.28 1.46
C VAL A 84 1.64 13.71 2.19
N ASP A 85 1.44 14.51 3.23
CA ASP A 85 2.55 15.00 4.02
C ASP A 85 3.31 13.81 4.62
N LEU A 86 2.56 12.94 5.29
CA LEU A 86 3.13 11.77 5.92
C LEU A 86 3.72 10.86 4.84
N MET A 87 3.14 10.95 3.65
CA MET A 87 3.60 10.15 2.54
C MET A 87 4.57 10.93 1.65
N LYS A 88 5.42 11.70 2.30
CA LYS A 88 6.41 12.50 1.60
C LYS A 88 7.50 11.60 1.04
N PRO A 89 8.18 12.11 -0.03
CA PRO A 89 9.24 11.36 -0.67
C PRO A 89 10.50 11.36 0.20
N GLY A 90 11.07 10.17 0.37
CA GLY A 90 12.28 10.02 1.16
C GLY A 90 11.95 9.92 2.65
N ALA A 91 10.70 9.56 2.92
CA ALA A 91 10.24 9.42 4.30
C ALA A 91 9.68 8.02 4.51
N THR A 92 9.73 7.56 5.75
CA THR A 92 9.23 6.25 6.09
C THR A 92 8.02 6.36 7.01
N VAL A 93 6.97 5.64 6.65
CA VAL A 93 5.74 5.66 7.44
C VAL A 93 5.15 4.24 7.47
N ILE A 94 4.27 4.03 8.43
CA ILE A 94 3.62 2.74 8.58
C ILE A 94 2.14 2.88 8.25
N LEU A 95 1.52 1.75 7.93
CA LEU A 95 0.11 1.72 7.59
C LEU A 95 -0.62 0.75 8.51
N ARG A 96 -1.57 1.28 9.26
CA ARG A 96 -2.35 0.47 10.18
C ARG A 96 -3.80 0.39 9.72
N ASN A 97 -4.25 -0.84 9.52
CA ASN A 97 -5.63 -1.07 9.08
C ASN A 97 -5.73 -0.76 7.58
N SER A 98 -4.58 -0.75 6.93
CA SER A 98 -4.53 -0.47 5.51
C SER A 98 -5.19 -1.61 4.72
N ARG A 99 -6.08 -1.21 3.82
CA ARG A 99 -6.80 -2.18 3.01
C ARG A 99 -6.22 -2.21 1.59
N ILE A 100 -6.42 -3.34 0.92
CA ILE A 100 -5.93 -3.50 -0.43
C ILE A 100 -7.10 -3.42 -1.41
N ASP A 101 -6.97 -2.53 -2.38
CA ASP A 101 -8.01 -2.34 -3.37
C ASP A 101 -7.68 -3.19 -4.61
N MET A 102 -8.65 -4.01 -4.99
CA MET A 102 -8.47 -4.88 -6.14
C MET A 102 -8.64 -4.09 -7.44
N PHE A 103 -7.51 -3.78 -8.06
CA PHE A 103 -7.51 -3.04 -9.30
C PHE A 103 -7.52 -3.99 -10.51
N LYS A 104 -7.98 -3.46 -11.63
CA LYS A 104 -8.05 -4.24 -12.86
C LYS A 104 -6.79 -5.09 -12.99
N GLY A 105 -6.90 -6.33 -12.57
CA GLY A 105 -5.77 -7.25 -12.63
C GLY A 105 -4.57 -6.70 -11.86
N THR A 106 -4.86 -6.16 -10.69
CA THR A 106 -3.82 -5.60 -9.84
C THR A 106 -4.41 -5.15 -8.50
N MET A 107 -3.55 -4.59 -7.67
CA MET A 107 -3.96 -4.11 -6.37
C MET A 107 -3.16 -2.86 -5.96
N ARG A 108 -3.56 -2.30 -4.82
CA ARG A 108 -2.89 -1.11 -4.32
C ARG A 108 -3.09 -1.00 -2.80
N LEU A 109 -2.30 -0.12 -2.20
CA LEU A 109 -2.38 0.09 -0.76
C LEU A 109 -3.28 1.28 -0.48
N GLY A 110 -4.13 1.13 0.52
CA GLY A 110 -5.05 2.18 0.91
C GLY A 110 -5.42 2.08 2.39
N VAL A 111 -5.84 3.20 2.95
CA VAL A 111 -6.22 3.25 4.34
C VAL A 111 -7.70 3.67 4.46
N ASP A 112 -8.44 2.89 5.22
CA ASP A 112 -9.86 3.17 5.42
C ASP A 112 -10.02 4.27 6.46
N LYS A 113 -11.27 4.69 6.66
CA LYS A 113 -11.56 5.73 7.62
C LYS A 113 -11.23 5.23 9.03
N TRP A 114 -11.15 3.92 9.16
CA TRP A 114 -10.85 3.30 10.44
C TRP A 114 -9.34 3.02 10.47
N GLY A 115 -8.62 3.74 9.63
CA GLY A 115 -7.18 3.56 9.56
C GLY A 115 -6.47 4.92 9.51
N ARG A 116 -5.26 4.93 10.06
CA ARG A 116 -4.46 6.15 10.09
C ARG A 116 -2.98 5.82 9.98
N ILE A 117 -2.22 6.80 9.50
CA ILE A 117 -0.79 6.62 9.33
C ILE A 117 -0.11 6.75 10.69
N GLU A 118 1.06 6.14 10.79
CA GLU A 118 1.83 6.18 12.02
C GLU A 118 2.96 7.21 11.91
N ALA A 119 3.76 7.06 10.87
CA ALA A 119 4.87 7.97 10.65
C ALA A 119 6.08 7.51 11.47
N THR A 120 6.41 6.24 11.32
CA THR A 120 7.53 5.66 12.04
C THR A 120 8.68 6.67 12.15
N GLY A 121 9.04 7.22 11.00
CA GLY A 121 10.12 8.19 10.95
C GLY A 121 11.04 7.93 9.76
N ALA A 122 11.85 6.89 9.89
CA ALA A 122 12.78 6.53 8.84
C ALA A 122 12.72 5.01 8.62
N ALA A 123 13.26 4.59 7.49
CA ALA A 123 13.29 3.18 7.15
C ALA A 123 14.70 2.63 7.32
N SER A 124 14.77 1.34 7.57
CA SER A 124 16.06 0.68 7.76
C SER A 124 16.29 -0.35 6.66
N PHE A 125 15.35 -0.40 5.73
CA PHE A 125 15.44 -1.34 4.62
C PHE A 125 15.48 -0.60 3.29
N THR A 126 15.99 -1.30 2.28
CA THR A 126 16.10 -0.72 0.95
C THR A 126 14.98 -1.26 0.04
N VAL A 127 14.05 -0.37 -0.28
CA VAL A 127 12.93 -0.74 -1.14
C VAL A 127 13.46 -1.34 -2.44
N LYS A 128 12.75 -2.34 -2.93
CA LYS A 128 13.14 -2.99 -4.17
C LYS A 128 12.19 -2.57 -5.29
N GLU A 129 12.56 -1.48 -5.94
CA GLU A 129 11.75 -0.95 -7.04
C GLU A 129 11.58 -2.01 -8.13
N ASP A 130 12.44 -3.02 -8.06
CA ASP A 130 12.39 -4.10 -9.03
C ASP A 130 11.17 -4.98 -8.76
N ASN A 131 10.75 -4.98 -7.50
CA ASN A 131 9.59 -5.77 -7.10
C ASN A 131 8.40 -4.84 -6.89
N ASN A 132 8.02 -4.16 -7.96
CA ASN A 132 6.90 -3.24 -7.91
C ASN A 132 5.60 -4.02 -8.16
N LEU A 133 4.68 -3.88 -7.22
CA LEU A 133 3.39 -4.56 -7.32
C LEU A 133 2.44 -3.69 -8.13
N SER A 134 2.83 -2.45 -8.33
CA SER A 134 2.01 -1.50 -9.08
C SER A 134 2.14 -1.78 -10.58
N LEU A 135 2.93 -2.79 -10.89
CA LEU A 135 3.15 -3.18 -12.28
C LEU A 135 2.62 -4.58 -12.52
N VAL A 136 3.06 -5.50 -11.67
CA VAL A 136 2.63 -6.89 -11.77
C VAL A 136 1.12 -6.94 -12.00
N GLU A 137 0.65 -8.12 -12.37
CA GLU A 137 -0.76 -8.31 -12.62
C GLU A 137 -1.24 -9.62 -11.99
N TYR A 138 -2.32 -9.51 -11.23
CA TYR A 138 -2.89 -10.67 -10.55
C TYR A 138 -3.93 -11.35 -11.44
N GLU A 139 -3.83 -12.67 -11.50
CA GLU A 139 -4.75 -13.46 -12.31
C GLU A 139 -4.61 -13.10 -13.79
N SER A 140 -3.45 -13.44 -14.34
CA SER A 140 -3.18 -13.15 -15.74
C SER A 140 -3.28 -14.44 -16.56
N GLY A 141 -3.79 -14.29 -17.77
CA GLY A 141 -3.95 -15.42 -18.66
C GLY A 141 -4.28 -14.96 -20.08
N PRO A 142 -5.04 -15.84 -20.80
CA PRO A 142 -5.44 -15.54 -22.17
C PRO A 142 -6.56 -14.49 -22.19
N SER A 143 -6.17 -13.26 -22.48
CA SER A 143 -7.13 -12.17 -22.54
C SER A 143 -7.85 -12.03 -21.19
N SER A 144 -7.24 -11.26 -20.31
CA SER A 144 -7.80 -11.03 -18.99
C SER A 144 -8.67 -9.77 -19.00
N GLY A 145 -9.97 -9.98 -19.18
CA GLY A 145 -10.91 -8.88 -19.22
C GLY A 145 -11.55 -8.74 -20.60
N GLY A 1 -12.16 -29.97 39.19
CA GLY A 1 -11.76 -29.71 37.82
C GLY A 1 -10.74 -28.57 37.75
N SER A 2 -9.81 -28.70 36.81
CA SER A 2 -8.77 -27.69 36.63
C SER A 2 -8.27 -27.72 35.19
N SER A 3 -8.36 -26.57 34.55
CA SER A 3 -7.91 -26.45 33.17
C SER A 3 -8.04 -25.00 32.70
N GLY A 4 -7.19 -24.65 31.75
CA GLY A 4 -7.19 -23.30 31.21
C GLY A 4 -6.58 -23.26 29.81
N SER A 5 -6.47 -22.05 29.27
CA SER A 5 -5.90 -21.87 27.94
C SER A 5 -5.95 -20.39 27.55
N SER A 6 -4.77 -19.84 27.29
CA SER A 6 -4.66 -18.45 26.92
C SER A 6 -3.27 -18.17 26.33
N GLY A 7 -3.26 -17.43 25.24
CA GLY A 7 -2.02 -17.09 24.57
C GLY A 7 -2.26 -16.72 23.11
N SER A 8 -1.21 -16.23 22.47
CA SER A 8 -1.29 -15.84 21.07
C SER A 8 -0.26 -16.61 20.25
N THR A 9 -0.33 -16.41 18.93
CA THR A 9 0.60 -17.08 18.04
C THR A 9 1.17 -16.08 17.02
N VAL A 10 2.49 -16.05 16.95
CA VAL A 10 3.17 -15.14 16.03
C VAL A 10 4.54 -15.73 15.67
N LYS A 11 4.49 -16.92 15.08
CA LYS A 11 5.72 -17.59 14.68
C LYS A 11 5.96 -17.35 13.19
N ARG A 12 4.90 -17.55 12.41
CA ARG A 12 4.99 -17.35 10.97
C ARG A 12 4.99 -15.86 10.64
N LYS A 13 6.05 -15.44 9.95
CA LYS A 13 6.18 -14.06 9.56
C LYS A 13 6.43 -13.20 10.81
N PRO A 14 6.94 -11.96 10.57
CA PRO A 14 7.22 -11.05 11.65
C PRO A 14 5.93 -10.43 12.20
N VAL A 15 6.10 -9.51 13.14
CA VAL A 15 4.96 -8.86 13.75
C VAL A 15 4.21 -8.04 12.68
N PHE A 16 4.97 -7.58 11.71
CA PHE A 16 4.39 -6.80 10.62
C PHE A 16 4.39 -7.59 9.31
N VAL A 17 3.59 -7.12 8.37
CA VAL A 17 3.49 -7.77 7.07
C VAL A 17 4.44 -7.08 6.09
N LYS A 18 4.53 -7.67 4.90
CA LYS A 18 5.39 -7.13 3.87
C LYS A 18 4.55 -6.77 2.65
N VAL A 19 5.19 -6.10 1.69
CA VAL A 19 4.52 -5.70 0.48
C VAL A 19 4.27 -6.94 -0.39
N GLU A 20 5.30 -7.75 -0.50
CA GLU A 20 5.22 -8.97 -1.30
C GLU A 20 4.24 -9.96 -0.65
N GLN A 21 3.81 -9.61 0.55
CA GLN A 21 2.87 -10.45 1.28
C GLN A 21 1.44 -10.00 1.02
N LEU A 22 1.32 -8.85 0.37
CA LEU A 22 0.01 -8.31 0.05
C LEU A 22 -0.68 -9.20 -0.98
N LYS A 23 -2.00 -9.17 -0.96
CA LYS A 23 -2.79 -9.97 -1.88
C LYS A 23 -4.21 -9.39 -1.97
N PRO A 24 -4.90 -9.75 -3.09
CA PRO A 24 -6.25 -9.27 -3.31
C PRO A 24 -7.25 -10.00 -2.41
N GLY A 25 -8.05 -9.22 -1.70
CA GLY A 25 -9.05 -9.77 -0.81
C GLY A 25 -8.62 -9.60 0.65
N THR A 26 -7.43 -9.04 0.82
CA THR A 26 -6.90 -8.81 2.15
C THR A 26 -7.20 -7.38 2.61
N THR A 27 -7.30 -7.22 3.92
CA THR A 27 -7.57 -5.91 4.50
C THR A 27 -6.82 -5.73 5.82
N GLY A 28 -6.92 -4.53 6.36
CA GLY A 28 -6.25 -4.22 7.61
C GLY A 28 -4.88 -4.88 7.68
N HIS A 29 -3.88 -4.15 7.23
CA HIS A 29 -2.51 -4.65 7.23
C HIS A 29 -1.63 -3.74 8.10
N THR A 30 -0.48 -4.28 8.48
CA THR A 30 0.45 -3.53 9.31
C THR A 30 1.90 -3.80 8.86
N LEU A 31 2.47 -2.80 8.21
CA LEU A 31 3.84 -2.92 7.72
C LEU A 31 4.46 -1.53 7.62
N THR A 32 5.76 -1.51 7.40
CA THR A 32 6.49 -0.27 7.29
C THR A 32 6.85 0.01 5.83
N VAL A 33 6.17 1.01 5.26
CA VAL A 33 6.41 1.38 3.88
C VAL A 33 7.29 2.64 3.83
N LYS A 34 8.26 2.61 2.94
CA LYS A 34 9.16 3.73 2.77
C LYS A 34 8.87 4.43 1.45
N VAL A 35 8.57 5.73 1.56
CA VAL A 35 8.27 6.52 0.38
C VAL A 35 9.55 6.72 -0.44
N ILE A 36 9.39 6.73 -1.75
CA ILE A 36 10.52 6.92 -2.64
C ILE A 36 10.27 8.16 -3.51
N GLU A 37 9.09 8.21 -4.11
CA GLU A 37 8.73 9.34 -4.95
C GLU A 37 7.32 9.82 -4.62
N ALA A 38 7.06 11.07 -4.98
CA ALA A 38 5.76 11.66 -4.74
C ALA A 38 5.48 12.74 -5.78
N ASN A 39 4.57 12.42 -6.69
CA ASN A 39 4.20 13.35 -7.74
C ASN A 39 2.69 13.33 -7.95
N ILE A 40 2.16 14.45 -8.42
CA ILE A 40 0.74 14.57 -8.66
C ILE A 40 0.28 13.41 -9.55
N VAL A 41 -1.01 13.12 -9.46
CA VAL A 41 -1.59 12.04 -10.25
C VAL A 41 -1.82 12.53 -11.68
N VAL A 42 -1.05 11.97 -12.59
CA VAL A 42 -1.16 12.35 -14.00
C VAL A 42 -2.49 11.82 -14.55
N PRO A 43 -2.96 12.48 -15.64
CA PRO A 43 -4.21 12.09 -16.27
C PRO A 43 -4.04 10.80 -17.09
N VAL A 44 -5.00 9.91 -16.93
CA VAL A 44 -4.97 8.65 -17.64
C VAL A 44 -3.65 7.92 -17.33
N THR A 45 -3.74 6.99 -16.40
CA THR A 45 -2.57 6.22 -15.99
C THR A 45 -2.98 5.06 -15.08
N ARG A 46 -3.79 5.39 -14.09
CA ARG A 46 -4.26 4.40 -13.14
C ARG A 46 -5.67 4.75 -12.65
N LYS A 47 -5.74 5.86 -11.92
CA LYS A 47 -7.02 6.30 -11.39
C LYS A 47 -8.01 6.52 -12.54
N THR A 48 -8.94 5.58 -12.65
CA THR A 48 -9.94 5.65 -13.69
C THR A 48 -11.35 5.49 -13.10
N ARG A 49 -12.17 6.49 -13.32
CA ARG A 49 -13.54 6.47 -12.82
C ARG A 49 -14.49 7.10 -13.85
N PRO A 50 -15.66 6.43 -14.02
CA PRO A 50 -16.65 6.93 -14.97
C PRO A 50 -17.40 8.13 -14.39
N ALA A 51 -18.37 8.61 -15.16
CA ALA A 51 -19.16 9.76 -14.73
C ALA A 51 -18.22 10.91 -14.39
N SER A 52 -18.83 12.06 -14.11
CA SER A 52 -18.06 13.25 -13.76
C SER A 52 -17.31 13.01 -12.45
N SER A 53 -16.32 13.88 -12.21
CA SER A 53 -15.51 13.78 -11.00
C SER A 53 -15.68 15.05 -10.16
N LEU A 54 -15.38 16.17 -10.80
CA LEU A 54 -15.48 17.46 -10.12
C LEU A 54 -16.92 17.68 -9.66
N SER A 55 -17.07 18.44 -8.60
CA SER A 55 -18.38 18.74 -8.06
C SER A 55 -18.27 19.79 -6.95
N ARG A 56 -17.48 19.45 -5.94
CA ARG A 56 -17.29 20.35 -4.81
C ARG A 56 -16.70 21.68 -5.29
N PRO A 57 -16.78 22.69 -4.39
CA PRO A 57 -16.28 24.02 -4.72
C PRO A 57 -14.74 24.05 -4.67
N SER A 58 -14.21 23.62 -3.53
CA SER A 58 -12.77 23.58 -3.35
C SER A 58 -12.15 22.50 -4.23
N GLN A 59 -10.84 22.58 -4.39
CA GLN A 59 -10.12 21.61 -5.20
C GLN A 59 -10.67 20.21 -4.96
N PRO A 60 -10.49 19.34 -5.99
CA PRO A 60 -10.97 17.97 -5.90
C PRO A 60 -10.07 17.13 -4.99
N SER A 61 -9.94 17.58 -3.75
CA SER A 61 -9.12 16.89 -2.77
C SER A 61 -7.76 16.57 -3.39
N ARG A 62 -6.81 17.45 -3.12
CA ARG A 62 -5.46 17.28 -3.64
C ARG A 62 -4.98 15.84 -3.38
N ILE A 63 -4.76 15.13 -4.47
CA ILE A 63 -4.29 13.76 -4.38
C ILE A 63 -2.99 13.60 -5.16
N VAL A 64 -2.00 13.03 -4.50
CA VAL A 64 -0.70 12.83 -5.12
C VAL A 64 -0.28 11.36 -4.95
N GLU A 65 0.27 10.81 -6.01
CA GLU A 65 0.71 9.42 -6.00
C GLU A 65 2.17 9.34 -5.53
N CYS A 66 2.39 8.49 -4.54
CA CYS A 66 3.72 8.31 -3.99
C CYS A 66 4.05 6.81 -4.02
N LEU A 67 5.34 6.53 -4.12
CA LEU A 67 5.80 5.15 -4.17
C LEU A 67 6.32 4.75 -2.79
N ILE A 68 5.65 3.77 -2.20
CA ILE A 68 6.03 3.28 -0.89
C ILE A 68 6.08 1.76 -0.91
N GLY A 69 6.91 1.21 -0.03
CA GLY A 69 7.06 -0.23 0.06
C GLY A 69 8.22 -0.61 0.98
N ASP A 70 8.65 -1.85 0.86
CA ASP A 70 9.75 -2.35 1.66
C ASP A 70 10.75 -3.09 0.76
N GLU A 71 11.80 -3.60 1.39
CA GLU A 71 12.83 -4.32 0.66
C GLU A 71 12.18 -5.31 -0.32
N THR A 72 11.06 -5.88 0.11
CA THR A 72 10.35 -6.83 -0.72
C THR A 72 9.91 -6.19 -2.03
N GLY A 73 8.83 -5.44 -1.96
CA GLY A 73 8.30 -4.76 -3.14
C GLY A 73 7.65 -3.44 -2.75
N CYS A 74 7.00 -2.82 -3.73
CA CYS A 74 6.33 -1.55 -3.52
C CYS A 74 4.97 -1.60 -4.22
N ILE A 75 4.15 -0.61 -3.92
CA ILE A 75 2.82 -0.53 -4.51
C ILE A 75 2.43 0.94 -4.67
N LEU A 76 1.41 1.17 -5.49
CA LEU A 76 0.93 2.51 -5.74
C LEU A 76 -0.17 2.85 -4.73
N PHE A 77 0.22 3.62 -3.73
CA PHE A 77 -0.72 4.03 -2.69
C PHE A 77 -1.14 5.49 -2.87
N THR A 78 -2.41 5.74 -2.61
CA THR A 78 -2.95 7.08 -2.75
C THR A 78 -2.99 7.78 -1.38
N ALA A 79 -2.44 8.98 -1.36
CA ALA A 79 -2.41 9.76 -0.12
C ALA A 79 -3.18 11.06 -0.33
N ARG A 80 -4.04 11.36 0.63
CA ARG A 80 -4.85 12.57 0.57
C ARG A 80 -3.97 13.81 0.85
N ASN A 81 -4.56 14.97 0.61
CA ASN A 81 -3.85 16.21 0.83
C ASN A 81 -3.20 16.20 2.22
N ASP A 82 -3.77 15.36 3.08
CA ASP A 82 -3.25 15.24 4.44
C ASP A 82 -2.18 14.17 4.49
N GLN A 83 -2.57 12.96 4.08
CA GLN A 83 -1.65 11.84 4.06
C GLN A 83 -0.41 12.18 3.23
N VAL A 84 -0.67 12.80 2.09
CA VAL A 84 0.42 13.19 1.19
C VAL A 84 1.62 13.66 2.02
N ASP A 85 1.32 14.48 3.02
CA ASP A 85 2.36 15.00 3.89
C ASP A 85 3.15 13.84 4.50
N LEU A 86 2.42 12.95 5.15
CA LEU A 86 3.04 11.79 5.78
C LEU A 86 3.67 10.90 4.70
N MET A 87 3.04 10.90 3.53
CA MET A 87 3.53 10.11 2.42
C MET A 87 4.52 10.91 1.57
N LYS A 88 5.39 11.64 2.26
CA LYS A 88 6.39 12.45 1.59
C LYS A 88 7.52 11.53 1.09
N PRO A 89 8.24 12.04 0.04
CA PRO A 89 9.33 11.29 -0.54
C PRO A 89 10.57 11.33 0.37
N GLY A 90 11.14 10.16 0.58
CA GLY A 90 12.32 10.05 1.42
C GLY A 90 11.94 10.00 2.90
N ALA A 91 10.71 9.57 3.15
CA ALA A 91 10.21 9.47 4.51
C ALA A 91 9.67 8.06 4.75
N THR A 92 9.69 7.66 6.01
CA THR A 92 9.21 6.34 6.39
C THR A 92 7.92 6.45 7.20
N VAL A 93 6.91 5.72 6.76
CA VAL A 93 5.63 5.74 7.43
C VAL A 93 5.06 4.31 7.46
N ILE A 94 4.25 4.06 8.47
CA ILE A 94 3.63 2.75 8.63
C ILE A 94 2.14 2.86 8.36
N LEU A 95 1.57 1.75 7.89
CA LEU A 95 0.15 1.71 7.57
C LEU A 95 -0.54 0.74 8.53
N ARG A 96 -1.44 1.28 9.34
CA ARG A 96 -2.17 0.47 10.29
C ARG A 96 -3.64 0.34 9.87
N ASN A 97 -4.03 -0.90 9.61
CA ASN A 97 -5.40 -1.18 9.19
C ASN A 97 -5.55 -0.82 7.70
N SER A 98 -4.43 -0.86 7.00
CA SER A 98 -4.42 -0.55 5.59
C SER A 98 -5.09 -1.67 4.79
N ARG A 99 -6.00 -1.28 3.91
CA ARG A 99 -6.72 -2.24 3.09
C ARG A 99 -6.15 -2.26 1.67
N ILE A 100 -6.51 -3.31 0.94
CA ILE A 100 -6.04 -3.46 -0.43
C ILE A 100 -7.24 -3.46 -1.37
N ASP A 101 -7.18 -2.55 -2.35
CA ASP A 101 -8.26 -2.43 -3.31
C ASP A 101 -7.89 -3.24 -4.57
N MET A 102 -8.82 -4.12 -4.95
CA MET A 102 -8.61 -4.96 -6.12
C MET A 102 -8.81 -4.16 -7.40
N PHE A 103 -7.70 -3.72 -7.98
CA PHE A 103 -7.74 -2.95 -9.21
C PHE A 103 -7.78 -3.87 -10.43
N LYS A 104 -8.26 -3.32 -11.53
CA LYS A 104 -8.36 -4.07 -12.77
C LYS A 104 -7.09 -4.90 -12.96
N GLY A 105 -7.18 -6.17 -12.57
CA GLY A 105 -6.04 -7.07 -12.68
C GLY A 105 -4.84 -6.54 -11.91
N THR A 106 -5.13 -5.84 -10.83
CA THR A 106 -4.07 -5.26 -10.00
C THR A 106 -4.62 -4.90 -8.62
N MET A 107 -3.76 -4.27 -7.83
CA MET A 107 -4.14 -3.86 -6.49
C MET A 107 -3.29 -2.69 -6.01
N ARG A 108 -3.77 -2.05 -4.95
CA ARG A 108 -3.05 -0.91 -4.38
C ARG A 108 -3.25 -0.87 -2.86
N LEU A 109 -2.41 -0.08 -2.22
CA LEU A 109 -2.47 0.05 -0.77
C LEU A 109 -3.26 1.31 -0.42
N GLY A 110 -4.15 1.16 0.55
CA GLY A 110 -4.97 2.27 0.99
C GLY A 110 -5.30 2.16 2.48
N VAL A 111 -5.95 3.20 2.99
CA VAL A 111 -6.33 3.23 4.39
C VAL A 111 -7.80 3.62 4.52
N ASP A 112 -8.51 2.86 5.34
CA ASP A 112 -9.93 3.11 5.54
C ASP A 112 -10.08 4.19 6.62
N LYS A 113 -11.34 4.59 6.82
CA LYS A 113 -11.64 5.61 7.81
C LYS A 113 -11.27 5.10 9.20
N TRP A 114 -11.27 3.79 9.33
CA TRP A 114 -10.94 3.15 10.60
C TRP A 114 -9.44 2.86 10.60
N GLY A 115 -8.74 3.51 9.68
CA GLY A 115 -7.30 3.33 9.57
C GLY A 115 -6.60 4.69 9.45
N ARG A 116 -5.46 4.79 10.14
CA ARG A 116 -4.68 6.02 10.12
C ARG A 116 -3.20 5.70 9.92
N ILE A 117 -2.48 6.69 9.41
CA ILE A 117 -1.06 6.53 9.16
C ILE A 117 -0.30 6.64 10.49
N GLU A 118 0.88 6.05 10.50
CA GLU A 118 1.72 6.08 11.70
C GLU A 118 2.77 7.19 11.59
N ALA A 119 3.52 7.14 10.51
CA ALA A 119 4.56 8.13 10.27
C ALA A 119 5.82 7.74 11.02
N THR A 120 6.06 6.43 11.08
CA THR A 120 7.22 5.91 11.76
C THR A 120 8.45 6.79 11.49
N GLY A 121 9.44 6.65 12.36
CA GLY A 121 10.66 7.43 12.23
C GLY A 121 11.23 7.33 10.81
N ALA A 122 12.25 6.50 10.67
CA ALA A 122 12.90 6.30 9.39
C ALA A 122 12.90 4.82 9.06
N ALA A 123 13.19 4.53 7.80
CA ALA A 123 13.24 3.15 7.34
C ALA A 123 14.67 2.63 7.43
N SER A 124 14.79 1.34 7.70
CA SER A 124 16.11 0.72 7.81
C SER A 124 16.31 -0.28 6.67
N PHE A 125 15.53 -0.09 5.61
CA PHE A 125 15.62 -0.97 4.45
C PHE A 125 15.52 -0.16 3.16
N THR A 126 15.95 -0.79 2.08
CA THR A 126 15.91 -0.14 0.77
C THR A 126 14.82 -0.77 -0.10
N VAL A 127 13.85 0.06 -0.47
CA VAL A 127 12.75 -0.39 -1.30
C VAL A 127 13.30 -1.01 -2.59
N LYS A 128 12.65 -2.07 -3.02
CA LYS A 128 13.07 -2.76 -4.23
C LYS A 128 12.05 -2.48 -5.35
N GLU A 129 12.27 -1.35 -6.02
CA GLU A 129 11.39 -0.96 -7.11
C GLU A 129 11.30 -2.07 -8.15
N ASP A 130 12.27 -2.98 -8.09
CA ASP A 130 12.31 -4.10 -9.02
C ASP A 130 11.07 -4.96 -8.83
N ASN A 131 10.67 -5.11 -7.56
CA ASN A 131 9.51 -5.90 -7.23
C ASN A 131 8.34 -4.98 -6.92
N ASN A 132 7.67 -4.55 -7.99
CA ASN A 132 6.52 -3.67 -7.86
C ASN A 132 5.24 -4.48 -8.00
N LEU A 133 4.32 -4.24 -7.07
CA LEU A 133 3.04 -4.94 -7.08
C LEU A 133 2.00 -4.08 -7.78
N SER A 134 2.40 -2.86 -8.12
CA SER A 134 1.51 -1.93 -8.78
C SER A 134 1.65 -2.06 -10.30
N LEU A 135 2.62 -2.87 -10.70
CA LEU A 135 2.88 -3.10 -12.11
C LEU A 135 2.34 -4.48 -12.50
N VAL A 136 2.78 -5.49 -11.76
CA VAL A 136 2.36 -6.85 -12.03
C VAL A 136 0.84 -6.90 -12.06
N GLU A 137 0.32 -7.79 -12.91
CA GLU A 137 -1.11 -7.95 -13.03
C GLU A 137 -1.55 -9.31 -12.47
N TYR A 138 -2.60 -9.27 -11.65
CA TYR A 138 -3.11 -10.48 -11.05
C TYR A 138 -4.27 -11.05 -11.86
N GLU A 139 -4.09 -12.28 -12.30
CA GLU A 139 -5.11 -12.95 -13.09
C GLU A 139 -6.46 -12.90 -12.38
N SER A 140 -7.42 -12.29 -13.06
CA SER A 140 -8.75 -12.16 -12.51
C SER A 140 -9.79 -12.70 -13.49
N GLY A 141 -10.94 -13.07 -12.95
CA GLY A 141 -12.01 -13.60 -13.78
C GLY A 141 -13.21 -14.02 -12.91
N PRO A 142 -14.18 -14.70 -13.58
CA PRO A 142 -15.37 -15.16 -12.89
C PRO A 142 -15.07 -16.38 -12.01
N SER A 143 -14.26 -17.27 -12.56
CA SER A 143 -13.89 -18.47 -11.84
C SER A 143 -12.36 -18.63 -11.83
N SER A 144 -11.83 -18.99 -13.00
CA SER A 144 -10.40 -19.17 -13.14
C SER A 144 -10.02 -19.20 -14.62
N GLY A 145 -8.77 -18.84 -14.89
CA GLY A 145 -8.28 -18.82 -16.25
C GLY A 145 -6.96 -19.58 -16.36
N GLY A 1 18.09 -8.51 59.64
CA GLY A 1 18.85 -8.96 58.48
C GLY A 1 18.04 -9.92 57.62
N SER A 2 18.14 -9.74 56.31
CA SER A 2 17.42 -10.59 55.38
C SER A 2 17.80 -10.22 53.94
N SER A 3 17.36 -11.06 53.01
CA SER A 3 17.65 -10.84 51.61
C SER A 3 16.55 -11.48 50.75
N GLY A 4 16.58 -11.12 49.47
CA GLY A 4 15.59 -11.65 48.54
C GLY A 4 15.53 -10.80 47.27
N SER A 5 15.50 -11.49 46.13
CA SER A 5 15.43 -10.81 44.85
C SER A 5 14.94 -11.78 43.77
N SER A 6 13.99 -11.29 42.98
CA SER A 6 13.43 -12.10 41.91
C SER A 6 12.92 -11.20 40.78
N GLY A 7 12.67 -11.83 39.64
CA GLY A 7 12.18 -11.09 38.48
C GLY A 7 11.92 -12.03 37.30
N SER A 8 11.59 -11.43 36.17
CA SER A 8 11.32 -12.21 34.97
C SER A 8 11.91 -11.50 33.75
N THR A 9 11.92 -12.22 32.64
CA THR A 9 12.45 -11.68 31.40
C THR A 9 11.77 -12.33 30.20
N VAL A 10 11.59 -11.53 29.15
CA VAL A 10 10.95 -12.01 27.94
C VAL A 10 10.82 -10.86 26.94
N LYS A 11 11.53 -11.00 25.84
CA LYS A 11 11.51 -9.98 24.80
C LYS A 11 10.53 -10.40 23.69
N ARG A 12 10.21 -9.44 22.84
CA ARG A 12 9.29 -9.70 21.75
C ARG A 12 9.81 -9.08 20.45
N LYS A 13 9.77 -9.86 19.39
CA LYS A 13 10.23 -9.41 18.09
C LYS A 13 9.06 -8.88 17.28
N PRO A 14 9.36 -7.95 16.35
CA PRO A 14 8.34 -7.36 15.50
C PRO A 14 7.88 -8.34 14.43
N VAL A 15 6.63 -8.17 14.00
CA VAL A 15 6.07 -9.04 12.99
C VAL A 15 5.79 -8.22 11.73
N PHE A 16 4.63 -7.58 11.72
CA PHE A 16 4.23 -6.75 10.59
C PHE A 16 4.25 -7.57 9.29
N VAL A 17 3.49 -7.08 8.31
CA VAL A 17 3.41 -7.76 7.03
C VAL A 17 4.38 -7.09 6.05
N LYS A 18 4.44 -7.65 4.85
CA LYS A 18 5.33 -7.13 3.82
C LYS A 18 4.50 -6.79 2.59
N VAL A 19 5.13 -6.04 1.69
CA VAL A 19 4.47 -5.63 0.45
C VAL A 19 4.24 -6.87 -0.43
N GLU A 20 5.32 -7.63 -0.60
CA GLU A 20 5.25 -8.84 -1.42
C GLU A 20 4.32 -9.87 -0.77
N GLN A 21 3.97 -9.59 0.48
CA GLN A 21 3.09 -10.48 1.22
C GLN A 21 1.62 -10.08 1.02
N LEU A 22 1.44 -9.00 0.26
CA LEU A 22 0.11 -8.51 -0.03
C LEU A 22 -0.58 -9.43 -1.01
N LYS A 23 -1.90 -9.34 -1.07
CA LYS A 23 -2.68 -10.15 -1.97
C LYS A 23 -4.11 -9.62 -2.03
N PRO A 24 -4.84 -10.05 -3.10
CA PRO A 24 -6.22 -9.62 -3.27
C PRO A 24 -7.15 -10.34 -2.30
N GLY A 25 -8.11 -9.59 -1.77
CA GLY A 25 -9.06 -10.14 -0.83
C GLY A 25 -8.55 -10.02 0.61
N THR A 26 -7.69 -9.03 0.82
CA THR A 26 -7.12 -8.80 2.13
C THR A 26 -7.43 -7.37 2.60
N THR A 27 -7.48 -7.21 3.91
CA THR A 27 -7.76 -5.91 4.50
C THR A 27 -6.97 -5.73 5.79
N GLY A 28 -6.94 -4.49 6.27
CA GLY A 28 -6.24 -4.17 7.49
C GLY A 28 -4.86 -4.84 7.52
N HIS A 29 -3.86 -4.08 7.11
CA HIS A 29 -2.49 -4.57 7.09
C HIS A 29 -1.60 -3.68 7.95
N THR A 30 -0.49 -4.25 8.37
CA THR A 30 0.46 -3.51 9.20
C THR A 30 1.89 -3.81 8.76
N LEU A 31 2.50 -2.81 8.12
CA LEU A 31 3.86 -2.94 7.64
C LEU A 31 4.50 -1.55 7.54
N THR A 32 5.82 -1.55 7.39
CA THR A 32 6.55 -0.30 7.27
C THR A 32 6.85 0.00 5.81
N VAL A 33 6.16 1.00 5.29
CA VAL A 33 6.35 1.39 3.89
C VAL A 33 7.21 2.65 3.84
N LYS A 34 8.21 2.61 2.99
CA LYS A 34 9.10 3.75 2.83
C LYS A 34 8.82 4.44 1.50
N VAL A 35 8.49 5.72 1.60
CA VAL A 35 8.19 6.51 0.41
C VAL A 35 9.47 6.69 -0.41
N ILE A 36 9.30 6.68 -1.72
CA ILE A 36 10.42 6.84 -2.63
C ILE A 36 10.21 8.09 -3.48
N GLU A 37 9.03 8.19 -4.07
CA GLU A 37 8.69 9.33 -4.91
C GLU A 37 7.26 9.77 -4.65
N ALA A 38 6.97 11.02 -5.00
CA ALA A 38 5.64 11.56 -4.82
C ALA A 38 5.38 12.62 -5.89
N ASN A 39 4.43 12.31 -6.76
CA ASN A 39 4.07 13.21 -7.84
C ASN A 39 2.55 13.25 -7.98
N ILE A 40 2.06 14.40 -8.40
CA ILE A 40 0.63 14.59 -8.58
C ILE A 40 0.09 13.49 -9.50
N VAL A 41 -1.21 13.25 -9.39
CA VAL A 41 -1.85 12.23 -10.20
C VAL A 41 -2.11 12.78 -11.60
N VAL A 42 -1.42 12.19 -12.57
CA VAL A 42 -1.57 12.62 -13.96
C VAL A 42 -2.94 12.17 -14.48
N PRO A 43 -3.42 12.91 -15.51
CA PRO A 43 -4.70 12.60 -16.11
C PRO A 43 -4.61 11.34 -17.00
N VAL A 44 -5.51 10.42 -16.75
CA VAL A 44 -5.54 9.17 -17.52
C VAL A 44 -4.27 8.37 -17.21
N THR A 45 -4.40 7.47 -16.26
CA THR A 45 -3.29 6.63 -15.86
C THR A 45 -3.76 5.52 -14.92
N ARG A 46 -4.62 5.90 -14.00
CA ARG A 46 -5.16 4.96 -13.03
C ARG A 46 -6.46 5.49 -12.42
N LYS A 47 -6.31 6.53 -11.61
CA LYS A 47 -7.46 7.13 -10.96
C LYS A 47 -8.07 8.19 -11.90
N THR A 48 -9.30 7.90 -12.33
CA THR A 48 -10.00 8.81 -13.22
C THR A 48 -11.44 9.00 -12.76
N ARG A 49 -11.59 9.76 -11.69
CA ARG A 49 -12.92 10.03 -11.15
C ARG A 49 -13.23 11.52 -11.23
N PRO A 50 -14.56 11.82 -11.27
CA PRO A 50 -15.01 13.20 -11.35
C PRO A 50 -14.85 13.92 -10.01
N ALA A 51 -13.94 14.87 -9.99
CA ALA A 51 -13.67 15.63 -8.78
C ALA A 51 -14.15 17.07 -8.98
N SER A 52 -15.40 17.21 -9.35
CA SER A 52 -15.99 18.52 -9.58
C SER A 52 -17.52 18.42 -9.56
N SER A 53 -18.08 18.68 -8.40
CA SER A 53 -19.52 18.63 -8.23
C SER A 53 -19.89 18.93 -6.78
N LEU A 54 -19.49 18.03 -5.89
CA LEU A 54 -19.78 18.19 -4.48
C LEU A 54 -19.13 17.04 -3.70
N SER A 55 -17.85 17.19 -3.41
CA SER A 55 -17.12 16.19 -2.68
C SER A 55 -15.92 16.82 -1.96
N ARG A 56 -16.18 17.95 -1.34
CA ARG A 56 -15.15 18.67 -0.61
C ARG A 56 -15.73 19.89 0.09
N PRO A 57 -15.32 20.07 1.37
CA PRO A 57 -15.80 21.20 2.16
C PRO A 57 -15.13 22.50 1.72
N SER A 58 -13.80 22.50 1.77
CA SER A 58 -13.04 23.67 1.37
C SER A 58 -11.74 23.24 0.69
N GLN A 59 -11.44 23.93 -0.41
CA GLN A 59 -10.23 23.64 -1.16
C GLN A 59 -10.29 22.20 -1.70
N PRO A 60 -9.62 22.00 -2.86
CA PRO A 60 -9.58 20.69 -3.49
C PRO A 60 -8.63 19.75 -2.73
N SER A 61 -8.99 18.47 -2.72
CA SER A 61 -8.18 17.47 -2.05
C SER A 61 -6.99 17.09 -2.93
N ARG A 62 -5.96 17.91 -2.87
CA ARG A 62 -4.77 17.66 -3.67
C ARG A 62 -4.29 16.21 -3.47
N ILE A 63 -4.70 15.36 -4.39
CA ILE A 63 -4.34 13.95 -4.33
C ILE A 63 -3.03 13.75 -5.08
N VAL A 64 -2.13 13.01 -4.45
CA VAL A 64 -0.83 12.74 -5.04
C VAL A 64 -0.45 11.27 -4.76
N GLU A 65 0.11 10.64 -5.79
CA GLU A 65 0.51 9.25 -5.66
C GLU A 65 2.01 9.16 -5.30
N CYS A 66 2.27 8.50 -4.19
CA CYS A 66 3.64 8.34 -3.72
C CYS A 66 3.98 6.84 -3.75
N LEU A 67 5.23 6.57 -4.08
CA LEU A 67 5.69 5.19 -4.16
C LEU A 67 6.21 4.77 -2.77
N ILE A 68 5.55 3.77 -2.22
CA ILE A 68 5.94 3.25 -0.91
C ILE A 68 6.02 1.73 -0.96
N GLY A 69 6.85 1.18 -0.09
CA GLY A 69 7.03 -0.26 -0.02
C GLY A 69 8.16 -0.63 0.93
N ASP A 70 8.60 -1.88 0.82
CA ASP A 70 9.68 -2.37 1.66
C ASP A 70 10.72 -3.09 0.79
N GLU A 71 11.74 -3.58 1.45
CA GLU A 71 12.81 -4.28 0.75
C GLU A 71 12.23 -5.34 -0.19
N THR A 72 11.00 -5.75 0.13
CA THR A 72 10.32 -6.76 -0.67
C THR A 72 9.85 -6.15 -1.99
N GLY A 73 8.75 -5.42 -1.92
CA GLY A 73 8.18 -4.79 -3.09
C GLY A 73 7.56 -3.43 -2.75
N CYS A 74 6.90 -2.86 -3.73
CA CYS A 74 6.26 -1.56 -3.54
C CYS A 74 4.90 -1.59 -4.25
N ILE A 75 4.07 -0.61 -3.91
CA ILE A 75 2.75 -0.51 -4.51
C ILE A 75 2.32 0.96 -4.54
N LEU A 76 1.30 1.22 -5.34
CA LEU A 76 0.78 2.58 -5.48
C LEU A 76 -0.25 2.83 -4.39
N PHE A 77 0.06 3.80 -3.53
CA PHE A 77 -0.84 4.14 -2.44
C PHE A 77 -1.22 5.62 -2.49
N THR A 78 -2.52 5.86 -2.46
CA THR A 78 -3.02 7.23 -2.51
C THR A 78 -2.91 7.88 -1.13
N ALA A 79 -2.60 9.17 -1.14
CA ALA A 79 -2.45 9.92 0.09
C ALA A 79 -3.25 11.22 -0.01
N ARG A 80 -4.06 11.47 1.01
CA ARG A 80 -4.88 12.67 1.04
C ARG A 80 -4.01 13.90 1.31
N ASN A 81 -4.59 15.06 1.07
CA ASN A 81 -3.88 16.32 1.28
C ASN A 81 -3.18 16.27 2.64
N ASP A 82 -3.70 15.43 3.52
CA ASP A 82 -3.14 15.29 4.85
C ASP A 82 -2.04 14.23 4.82
N GLN A 83 -2.45 13.01 4.49
CA GLN A 83 -1.51 11.90 4.42
C GLN A 83 -0.33 12.26 3.50
N VAL A 84 -0.67 12.93 2.41
CA VAL A 84 0.35 13.33 1.45
C VAL A 84 1.62 13.76 2.20
N ASP A 85 1.41 14.51 3.26
CA ASP A 85 2.51 14.99 4.07
C ASP A 85 3.27 13.80 4.65
N LEU A 86 2.52 12.92 5.31
CA LEU A 86 3.12 11.74 5.92
C LEU A 86 3.68 10.84 4.82
N MET A 87 3.13 10.99 3.63
CA MET A 87 3.56 10.21 2.49
C MET A 87 4.55 11.00 1.62
N LYS A 88 5.43 11.72 2.29
CA LYS A 88 6.42 12.52 1.60
C LYS A 88 7.51 11.60 1.04
N PRO A 89 8.19 12.09 -0.03
CA PRO A 89 9.25 11.33 -0.66
C PRO A 89 10.52 11.35 0.19
N GLY A 90 11.08 10.17 0.42
CA GLY A 90 12.28 10.04 1.20
C GLY A 90 11.96 9.98 2.70
N ALA A 91 10.73 9.56 3.00
CA ALA A 91 10.28 9.45 4.37
C ALA A 91 9.74 8.04 4.62
N THR A 92 9.76 7.65 5.89
CA THR A 92 9.28 6.33 6.26
C THR A 92 8.02 6.46 7.12
N VAL A 93 7.01 5.68 6.76
CA VAL A 93 5.76 5.69 7.49
C VAL A 93 5.15 4.29 7.48
N ILE A 94 4.37 4.00 8.51
CA ILE A 94 3.73 2.70 8.64
C ILE A 94 2.25 2.84 8.28
N LEU A 95 1.67 1.73 7.84
CA LEU A 95 0.26 1.70 7.48
C LEU A 95 -0.50 0.79 8.44
N ARG A 96 -1.45 1.37 9.14
CA ARG A 96 -2.26 0.62 10.10
C ARG A 96 -3.68 0.47 9.57
N ASN A 97 -4.15 -0.77 9.59
CA ASN A 97 -5.49 -1.07 9.12
C ASN A 97 -5.60 -0.75 7.63
N SER A 98 -4.46 -0.87 6.95
CA SER A 98 -4.40 -0.60 5.52
C SER A 98 -5.05 -1.75 4.75
N ARG A 99 -5.99 -1.38 3.88
CA ARG A 99 -6.68 -2.37 3.08
C ARG A 99 -6.14 -2.37 1.66
N ILE A 100 -6.35 -3.49 0.98
CA ILE A 100 -5.89 -3.62 -0.40
C ILE A 100 -7.08 -3.56 -1.35
N ASP A 101 -6.99 -2.66 -2.31
CA ASP A 101 -8.05 -2.49 -3.28
C ASP A 101 -7.72 -3.31 -4.53
N MET A 102 -8.66 -4.16 -4.90
CA MET A 102 -8.48 -5.01 -6.07
C MET A 102 -8.77 -4.23 -7.36
N PHE A 103 -7.70 -3.91 -8.06
CA PHE A 103 -7.82 -3.17 -9.31
C PHE A 103 -7.84 -4.11 -10.51
N LYS A 104 -8.40 -3.62 -11.61
CA LYS A 104 -8.48 -4.40 -12.82
C LYS A 104 -7.17 -5.16 -13.03
N GLY A 105 -7.18 -6.42 -12.62
CA GLY A 105 -6.00 -7.26 -12.75
C GLY A 105 -4.81 -6.65 -12.01
N THR A 106 -5.08 -6.14 -10.83
CA THR A 106 -4.04 -5.52 -10.01
C THR A 106 -4.60 -5.13 -8.64
N MET A 107 -3.74 -4.49 -7.85
CA MET A 107 -4.13 -4.06 -6.52
C MET A 107 -3.29 -2.87 -6.06
N ARG A 108 -3.77 -2.20 -5.03
CA ARG A 108 -3.09 -1.05 -4.49
C ARG A 108 -3.28 -0.97 -2.97
N LEU A 109 -2.42 -0.18 -2.33
CA LEU A 109 -2.49 -0.02 -0.89
C LEU A 109 -3.26 1.27 -0.57
N GLY A 110 -4.15 1.16 0.41
CA GLY A 110 -4.95 2.29 0.83
C GLY A 110 -5.39 2.14 2.29
N VAL A 111 -5.68 3.29 2.90
CA VAL A 111 -6.11 3.30 4.29
C VAL A 111 -7.57 3.77 4.36
N ASP A 112 -8.39 2.98 5.03
CA ASP A 112 -9.79 3.30 5.18
C ASP A 112 -9.95 4.37 6.26
N LYS A 113 -11.19 4.82 6.43
CA LYS A 113 -11.49 5.83 7.43
C LYS A 113 -11.22 5.27 8.82
N TRP A 114 -11.20 3.95 8.90
CA TRP A 114 -10.96 3.27 10.16
C TRP A 114 -9.46 2.96 10.26
N GLY A 115 -8.68 3.74 9.53
CA GLY A 115 -7.23 3.56 9.51
C GLY A 115 -6.52 4.90 9.40
N ARG A 116 -5.36 4.96 10.05
CA ARG A 116 -4.56 6.18 10.04
C ARG A 116 -3.07 5.84 9.89
N ILE A 117 -2.32 6.83 9.43
CA ILE A 117 -0.88 6.65 9.23
C ILE A 117 -0.18 6.72 10.58
N GLU A 118 0.99 6.10 10.63
CA GLU A 118 1.78 6.08 11.86
C GLU A 118 2.85 7.18 11.81
N ALA A 119 3.72 7.06 10.81
CA ALA A 119 4.79 8.03 10.65
C ALA A 119 5.99 7.61 11.51
N THR A 120 6.31 6.32 11.42
CA THR A 120 7.43 5.78 12.17
C THR A 120 8.56 6.80 12.26
N GLY A 121 9.01 7.24 11.08
CA GLY A 121 10.09 8.21 11.01
C GLY A 121 10.99 7.94 9.80
N ALA A 122 11.88 6.98 9.98
CA ALA A 122 12.81 6.62 8.92
C ALA A 122 12.84 5.09 8.79
N ALA A 123 13.21 4.64 7.59
CA ALA A 123 13.28 3.22 7.32
C ALA A 123 14.75 2.77 7.40
N SER A 124 14.93 1.52 7.80
CA SER A 124 16.26 0.95 7.93
C SER A 124 16.49 -0.10 6.84
N PHE A 125 15.56 -0.14 5.90
CA PHE A 125 15.64 -1.09 4.81
C PHE A 125 15.61 -0.38 3.45
N THR A 126 16.17 -1.04 2.46
CA THR A 126 16.21 -0.48 1.12
C THR A 126 15.08 -1.06 0.26
N VAL A 127 14.12 -0.21 -0.05
CA VAL A 127 12.98 -0.62 -0.86
C VAL A 127 13.48 -1.24 -2.16
N LYS A 128 12.81 -2.30 -2.57
CA LYS A 128 13.17 -2.99 -3.79
C LYS A 128 12.41 -2.39 -4.97
N GLU A 129 12.98 -1.35 -5.56
CA GLU A 129 12.36 -0.68 -6.68
C GLU A 129 12.42 -1.57 -7.93
N ASP A 130 11.74 -2.70 -7.83
CA ASP A 130 11.70 -3.64 -8.94
C ASP A 130 10.49 -4.57 -8.78
N ASN A 131 10.31 -5.03 -7.56
CA ASN A 131 9.20 -5.93 -7.25
C ASN A 131 7.94 -5.10 -6.99
N ASN A 132 7.64 -4.22 -7.94
CA ASN A 132 6.47 -3.37 -7.82
C ASN A 132 5.20 -4.22 -7.95
N LEU A 133 4.26 -3.97 -7.06
CA LEU A 133 3.00 -4.70 -7.07
C LEU A 133 1.95 -3.89 -7.83
N SER A 134 2.24 -2.61 -8.00
CA SER A 134 1.34 -1.71 -8.71
C SER A 134 1.49 -1.91 -10.22
N LEU A 135 2.40 -2.78 -10.58
CA LEU A 135 2.65 -3.06 -11.99
C LEU A 135 2.19 -4.48 -12.30
N VAL A 136 2.81 -5.44 -11.64
CA VAL A 136 2.48 -6.84 -11.84
C VAL A 136 0.95 -7.00 -11.80
N GLU A 137 0.47 -7.97 -12.58
CA GLU A 137 -0.96 -8.23 -12.64
C GLU A 137 -1.27 -9.61 -12.05
N TYR A 138 -2.37 -9.68 -11.33
CA TYR A 138 -2.80 -10.92 -10.71
C TYR A 138 -3.89 -11.60 -11.54
N GLU A 139 -3.74 -12.91 -11.71
CA GLU A 139 -4.69 -13.69 -12.47
C GLU A 139 -6.08 -13.57 -11.85
N SER A 140 -7.08 -13.97 -12.62
CA SER A 140 -8.46 -13.92 -12.16
C SER A 140 -8.85 -12.47 -11.86
N GLY A 141 -9.90 -12.02 -12.54
CA GLY A 141 -10.38 -10.67 -12.35
C GLY A 141 -11.46 -10.32 -13.39
N PRO A 142 -11.20 -9.22 -14.15
CA PRO A 142 -12.13 -8.78 -15.17
C PRO A 142 -12.06 -9.69 -16.40
N SER A 143 -13.18 -9.77 -17.09
CA SER A 143 -13.27 -10.59 -18.30
C SER A 143 -13.35 -9.71 -19.53
N SER A 144 -12.38 -9.88 -20.41
CA SER A 144 -12.32 -9.12 -21.65
C SER A 144 -11.41 -9.81 -22.66
N GLY A 145 -11.70 -9.56 -23.93
CA GLY A 145 -10.92 -10.16 -25.01
C GLY A 145 -10.30 -9.07 -25.89
N GLY A 1 28.33 -36.32 25.71
CA GLY A 1 27.77 -35.21 24.97
C GLY A 1 26.36 -35.54 24.46
N SER A 2 26.25 -35.64 23.15
CA SER A 2 24.97 -35.95 22.53
C SER A 2 23.98 -34.82 22.80
N SER A 3 23.08 -34.63 21.84
CA SER A 3 22.07 -33.58 21.95
C SER A 3 21.21 -33.55 20.68
N GLY A 4 20.04 -32.94 20.82
CA GLY A 4 19.12 -32.82 19.69
C GLY A 4 17.77 -32.30 20.15
N SER A 5 17.11 -31.59 19.25
CA SER A 5 15.80 -31.03 19.54
C SER A 5 15.25 -30.30 18.31
N SER A 6 13.95 -30.07 18.34
CA SER A 6 13.29 -29.39 17.23
C SER A 6 11.82 -29.10 17.59
N GLY A 7 11.17 -28.33 16.72
CA GLY A 7 9.78 -27.98 16.94
C GLY A 7 9.63 -26.47 17.12
N SER A 8 8.64 -25.93 16.42
CA SER A 8 8.37 -24.50 16.49
C SER A 8 7.20 -24.14 15.57
N THR A 9 6.39 -23.21 16.04
CA THR A 9 5.24 -22.76 15.28
C THR A 9 4.97 -21.28 15.52
N VAL A 10 5.67 -20.45 14.77
CA VAL A 10 5.53 -19.01 14.90
C VAL A 10 5.42 -18.38 13.51
N LYS A 11 4.97 -19.20 12.57
CA LYS A 11 4.82 -18.75 11.19
C LYS A 11 6.19 -18.46 10.60
N ARG A 12 6.18 -17.88 9.41
CA ARG A 12 7.42 -17.55 8.72
C ARG A 12 7.47 -16.05 8.41
N LYS A 13 6.68 -15.30 9.16
CA LYS A 13 6.63 -13.86 8.97
C LYS A 13 6.70 -13.17 10.34
N PRO A 14 7.14 -11.88 10.31
CA PRO A 14 7.26 -11.11 11.54
C PRO A 14 5.89 -10.65 12.03
N VAL A 15 5.91 -9.71 12.96
CA VAL A 15 4.68 -9.19 13.53
C VAL A 15 3.95 -8.36 12.47
N PHE A 16 4.74 -7.78 11.57
CA PHE A 16 4.18 -6.96 10.50
C PHE A 16 4.19 -7.72 9.17
N VAL A 17 3.43 -7.19 8.22
CA VAL A 17 3.34 -7.80 6.90
C VAL A 17 4.29 -7.07 5.95
N LYS A 18 4.32 -7.57 4.72
CA LYS A 18 5.18 -6.99 3.70
C LYS A 18 4.35 -6.69 2.45
N VAL A 19 4.93 -5.88 1.58
CA VAL A 19 4.25 -5.51 0.34
C VAL A 19 4.08 -6.75 -0.53
N GLU A 20 5.12 -7.56 -0.55
CA GLU A 20 5.09 -8.78 -1.35
C GLU A 20 4.12 -9.80 -0.73
N GLN A 21 3.58 -9.41 0.42
CA GLN A 21 2.64 -10.27 1.11
C GLN A 21 1.20 -9.83 0.84
N LEU A 22 1.09 -8.75 0.08
CA LEU A 22 -0.22 -8.20 -0.27
C LEU A 22 -0.86 -9.08 -1.34
N LYS A 23 -2.17 -9.19 -1.27
CA LYS A 23 -2.92 -9.99 -2.23
C LYS A 23 -4.37 -9.52 -2.26
N PRO A 24 -5.11 -10.03 -3.28
CA PRO A 24 -6.52 -9.67 -3.43
C PRO A 24 -7.38 -10.40 -2.39
N GLY A 25 -8.24 -9.63 -1.74
CA GLY A 25 -9.13 -10.19 -0.74
C GLY A 25 -8.49 -10.12 0.66
N THR A 26 -8.04 -8.92 1.00
CA THR A 26 -7.41 -8.70 2.29
C THR A 26 -7.66 -7.27 2.77
N THR A 27 -7.64 -7.10 4.09
CA THR A 27 -7.86 -5.80 4.68
C THR A 27 -7.04 -5.65 5.96
N GLY A 28 -7.07 -4.44 6.51
CA GLY A 28 -6.34 -4.16 7.74
C GLY A 28 -4.98 -4.85 7.72
N HIS A 29 -3.97 -4.10 7.28
CA HIS A 29 -2.62 -4.63 7.22
C HIS A 29 -1.68 -3.76 8.07
N THR A 30 -0.56 -4.34 8.44
CA THR A 30 0.42 -3.64 9.24
C THR A 30 1.84 -3.91 8.74
N LEU A 31 2.44 -2.91 8.14
CA LEU A 31 3.78 -3.03 7.61
C LEU A 31 4.43 -1.65 7.54
N THR A 32 5.73 -1.65 7.28
CA THR A 32 6.48 -0.41 7.18
C THR A 32 6.78 -0.08 5.72
N VAL A 33 6.13 0.98 5.24
CA VAL A 33 6.32 1.40 3.86
C VAL A 33 7.21 2.65 3.84
N LYS A 34 8.18 2.62 2.93
CA LYS A 34 9.10 3.73 2.79
C LYS A 34 8.84 4.44 1.46
N VAL A 35 8.53 5.73 1.57
CA VAL A 35 8.25 6.54 0.39
C VAL A 35 9.54 6.76 -0.39
N ILE A 36 9.40 6.85 -1.69
CA ILE A 36 10.55 7.05 -2.56
C ILE A 36 10.34 8.33 -3.38
N GLU A 37 9.17 8.40 -4.00
CA GLU A 37 8.84 9.56 -4.82
C GLU A 37 7.39 9.99 -4.57
N ALA A 38 7.05 11.17 -5.07
CA ALA A 38 5.71 11.69 -4.91
C ALA A 38 5.35 12.54 -6.13
N ASN A 39 4.43 12.01 -6.93
CA ASN A 39 4.00 12.69 -8.13
C ASN A 39 2.48 12.92 -8.05
N ILE A 40 2.07 14.12 -8.45
CA ILE A 40 0.66 14.47 -8.44
C ILE A 40 -0.11 13.52 -9.35
N VAL A 41 -1.39 13.39 -9.05
CA VAL A 41 -2.25 12.50 -9.84
C VAL A 41 -2.94 13.32 -10.94
N VAL A 42 -3.16 12.67 -12.07
CA VAL A 42 -3.80 13.32 -13.20
C VAL A 42 -5.26 12.86 -13.28
N PRO A 43 -6.09 13.69 -13.97
CA PRO A 43 -7.50 13.37 -14.13
C PRO A 43 -7.70 12.26 -15.15
N VAL A 44 -6.69 12.08 -15.99
CA VAL A 44 -6.74 11.05 -17.01
C VAL A 44 -6.46 9.68 -16.39
N THR A 45 -5.18 9.38 -16.25
CA THR A 45 -4.77 8.12 -15.66
C THR A 45 -3.30 8.18 -15.24
N ARG A 46 -2.94 7.29 -14.32
CA ARG A 46 -1.58 7.24 -13.82
C ARG A 46 -0.60 7.10 -14.98
N LYS A 47 0.17 8.16 -15.19
CA LYS A 47 1.15 8.17 -16.27
C LYS A 47 0.43 8.19 -17.61
N THR A 48 0.65 9.27 -18.35
CA THR A 48 0.02 9.43 -19.65
C THR A 48 1.08 9.71 -20.71
N ARG A 49 1.15 8.82 -21.69
CA ARG A 49 2.12 8.96 -22.76
C ARG A 49 2.02 10.35 -23.38
N PRO A 50 0.78 10.72 -23.79
CA PRO A 50 0.54 12.01 -24.40
C PRO A 50 0.56 13.12 -23.34
N ALA A 51 0.03 14.28 -23.73
CA ALA A 51 -0.02 15.42 -22.83
C ALA A 51 -1.26 16.26 -23.15
N SER A 52 -2.08 16.45 -22.13
CA SER A 52 -3.30 17.23 -22.29
C SER A 52 -3.75 17.78 -20.94
N SER A 53 -3.46 19.05 -20.73
CA SER A 53 -3.83 19.71 -19.49
C SER A 53 -3.25 18.93 -18.30
N LEU A 54 -2.04 19.31 -17.93
CA LEU A 54 -1.36 18.68 -16.82
C LEU A 54 -1.24 19.66 -15.66
N SER A 55 -0.84 19.14 -14.51
CA SER A 55 -0.67 19.97 -13.32
C SER A 55 -2.04 20.51 -12.88
N ARG A 56 -2.10 20.90 -11.61
CA ARG A 56 -3.33 21.44 -11.06
C ARG A 56 -4.49 20.45 -11.26
N PRO A 57 -4.67 19.57 -10.24
CA PRO A 57 -5.73 18.57 -10.30
C PRO A 57 -7.09 19.21 -10.03
N SER A 58 -7.83 19.44 -11.12
CA SER A 58 -9.14 20.04 -11.02
C SER A 58 -9.91 19.44 -9.84
N GLN A 59 -10.04 18.12 -9.88
CA GLN A 59 -10.74 17.41 -8.82
C GLN A 59 -10.38 17.99 -7.45
N PRO A 60 -11.36 17.92 -6.52
CA PRO A 60 -11.16 18.43 -5.18
C PRO A 60 -10.26 17.50 -4.36
N SER A 61 -9.90 17.97 -3.17
CA SER A 61 -9.05 17.18 -2.29
C SER A 61 -7.74 16.83 -3.00
N ARG A 62 -6.71 17.59 -2.68
CA ARG A 62 -5.41 17.37 -3.28
C ARG A 62 -4.95 15.93 -3.04
N ILE A 63 -4.70 15.23 -4.14
CA ILE A 63 -4.26 13.85 -4.07
C ILE A 63 -3.01 13.67 -4.93
N VAL A 64 -1.96 13.15 -4.30
CA VAL A 64 -0.70 12.92 -4.99
C VAL A 64 -0.26 11.47 -4.77
N GLU A 65 0.24 10.88 -5.84
CA GLU A 65 0.70 9.50 -5.79
C GLU A 65 2.15 9.44 -5.31
N CYS A 66 2.41 8.52 -4.39
CA CYS A 66 3.75 8.37 -3.85
C CYS A 66 4.11 6.87 -3.88
N LEU A 67 5.37 6.60 -4.15
CA LEU A 67 5.85 5.24 -4.21
C LEU A 67 6.36 4.81 -2.82
N ILE A 68 5.67 3.83 -2.25
CA ILE A 68 6.04 3.33 -0.94
C ILE A 68 6.09 1.80 -0.98
N GLY A 69 6.90 1.24 -0.09
CA GLY A 69 7.04 -0.20 -0.01
C GLY A 69 8.14 -0.58 0.98
N ASP A 70 8.44 -1.88 1.01
CA ASP A 70 9.47 -2.39 1.90
C ASP A 70 10.45 -3.26 1.11
N GLU A 71 11.40 -3.83 1.83
CA GLU A 71 12.40 -4.68 1.21
C GLU A 71 11.75 -5.99 0.72
N THR A 72 10.74 -5.83 -0.11
CA THR A 72 10.04 -6.99 -0.66
C THR A 72 9.32 -6.60 -1.95
N GLY A 73 8.49 -5.56 -1.85
CA GLY A 73 7.74 -5.08 -2.99
C GLY A 73 7.27 -3.65 -2.78
N CYS A 74 6.50 -3.16 -3.75
CA CYS A 74 5.99 -1.81 -3.69
C CYS A 74 4.62 -1.79 -4.36
N ILE A 75 3.87 -0.71 -4.08
CA ILE A 75 2.55 -0.56 -4.66
C ILE A 75 2.21 0.93 -4.76
N LEU A 76 1.20 1.22 -5.57
CA LEU A 76 0.77 2.59 -5.77
C LEU A 76 -0.28 2.95 -4.72
N PHE A 77 0.16 3.72 -3.73
CA PHE A 77 -0.74 4.13 -2.66
C PHE A 77 -1.17 5.59 -2.84
N THR A 78 -2.43 5.86 -2.53
CA THR A 78 -2.97 7.20 -2.65
C THR A 78 -2.95 7.91 -1.29
N ALA A 79 -2.47 9.13 -1.30
CA ALA A 79 -2.40 9.93 -0.08
C ALA A 79 -3.15 11.25 -0.28
N ARG A 80 -4.01 11.55 0.68
CA ARG A 80 -4.80 12.77 0.61
C ARG A 80 -3.91 13.98 0.90
N ASN A 81 -4.50 15.16 0.71
CA ASN A 81 -3.78 16.40 0.95
C ASN A 81 -3.11 16.35 2.32
N ASP A 82 -3.66 15.51 3.17
CA ASP A 82 -3.13 15.34 4.52
C ASP A 82 -2.08 14.23 4.53
N GLN A 83 -2.51 13.06 4.09
CA GLN A 83 -1.61 11.91 4.04
C GLN A 83 -0.36 12.25 3.22
N VAL A 84 -0.58 12.93 2.11
CA VAL A 84 0.51 13.32 1.23
C VAL A 84 1.71 13.73 2.09
N ASP A 85 1.43 14.55 3.09
CA ASP A 85 2.48 15.03 3.98
C ASP A 85 3.23 13.83 4.56
N LEU A 86 2.46 12.94 5.18
CA LEU A 86 3.04 11.76 5.79
C LEU A 86 3.68 10.89 4.70
N MET A 87 3.01 10.86 3.55
CA MET A 87 3.50 10.08 2.42
C MET A 87 4.48 10.90 1.58
N LYS A 88 5.29 11.68 2.26
CA LYS A 88 6.28 12.51 1.58
C LYS A 88 7.37 11.62 0.97
N PRO A 89 8.04 12.16 -0.08
CA PRO A 89 9.09 11.42 -0.74
C PRO A 89 10.37 11.42 0.10
N GLY A 90 10.94 10.23 0.23
CA GLY A 90 12.16 10.07 1.01
C GLY A 90 11.85 9.98 2.51
N ALA A 91 10.61 9.62 2.80
CA ALA A 91 10.18 9.49 4.18
C ALA A 91 9.62 8.10 4.41
N THR A 92 9.57 7.71 5.67
CA THR A 92 9.05 6.40 6.04
C THR A 92 7.79 6.55 6.89
N VAL A 93 6.86 5.63 6.67
CA VAL A 93 5.61 5.64 7.41
C VAL A 93 5.02 4.22 7.42
N ILE A 94 4.22 3.97 8.46
CA ILE A 94 3.60 2.66 8.61
C ILE A 94 2.11 2.79 8.31
N LEU A 95 1.50 1.65 8.01
CA LEU A 95 0.08 1.61 7.70
C LEU A 95 -0.63 0.68 8.69
N ARG A 96 -1.50 1.26 9.50
CA ARG A 96 -2.25 0.50 10.48
C ARG A 96 -3.71 0.37 10.06
N ASN A 97 -4.10 -0.86 9.74
CA ASN A 97 -5.47 -1.12 9.32
C ASN A 97 -5.63 -0.74 7.85
N SER A 98 -4.56 -0.95 7.10
CA SER A 98 -4.57 -0.63 5.69
C SER A 98 -5.27 -1.74 4.90
N ARG A 99 -5.97 -1.34 3.85
CA ARG A 99 -6.67 -2.29 3.02
C ARG A 99 -6.05 -2.34 1.62
N ILE A 100 -6.52 -3.30 0.83
CA ILE A 100 -6.03 -3.46 -0.53
C ILE A 100 -7.21 -3.45 -1.50
N ASP A 101 -7.13 -2.54 -2.46
CA ASP A 101 -8.18 -2.42 -3.46
C ASP A 101 -7.80 -3.22 -4.70
N MET A 102 -8.70 -4.11 -5.09
CA MET A 102 -8.46 -4.95 -6.25
C MET A 102 -8.58 -4.14 -7.55
N PHE A 103 -7.43 -3.81 -8.10
CA PHE A 103 -7.39 -3.04 -9.33
C PHE A 103 -7.37 -3.96 -10.56
N LYS A 104 -7.77 -3.39 -11.69
CA LYS A 104 -7.81 -4.15 -12.93
C LYS A 104 -6.56 -5.03 -13.02
N GLY A 105 -6.73 -6.29 -12.63
CA GLY A 105 -5.63 -7.24 -12.67
C GLY A 105 -4.44 -6.73 -11.85
N THR A 106 -4.76 -6.00 -10.79
CA THR A 106 -3.74 -5.45 -9.92
C THR A 106 -4.34 -5.03 -8.58
N MET A 107 -3.51 -4.40 -7.77
CA MET A 107 -3.95 -3.94 -6.46
C MET A 107 -3.17 -2.70 -6.02
N ARG A 108 -3.58 -2.16 -4.87
CA ARG A 108 -2.93 -0.97 -4.34
C ARG A 108 -3.12 -0.91 -2.83
N LEU A 109 -2.34 -0.04 -2.19
CA LEU A 109 -2.41 0.13 -0.76
C LEU A 109 -3.30 1.34 -0.43
N GLY A 110 -4.15 1.15 0.57
CA GLY A 110 -5.06 2.20 0.98
C GLY A 110 -5.37 2.09 2.47
N VAL A 111 -5.90 3.18 3.01
CA VAL A 111 -6.26 3.23 4.42
C VAL A 111 -7.73 3.62 4.56
N ASP A 112 -8.44 2.85 5.36
CA ASP A 112 -9.86 3.10 5.59
C ASP A 112 -10.01 4.24 6.60
N LYS A 113 -11.25 4.63 6.82
CA LYS A 113 -11.54 5.70 7.76
C LYS A 113 -11.23 5.24 9.18
N TRP A 114 -11.19 3.92 9.34
CA TRP A 114 -10.90 3.33 10.64
C TRP A 114 -9.39 3.05 10.70
N GLY A 115 -8.68 3.58 9.73
CA GLY A 115 -7.24 3.41 9.66
C GLY A 115 -6.53 4.75 9.49
N ARG A 116 -5.41 4.89 10.19
CA ARG A 116 -4.63 6.11 10.13
C ARG A 116 -3.15 5.78 9.95
N ILE A 117 -2.40 6.78 9.50
CA ILE A 117 -0.98 6.61 9.29
C ILE A 117 -0.26 6.68 10.64
N GLU A 118 0.90 6.04 10.69
CA GLU A 118 1.70 6.02 11.91
C GLU A 118 2.78 7.10 11.86
N ALA A 119 3.60 7.01 10.84
CA ALA A 119 4.68 7.97 10.65
C ALA A 119 5.89 7.54 11.48
N THR A 120 6.25 6.27 11.33
CA THR A 120 7.38 5.72 12.05
C THR A 120 8.50 6.76 12.16
N GLY A 121 8.98 7.19 11.01
CA GLY A 121 10.04 8.18 10.96
C GLY A 121 11.04 7.86 9.83
N ALA A 122 11.68 6.72 9.97
CA ALA A 122 12.65 6.28 8.97
C ALA A 122 12.60 4.76 8.85
N ALA A 123 12.79 4.30 7.61
CA ALA A 123 12.76 2.87 7.34
C ALA A 123 14.17 2.29 7.54
N SER A 124 15.13 2.93 6.90
CA SER A 124 16.51 2.49 6.99
C SER A 124 16.77 1.36 5.99
N PHE A 125 15.71 0.95 5.31
CA PHE A 125 15.80 -0.12 4.33
C PHE A 125 15.51 0.41 2.92
N THR A 126 15.97 -0.35 1.94
CA THR A 126 15.77 0.02 0.54
C THR A 126 14.53 -0.67 -0.01
N VAL A 127 13.60 0.15 -0.49
CA VAL A 127 12.37 -0.37 -1.05
C VAL A 127 12.69 -1.27 -2.24
N LYS A 128 12.15 -2.48 -2.18
CA LYS A 128 12.38 -3.45 -3.25
C LYS A 128 11.79 -2.91 -4.55
N GLU A 129 12.61 -2.14 -5.25
CA GLU A 129 12.18 -1.56 -6.52
C GLU A 129 12.33 -2.59 -7.64
N ASP A 130 11.72 -3.74 -7.43
CA ASP A 130 11.76 -4.81 -8.41
C ASP A 130 10.41 -5.53 -8.43
N ASN A 131 9.93 -5.86 -7.24
CA ASN A 131 8.66 -6.55 -7.11
C ASN A 131 7.54 -5.52 -6.94
N ASN A 132 7.59 -4.50 -7.78
CA ASN A 132 6.59 -3.45 -7.75
C ASN A 132 5.21 -4.04 -8.09
N LEU A 133 4.42 -4.23 -7.05
CA LEU A 133 3.08 -4.78 -7.23
C LEU A 133 2.24 -3.81 -8.06
N SER A 134 2.76 -2.61 -8.22
CA SER A 134 2.06 -1.59 -8.98
C SER A 134 2.24 -1.84 -10.48
N LEU A 135 2.94 -2.93 -10.79
CA LEU A 135 3.18 -3.30 -12.17
C LEU A 135 2.59 -4.69 -12.43
N VAL A 136 3.21 -5.68 -11.81
CA VAL A 136 2.76 -7.05 -11.97
C VAL A 136 1.23 -7.09 -11.97
N GLU A 137 0.69 -8.15 -12.55
CA GLU A 137 -0.75 -8.32 -12.63
C GLU A 137 -1.17 -9.62 -11.95
N TYR A 138 -2.26 -9.55 -11.21
CA TYR A 138 -2.79 -10.71 -10.51
C TYR A 138 -3.81 -11.45 -11.37
N GLU A 139 -3.73 -11.22 -12.67
CA GLU A 139 -4.65 -11.86 -13.60
C GLU A 139 -3.87 -12.39 -14.81
N SER A 140 -3.53 -13.66 -14.74
CA SER A 140 -2.80 -14.30 -15.83
C SER A 140 -3.55 -14.10 -17.15
N GLY A 141 -2.77 -13.78 -18.18
CA GLY A 141 -3.34 -13.57 -19.50
C GLY A 141 -2.94 -12.20 -20.05
N PRO A 142 -2.90 -12.11 -21.40
CA PRO A 142 -2.54 -10.87 -22.07
C PRO A 142 -3.69 -9.85 -22.00
N SER A 143 -3.41 -8.75 -21.31
CA SER A 143 -4.40 -7.70 -21.17
C SER A 143 -5.07 -7.42 -22.51
N SER A 144 -6.36 -7.10 -22.44
CA SER A 144 -7.12 -6.80 -23.64
C SER A 144 -8.15 -5.69 -23.35
N GLY A 145 -7.74 -4.48 -23.67
CA GLY A 145 -8.61 -3.33 -23.44
C GLY A 145 -8.30 -2.21 -24.46
N GLY A 1 -9.15 -45.98 11.53
CA GLY A 1 -8.95 -44.70 10.88
C GLY A 1 -7.62 -44.66 10.13
N SER A 2 -7.23 -43.45 9.73
CA SER A 2 -5.98 -43.27 9.01
C SER A 2 -5.65 -41.79 8.92
N SER A 3 -4.80 -41.34 9.85
CA SER A 3 -4.40 -39.95 9.88
C SER A 3 -3.16 -39.78 10.77
N GLY A 4 -2.29 -38.88 10.37
CA GLY A 4 -1.08 -38.61 11.12
C GLY A 4 -0.38 -37.34 10.62
N SER A 5 0.93 -37.46 10.43
CA SER A 5 1.72 -36.34 9.96
C SER A 5 1.64 -35.18 10.97
N SER A 6 2.79 -34.84 11.52
CA SER A 6 2.86 -33.76 12.48
C SER A 6 4.13 -32.94 12.26
N GLY A 7 3.95 -31.67 11.95
CA GLY A 7 5.06 -30.78 11.71
C GLY A 7 5.42 -30.72 10.22
N SER A 8 6.71 -30.59 9.95
CA SER A 8 7.19 -30.52 8.59
C SER A 8 6.59 -29.31 7.87
N THR A 9 7.48 -28.49 7.34
CA THR A 9 7.05 -27.29 6.63
C THR A 9 6.25 -26.38 7.56
N VAL A 10 6.88 -25.30 7.98
CA VAL A 10 6.25 -24.35 8.87
C VAL A 10 6.91 -22.98 8.70
N LYS A 11 6.18 -22.09 8.02
CA LYS A 11 6.68 -20.74 7.79
C LYS A 11 6.53 -19.92 9.06
N ARG A 12 7.02 -18.69 9.00
CA ARG A 12 6.96 -17.79 10.13
C ARG A 12 6.99 -16.34 9.66
N LYS A 13 6.11 -15.54 10.25
CA LYS A 13 6.04 -14.13 9.90
C LYS A 13 6.01 -13.29 11.18
N PRO A 14 6.49 -12.02 11.05
CA PRO A 14 6.53 -11.12 12.18
C PRO A 14 5.13 -10.58 12.50
N VAL A 15 5.10 -9.54 13.31
CA VAL A 15 3.83 -8.92 13.70
C VAL A 15 3.28 -8.13 12.52
N PHE A 16 4.19 -7.61 11.71
CA PHE A 16 3.80 -6.83 10.54
C PHE A 16 3.97 -7.64 9.26
N VAL A 17 3.43 -7.10 8.18
CA VAL A 17 3.52 -7.75 6.88
C VAL A 17 4.49 -6.98 5.99
N LYS A 18 4.51 -7.36 4.72
CA LYS A 18 5.38 -6.72 3.76
C LYS A 18 4.59 -6.41 2.48
N VAL A 19 5.28 -5.81 1.53
CA VAL A 19 4.65 -5.45 0.27
C VAL A 19 4.47 -6.71 -0.57
N GLU A 20 5.48 -7.56 -0.54
CA GLU A 20 5.45 -8.81 -1.30
C GLU A 20 4.48 -9.79 -0.64
N GLN A 21 3.99 -9.40 0.53
CA GLN A 21 3.05 -10.24 1.25
C GLN A 21 1.61 -9.79 1.00
N LEU A 22 1.48 -8.78 0.14
CA LEU A 22 0.18 -8.25 -0.20
C LEU A 22 -0.48 -9.16 -1.25
N LYS A 23 -1.80 -9.09 -1.30
CA LYS A 23 -2.55 -9.89 -2.24
C LYS A 23 -4.02 -9.45 -2.23
N PRO A 24 -4.77 -9.92 -3.26
CA PRO A 24 -6.18 -9.58 -3.37
C PRO A 24 -7.01 -10.38 -2.36
N GLY A 25 -8.05 -9.72 -1.86
CA GLY A 25 -8.94 -10.35 -0.89
C GLY A 25 -8.36 -10.25 0.52
N THR A 26 -7.72 -9.12 0.78
CA THR A 26 -7.12 -8.89 2.08
C THR A 26 -7.45 -7.47 2.57
N THR A 27 -7.37 -7.30 3.88
CA THR A 27 -7.66 -6.01 4.48
C THR A 27 -6.85 -5.84 5.77
N GLY A 28 -6.94 -4.64 6.33
CA GLY A 28 -6.24 -4.34 7.57
C GLY A 28 -4.84 -4.98 7.57
N HIS A 29 -3.87 -4.21 7.11
CA HIS A 29 -2.50 -4.68 7.06
C HIS A 29 -1.61 -3.81 7.93
N THR A 30 -0.52 -4.39 8.38
CA THR A 30 0.43 -3.67 9.23
C THR A 30 1.86 -3.91 8.76
N LEU A 31 2.42 -2.90 8.10
CA LEU A 31 3.78 -3.00 7.60
C LEU A 31 4.38 -1.59 7.52
N THR A 32 5.69 -1.55 7.33
CA THR A 32 6.40 -0.28 7.22
C THR A 32 6.78 -0.01 5.76
N VAL A 33 6.13 1.00 5.21
CA VAL A 33 6.39 1.38 3.83
C VAL A 33 7.23 2.66 3.80
N LYS A 34 8.24 2.64 2.95
CA LYS A 34 9.13 3.79 2.83
C LYS A 34 8.86 4.50 1.50
N VAL A 35 8.47 5.75 1.60
CA VAL A 35 8.18 6.54 0.42
C VAL A 35 9.46 6.73 -0.40
N ILE A 36 9.29 6.75 -1.72
CA ILE A 36 10.43 6.92 -2.61
C ILE A 36 10.23 8.20 -3.44
N GLU A 37 9.05 8.30 -4.03
CA GLU A 37 8.72 9.46 -4.86
C GLU A 37 7.30 9.93 -4.56
N ALA A 38 7.02 11.15 -4.97
CA ALA A 38 5.70 11.73 -4.76
C ALA A 38 5.40 12.72 -5.89
N ASN A 39 4.49 12.30 -6.77
CA ASN A 39 4.10 13.13 -7.90
C ASN A 39 2.59 13.03 -8.09
N ILE A 40 2.02 14.12 -8.58
CA ILE A 40 0.58 14.17 -8.82
C ILE A 40 0.18 12.99 -9.70
N VAL A 41 -1.10 12.66 -9.65
CA VAL A 41 -1.63 11.56 -10.43
C VAL A 41 -1.79 12.00 -11.88
N VAL A 42 -0.77 11.70 -12.67
CA VAL A 42 -0.77 12.06 -14.08
C VAL A 42 -0.98 10.81 -14.93
N PRO A 43 -1.48 11.02 -16.17
CA PRO A 43 -1.74 9.92 -17.09
C PRO A 43 -0.43 9.38 -17.65
N VAL A 44 -0.17 8.12 -17.33
CA VAL A 44 1.04 7.46 -17.81
C VAL A 44 0.71 6.02 -18.23
N THR A 45 0.77 5.14 -17.26
CA THR A 45 0.48 3.73 -17.52
C THR A 45 -0.93 3.38 -17.04
N ARG A 46 -1.01 2.88 -15.83
CA ARG A 46 -2.28 2.51 -15.24
C ARG A 46 -3.21 3.73 -15.16
N LYS A 47 -3.96 3.93 -16.23
CA LYS A 47 -4.89 5.05 -16.28
C LYS A 47 -6.28 4.54 -16.67
N THR A 48 -7.18 4.56 -15.69
CA THR A 48 -8.54 4.10 -15.92
C THR A 48 -9.03 4.58 -17.28
N ARG A 49 -9.30 5.87 -17.37
CA ARG A 49 -9.78 6.46 -18.61
C ARG A 49 -9.45 7.95 -18.65
N PRO A 50 -8.92 8.38 -19.83
CA PRO A 50 -8.55 9.78 -20.02
C PRO A 50 -9.80 10.64 -20.21
N ALA A 51 -10.44 10.97 -19.10
CA ALA A 51 -11.64 11.79 -19.14
C ALA A 51 -12.19 11.95 -17.73
N SER A 52 -11.76 13.01 -17.07
CA SER A 52 -12.20 13.29 -15.71
C SER A 52 -12.32 14.80 -15.49
N SER A 53 -13.51 15.32 -15.78
CA SER A 53 -13.77 16.74 -15.62
C SER A 53 -15.27 17.01 -15.79
N LEU A 54 -15.93 17.20 -14.66
CA LEU A 54 -17.35 17.48 -14.66
C LEU A 54 -17.76 18.04 -13.30
N SER A 55 -17.76 19.36 -13.20
CA SER A 55 -18.12 20.02 -11.96
C SER A 55 -17.16 19.61 -10.84
N ARG A 56 -17.25 20.33 -9.73
CA ARG A 56 -16.41 20.05 -8.58
C ARG A 56 -16.34 18.54 -8.34
N PRO A 57 -15.09 18.02 -8.31
CA PRO A 57 -14.86 16.60 -8.09
C PRO A 57 -15.08 16.24 -6.61
N SER A 58 -16.30 16.45 -6.16
CA SER A 58 -16.65 16.15 -4.78
C SER A 58 -15.65 16.82 -3.84
N GLN A 59 -15.74 18.14 -3.75
CA GLN A 59 -14.86 18.90 -2.89
C GLN A 59 -13.40 18.71 -3.32
N PRO A 60 -12.59 19.77 -3.08
CA PRO A 60 -11.18 19.73 -3.44
C PRO A 60 -10.39 18.85 -2.46
N SER A 61 -9.53 18.02 -3.03
CA SER A 61 -8.71 17.13 -2.23
C SER A 61 -7.43 16.77 -2.98
N ARG A 62 -6.40 17.58 -2.74
CA ARG A 62 -5.12 17.36 -3.39
C ARG A 62 -4.63 15.93 -3.15
N ILE A 63 -4.61 15.16 -4.24
CA ILE A 63 -4.18 13.77 -4.16
C ILE A 63 -2.91 13.59 -4.99
N VAL A 64 -1.91 12.99 -4.36
CA VAL A 64 -0.64 12.75 -5.04
C VAL A 64 -0.25 11.29 -4.86
N GLU A 65 0.26 10.72 -5.94
CA GLU A 65 0.68 9.32 -5.93
C GLU A 65 2.16 9.21 -5.53
N CYS A 66 2.38 8.59 -4.38
CA CYS A 66 3.73 8.42 -3.87
C CYS A 66 4.07 6.93 -3.90
N LEU A 67 5.34 6.65 -4.15
CA LEU A 67 5.81 5.27 -4.22
C LEU A 67 6.31 4.85 -2.83
N ILE A 68 5.70 3.78 -2.32
CA ILE A 68 6.07 3.27 -1.02
C ILE A 68 6.23 1.75 -1.09
N GLY A 69 7.05 1.22 -0.20
CA GLY A 69 7.28 -0.21 -0.16
C GLY A 69 8.38 -0.57 0.85
N ASP A 70 8.87 -1.78 0.74
CA ASP A 70 9.93 -2.25 1.63
C ASP A 70 10.98 -3.02 0.82
N GLU A 71 11.98 -3.50 1.54
CA GLU A 71 13.05 -4.25 0.90
C GLU A 71 12.47 -5.30 -0.05
N THR A 72 11.23 -5.68 0.22
CA THR A 72 10.55 -6.67 -0.60
C THR A 72 10.11 -6.05 -1.92
N GLY A 73 9.00 -5.32 -1.86
CA GLY A 73 8.46 -4.67 -3.04
C GLY A 73 7.80 -3.35 -2.67
N CYS A 74 7.13 -2.76 -3.66
CA CYS A 74 6.45 -1.49 -3.47
C CYS A 74 5.12 -1.54 -4.22
N ILE A 75 4.25 -0.59 -3.90
CA ILE A 75 2.96 -0.51 -4.54
C ILE A 75 2.53 0.95 -4.65
N LEU A 76 1.53 1.19 -5.47
CA LEU A 76 1.02 2.53 -5.67
C LEU A 76 -0.03 2.85 -4.59
N PHE A 77 0.32 3.81 -3.74
CA PHE A 77 -0.56 4.22 -2.67
C PHE A 77 -1.02 5.66 -2.85
N THR A 78 -2.30 5.88 -2.53
CA THR A 78 -2.87 7.21 -2.65
C THR A 78 -2.91 7.90 -1.29
N ALA A 79 -2.39 9.12 -1.26
CA ALA A 79 -2.37 9.89 -0.03
C ALA A 79 -3.11 11.20 -0.24
N ARG A 80 -4.01 11.51 0.69
CA ARG A 80 -4.79 12.73 0.62
C ARG A 80 -3.92 13.94 0.93
N ASN A 81 -4.49 15.12 0.74
CA ASN A 81 -3.78 16.36 1.00
C ASN A 81 -3.17 16.30 2.41
N ASP A 82 -3.74 15.43 3.22
CA ASP A 82 -3.26 15.28 4.59
C ASP A 82 -2.19 14.18 4.63
N GLN A 83 -2.58 13.00 4.15
CA GLN A 83 -1.66 11.87 4.12
C GLN A 83 -0.41 12.22 3.31
N VAL A 84 -0.64 12.86 2.17
CA VAL A 84 0.45 13.25 1.30
C VAL A 84 1.63 13.72 2.15
N ASP A 85 1.32 14.54 3.14
CA ASP A 85 2.35 15.05 4.03
C ASP A 85 3.13 13.89 4.63
N LEU A 86 2.40 12.97 5.24
CA LEU A 86 3.01 11.81 5.86
C LEU A 86 3.65 10.94 4.78
N MET A 87 3.00 10.90 3.63
CA MET A 87 3.49 10.12 2.51
C MET A 87 4.47 10.93 1.67
N LYS A 88 5.32 11.68 2.35
CA LYS A 88 6.32 12.50 1.68
C LYS A 88 7.44 11.61 1.14
N PRO A 89 8.13 12.11 0.09
CA PRO A 89 9.22 11.38 -0.53
C PRO A 89 10.46 11.42 0.35
N GLY A 90 11.06 10.24 0.53
CA GLY A 90 12.25 10.13 1.35
C GLY A 90 11.90 10.02 2.83
N ALA A 91 10.66 9.63 3.08
CA ALA A 91 10.18 9.48 4.45
C ALA A 91 9.67 8.06 4.66
N THR A 92 9.55 7.69 5.92
CA THR A 92 9.08 6.36 6.28
C THR A 92 7.82 6.45 7.13
N VAL A 93 6.80 5.69 6.72
CA VAL A 93 5.55 5.68 7.44
C VAL A 93 5.01 4.24 7.50
N ILE A 94 4.09 4.03 8.42
CA ILE A 94 3.49 2.71 8.60
C ILE A 94 1.99 2.80 8.30
N LEU A 95 1.44 1.65 7.91
CA LEU A 95 0.02 1.59 7.59
C LEU A 95 -0.67 0.62 8.56
N ARG A 96 -1.55 1.18 9.38
CA ARG A 96 -2.27 0.39 10.35
C ARG A 96 -3.75 0.28 9.96
N ASN A 97 -4.17 -0.95 9.72
CA ASN A 97 -5.55 -1.21 9.33
C ASN A 97 -5.72 -0.90 7.85
N SER A 98 -4.60 -0.89 7.14
CA SER A 98 -4.61 -0.61 5.72
C SER A 98 -5.32 -1.75 4.97
N ARG A 99 -6.03 -1.36 3.91
CA ARG A 99 -6.76 -2.33 3.11
C ARG A 99 -6.30 -2.26 1.65
N ILE A 100 -6.18 -3.43 1.05
CA ILE A 100 -5.76 -3.51 -0.34
C ILE A 100 -6.99 -3.49 -1.25
N ASP A 101 -6.95 -2.57 -2.21
CA ASP A 101 -8.06 -2.43 -3.15
C ASP A 101 -7.76 -3.24 -4.41
N MET A 102 -8.69 -4.11 -4.75
CA MET A 102 -8.55 -4.95 -5.92
C MET A 102 -8.90 -4.19 -7.20
N PHE A 103 -7.88 -3.66 -7.83
CA PHE A 103 -8.07 -2.90 -9.06
C PHE A 103 -8.15 -3.83 -10.27
N LYS A 104 -8.76 -3.32 -11.34
CA LYS A 104 -8.93 -4.09 -12.56
C LYS A 104 -7.63 -4.86 -12.83
N GLY A 105 -7.63 -6.12 -12.43
CA GLY A 105 -6.46 -6.96 -12.64
C GLY A 105 -5.22 -6.36 -11.98
N THR A 106 -5.44 -5.78 -10.82
CA THR A 106 -4.34 -5.15 -10.08
C THR A 106 -4.79 -4.83 -8.65
N MET A 107 -3.86 -4.26 -7.89
CA MET A 107 -4.13 -3.90 -6.51
C MET A 107 -3.25 -2.73 -6.07
N ARG A 108 -3.64 -2.15 -4.94
CA ARG A 108 -2.89 -1.02 -4.39
C ARG A 108 -3.09 -0.93 -2.88
N LEU A 109 -2.26 -0.13 -2.25
CA LEU A 109 -2.32 0.05 -0.81
C LEU A 109 -3.18 1.28 -0.50
N GLY A 110 -4.02 1.13 0.52
CA GLY A 110 -4.90 2.22 0.93
C GLY A 110 -5.24 2.11 2.42
N VAL A 111 -5.85 3.17 2.93
CA VAL A 111 -6.24 3.20 4.33
C VAL A 111 -7.70 3.64 4.44
N ASP A 112 -8.46 2.86 5.20
CA ASP A 112 -9.87 3.16 5.39
C ASP A 112 -10.03 4.25 6.45
N LYS A 113 -11.26 4.69 6.62
CA LYS A 113 -11.55 5.74 7.60
C LYS A 113 -11.23 5.22 9.00
N TRP A 114 -11.23 3.91 9.13
CA TRP A 114 -10.94 3.28 10.41
C TRP A 114 -9.43 3.01 10.47
N GLY A 115 -8.72 3.62 9.54
CA GLY A 115 -7.27 3.45 9.48
C GLY A 115 -6.57 4.81 9.45
N ARG A 116 -5.37 4.83 10.01
CA ARG A 116 -4.59 6.05 10.06
C ARG A 116 -3.10 5.73 9.92
N ILE A 117 -2.36 6.70 9.42
CA ILE A 117 -0.92 6.53 9.23
C ILE A 117 -0.22 6.70 10.57
N GLU A 118 0.92 6.04 10.69
CA GLU A 118 1.71 6.12 11.92
C GLU A 118 2.79 7.19 11.78
N ALA A 119 3.51 7.12 10.68
CA ALA A 119 4.58 8.08 10.42
C ALA A 119 5.84 7.63 11.17
N THR A 120 6.07 6.33 11.16
CA THR A 120 7.23 5.78 11.83
C THR A 120 8.46 6.67 11.62
N GLY A 121 9.36 6.61 12.58
CA GLY A 121 10.58 7.41 12.52
C GLY A 121 11.14 7.44 11.09
N ALA A 122 12.05 6.51 10.83
CA ALA A 122 12.67 6.42 9.52
C ALA A 122 12.76 4.95 9.11
N ALA A 123 13.09 4.75 7.85
CA ALA A 123 13.21 3.40 7.31
C ALA A 123 14.65 2.92 7.46
N SER A 124 14.79 1.67 7.89
CA SER A 124 16.11 1.09 8.08
C SER A 124 16.39 0.07 6.97
N PHE A 125 15.54 0.09 5.96
CA PHE A 125 15.69 -0.81 4.83
C PHE A 125 15.64 -0.05 3.51
N THR A 126 16.16 -0.69 2.47
CA THR A 126 16.17 -0.09 1.15
C THR A 126 15.08 -0.70 0.28
N VAL A 127 14.11 0.14 -0.08
CA VAL A 127 13.01 -0.30 -0.92
C VAL A 127 13.56 -0.91 -2.21
N LYS A 128 13.16 -2.15 -2.45
CA LYS A 128 13.59 -2.86 -3.64
C LYS A 128 12.78 -2.38 -4.84
N GLU A 129 13.29 -1.35 -5.49
CA GLU A 129 12.63 -0.79 -6.65
C GLU A 129 12.73 -1.75 -7.84
N ASP A 130 12.21 -2.95 -7.64
CA ASP A 130 12.24 -3.97 -8.68
C ASP A 130 11.00 -4.85 -8.54
N ASN A 131 10.72 -5.25 -7.32
CA ASN A 131 9.56 -6.09 -7.05
C ASN A 131 8.33 -5.22 -6.85
N ASN A 132 8.13 -4.32 -7.81
CA ASN A 132 6.99 -3.41 -7.76
C ASN A 132 5.71 -4.19 -8.09
N LEU A 133 4.68 -3.93 -7.31
CA LEU A 133 3.39 -4.60 -7.53
C LEU A 133 2.36 -3.56 -7.96
N SER A 134 2.86 -2.43 -8.44
CA SER A 134 1.98 -1.36 -8.89
C SER A 134 1.83 -1.42 -10.41
N LEU A 135 2.56 -2.33 -11.01
CA LEU A 135 2.51 -2.51 -12.45
C LEU A 135 1.97 -3.90 -12.78
N VAL A 136 2.38 -4.86 -11.96
CA VAL A 136 1.94 -6.24 -12.15
C VAL A 136 0.42 -6.27 -12.32
N GLU A 137 -0.06 -7.40 -12.81
CA GLU A 137 -1.49 -7.58 -13.02
C GLU A 137 -1.92 -8.99 -12.61
N TYR A 138 -2.90 -9.04 -11.72
CA TYR A 138 -3.41 -10.32 -11.24
C TYR A 138 -4.66 -10.74 -12.03
N GLU A 139 -4.57 -10.61 -13.34
CA GLU A 139 -5.67 -10.97 -14.21
C GLU A 139 -5.74 -12.49 -14.38
N SER A 140 -6.95 -12.98 -14.54
CA SER A 140 -7.16 -14.41 -14.71
C SER A 140 -8.58 -14.67 -15.25
N GLY A 141 -8.78 -15.89 -15.71
CA GLY A 141 -10.08 -16.28 -16.25
C GLY A 141 -11.17 -16.17 -15.18
N PRO A 142 -12.42 -16.49 -15.60
CA PRO A 142 -13.55 -16.43 -14.69
C PRO A 142 -13.53 -17.61 -13.71
N SER A 143 -12.66 -17.51 -12.73
CA SER A 143 -12.53 -18.55 -11.72
C SER A 143 -13.91 -19.01 -11.27
N SER A 144 -14.69 -18.06 -10.77
CA SER A 144 -16.02 -18.34 -10.30
C SER A 144 -16.89 -17.09 -10.38
N GLY A 145 -17.55 -16.94 -11.52
CA GLY A 145 -18.42 -15.79 -11.75
C GLY A 145 -19.81 -16.03 -11.15
N GLY A 1 3.83 -41.40 39.09
CA GLY A 1 3.77 -41.15 37.65
C GLY A 1 3.25 -39.73 37.37
N SER A 2 3.37 -39.33 36.11
CA SER A 2 2.91 -38.01 35.71
C SER A 2 2.75 -37.96 34.19
N SER A 3 2.19 -36.86 33.72
CA SER A 3 1.97 -36.68 32.30
C SER A 3 2.41 -35.27 31.87
N GLY A 4 2.54 -35.09 30.57
CA GLY A 4 2.94 -33.81 30.03
C GLY A 4 1.80 -33.14 29.28
N SER A 5 2.15 -32.14 28.48
CA SER A 5 1.16 -31.41 27.71
C SER A 5 1.84 -30.66 26.56
N SER A 6 1.02 -30.14 25.67
CA SER A 6 1.53 -29.40 24.52
C SER A 6 0.56 -28.26 24.17
N GLY A 7 1.04 -27.37 23.31
CA GLY A 7 0.24 -26.23 22.89
C GLY A 7 -0.24 -26.41 21.45
N SER A 8 -0.36 -25.29 20.76
CA SER A 8 -0.81 -25.29 19.37
C SER A 8 -0.48 -23.96 18.70
N THR A 9 -0.06 -24.06 17.45
CA THR A 9 0.29 -22.87 16.68
C THR A 9 0.55 -23.23 15.22
N VAL A 10 0.52 -22.21 14.38
CA VAL A 10 0.74 -22.40 12.96
C VAL A 10 0.93 -21.05 12.28
N LYS A 11 1.90 -20.29 12.79
CA LYS A 11 2.19 -18.97 12.25
C LYS A 11 3.57 -18.99 11.61
N ARG A 12 3.72 -18.17 10.58
CA ARG A 12 4.98 -18.07 9.87
C ARG A 12 5.18 -16.65 9.32
N LYS A 13 5.11 -15.69 10.23
CA LYS A 13 5.29 -14.30 9.86
C LYS A 13 5.40 -13.45 11.12
N PRO A 14 6.04 -12.25 10.96
CA PRO A 14 6.23 -11.35 12.09
C PRO A 14 4.91 -10.64 12.43
N VAL A 15 5.04 -9.61 13.26
CA VAL A 15 3.88 -8.84 13.68
C VAL A 15 3.34 -8.03 12.49
N PHE A 16 4.27 -7.59 11.66
CA PHE A 16 3.91 -6.81 10.49
C PHE A 16 4.07 -7.63 9.21
N VAL A 17 3.53 -7.09 8.13
CA VAL A 17 3.60 -7.77 6.84
C VAL A 17 4.55 -7.01 5.93
N LYS A 18 4.56 -7.41 4.66
CA LYS A 18 5.42 -6.78 3.67
C LYS A 18 4.59 -6.44 2.43
N VAL A 19 5.26 -5.78 1.48
CA VAL A 19 4.60 -5.39 0.25
C VAL A 19 4.39 -6.63 -0.63
N GLU A 20 5.44 -7.42 -0.75
CA GLU A 20 5.39 -8.63 -1.54
C GLU A 20 4.48 -9.67 -0.87
N GLN A 21 4.06 -9.34 0.34
CA GLN A 21 3.20 -10.23 1.10
C GLN A 21 1.72 -9.87 0.86
N LEU A 22 1.53 -8.73 0.22
CA LEU A 22 0.19 -8.25 -0.07
C LEU A 22 -0.47 -9.20 -1.08
N LYS A 23 -1.79 -9.16 -1.11
CA LYS A 23 -2.55 -10.00 -2.01
C LYS A 23 -3.99 -9.52 -2.08
N PRO A 24 -4.73 -10.01 -3.10
CA PRO A 24 -6.12 -9.63 -3.29
C PRO A 24 -7.02 -10.33 -2.27
N GLY A 25 -8.03 -9.60 -1.82
CA GLY A 25 -8.96 -10.13 -0.85
C GLY A 25 -8.39 -10.05 0.57
N THR A 26 -7.79 -8.91 0.87
CA THR A 26 -7.20 -8.69 2.18
C THR A 26 -7.53 -7.28 2.68
N THR A 27 -7.46 -7.12 3.99
CA THR A 27 -7.74 -5.84 4.61
C THR A 27 -6.92 -5.67 5.89
N GLY A 28 -6.93 -4.46 6.41
CA GLY A 28 -6.20 -4.15 7.62
C GLY A 28 -4.82 -4.82 7.62
N HIS A 29 -3.83 -4.09 7.15
CA HIS A 29 -2.47 -4.59 7.09
C HIS A 29 -1.54 -3.70 7.92
N THR A 30 -0.44 -4.29 8.35
CA THR A 30 0.53 -3.56 9.15
C THR A 30 1.95 -3.85 8.66
N LEU A 31 2.55 -2.84 8.07
CA LEU A 31 3.91 -2.98 7.56
C LEU A 31 4.56 -1.61 7.46
N THR A 32 5.87 -1.61 7.29
CA THR A 32 6.63 -0.37 7.20
C THR A 32 6.96 -0.07 5.73
N VAL A 33 6.24 0.92 5.19
CA VAL A 33 6.45 1.31 3.81
C VAL A 33 7.29 2.59 3.77
N LYS A 34 8.29 2.57 2.90
CA LYS A 34 9.17 3.72 2.75
C LYS A 34 8.86 4.44 1.44
N VAL A 35 8.54 5.72 1.56
CA VAL A 35 8.21 6.52 0.40
C VAL A 35 9.48 6.73 -0.45
N ILE A 36 9.28 6.76 -1.76
CA ILE A 36 10.39 6.94 -2.68
C ILE A 36 10.15 8.22 -3.49
N GLU A 37 8.97 8.30 -4.07
CA GLU A 37 8.62 9.45 -4.88
C GLU A 37 7.20 9.93 -4.54
N ALA A 38 6.86 11.09 -5.07
CA ALA A 38 5.54 11.65 -4.84
C ALA A 38 5.17 12.58 -6.00
N ASN A 39 4.24 12.11 -6.81
CA ASN A 39 3.79 12.89 -7.96
C ASN A 39 2.26 12.95 -7.96
N ILE A 40 1.74 14.09 -8.41
CA ILE A 40 0.30 14.29 -8.47
C ILE A 40 -0.29 13.34 -9.51
N VAL A 41 -1.59 13.09 -9.35
CA VAL A 41 -2.29 12.21 -10.28
C VAL A 41 -2.95 13.04 -11.37
N VAL A 42 -2.66 12.68 -12.61
CA VAL A 42 -3.23 13.39 -13.75
C VAL A 42 -4.02 12.40 -14.61
N PRO A 43 -5.01 12.97 -15.37
CA PRO A 43 -5.84 12.15 -16.23
C PRO A 43 -5.07 11.73 -17.49
N VAL A 44 -4.65 10.47 -17.50
CA VAL A 44 -3.92 9.93 -18.62
C VAL A 44 -3.59 8.46 -18.36
N THR A 45 -2.87 8.23 -17.26
CA THR A 45 -2.49 6.88 -16.89
C THR A 45 -1.78 6.89 -15.53
N ARG A 46 -1.89 5.78 -14.83
CA ARG A 46 -1.27 5.64 -13.53
C ARG A 46 0.26 5.53 -13.68
N LYS A 47 0.93 6.50 -13.10
CA LYS A 47 2.39 6.53 -13.15
C LYS A 47 2.83 7.27 -14.43
N THR A 48 3.27 8.50 -14.24
CA THR A 48 3.73 9.31 -15.35
C THR A 48 4.89 10.22 -14.92
N ARG A 49 5.64 10.67 -15.91
CA ARG A 49 6.78 11.54 -15.64
C ARG A 49 6.35 12.70 -14.75
N PRO A 50 7.37 13.39 -14.17
CA PRO A 50 7.11 14.52 -13.30
C PRO A 50 6.69 15.75 -14.10
N ALA A 51 5.39 15.85 -14.32
CA ALA A 51 4.84 16.97 -15.08
C ALA A 51 5.32 18.28 -14.45
N SER A 52 4.99 18.44 -13.18
CA SER A 52 5.38 19.64 -12.45
C SER A 52 4.75 20.87 -13.11
N SER A 53 4.87 22.00 -12.41
CA SER A 53 4.32 23.25 -12.91
C SER A 53 2.79 23.14 -13.02
N LEU A 54 2.14 23.33 -11.88
CA LEU A 54 0.69 23.26 -11.83
C LEU A 54 0.10 24.12 -12.96
N SER A 55 -1.16 23.84 -13.27
CA SER A 55 -1.84 24.57 -14.33
C SER A 55 -3.30 24.80 -13.94
N ARG A 56 -4.00 23.69 -13.72
CA ARG A 56 -5.40 23.75 -13.34
C ARG A 56 -5.57 24.52 -12.03
N PRO A 57 -6.83 24.95 -11.76
CA PRO A 57 -7.13 25.70 -10.55
C PRO A 57 -7.15 24.78 -9.33
N SER A 58 -7.36 25.38 -8.17
CA SER A 58 -7.41 24.64 -6.93
C SER A 58 -8.23 23.35 -7.12
N GLN A 59 -7.84 22.33 -6.39
CA GLN A 59 -8.52 21.05 -6.47
C GLN A 59 -8.95 20.58 -5.07
N PRO A 60 -10.04 19.78 -5.04
CA PRO A 60 -10.55 19.26 -3.78
C PRO A 60 -9.66 18.13 -3.26
N SER A 61 -9.34 18.22 -1.97
CA SER A 61 -8.51 17.21 -1.34
C SER A 61 -7.29 16.91 -2.22
N ARG A 62 -6.26 17.71 -2.03
CA ARG A 62 -5.03 17.55 -2.80
C ARG A 62 -4.54 16.10 -2.70
N ILE A 63 -4.76 15.35 -3.77
CA ILE A 63 -4.34 13.96 -3.81
C ILE A 63 -3.09 13.83 -4.69
N VAL A 64 -2.13 13.08 -4.19
CA VAL A 64 -0.89 12.87 -4.91
C VAL A 64 -0.44 11.42 -4.73
N GLU A 65 0.06 10.85 -5.82
CA GLU A 65 0.52 9.47 -5.80
C GLU A 65 1.98 9.41 -5.34
N CYS A 66 2.24 8.52 -4.40
CA CYS A 66 3.58 8.35 -3.86
C CYS A 66 3.94 6.87 -3.91
N LEU A 67 5.22 6.61 -4.08
CA LEU A 67 5.70 5.24 -4.16
C LEU A 67 6.23 4.81 -2.78
N ILE A 68 5.60 3.80 -2.22
CA ILE A 68 6.00 3.29 -0.92
C ILE A 68 6.07 1.77 -0.97
N GLY A 69 6.90 1.21 -0.10
CA GLY A 69 7.07 -0.23 -0.03
C GLY A 69 8.23 -0.61 0.90
N ASP A 70 8.76 -1.80 0.68
CA ASP A 70 9.86 -2.29 1.49
C ASP A 70 10.90 -2.95 0.59
N GLU A 71 11.95 -3.45 1.21
CA GLU A 71 13.02 -4.11 0.48
C GLU A 71 12.45 -5.16 -0.46
N THR A 72 11.27 -5.66 -0.11
CA THR A 72 10.61 -6.67 -0.91
C THR A 72 10.09 -6.07 -2.21
N GLY A 73 8.97 -5.38 -2.11
CA GLY A 73 8.36 -4.75 -3.27
C GLY A 73 7.80 -3.37 -2.91
N CYS A 74 7.09 -2.80 -3.88
CA CYS A 74 6.48 -1.48 -3.68
C CYS A 74 5.15 -1.45 -4.42
N ILE A 75 4.28 -0.56 -3.98
CA ILE A 75 2.97 -0.42 -4.59
C ILE A 75 2.57 1.06 -4.60
N LEU A 76 1.58 1.37 -5.42
CA LEU A 76 1.09 2.73 -5.53
C LEU A 76 0.00 2.97 -4.48
N PHE A 77 0.24 3.95 -3.63
CA PHE A 77 -0.72 4.28 -2.59
C PHE A 77 -1.11 5.76 -2.66
N THR A 78 -2.40 6.00 -2.54
CA THR A 78 -2.93 7.36 -2.58
C THR A 78 -2.95 7.97 -1.18
N ALA A 79 -2.37 9.17 -1.09
CA ALA A 79 -2.32 9.86 0.18
C ALA A 79 -3.12 11.16 0.08
N ARG A 80 -3.93 11.40 1.09
CA ARG A 80 -4.77 12.60 1.13
C ARG A 80 -3.90 13.82 1.41
N ASN A 81 -4.49 14.99 1.15
CA ASN A 81 -3.78 16.25 1.37
C ASN A 81 -3.09 16.20 2.73
N ASP A 82 -3.64 15.37 3.61
CA ASP A 82 -3.08 15.24 4.95
C ASP A 82 -1.98 14.18 4.93
N GLN A 83 -2.38 12.95 4.63
CA GLN A 83 -1.43 11.85 4.58
C GLN A 83 -0.24 12.22 3.67
N VAL A 84 -0.55 12.92 2.60
CA VAL A 84 0.47 13.33 1.65
C VAL A 84 1.73 13.72 2.41
N ASP A 85 1.53 14.42 3.52
CA ASP A 85 2.64 14.86 4.35
C ASP A 85 3.40 13.64 4.86
N LEU A 86 2.67 12.76 5.52
CA LEU A 86 3.26 11.55 6.07
C LEU A 86 3.79 10.68 4.93
N MET A 87 3.16 10.84 3.77
CA MET A 87 3.55 10.08 2.59
C MET A 87 4.50 10.90 1.71
N LYS A 88 5.38 11.64 2.36
CA LYS A 88 6.34 12.47 1.65
C LYS A 88 7.44 11.58 1.07
N PRO A 89 8.10 12.10 -0.01
CA PRO A 89 9.17 11.37 -0.66
C PRO A 89 10.44 11.40 0.18
N GLY A 90 11.05 10.23 0.33
CA GLY A 90 12.26 10.11 1.11
C GLY A 90 11.96 10.02 2.60
N ALA A 91 10.74 9.59 2.91
CA ALA A 91 10.32 9.46 4.28
C ALA A 91 9.77 8.05 4.51
N THR A 92 9.76 7.65 5.77
CA THR A 92 9.26 6.33 6.13
C THR A 92 8.00 6.45 6.98
N VAL A 93 7.02 5.61 6.65
CA VAL A 93 5.76 5.61 7.38
C VAL A 93 5.18 4.20 7.39
N ILE A 94 4.27 3.97 8.33
CA ILE A 94 3.64 2.67 8.47
C ILE A 94 2.15 2.80 8.14
N LEU A 95 1.55 1.67 7.81
CA LEU A 95 0.14 1.64 7.47
C LEU A 95 -0.59 0.69 8.42
N ARG A 96 -1.47 1.26 9.21
CA ARG A 96 -2.24 0.48 10.17
C ARG A 96 -3.71 0.40 9.74
N ASN A 97 -4.20 -0.83 9.64
CA ASN A 97 -5.58 -1.05 9.24
C ASN A 97 -5.74 -0.69 7.76
N SER A 98 -4.63 -0.81 7.03
CA SER A 98 -4.64 -0.50 5.61
C SER A 98 -5.46 -1.55 4.86
N ARG A 99 -6.19 -1.08 3.86
CA ARG A 99 -7.02 -1.95 3.05
C ARG A 99 -6.42 -2.11 1.65
N ILE A 100 -6.60 -3.30 1.09
CA ILE A 100 -6.09 -3.59 -0.23
C ILE A 100 -7.24 -3.57 -1.23
N ASP A 101 -7.14 -2.65 -2.19
CA ASP A 101 -8.17 -2.52 -3.21
C ASP A 101 -7.76 -3.33 -4.44
N MET A 102 -8.66 -4.22 -4.84
CA MET A 102 -8.41 -5.08 -6.00
C MET A 102 -8.67 -4.31 -7.29
N PHE A 103 -7.60 -3.78 -7.86
CA PHE A 103 -7.70 -3.03 -9.10
C PHE A 103 -7.75 -3.98 -10.30
N LYS A 104 -8.28 -3.45 -11.41
CA LYS A 104 -8.39 -4.23 -12.62
C LYS A 104 -7.12 -5.07 -12.80
N GLY A 105 -7.23 -6.33 -12.37
CA GLY A 105 -6.10 -7.24 -12.47
C GLY A 105 -4.89 -6.71 -11.72
N THR A 106 -5.12 -6.37 -10.46
CA THR A 106 -4.05 -5.86 -9.62
C THR A 106 -4.63 -5.30 -8.32
N MET A 107 -3.72 -4.82 -7.47
CA MET A 107 -4.12 -4.26 -6.19
C MET A 107 -3.18 -3.13 -5.77
N ARG A 108 -3.69 -2.28 -4.87
CA ARG A 108 -2.92 -1.16 -4.40
C ARG A 108 -3.09 -1.02 -2.88
N LEU A 109 -2.23 -0.18 -2.29
CA LEU A 109 -2.28 0.05 -0.86
C LEU A 109 -3.09 1.31 -0.58
N GLY A 110 -3.91 1.23 0.47
CA GLY A 110 -4.74 2.36 0.86
C GLY A 110 -5.16 2.26 2.32
N VAL A 111 -5.72 3.35 2.82
CA VAL A 111 -6.16 3.40 4.21
C VAL A 111 -7.61 3.90 4.25
N ASP A 112 -8.46 3.07 4.84
CA ASP A 112 -9.87 3.42 4.96
C ASP A 112 -10.04 4.48 6.05
N LYS A 113 -11.28 4.94 6.20
CA LYS A 113 -11.58 5.95 7.20
C LYS A 113 -11.33 5.37 8.59
N TRP A 114 -11.34 4.04 8.66
CA TRP A 114 -11.13 3.36 9.92
C TRP A 114 -9.65 3.00 10.01
N GLY A 115 -8.83 3.78 9.31
CA GLY A 115 -7.40 3.55 9.30
C GLY A 115 -6.63 4.87 9.29
N ARG A 116 -5.48 4.86 9.96
CA ARG A 116 -4.65 6.05 10.04
C ARG A 116 -3.18 5.67 9.90
N ILE A 117 -2.39 6.64 9.44
CA ILE A 117 -0.97 6.43 9.26
C ILE A 117 -0.27 6.48 10.63
N GLU A 118 0.88 5.82 10.69
CA GLU A 118 1.66 5.79 11.92
C GLU A 118 2.76 6.85 11.89
N ALA A 119 3.59 6.78 10.86
CA ALA A 119 4.68 7.72 10.70
C ALA A 119 5.88 7.25 11.52
N THR A 120 6.25 5.99 11.30
CA THR A 120 7.38 5.42 12.02
C THR A 120 8.51 6.43 12.14
N GLY A 121 8.90 6.97 11.00
CA GLY A 121 9.98 7.96 10.97
C GLY A 121 10.89 7.73 9.77
N ALA A 122 11.78 6.76 9.90
CA ALA A 122 12.71 6.44 8.84
C ALA A 122 12.78 4.92 8.66
N ALA A 123 13.13 4.51 7.46
CA ALA A 123 13.22 3.10 7.15
C ALA A 123 14.69 2.67 7.19
N SER A 124 14.91 1.47 7.71
CA SER A 124 16.26 0.94 7.82
C SER A 124 16.51 -0.08 6.71
N PHE A 125 15.63 -0.05 5.71
CA PHE A 125 15.75 -0.96 4.58
C PHE A 125 15.69 -0.19 3.26
N THR A 126 16.25 -0.81 2.22
CA THR A 126 16.26 -0.21 0.91
C THR A 126 15.14 -0.78 0.03
N VAL A 127 14.16 0.06 -0.23
CA VAL A 127 13.03 -0.34 -1.03
C VAL A 127 13.53 -0.84 -2.39
N LYS A 128 12.89 -1.91 -2.86
CA LYS A 128 13.27 -2.49 -4.14
C LYS A 128 12.26 -2.06 -5.21
N GLU A 129 12.72 -1.16 -6.07
CA GLU A 129 11.87 -0.65 -7.14
C GLU A 129 11.95 -1.57 -8.36
N ASP A 130 11.81 -2.86 -8.10
CA ASP A 130 11.87 -3.85 -9.17
C ASP A 130 10.62 -4.73 -9.10
N ASN A 131 10.29 -5.14 -7.88
CA ASN A 131 9.13 -5.99 -7.67
C ASN A 131 7.91 -5.12 -7.38
N ASN A 132 7.78 -4.05 -8.15
CA ASN A 132 6.67 -3.12 -7.98
C ASN A 132 5.36 -3.87 -8.25
N LEU A 133 4.38 -3.61 -7.38
CA LEU A 133 3.08 -4.24 -7.51
C LEU A 133 2.13 -3.27 -8.22
N SER A 134 2.63 -2.09 -8.51
CA SER A 134 1.84 -1.08 -9.18
C SER A 134 2.07 -1.14 -10.69
N LEU A 135 3.21 -1.71 -11.06
CA LEU A 135 3.56 -1.83 -12.46
C LEU A 135 3.41 -3.30 -12.89
N VAL A 136 2.37 -3.93 -12.36
CA VAL A 136 2.11 -5.33 -12.68
C VAL A 136 0.61 -5.61 -12.48
N GLU A 137 0.09 -6.49 -13.33
CA GLU A 137 -1.31 -6.86 -13.25
C GLU A 137 -1.44 -8.34 -12.90
N TYR A 138 -2.34 -8.62 -11.97
CA TYR A 138 -2.58 -9.99 -11.55
C TYR A 138 -3.72 -10.63 -12.35
N GLU A 139 -3.64 -10.45 -13.66
CA GLU A 139 -4.65 -11.00 -14.55
C GLU A 139 -4.11 -12.22 -15.29
N SER A 140 -5.00 -13.13 -15.62
CA SER A 140 -4.62 -14.35 -16.33
C SER A 140 -5.78 -15.34 -16.33
N GLY A 141 -6.39 -15.50 -15.17
CA GLY A 141 -7.51 -16.41 -15.02
C GLY A 141 -7.34 -17.31 -13.80
N PRO A 142 -8.14 -18.41 -13.77
CA PRO A 142 -8.07 -19.35 -12.67
C PRO A 142 -6.82 -20.22 -12.76
N SER A 143 -5.70 -19.63 -12.36
CA SER A 143 -4.43 -20.34 -12.39
C SER A 143 -3.40 -19.59 -11.56
N SER A 144 -2.52 -20.35 -10.93
CA SER A 144 -1.47 -19.78 -10.10
C SER A 144 -0.24 -19.46 -10.95
N GLY A 145 -0.09 -18.19 -11.26
CA GLY A 145 1.04 -17.74 -12.07
C GLY A 145 1.32 -16.26 -11.84
N GLY A 1 10.46 -47.46 27.14
CA GLY A 1 10.88 -46.30 26.37
C GLY A 1 9.87 -45.98 25.26
N SER A 2 9.77 -44.70 24.94
CA SER A 2 8.86 -44.25 23.91
C SER A 2 9.14 -42.79 23.55
N SER A 3 9.04 -42.50 22.26
CA SER A 3 9.29 -41.15 21.78
C SER A 3 9.17 -41.12 20.25
N GLY A 4 8.34 -40.21 19.78
CA GLY A 4 8.13 -40.06 18.35
C GLY A 4 6.92 -39.17 18.05
N SER A 5 7.20 -38.06 17.40
CA SER A 5 6.16 -37.10 17.05
C SER A 5 6.75 -35.91 16.31
N SER A 6 6.04 -35.47 15.28
CA SER A 6 6.49 -34.34 14.48
C SER A 6 5.48 -34.06 13.37
N GLY A 7 5.51 -32.83 12.88
CA GLY A 7 4.62 -32.42 11.81
C GLY A 7 3.58 -31.43 12.33
N SER A 8 3.55 -30.26 11.69
CA SER A 8 2.61 -29.22 12.08
C SER A 8 2.75 -28.02 11.13
N THR A 9 1.71 -27.20 11.12
CA THR A 9 1.71 -26.02 10.28
C THR A 9 1.92 -24.75 11.11
N VAL A 10 2.96 -24.02 10.76
CA VAL A 10 3.29 -22.79 11.47
C VAL A 10 4.00 -21.83 10.51
N LYS A 11 3.20 -21.04 9.81
CA LYS A 11 3.74 -20.08 8.87
C LYS A 11 4.85 -19.27 9.54
N ARG A 12 5.60 -18.56 8.72
CA ARG A 12 6.70 -17.75 9.23
C ARG A 12 6.54 -16.30 8.75
N LYS A 13 6.50 -15.40 9.73
CA LYS A 13 6.35 -13.98 9.42
C LYS A 13 6.54 -13.16 10.70
N PRO A 14 6.99 -11.90 10.52
CA PRO A 14 7.21 -11.01 11.65
C PRO A 14 5.88 -10.49 12.20
N VAL A 15 5.99 -9.48 13.06
CA VAL A 15 4.82 -8.89 13.67
C VAL A 15 4.05 -8.10 12.61
N PHE A 16 4.78 -7.57 11.64
CA PHE A 16 4.19 -6.80 10.57
C PHE A 16 4.19 -7.58 9.26
N VAL A 17 3.39 -7.10 8.31
CA VAL A 17 3.30 -7.75 7.02
C VAL A 17 4.28 -7.08 6.05
N LYS A 18 4.35 -7.65 4.86
CA LYS A 18 5.25 -7.13 3.84
C LYS A 18 4.45 -6.80 2.58
N VAL A 19 5.09 -6.10 1.66
CA VAL A 19 4.45 -5.72 0.41
C VAL A 19 4.29 -6.95 -0.47
N GLU A 20 5.30 -7.80 -0.44
CA GLU A 20 5.30 -9.01 -1.24
C GLU A 20 4.32 -10.03 -0.63
N GLN A 21 3.83 -9.69 0.55
CA GLN A 21 2.89 -10.56 1.25
C GLN A 21 1.46 -10.14 0.96
N LEU A 22 1.34 -8.98 0.33
CA LEU A 22 0.03 -8.45 -0.02
C LEU A 22 -0.66 -9.39 -1.01
N LYS A 23 -1.99 -9.29 -1.06
CA LYS A 23 -2.77 -10.12 -1.96
C LYS A 23 -4.18 -9.55 -2.07
N PRO A 24 -4.90 -10.01 -3.14
CA PRO A 24 -6.27 -9.55 -3.36
C PRO A 24 -7.23 -10.21 -2.37
N GLY A 25 -8.20 -9.41 -1.93
CA GLY A 25 -9.19 -9.89 -0.99
C GLY A 25 -8.68 -9.79 0.45
N THR A 26 -7.82 -8.81 0.67
CA THR A 26 -7.24 -8.59 1.98
C THR A 26 -7.54 -7.17 2.47
N THR A 27 -7.42 -6.99 3.77
CA THR A 27 -7.67 -5.69 4.37
C THR A 27 -6.91 -5.55 5.69
N GLY A 28 -7.02 -4.36 6.28
CA GLY A 28 -6.34 -4.09 7.53
C GLY A 28 -4.97 -4.76 7.58
N HIS A 29 -3.97 -4.03 7.13
CA HIS A 29 -2.61 -4.54 7.12
C HIS A 29 -1.71 -3.63 7.95
N THR A 30 -0.59 -4.20 8.39
CA THR A 30 0.36 -3.45 9.19
C THR A 30 1.79 -3.76 8.75
N LEU A 31 2.39 -2.79 8.07
CA LEU A 31 3.75 -2.94 7.57
C LEU A 31 4.41 -1.56 7.46
N THR A 32 5.71 -1.57 7.30
CA THR A 32 6.46 -0.34 7.17
C THR A 32 6.80 -0.06 5.71
N VAL A 33 6.21 0.98 5.18
CA VAL A 33 6.44 1.37 3.80
C VAL A 33 7.34 2.60 3.75
N LYS A 34 8.29 2.57 2.82
CA LYS A 34 9.22 3.68 2.67
C LYS A 34 8.90 4.43 1.38
N VAL A 35 8.59 5.70 1.54
CA VAL A 35 8.27 6.54 0.40
C VAL A 35 9.52 6.77 -0.45
N ILE A 36 9.32 6.84 -1.75
CA ILE A 36 10.42 7.05 -2.67
C ILE A 36 10.15 8.31 -3.50
N GLU A 37 8.97 8.35 -4.09
CA GLU A 37 8.58 9.48 -4.91
C GLU A 37 7.19 9.96 -4.52
N ALA A 38 6.83 11.14 -5.02
CA ALA A 38 5.54 11.72 -4.73
C ALA A 38 5.16 12.71 -5.84
N ASN A 39 4.26 12.28 -6.71
CA ASN A 39 3.82 13.11 -7.81
C ASN A 39 2.29 13.17 -7.82
N ILE A 40 1.77 14.37 -8.02
CA ILE A 40 0.33 14.56 -8.05
C ILE A 40 -0.29 13.59 -9.05
N VAL A 41 -1.56 13.29 -8.81
CA VAL A 41 -2.28 12.37 -9.68
C VAL A 41 -2.84 13.14 -10.88
N VAL A 42 -2.25 12.86 -12.04
CA VAL A 42 -2.67 13.51 -13.27
C VAL A 42 -3.50 12.54 -14.10
N PRO A 43 -4.34 13.11 -15.00
CA PRO A 43 -5.20 12.30 -15.85
C PRO A 43 -4.39 11.66 -16.98
N VAL A 44 -4.16 10.36 -16.83
CA VAL A 44 -3.40 9.62 -17.81
C VAL A 44 -3.99 8.21 -17.95
N THR A 45 -4.06 7.53 -16.82
CA THR A 45 -4.60 6.17 -16.79
C THR A 45 -4.85 5.73 -15.35
N ARG A 46 -3.84 5.96 -14.52
CA ARG A 46 -3.94 5.58 -13.11
C ARG A 46 -4.81 6.59 -12.36
N LYS A 47 -6.05 6.19 -12.13
CA LYS A 47 -7.00 7.03 -11.42
C LYS A 47 -7.25 8.30 -12.24
N THR A 48 -8.05 8.14 -13.28
CA THR A 48 -8.38 9.26 -14.14
C THR A 48 -9.72 9.88 -13.74
N ARG A 49 -9.71 11.19 -13.61
CA ARG A 49 -10.91 11.91 -13.22
C ARG A 49 -11.38 11.47 -11.83
N PRO A 50 -11.77 12.48 -11.01
CA PRO A 50 -12.23 12.21 -9.66
C PRO A 50 -13.64 11.63 -9.66
N ALA A 51 -14.52 12.29 -10.41
CA ALA A 51 -15.90 11.84 -10.52
C ALA A 51 -16.60 12.08 -9.19
N SER A 52 -16.25 11.25 -8.21
CA SER A 52 -16.83 11.35 -6.88
C SER A 52 -16.84 12.81 -6.42
N SER A 53 -18.01 13.26 -6.00
CA SER A 53 -18.17 14.62 -5.54
C SER A 53 -17.66 14.75 -4.10
N LEU A 54 -17.57 15.99 -3.64
CA LEU A 54 -17.10 16.26 -2.31
C LEU A 54 -18.29 16.52 -1.38
N SER A 55 -18.12 16.16 -0.12
CA SER A 55 -19.18 16.35 0.86
C SER A 55 -18.98 17.68 1.60
N ARG A 56 -17.80 17.82 2.18
CA ARG A 56 -17.47 19.03 2.92
C ARG A 56 -16.88 20.08 1.97
N PRO A 57 -17.63 21.21 1.84
CA PRO A 57 -17.19 22.29 0.98
C PRO A 57 -16.04 23.08 1.62
N SER A 58 -14.91 22.41 1.77
CA SER A 58 -13.75 23.03 2.36
C SER A 58 -12.49 22.64 1.59
N GLN A 59 -12.20 23.40 0.54
CA GLN A 59 -11.04 23.14 -0.28
C GLN A 59 -11.12 21.74 -0.88
N PRO A 60 -10.45 21.58 -2.06
CA PRO A 60 -10.44 20.30 -2.75
C PRO A 60 -9.52 19.30 -2.05
N SER A 61 -9.78 18.03 -2.29
CA SER A 61 -8.98 16.98 -1.68
C SER A 61 -7.76 16.68 -2.56
N ARG A 62 -6.65 17.34 -2.22
CA ARG A 62 -5.41 17.15 -2.96
C ARG A 62 -4.88 15.74 -2.76
N ILE A 63 -4.98 14.94 -3.81
CA ILE A 63 -4.51 13.57 -3.76
C ILE A 63 -3.24 13.45 -4.61
N VAL A 64 -2.22 12.85 -4.01
CA VAL A 64 -0.96 12.66 -4.70
C VAL A 64 -0.51 11.21 -4.54
N GLU A 65 0.04 10.67 -5.62
CA GLU A 65 0.51 9.29 -5.62
C GLU A 65 1.99 9.24 -5.27
N CYS A 66 2.30 8.48 -4.22
CA CYS A 66 3.68 8.35 -3.78
C CYS A 66 4.04 6.86 -3.82
N LEU A 67 5.28 6.60 -4.17
CA LEU A 67 5.77 5.23 -4.24
C LEU A 67 6.30 4.81 -2.87
N ILE A 68 5.67 3.77 -2.32
CA ILE A 68 6.07 3.26 -1.02
C ILE A 68 6.22 1.74 -1.11
N GLY A 69 7.05 1.21 -0.22
CA GLY A 69 7.29 -0.22 -0.18
C GLY A 69 8.42 -0.56 0.79
N ASP A 70 8.81 -1.83 0.78
CA ASP A 70 9.87 -2.30 1.65
C ASP A 70 10.88 -3.11 0.84
N GLU A 71 11.90 -3.60 1.54
CA GLU A 71 12.93 -4.39 0.89
C GLU A 71 12.30 -5.42 -0.04
N THR A 72 11.05 -5.78 0.25
CA THR A 72 10.33 -6.74 -0.55
C THR A 72 9.92 -6.12 -1.88
N GLY A 73 8.84 -5.35 -1.82
CA GLY A 73 8.33 -4.69 -3.01
C GLY A 73 7.66 -3.36 -2.66
N CYS A 74 7.03 -2.77 -3.66
CA CYS A 74 6.35 -1.50 -3.47
C CYS A 74 5.02 -1.54 -4.23
N ILE A 75 4.18 -0.56 -3.95
CA ILE A 75 2.88 -0.47 -4.58
C ILE A 75 2.45 0.98 -4.67
N LEU A 76 1.47 1.24 -5.53
CA LEU A 76 0.96 2.59 -5.71
C LEU A 76 -0.10 2.87 -4.65
N PHE A 77 0.25 3.73 -3.71
CA PHE A 77 -0.65 4.10 -2.64
C PHE A 77 -1.16 5.54 -2.80
N THR A 78 -2.36 5.77 -2.31
CA THR A 78 -2.96 7.10 -2.40
C THR A 78 -2.94 7.78 -1.03
N ALA A 79 -2.37 8.98 -1.02
CA ALA A 79 -2.28 9.76 0.21
C ALA A 79 -3.12 11.02 0.07
N ARG A 80 -3.92 11.28 1.09
CA ARG A 80 -4.78 12.46 1.09
C ARG A 80 -3.94 13.72 1.32
N ASN A 81 -4.58 14.86 1.13
CA ASN A 81 -3.91 16.14 1.32
C ASN A 81 -3.22 16.15 2.68
N ASP A 82 -3.69 15.28 3.56
CA ASP A 82 -3.12 15.19 4.90
C ASP A 82 -2.02 14.13 4.90
N GLN A 83 -2.39 12.93 4.48
CA GLN A 83 -1.45 11.82 4.43
C GLN A 83 -0.25 12.19 3.55
N VAL A 84 -0.55 12.86 2.45
CA VAL A 84 0.49 13.28 1.52
C VAL A 84 1.72 13.72 2.31
N ASP A 85 1.48 14.49 3.35
CA ASP A 85 2.57 14.98 4.19
C ASP A 85 3.35 13.79 4.76
N LEU A 86 2.61 12.91 5.41
CA LEU A 86 3.22 11.72 6.00
C LEU A 86 3.82 10.85 4.90
N MET A 87 3.18 10.91 3.73
CA MET A 87 3.63 10.13 2.59
C MET A 87 4.59 10.95 1.73
N LYS A 88 5.47 11.67 2.40
CA LYS A 88 6.46 12.49 1.71
C LYS A 88 7.54 11.60 1.13
N PRO A 89 8.20 12.11 0.05
CA PRO A 89 9.27 11.37 -0.60
C PRO A 89 10.54 11.39 0.24
N GLY A 90 11.13 10.21 0.40
CA GLY A 90 12.36 10.08 1.17
C GLY A 90 12.04 9.98 2.67
N ALA A 91 10.82 9.58 2.96
CA ALA A 91 10.39 9.43 4.34
C ALA A 91 9.84 8.03 4.56
N THR A 92 9.82 7.62 5.82
CA THR A 92 9.33 6.30 6.18
C THR A 92 8.08 6.42 7.06
N VAL A 93 7.07 5.64 6.70
CA VAL A 93 5.82 5.65 7.45
C VAL A 93 5.23 4.24 7.45
N ILE A 94 4.35 4.00 8.42
CA ILE A 94 3.71 2.71 8.54
C ILE A 94 2.22 2.84 8.19
N LEU A 95 1.67 1.76 7.67
CA LEU A 95 0.26 1.75 7.29
C LEU A 95 -0.49 0.74 8.18
N ARG A 96 -1.38 1.29 8.98
CA ARG A 96 -2.18 0.46 9.88
C ARG A 96 -3.62 0.35 9.38
N ASN A 97 -4.22 -0.80 9.65
CA ASN A 97 -5.59 -1.04 9.23
C ASN A 97 -5.73 -0.68 7.75
N SER A 98 -4.63 -0.75 7.04
CA SER A 98 -4.61 -0.43 5.62
C SER A 98 -5.36 -1.51 4.83
N ARG A 99 -6.14 -1.07 3.87
CA ARG A 99 -6.91 -1.99 3.04
C ARG A 99 -6.26 -2.13 1.66
N ILE A 100 -6.60 -3.21 0.99
CA ILE A 100 -6.06 -3.49 -0.33
C ILE A 100 -7.17 -3.40 -1.36
N ASP A 101 -6.98 -2.50 -2.32
CA ASP A 101 -7.97 -2.31 -3.38
C ASP A 101 -7.58 -3.16 -4.59
N MET A 102 -8.51 -4.01 -5.00
CA MET A 102 -8.28 -4.87 -6.14
C MET A 102 -8.51 -4.13 -7.46
N PHE A 103 -7.42 -3.73 -8.08
CA PHE A 103 -7.48 -3.01 -9.34
C PHE A 103 -7.55 -3.98 -10.52
N LYS A 104 -8.05 -3.46 -11.64
CA LYS A 104 -8.16 -4.26 -12.84
C LYS A 104 -6.92 -5.14 -12.99
N GLY A 105 -7.06 -6.38 -12.55
CA GLY A 105 -5.96 -7.33 -12.63
C GLY A 105 -4.76 -6.85 -11.81
N THR A 106 -5.02 -6.57 -10.54
CA THR A 106 -3.98 -6.10 -9.65
C THR A 106 -4.58 -5.53 -8.37
N MET A 107 -3.71 -5.14 -7.46
CA MET A 107 -4.15 -4.58 -6.19
C MET A 107 -3.27 -3.39 -5.79
N ARG A 108 -3.81 -2.57 -4.89
CA ARG A 108 -3.08 -1.41 -4.42
C ARG A 108 -3.28 -1.24 -2.91
N LEU A 109 -2.47 -0.37 -2.33
CA LEU A 109 -2.52 -0.11 -0.91
C LEU A 109 -3.37 1.14 -0.65
N GLY A 110 -4.16 1.08 0.42
CA GLY A 110 -5.01 2.19 0.77
C GLY A 110 -5.41 2.13 2.25
N VAL A 111 -5.90 3.24 2.75
CA VAL A 111 -6.32 3.33 4.13
C VAL A 111 -7.77 3.83 4.21
N ASP A 112 -8.53 3.21 5.09
CA ASP A 112 -9.92 3.58 5.26
C ASP A 112 -10.04 4.61 6.39
N LYS A 113 -11.25 5.11 6.56
CA LYS A 113 -11.52 6.11 7.58
C LYS A 113 -11.17 5.52 8.95
N TRP A 114 -11.30 4.21 9.05
CA TRP A 114 -11.00 3.52 10.29
C TRP A 114 -9.50 3.22 10.33
N GLY A 115 -8.80 3.72 9.32
CA GLY A 115 -7.37 3.52 9.22
C GLY A 115 -6.62 4.86 9.21
N ARG A 116 -5.44 4.85 9.82
CA ARG A 116 -4.63 6.05 9.89
C ARG A 116 -3.14 5.69 9.76
N ILE A 117 -2.37 6.68 9.35
CA ILE A 117 -0.93 6.48 9.18
C ILE A 117 -0.26 6.52 10.55
N GLU A 118 0.91 5.90 10.62
CA GLU A 118 1.67 5.86 11.86
C GLU A 118 2.77 6.91 11.84
N ALA A 119 3.57 6.87 10.78
CA ALA A 119 4.66 7.81 10.63
C ALA A 119 5.86 7.34 11.45
N THR A 120 6.16 6.06 11.31
CA THR A 120 7.27 5.47 12.04
C THR A 120 8.53 6.35 11.90
N GLY A 121 9.55 5.97 12.65
CA GLY A 121 10.80 6.72 12.62
C GLY A 121 11.38 6.77 11.20
N ALA A 122 12.31 5.85 10.95
CA ALA A 122 12.95 5.77 9.65
C ALA A 122 12.74 4.38 9.05
N ALA A 123 13.06 4.25 7.78
CA ALA A 123 12.90 2.99 7.09
C ALA A 123 14.02 2.04 7.52
N SER A 124 15.25 2.43 7.24
CA SER A 124 16.41 1.62 7.60
C SER A 124 16.63 0.54 6.55
N PHE A 125 15.73 0.52 5.56
CA PHE A 125 15.82 -0.47 4.50
C PHE A 125 15.64 0.19 3.13
N THR A 126 16.08 -0.52 2.10
CA THR A 126 15.96 -0.02 0.74
C THR A 126 14.83 -0.72 0.00
N VAL A 127 13.91 0.09 -0.51
CA VAL A 127 12.77 -0.44 -1.24
C VAL A 127 13.26 -1.15 -2.50
N LYS A 128 12.60 -2.26 -2.82
CA LYS A 128 12.96 -3.03 -3.98
C LYS A 128 12.02 -2.67 -5.14
N GLU A 129 12.39 -1.61 -5.85
CA GLU A 129 11.59 -1.16 -6.97
C GLU A 129 11.54 -2.23 -8.06
N ASP A 130 12.41 -3.21 -7.92
CA ASP A 130 12.47 -4.31 -8.87
C ASP A 130 11.26 -5.23 -8.67
N ASN A 131 10.68 -5.15 -7.48
CA ASN A 131 9.53 -5.96 -7.16
C ASN A 131 8.34 -5.04 -6.86
N ASN A 132 7.93 -4.30 -7.89
CA ASN A 132 6.81 -3.39 -7.76
C ASN A 132 5.51 -4.14 -8.08
N LEU A 133 4.59 -4.09 -7.12
CA LEU A 133 3.30 -4.76 -7.29
C LEU A 133 2.35 -3.83 -8.04
N SER A 134 2.82 -2.62 -8.28
CA SER A 134 2.03 -1.63 -8.99
C SER A 134 2.45 -1.57 -10.45
N LEU A 135 3.46 -2.36 -10.77
CA LEU A 135 3.99 -2.41 -12.14
C LEU A 135 3.75 -3.80 -12.71
N VAL A 136 2.67 -4.42 -12.29
CA VAL A 136 2.33 -5.75 -12.75
C VAL A 136 0.84 -6.01 -12.50
N GLU A 137 0.22 -6.72 -13.44
CA GLU A 137 -1.19 -7.04 -13.33
C GLU A 137 -1.38 -8.52 -13.01
N TYR A 138 -2.25 -8.78 -12.05
CA TYR A 138 -2.53 -10.15 -11.64
C TYR A 138 -3.68 -10.74 -12.45
N GLU A 139 -3.83 -12.06 -12.34
CA GLU A 139 -4.89 -12.76 -13.05
C GLU A 139 -4.83 -12.42 -14.54
N SER A 140 -3.93 -13.10 -15.24
CA SER A 140 -3.77 -12.88 -16.66
C SER A 140 -3.38 -11.44 -16.93
N GLY A 141 -2.10 -11.24 -17.24
CA GLY A 141 -1.59 -9.92 -17.51
C GLY A 141 -1.03 -9.83 -18.93
N PRO A 142 -0.28 -8.72 -19.20
CA PRO A 142 0.32 -8.51 -20.50
C PRO A 142 1.55 -9.41 -20.69
N SER A 143 1.28 -10.71 -20.75
CA SER A 143 2.34 -11.68 -20.93
C SER A 143 1.75 -13.05 -21.27
N SER A 144 2.56 -13.86 -21.92
CA SER A 144 2.14 -15.20 -22.31
C SER A 144 3.33 -16.00 -22.84
N GLY A 145 4.00 -15.42 -23.82
CA GLY A 145 5.16 -16.07 -24.42
C GLY A 145 4.99 -16.21 -25.93
N GLY A 1 -10.54 -37.56 38.68
CA GLY A 1 -9.60 -36.53 38.32
C GLY A 1 -9.91 -35.96 36.93
N SER A 2 -9.58 -34.69 36.76
CA SER A 2 -9.83 -34.02 35.50
C SER A 2 -9.18 -32.63 35.51
N SER A 3 -9.20 -32.00 34.35
CA SER A 3 -8.63 -30.67 34.21
C SER A 3 -7.12 -30.72 34.47
N GLY A 4 -6.42 -29.75 33.90
CA GLY A 4 -4.97 -29.67 34.05
C GLY A 4 -4.34 -28.92 32.89
N SER A 5 -3.53 -27.92 33.23
CA SER A 5 -2.86 -27.12 32.23
C SER A 5 -1.98 -26.07 32.90
N SER A 6 -0.95 -25.65 32.18
CA SER A 6 -0.04 -24.64 32.70
C SER A 6 0.79 -24.05 31.55
N GLY A 7 1.34 -22.87 31.80
CA GLY A 7 2.14 -22.19 30.82
C GLY A 7 2.90 -21.01 31.43
N SER A 8 3.70 -20.36 30.59
CA SER A 8 4.48 -19.22 31.05
C SER A 8 5.22 -18.60 29.87
N THR A 9 4.70 -17.47 29.41
CA THR A 9 5.29 -16.76 28.29
C THR A 9 5.20 -15.26 28.49
N VAL A 10 6.05 -14.54 27.79
CA VAL A 10 6.08 -13.08 27.88
C VAL A 10 6.91 -12.52 26.72
N LYS A 11 6.47 -12.82 25.51
CA LYS A 11 7.15 -12.34 24.33
C LYS A 11 6.31 -11.27 23.64
N ARG A 12 6.95 -10.16 23.33
CA ARG A 12 6.28 -9.05 22.68
C ARG A 12 7.15 -8.48 21.56
N LYS A 13 7.31 -9.27 20.52
CA LYS A 13 8.11 -8.86 19.38
C LYS A 13 7.19 -8.33 18.28
N PRO A 14 7.80 -7.53 17.36
CA PRO A 14 7.05 -6.95 16.26
C PRO A 14 6.76 -8.01 15.18
N VAL A 15 5.63 -7.83 14.52
CA VAL A 15 5.22 -8.75 13.47
C VAL A 15 5.19 -8.01 12.13
N PHE A 16 4.09 -7.29 11.92
CA PHE A 16 3.90 -6.55 10.69
C PHE A 16 4.07 -7.45 9.47
N VAL A 17 3.60 -6.94 8.34
CA VAL A 17 3.69 -7.69 7.09
C VAL A 17 4.65 -6.98 6.13
N LYS A 18 4.64 -7.43 4.89
CA LYS A 18 5.51 -6.85 3.88
C LYS A 18 4.69 -6.59 2.62
N VAL A 19 5.28 -5.83 1.70
CA VAL A 19 4.63 -5.50 0.45
C VAL A 19 4.40 -6.78 -0.35
N GLU A 20 5.47 -7.54 -0.53
CA GLU A 20 5.40 -8.79 -1.26
C GLU A 20 4.45 -9.76 -0.56
N GLN A 21 4.12 -9.43 0.67
CA GLN A 21 3.22 -10.26 1.46
C GLN A 21 1.77 -9.85 1.22
N LEU A 22 1.60 -8.88 0.34
CA LEU A 22 0.28 -8.40 0.00
C LEU A 22 -0.34 -9.28 -1.08
N LYS A 23 -1.66 -9.33 -1.09
CA LYS A 23 -2.38 -10.14 -2.05
C LYS A 23 -3.84 -9.70 -2.09
N PRO A 24 -4.56 -10.18 -3.15
CA PRO A 24 -5.96 -9.85 -3.32
C PRO A 24 -6.84 -10.61 -2.32
N GLY A 25 -7.87 -9.94 -1.85
CA GLY A 25 -8.79 -10.54 -0.89
C GLY A 25 -8.32 -10.30 0.54
N THR A 26 -7.31 -9.45 0.67
CA THR A 26 -6.76 -9.12 1.97
C THR A 26 -7.14 -7.70 2.37
N THR A 27 -7.07 -7.43 3.66
CA THR A 27 -7.40 -6.11 4.17
C THR A 27 -6.71 -5.87 5.52
N GLY A 28 -6.85 -4.65 6.02
CA GLY A 28 -6.24 -4.29 7.29
C GLY A 28 -4.89 -4.97 7.46
N HIS A 29 -3.85 -4.28 7.01
CA HIS A 29 -2.50 -4.79 7.12
C HIS A 29 -1.63 -3.82 7.91
N THR A 30 -0.54 -4.35 8.46
CA THR A 30 0.38 -3.53 9.23
C THR A 30 1.82 -3.81 8.81
N LEU A 31 2.45 -2.78 8.26
CA LEU A 31 3.83 -2.89 7.81
C LEU A 31 4.42 -1.49 7.64
N THR A 32 5.74 -1.46 7.50
CA THR A 32 6.45 -0.20 7.33
C THR A 32 6.80 0.02 5.85
N VAL A 33 6.32 1.13 5.32
CA VAL A 33 6.57 1.47 3.94
C VAL A 33 7.41 2.75 3.88
N LYS A 34 8.42 2.72 3.02
CA LYS A 34 9.29 3.88 2.86
C LYS A 34 9.00 4.54 1.51
N VAL A 35 8.59 5.80 1.59
CA VAL A 35 8.27 6.56 0.39
C VAL A 35 9.55 6.79 -0.41
N ILE A 36 9.38 6.83 -1.72
CA ILE A 36 10.52 7.04 -2.61
C ILE A 36 10.25 8.28 -3.46
N GLU A 37 9.08 8.29 -4.09
CA GLU A 37 8.70 9.41 -4.93
C GLU A 37 7.27 9.85 -4.62
N ALA A 38 6.95 11.07 -5.05
CA ALA A 38 5.63 11.62 -4.81
C ALA A 38 5.29 12.61 -5.94
N ASN A 39 4.41 12.17 -6.83
CA ASN A 39 3.99 12.99 -7.94
C ASN A 39 2.46 13.05 -7.99
N ILE A 40 1.95 14.22 -8.33
CA ILE A 40 0.52 14.41 -8.41
C ILE A 40 -0.07 13.42 -9.41
N VAL A 41 -1.35 13.16 -9.26
CA VAL A 41 -2.04 12.24 -10.15
C VAL A 41 -2.53 12.98 -11.38
N VAL A 42 -1.78 12.83 -12.47
CA VAL A 42 -2.12 13.48 -13.72
C VAL A 42 -2.57 12.43 -14.73
N PRO A 43 -3.32 12.91 -15.77
CA PRO A 43 -3.83 12.03 -16.80
C PRO A 43 -2.71 11.62 -17.76
N VAL A 44 -2.26 10.38 -17.60
CA VAL A 44 -1.20 9.86 -18.46
C VAL A 44 -1.34 8.34 -18.57
N THR A 45 -1.23 7.69 -17.42
CA THR A 45 -1.34 6.24 -17.37
C THR A 45 -1.99 5.80 -16.06
N ARG A 46 -2.36 4.53 -16.01
CA ARG A 46 -3.00 3.97 -14.84
C ARG A 46 -4.39 4.56 -14.65
N LYS A 47 -4.43 5.87 -14.48
CA LYS A 47 -5.70 6.56 -14.30
C LYS A 47 -6.14 7.17 -15.62
N THR A 48 -6.54 6.29 -16.53
CA THR A 48 -6.99 6.73 -17.84
C THR A 48 -8.52 6.66 -17.94
N ARG A 49 -9.17 7.27 -16.96
CA ARG A 49 -10.62 7.28 -16.92
C ARG A 49 -11.18 7.99 -18.16
N PRO A 50 -10.68 9.23 -18.39
CA PRO A 50 -11.12 10.03 -19.52
C PRO A 50 -10.50 9.50 -20.82
N ALA A 51 -10.87 10.15 -21.92
CA ALA A 51 -10.36 9.76 -23.22
C ALA A 51 -9.08 10.56 -23.52
N SER A 52 -9.20 11.88 -23.43
CA SER A 52 -8.08 12.75 -23.69
C SER A 52 -7.63 13.43 -22.38
N SER A 53 -6.35 13.79 -22.35
CA SER A 53 -5.79 14.44 -21.18
C SER A 53 -6.63 15.67 -20.82
N LEU A 54 -7.24 15.61 -19.65
CA LEU A 54 -8.07 16.69 -19.17
C LEU A 54 -7.17 17.84 -18.67
N SER A 55 -6.66 18.60 -19.61
CA SER A 55 -5.78 19.71 -19.27
C SER A 55 -6.32 20.45 -18.05
N ARG A 56 -5.51 20.46 -17.00
CA ARG A 56 -5.89 21.13 -15.77
C ARG A 56 -7.15 20.48 -15.18
N PRO A 57 -6.91 19.46 -14.30
CA PRO A 57 -8.00 18.75 -13.66
C PRO A 57 -8.65 19.61 -12.57
N SER A 58 -7.80 20.18 -11.73
CA SER A 58 -8.26 21.02 -10.64
C SER A 58 -9.26 20.24 -9.77
N GLN A 59 -8.74 19.69 -8.69
CA GLN A 59 -9.57 18.92 -7.77
C GLN A 59 -9.53 19.53 -6.37
N PRO A 60 -10.65 19.36 -5.63
CA PRO A 60 -10.75 19.90 -4.28
C PRO A 60 -9.94 19.05 -3.30
N SER A 61 -10.04 17.74 -3.48
CA SER A 61 -9.31 16.82 -2.62
C SER A 61 -7.92 16.54 -3.19
N ARG A 62 -6.96 17.32 -2.73
CA ARG A 62 -5.59 17.16 -3.19
C ARG A 62 -5.11 15.73 -2.98
N ILE A 63 -4.81 15.07 -4.09
CA ILE A 63 -4.34 13.69 -4.04
C ILE A 63 -3.07 13.56 -4.88
N VAL A 64 -2.08 12.91 -4.29
CA VAL A 64 -0.81 12.70 -4.97
C VAL A 64 -0.36 11.25 -4.80
N GLU A 65 0.18 10.70 -5.87
CA GLU A 65 0.64 9.32 -5.85
C GLU A 65 2.11 9.27 -5.44
N CYS A 66 2.38 8.42 -4.45
CA CYS A 66 3.73 8.27 -3.95
C CYS A 66 4.09 6.78 -3.99
N LEU A 67 5.38 6.52 -4.10
CA LEU A 67 5.87 5.15 -4.15
C LEU A 67 6.41 4.75 -2.78
N ILE A 68 5.75 3.77 -2.18
CA ILE A 68 6.16 3.29 -0.87
C ILE A 68 6.24 1.77 -0.89
N GLY A 69 7.10 1.23 -0.03
CA GLY A 69 7.28 -0.21 0.06
C GLY A 69 8.48 -0.56 0.94
N ASP A 70 8.87 -1.83 0.88
CA ASP A 70 9.99 -2.30 1.66
C ASP A 70 10.97 -3.04 0.74
N GLU A 71 12.04 -3.52 1.35
CA GLU A 71 13.06 -4.25 0.59
C GLU A 71 12.40 -5.27 -0.33
N THR A 72 11.21 -5.72 0.07
CA THR A 72 10.48 -6.69 -0.72
C THR A 72 10.02 -6.07 -2.04
N GLY A 73 8.97 -5.28 -1.96
CA GLY A 73 8.43 -4.63 -3.14
C GLY A 73 7.76 -3.31 -2.78
N CYS A 74 7.12 -2.71 -3.78
CA CYS A 74 6.42 -1.44 -3.58
C CYS A 74 5.05 -1.53 -4.24
N ILE A 75 4.21 -0.56 -3.95
CA ILE A 75 2.88 -0.52 -4.51
C ILE A 75 2.43 0.94 -4.66
N LEU A 76 1.41 1.14 -5.47
CA LEU A 76 0.88 2.47 -5.71
C LEU A 76 -0.19 2.79 -4.66
N PHE A 77 0.21 3.55 -3.67
CA PHE A 77 -0.70 3.93 -2.60
C PHE A 77 -1.14 5.39 -2.74
N THR A 78 -2.41 5.62 -2.49
CA THR A 78 -2.97 6.96 -2.60
C THR A 78 -2.95 7.65 -1.22
N ALA A 79 -2.47 8.87 -1.22
CA ALA A 79 -2.39 9.65 0.01
C ALA A 79 -3.19 10.95 -0.16
N ARG A 80 -4.07 11.19 0.81
CA ARG A 80 -4.89 12.39 0.78
C ARG A 80 -4.04 13.62 1.08
N ASN A 81 -4.65 14.78 0.88
CA ASN A 81 -3.97 16.04 1.12
C ASN A 81 -3.34 16.01 2.52
N ASP A 82 -3.85 15.13 3.35
CA ASP A 82 -3.35 15.00 4.70
C ASP A 82 -2.23 13.95 4.73
N GLN A 83 -2.59 12.74 4.32
CA GLN A 83 -1.63 11.65 4.28
C GLN A 83 -0.44 12.01 3.40
N VAL A 84 -0.75 12.63 2.27
CA VAL A 84 0.28 13.03 1.34
C VAL A 84 1.50 13.52 2.11
N ASP A 85 1.25 14.37 3.09
CA ASP A 85 2.33 14.91 3.91
C ASP A 85 3.12 13.77 4.52
N LEU A 86 2.41 12.87 5.19
CA LEU A 86 3.04 11.73 5.83
C LEU A 86 3.64 10.82 4.75
N MET A 87 3.04 10.87 3.58
CA MET A 87 3.50 10.07 2.47
C MET A 87 4.48 10.85 1.59
N LYS A 88 5.28 11.67 2.25
CA LYS A 88 6.26 12.48 1.56
C LYS A 88 7.38 11.58 1.04
N PRO A 89 8.11 12.09 0.01
CA PRO A 89 9.21 11.34 -0.57
C PRO A 89 10.43 11.36 0.34
N GLY A 90 10.97 10.17 0.57
CA GLY A 90 12.15 10.03 1.43
C GLY A 90 11.76 10.07 2.90
N ALA A 91 10.53 9.63 3.16
CA ALA A 91 10.02 9.60 4.53
C ALA A 91 9.45 8.22 4.82
N THR A 92 9.76 7.73 6.02
CA THR A 92 9.28 6.43 6.44
C THR A 92 7.97 6.55 7.21
N VAL A 93 6.99 5.76 6.79
CA VAL A 93 5.68 5.78 7.44
C VAL A 93 5.14 4.35 7.53
N ILE A 94 4.31 4.13 8.53
CA ILE A 94 3.72 2.82 8.73
C ILE A 94 2.22 2.89 8.44
N LEU A 95 1.68 1.77 7.97
CA LEU A 95 0.26 1.70 7.65
C LEU A 95 -0.43 0.78 8.66
N ARG A 96 -1.50 1.29 9.24
CA ARG A 96 -2.26 0.53 10.21
C ARG A 96 -3.70 0.35 9.74
N ASN A 97 -4.09 -0.92 9.61
CA ASN A 97 -5.44 -1.24 9.16
C ASN A 97 -5.57 -0.91 7.67
N SER A 98 -4.44 -0.95 6.98
CA SER A 98 -4.40 -0.66 5.56
C SER A 98 -5.08 -1.79 4.78
N ARG A 99 -6.04 -1.40 3.95
CA ARG A 99 -6.77 -2.36 3.15
C ARG A 99 -6.26 -2.35 1.70
N ILE A 100 -6.53 -3.44 1.00
CA ILE A 100 -6.10 -3.57 -0.39
C ILE A 100 -7.31 -3.47 -1.29
N ASP A 101 -7.26 -2.51 -2.20
CA ASP A 101 -8.35 -2.30 -3.14
C ASP A 101 -8.04 -3.02 -4.45
N MET A 102 -8.97 -3.88 -4.84
CA MET A 102 -8.81 -4.65 -6.07
C MET A 102 -9.00 -3.76 -7.30
N PHE A 103 -7.96 -3.70 -8.12
CA PHE A 103 -8.00 -2.90 -9.32
C PHE A 103 -7.99 -3.79 -10.57
N LYS A 104 -8.45 -3.21 -11.68
CA LYS A 104 -8.49 -3.93 -12.93
C LYS A 104 -7.21 -4.77 -13.08
N GLY A 105 -7.34 -6.03 -12.69
CA GLY A 105 -6.21 -6.95 -12.78
C GLY A 105 -5.00 -6.39 -12.04
N THR A 106 -5.26 -5.81 -10.88
CA THR A 106 -4.21 -5.24 -10.06
C THR A 106 -4.75 -4.84 -8.69
N MET A 107 -3.87 -4.29 -7.87
CA MET A 107 -4.23 -3.86 -6.54
C MET A 107 -3.38 -2.67 -6.08
N ARG A 108 -3.76 -2.13 -4.93
CA ARG A 108 -3.04 -1.00 -4.38
C ARG A 108 -3.22 -0.93 -2.86
N LEU A 109 -2.30 -0.23 -2.21
CA LEU A 109 -2.36 -0.09 -0.76
C LEU A 109 -3.04 1.22 -0.40
N GLY A 110 -3.92 1.14 0.58
CA GLY A 110 -4.65 2.32 1.03
C GLY A 110 -5.06 2.19 2.50
N VAL A 111 -5.70 3.24 3.00
CA VAL A 111 -6.14 3.25 4.38
C VAL A 111 -7.60 3.72 4.45
N ASP A 112 -8.41 2.91 5.09
CA ASP A 112 -9.83 3.23 5.24
C ASP A 112 -10.01 4.29 6.31
N LYS A 113 -11.22 4.81 6.40
CA LYS A 113 -11.53 5.84 7.37
C LYS A 113 -11.26 5.29 8.78
N TRP A 114 -11.28 3.97 8.88
CA TRP A 114 -11.04 3.31 10.15
C TRP A 114 -9.55 2.98 10.24
N GLY A 115 -8.76 3.74 9.52
CA GLY A 115 -7.32 3.54 9.50
C GLY A 115 -6.58 4.86 9.35
N ARG A 116 -5.42 4.95 10.01
CA ARG A 116 -4.61 6.14 9.95
C ARG A 116 -3.13 5.78 9.82
N ILE A 117 -2.36 6.74 9.33
CA ILE A 117 -0.93 6.53 9.15
C ILE A 117 -0.22 6.68 10.49
N GLU A 118 0.94 6.05 10.59
CA GLU A 118 1.72 6.10 11.81
C GLU A 118 2.77 7.21 11.72
N ALA A 119 3.55 7.17 10.65
CA ALA A 119 4.57 8.17 10.45
C ALA A 119 5.84 7.75 11.21
N THR A 120 6.17 6.48 11.09
CA THR A 120 7.34 5.95 11.76
C THR A 120 8.55 6.86 11.53
N GLY A 121 9.63 6.55 12.23
CA GLY A 121 10.85 7.32 12.11
C GLY A 121 11.41 7.25 10.69
N ALA A 122 12.52 6.53 10.57
CA ALA A 122 13.17 6.37 9.27
C ALA A 122 13.14 4.89 8.88
N ALA A 123 13.67 4.62 7.69
CA ALA A 123 13.72 3.26 7.18
C ALA A 123 15.18 2.81 7.09
N SER A 124 15.46 1.68 7.72
CA SER A 124 16.80 1.13 7.71
C SER A 124 16.96 0.15 6.54
N PHE A 125 15.91 0.07 5.75
CA PHE A 125 15.92 -0.82 4.59
C PHE A 125 15.77 -0.02 3.30
N THR A 126 16.17 -0.66 2.20
CA THR A 126 16.08 -0.02 0.89
C THR A 126 14.95 -0.63 0.08
N VAL A 127 13.97 0.21 -0.25
CA VAL A 127 12.83 -0.23 -1.02
C VAL A 127 13.31 -0.87 -2.32
N LYS A 128 12.54 -1.86 -2.77
CA LYS A 128 12.89 -2.57 -4.00
C LYS A 128 11.95 -2.11 -5.13
N GLU A 129 12.48 -1.25 -5.97
CA GLU A 129 11.71 -0.73 -7.09
C GLU A 129 11.82 -1.67 -8.29
N ASP A 130 11.50 -2.94 -8.06
CA ASP A 130 11.57 -3.94 -9.11
C ASP A 130 10.37 -4.87 -8.98
N ASN A 131 10.13 -5.32 -7.76
CA ASN A 131 9.01 -6.22 -7.50
C ASN A 131 7.75 -5.40 -7.22
N ASN A 132 7.53 -4.41 -8.08
CA ASN A 132 6.37 -3.55 -7.93
C ASN A 132 5.10 -4.39 -8.00
N LEU A 133 4.19 -4.12 -7.07
CA LEU A 133 2.94 -4.85 -7.01
C LEU A 133 1.86 -4.06 -7.76
N SER A 134 2.18 -2.79 -8.01
CA SER A 134 1.25 -1.92 -8.72
C SER A 134 1.39 -2.12 -10.23
N LEU A 135 2.23 -3.07 -10.59
CA LEU A 135 2.46 -3.37 -11.99
C LEU A 135 1.93 -4.76 -12.31
N VAL A 136 2.44 -5.74 -11.58
CA VAL A 136 2.02 -7.12 -11.77
C VAL A 136 0.50 -7.21 -11.67
N GLU A 137 -0.08 -7.97 -12.59
CA GLU A 137 -1.52 -8.14 -12.62
C GLU A 137 -1.91 -9.49 -12.02
N TYR A 138 -3.00 -9.50 -11.29
CA TYR A 138 -3.50 -10.71 -10.66
C TYR A 138 -4.63 -11.33 -11.48
N GLU A 139 -4.68 -12.65 -11.46
CA GLU A 139 -5.71 -13.38 -12.19
C GLU A 139 -6.31 -14.48 -11.30
N SER A 140 -5.46 -15.40 -10.90
CA SER A 140 -5.89 -16.51 -10.06
C SER A 140 -4.68 -17.31 -9.57
N GLY A 141 -4.13 -16.86 -8.46
CA GLY A 141 -2.96 -17.52 -7.88
C GLY A 141 -2.93 -17.33 -6.37
N PRO A 142 -2.68 -18.47 -5.66
CA PRO A 142 -2.63 -18.44 -4.20
C PRO A 142 -1.30 -17.83 -3.73
N SER A 143 -0.23 -18.19 -4.42
CA SER A 143 1.09 -17.69 -4.08
C SER A 143 1.99 -17.73 -5.31
N SER A 144 2.75 -16.65 -5.48
CA SER A 144 3.65 -16.55 -6.61
C SER A 144 4.71 -17.66 -6.54
N GLY A 145 4.75 -18.45 -7.60
CA GLY A 145 5.70 -19.55 -7.68
C GLY A 145 5.32 -20.53 -8.78
N GLY A 1 -8.03 -46.86 23.90
CA GLY A 1 -7.48 -46.06 22.81
C GLY A 1 -8.56 -45.16 22.21
N SER A 2 -8.12 -44.01 21.70
CA SER A 2 -9.03 -43.06 21.09
C SER A 2 -8.25 -42.08 20.21
N SER A 3 -7.25 -41.46 20.82
CA SER A 3 -6.43 -40.49 20.11
C SER A 3 -7.29 -39.32 19.64
N GLY A 4 -6.62 -38.20 19.40
CA GLY A 4 -7.31 -37.00 18.94
C GLY A 4 -6.30 -35.89 18.61
N SER A 5 -6.15 -35.65 17.31
CA SER A 5 -5.24 -34.62 16.85
C SER A 5 -5.56 -34.24 15.40
N SER A 6 -5.26 -32.99 15.07
CA SER A 6 -5.52 -32.49 13.73
C SER A 6 -5.20 -31.00 13.65
N GLY A 7 -4.67 -30.59 12.51
CA GLY A 7 -4.32 -29.20 12.30
C GLY A 7 -3.15 -28.79 13.20
N SER A 8 -2.52 -27.69 12.82
CA SER A 8 -1.39 -27.17 13.58
C SER A 8 -1.05 -25.75 13.13
N THR A 9 -0.23 -25.09 13.93
CA THR A 9 0.18 -23.73 13.62
C THR A 9 1.70 -23.63 13.59
N VAL A 10 2.20 -23.02 12.51
CA VAL A 10 3.63 -22.85 12.34
C VAL A 10 3.89 -21.77 11.29
N LYS A 11 3.35 -20.59 11.55
CA LYS A 11 3.51 -19.48 10.64
C LYS A 11 4.90 -18.86 10.83
N ARG A 12 5.45 -18.38 9.73
CA ARG A 12 6.77 -17.77 9.76
C ARG A 12 6.70 -16.32 9.27
N LYS A 13 6.52 -15.42 10.22
CA LYS A 13 6.44 -14.01 9.91
C LYS A 13 6.38 -13.20 11.21
N PRO A 14 6.86 -11.92 11.12
CA PRO A 14 6.85 -11.05 12.27
C PRO A 14 5.45 -10.54 12.58
N VAL A 15 5.40 -9.51 13.42
CA VAL A 15 4.12 -8.93 13.80
C VAL A 15 3.56 -8.12 12.64
N PHE A 16 4.48 -7.57 11.86
CA PHE A 16 4.10 -6.76 10.70
C PHE A 16 4.27 -7.56 9.40
N VAL A 17 3.59 -7.09 8.37
CA VAL A 17 3.66 -7.75 7.06
C VAL A 17 4.59 -6.95 6.15
N LYS A 18 4.59 -7.33 4.88
CA LYS A 18 5.42 -6.67 3.90
C LYS A 18 4.60 -6.42 2.63
N VAL A 19 5.27 -5.81 1.65
CA VAL A 19 4.61 -5.51 0.39
C VAL A 19 4.45 -6.79 -0.43
N GLU A 20 5.49 -7.61 -0.37
CA GLU A 20 5.48 -8.87 -1.10
C GLU A 20 4.51 -9.86 -0.43
N GLN A 21 4.02 -9.47 0.74
CA GLN A 21 3.09 -10.29 1.48
C GLN A 21 1.65 -9.91 1.14
N LEU A 22 1.52 -8.87 0.33
CA LEU A 22 0.21 -8.39 -0.06
C LEU A 22 -0.32 -9.28 -1.20
N LYS A 23 -1.64 -9.32 -1.30
CA LYS A 23 -2.29 -10.12 -2.33
C LYS A 23 -3.74 -9.68 -2.47
N PRO A 24 -4.39 -10.18 -3.56
CA PRO A 24 -5.79 -9.85 -3.81
C PRO A 24 -6.72 -10.62 -2.86
N GLY A 25 -7.60 -9.88 -2.21
CA GLY A 25 -8.54 -10.47 -1.28
C GLY A 25 -8.03 -10.35 0.16
N THR A 26 -7.33 -9.25 0.42
CA THR A 26 -6.78 -9.02 1.75
C THR A 26 -7.18 -7.63 2.25
N THR A 27 -7.10 -7.46 3.56
CA THR A 27 -7.45 -6.19 4.17
C THR A 27 -6.69 -6.00 5.48
N GLY A 28 -6.72 -4.77 5.98
CA GLY A 28 -6.05 -4.46 7.22
C GLY A 28 -4.65 -5.08 7.26
N HIS A 29 -3.67 -4.29 6.85
CA HIS A 29 -2.29 -4.74 6.82
C HIS A 29 -1.43 -3.81 7.67
N THR A 30 -0.44 -4.41 8.34
CA THR A 30 0.45 -3.64 9.18
C THR A 30 1.90 -3.88 8.76
N LEU A 31 2.52 -2.82 8.25
CA LEU A 31 3.90 -2.90 7.81
C LEU A 31 4.48 -1.48 7.72
N THR A 32 5.80 -1.43 7.55
CA THR A 32 6.48 -0.15 7.45
C THR A 32 6.88 0.12 6.00
N VAL A 33 6.18 1.07 5.40
CA VAL A 33 6.43 1.44 4.02
C VAL A 33 7.26 2.74 3.99
N LYS A 34 8.25 2.74 3.12
CA LYS A 34 9.12 3.91 2.97
C LYS A 34 8.86 4.57 1.63
N VAL A 35 8.45 5.83 1.68
CA VAL A 35 8.15 6.59 0.48
C VAL A 35 9.45 6.81 -0.30
N ILE A 36 9.32 6.80 -1.62
CA ILE A 36 10.47 7.01 -2.48
C ILE A 36 10.23 8.22 -3.38
N GLU A 37 9.05 8.24 -3.98
CA GLU A 37 8.68 9.34 -4.85
C GLU A 37 7.25 9.80 -4.56
N ALA A 38 6.94 11.02 -4.99
CA ALA A 38 5.63 11.59 -4.78
C ALA A 38 5.35 12.63 -5.87
N ASN A 39 4.46 12.25 -6.78
CA ASN A 39 4.09 13.14 -7.87
C ASN A 39 2.58 13.05 -8.10
N ILE A 40 2.04 14.12 -8.66
CA ILE A 40 0.61 14.18 -8.93
C ILE A 40 0.21 12.96 -9.76
N VAL A 41 -1.07 12.64 -9.71
CA VAL A 41 -1.59 11.50 -10.44
C VAL A 41 -1.75 11.89 -11.92
N VAL A 42 -0.96 11.23 -12.76
CA VAL A 42 -1.01 11.49 -14.19
C VAL A 42 -1.70 10.31 -14.89
N PRO A 43 -2.25 10.62 -16.10
CA PRO A 43 -2.94 9.61 -16.87
C PRO A 43 -1.94 8.65 -17.53
N VAL A 44 -1.84 7.46 -16.96
CA VAL A 44 -0.93 6.46 -17.48
C VAL A 44 -1.47 5.07 -17.15
N THR A 45 -2.57 4.72 -17.81
CA THR A 45 -3.20 3.43 -17.60
C THR A 45 -3.28 3.11 -16.10
N ARG A 46 -3.73 4.11 -15.35
CA ARG A 46 -3.87 3.95 -13.90
C ARG A 46 -4.57 5.17 -13.30
N LYS A 47 -5.90 5.08 -13.27
CA LYS A 47 -6.69 6.17 -12.73
C LYS A 47 -8.06 5.62 -12.29
N THR A 48 -8.87 5.29 -13.28
CA THR A 48 -10.20 4.75 -13.01
C THR A 48 -11.01 5.73 -12.14
N ARG A 49 -11.38 6.84 -12.75
CA ARG A 49 -12.15 7.86 -12.06
C ARG A 49 -13.65 7.61 -12.24
N PRO A 50 -14.43 8.06 -11.22
CA PRO A 50 -15.88 7.89 -11.27
C PRO A 50 -16.51 8.87 -12.25
N ALA A 51 -16.33 10.15 -11.98
CA ALA A 51 -16.88 11.20 -12.83
C ALA A 51 -16.14 12.51 -12.56
N SER A 52 -16.24 12.97 -11.33
CA SER A 52 -15.59 14.22 -10.94
C SER A 52 -15.80 14.47 -9.45
N SER A 53 -14.91 13.91 -8.64
CA SER A 53 -14.98 14.07 -7.20
C SER A 53 -16.42 13.86 -6.73
N LEU A 54 -16.89 12.63 -6.88
CA LEU A 54 -18.24 12.29 -6.47
C LEU A 54 -19.24 13.20 -7.18
N SER A 55 -19.32 13.02 -8.49
CA SER A 55 -20.22 13.83 -9.29
C SER A 55 -20.01 15.30 -9.00
N ARG A 56 -20.81 15.82 -8.08
CA ARG A 56 -20.72 17.22 -7.69
C ARG A 56 -19.32 17.54 -7.19
N PRO A 57 -18.95 18.85 -7.29
CA PRO A 57 -17.64 19.30 -6.85
C PRO A 57 -17.56 19.35 -5.32
N SER A 58 -16.34 19.40 -4.83
CA SER A 58 -16.12 19.45 -3.40
C SER A 58 -14.73 20.03 -3.10
N GLN A 59 -14.37 20.03 -1.83
CA GLN A 59 -13.08 20.54 -1.40
C GLN A 59 -11.97 20.01 -2.31
N PRO A 60 -10.90 20.83 -2.46
CA PRO A 60 -9.77 20.46 -3.28
C PRO A 60 -8.91 19.40 -2.59
N SER A 61 -9.29 18.15 -2.79
CA SER A 61 -8.56 17.04 -2.19
C SER A 61 -7.32 16.72 -3.03
N ARG A 62 -6.28 17.52 -2.82
CA ARG A 62 -5.04 17.33 -3.54
C ARG A 62 -4.53 15.90 -3.36
N ILE A 63 -4.78 15.08 -4.36
CA ILE A 63 -4.36 13.68 -4.32
C ILE A 63 -3.06 13.53 -5.13
N VAL A 64 -2.09 12.91 -4.50
CA VAL A 64 -0.81 12.69 -5.14
C VAL A 64 -0.35 11.25 -4.89
N GLU A 65 0.18 10.63 -5.94
CA GLU A 65 0.65 9.26 -5.83
C GLU A 65 2.12 9.24 -5.38
N CYS A 66 2.43 8.28 -4.51
CA CYS A 66 3.77 8.15 -4.00
C CYS A 66 4.14 6.67 -4.00
N LEU A 67 5.42 6.40 -4.21
CA LEU A 67 5.92 5.03 -4.23
C LEU A 67 6.42 4.65 -2.84
N ILE A 68 5.74 3.68 -2.25
CA ILE A 68 6.11 3.21 -0.92
C ILE A 68 6.24 1.68 -0.95
N GLY A 69 7.05 1.18 -0.02
CA GLY A 69 7.28 -0.25 0.07
C GLY A 69 8.46 -0.56 1.00
N ASP A 70 8.86 -1.82 0.98
CA ASP A 70 9.98 -2.27 1.81
C ASP A 70 11.00 -2.97 0.92
N GLU A 71 12.07 -3.44 1.57
CA GLU A 71 13.13 -4.13 0.85
C GLU A 71 12.53 -5.17 -0.09
N THR A 72 11.34 -5.64 0.26
CA THR A 72 10.66 -6.63 -0.55
C THR A 72 10.18 -6.01 -1.87
N GLY A 73 9.07 -5.30 -1.78
CA GLY A 73 8.50 -4.65 -2.96
C GLY A 73 7.81 -3.34 -2.58
N CYS A 74 7.13 -2.77 -3.57
CA CYS A 74 6.42 -1.51 -3.36
C CYS A 74 5.11 -1.56 -4.14
N ILE A 75 4.26 -0.59 -3.86
CA ILE A 75 2.97 -0.51 -4.54
C ILE A 75 2.55 0.96 -4.66
N LEU A 76 1.59 1.19 -5.54
CA LEU A 76 1.09 2.54 -5.75
C LEU A 76 0.01 2.85 -4.70
N PHE A 77 0.40 3.66 -3.73
CA PHE A 77 -0.51 4.04 -2.66
C PHE A 77 -1.01 5.46 -2.86
N THR A 78 -2.27 5.68 -2.51
CA THR A 78 -2.88 6.99 -2.62
C THR A 78 -2.93 7.69 -1.28
N ALA A 79 -2.47 8.93 -1.26
CA ALA A 79 -2.45 9.72 -0.04
C ALA A 79 -3.27 10.99 -0.24
N ARG A 80 -4.13 11.27 0.73
CA ARG A 80 -4.97 12.46 0.65
C ARG A 80 -4.14 13.72 0.90
N ASN A 81 -4.76 14.86 0.64
CA ASN A 81 -4.09 16.14 0.82
C ASN A 81 -3.41 16.16 2.20
N ASP A 82 -3.93 15.33 3.09
CA ASP A 82 -3.38 15.24 4.43
C ASP A 82 -2.27 14.19 4.46
N GLN A 83 -2.64 12.97 4.11
CA GLN A 83 -1.69 11.87 4.09
C GLN A 83 -0.49 12.23 3.21
N VAL A 84 -0.78 12.84 2.08
CA VAL A 84 0.26 13.24 1.15
C VAL A 84 1.48 13.72 1.94
N ASP A 85 1.20 14.55 2.93
CA ASP A 85 2.26 15.10 3.77
C ASP A 85 3.04 13.95 4.43
N LEU A 86 2.29 13.08 5.09
CA LEU A 86 2.89 11.94 5.76
C LEU A 86 3.53 11.02 4.72
N MET A 87 2.92 11.00 3.55
CA MET A 87 3.42 10.18 2.46
C MET A 87 4.42 10.94 1.59
N LYS A 88 5.23 11.77 2.26
CA LYS A 88 6.22 12.57 1.57
C LYS A 88 7.34 11.65 1.07
N PRO A 89 8.07 12.14 0.02
CA PRO A 89 9.16 11.38 -0.55
C PRO A 89 10.39 11.43 0.36
N GLY A 90 10.95 10.24 0.60
CA GLY A 90 12.13 10.13 1.44
C GLY A 90 11.73 10.05 2.92
N ALA A 91 10.48 9.69 3.14
CA ALA A 91 9.96 9.56 4.49
C ALA A 91 9.43 8.15 4.72
N THR A 92 9.49 7.71 5.97
CA THR A 92 9.02 6.39 6.32
C THR A 92 7.77 6.48 7.19
N VAL A 93 6.74 5.76 6.77
CA VAL A 93 5.48 5.75 7.50
C VAL A 93 4.94 4.33 7.53
N ILE A 94 4.10 4.07 8.54
CA ILE A 94 3.50 2.75 8.70
C ILE A 94 2.01 2.83 8.37
N LEU A 95 1.47 1.71 7.93
CA LEU A 95 0.06 1.63 7.59
C LEU A 95 -0.63 0.62 8.49
N ARG A 96 -1.53 1.13 9.31
CA ARG A 96 -2.27 0.28 10.24
C ARG A 96 -3.73 0.16 9.79
N ASN A 97 -4.13 -1.07 9.50
CA ASN A 97 -5.49 -1.33 9.06
C ASN A 97 -5.61 -1.01 7.57
N SER A 98 -4.48 -1.01 6.90
CA SER A 98 -4.45 -0.71 5.48
C SER A 98 -5.14 -1.83 4.70
N ARG A 99 -6.08 -1.42 3.86
CA ARG A 99 -6.83 -2.37 3.06
C ARG A 99 -6.37 -2.30 1.59
N ILE A 100 -6.40 -3.46 0.95
CA ILE A 100 -5.99 -3.55 -0.45
C ILE A 100 -7.23 -3.44 -1.34
N ASP A 101 -7.18 -2.48 -2.25
CA ASP A 101 -8.28 -2.27 -3.17
C ASP A 101 -8.01 -3.02 -4.47
N MET A 102 -8.97 -3.86 -4.84
CA MET A 102 -8.85 -4.66 -6.05
C MET A 102 -9.08 -3.78 -7.30
N PHE A 103 -7.97 -3.37 -7.90
CA PHE A 103 -8.03 -2.55 -9.09
C PHE A 103 -8.11 -3.41 -10.35
N LYS A 104 -8.59 -2.78 -11.43
CA LYS A 104 -8.73 -3.47 -12.69
C LYS A 104 -7.51 -4.37 -12.90
N GLY A 105 -7.68 -5.64 -12.56
CA GLY A 105 -6.61 -6.61 -12.70
C GLY A 105 -5.33 -6.13 -12.02
N THR A 106 -5.52 -5.48 -10.88
CA THR A 106 -4.39 -4.96 -10.12
C THR A 106 -4.83 -4.63 -8.69
N MET A 107 -3.85 -4.26 -7.88
CA MET A 107 -4.11 -3.92 -6.49
C MET A 107 -3.22 -2.77 -6.03
N ARG A 108 -3.60 -2.17 -4.92
CA ARG A 108 -2.85 -1.06 -4.36
C ARG A 108 -3.05 -0.98 -2.85
N LEU A 109 -2.22 -0.19 -2.21
CA LEU A 109 -2.29 -0.01 -0.77
C LEU A 109 -3.11 1.25 -0.45
N GLY A 110 -3.98 1.12 0.54
CA GLY A 110 -4.82 2.24 0.95
C GLY A 110 -5.19 2.11 2.43
N VAL A 111 -5.85 3.16 2.93
CA VAL A 111 -6.28 3.19 4.31
C VAL A 111 -7.71 3.71 4.40
N ASP A 112 -8.50 3.03 5.21
CA ASP A 112 -9.89 3.41 5.39
C ASP A 112 -10.00 4.39 6.56
N LYS A 113 -11.22 4.87 6.77
CA LYS A 113 -11.47 5.82 7.84
C LYS A 113 -11.12 5.17 9.18
N TRP A 114 -11.10 3.84 9.17
CA TRP A 114 -10.78 3.09 10.37
C TRP A 114 -9.29 2.76 10.34
N GLY A 115 -8.54 3.62 9.67
CA GLY A 115 -7.10 3.44 9.54
C GLY A 115 -6.38 4.79 9.50
N ARG A 116 -5.28 4.86 10.24
CA ARG A 116 -4.49 6.08 10.30
C ARG A 116 -3.01 5.77 10.05
N ILE A 117 -2.30 6.76 9.55
CA ILE A 117 -0.89 6.61 9.27
C ILE A 117 -0.10 6.71 10.58
N GLU A 118 1.09 6.13 10.56
CA GLU A 118 1.95 6.16 11.74
C GLU A 118 2.95 7.30 11.65
N ALA A 119 3.76 7.26 10.60
CA ALA A 119 4.76 8.29 10.38
C ALA A 119 6.05 7.90 11.10
N THR A 120 6.33 6.61 11.08
CA THR A 120 7.53 6.09 11.72
C THR A 120 8.71 7.02 11.47
N GLY A 121 9.75 6.85 12.28
CA GLY A 121 10.95 7.66 12.15
C GLY A 121 11.92 7.04 11.13
N ALA A 122 11.73 7.42 9.88
CA ALA A 122 12.58 6.92 8.81
C ALA A 122 12.53 5.39 8.80
N ALA A 123 13.04 4.82 7.73
CA ALA A 123 13.06 3.37 7.58
C ALA A 123 14.49 2.87 7.78
N SER A 124 14.59 1.66 8.32
CA SER A 124 15.88 1.06 8.56
C SER A 124 16.20 0.02 7.48
N PHE A 125 15.49 0.16 6.37
CA PHE A 125 15.69 -0.75 5.25
C PHE A 125 15.71 0.00 3.92
N THR A 126 16.17 -0.69 2.90
CA THR A 126 16.25 -0.10 1.56
C THR A 126 15.16 -0.67 0.65
N VAL A 127 14.19 0.19 0.34
CA VAL A 127 13.10 -0.22 -0.51
C VAL A 127 13.65 -0.78 -1.83
N LYS A 128 12.93 -1.75 -2.37
CA LYS A 128 13.34 -2.38 -3.61
C LYS A 128 12.51 -1.82 -4.76
N GLU A 129 12.95 -0.66 -5.26
CA GLU A 129 12.25 -0.01 -6.36
C GLU A 129 12.38 -0.84 -7.64
N ASP A 130 11.79 -2.03 -7.61
CA ASP A 130 11.84 -2.91 -8.76
C ASP A 130 10.77 -4.00 -8.59
N ASN A 131 10.66 -4.51 -7.38
CA ASN A 131 9.70 -5.56 -7.08
C ASN A 131 8.35 -4.90 -6.75
N ASN A 132 7.92 -4.01 -7.63
CA ASN A 132 6.67 -3.32 -7.44
C ASN A 132 5.51 -4.25 -7.78
N LEU A 133 4.43 -4.13 -7.02
CA LEU A 133 3.26 -4.97 -7.24
C LEU A 133 2.10 -4.08 -7.69
N SER A 134 2.44 -2.91 -8.21
CA SER A 134 1.44 -1.98 -8.67
C SER A 134 1.33 -2.05 -10.20
N LEU A 135 2.16 -2.90 -10.78
CA LEU A 135 2.17 -3.08 -12.22
C LEU A 135 1.68 -4.49 -12.57
N VAL A 136 2.00 -5.42 -11.67
CA VAL A 136 1.60 -6.80 -11.88
C VAL A 136 0.08 -6.88 -11.93
N GLU A 137 -0.40 -7.85 -12.71
CA GLU A 137 -1.83 -8.05 -12.85
C GLU A 137 -2.23 -9.45 -12.39
N TYR A 138 -3.22 -9.49 -11.51
CA TYR A 138 -3.69 -10.76 -10.98
C TYR A 138 -4.95 -11.23 -11.73
N GLU A 139 -4.97 -10.94 -13.02
CA GLU A 139 -6.09 -11.32 -13.86
C GLU A 139 -5.60 -11.99 -15.14
N SER A 140 -6.53 -12.58 -15.87
CA SER A 140 -6.20 -13.24 -17.12
C SER A 140 -7.20 -12.85 -18.21
N GLY A 141 -8.48 -12.89 -17.84
CA GLY A 141 -9.54 -12.54 -18.76
C GLY A 141 -10.86 -12.31 -18.02
N PRO A 142 -11.98 -12.45 -18.78
CA PRO A 142 -13.31 -12.26 -18.21
C PRO A 142 -13.70 -13.47 -17.35
N SER A 143 -13.28 -13.42 -16.10
CA SER A 143 -13.58 -14.49 -15.16
C SER A 143 -13.25 -15.85 -15.80
N SER A 144 -12.04 -16.31 -15.52
CA SER A 144 -11.58 -17.59 -16.06
C SER A 144 -10.73 -18.32 -15.02
N GLY A 145 -11.37 -19.25 -14.32
CA GLY A 145 -10.68 -20.02 -13.30
C GLY A 145 -9.32 -20.50 -13.81
N GLY A 1 5.04 -49.09 28.04
CA GLY A 1 5.50 -47.84 27.46
C GLY A 1 4.41 -47.21 26.58
N SER A 2 4.73 -46.05 26.04
CA SER A 2 3.81 -45.34 25.18
C SER A 2 4.52 -44.17 24.49
N SER A 3 3.86 -43.64 23.48
CA SER A 3 4.41 -42.52 22.73
C SER A 3 3.33 -41.90 21.83
N GLY A 4 3.65 -40.72 21.32
CA GLY A 4 2.72 -40.01 20.45
C GLY A 4 3.41 -38.85 19.74
N SER A 5 2.64 -38.19 18.89
CA SER A 5 3.17 -37.06 18.13
C SER A 5 2.03 -36.35 17.39
N SER A 6 2.21 -35.05 17.22
CA SER A 6 1.21 -34.25 16.52
C SER A 6 1.79 -32.89 16.15
N GLY A 7 1.20 -32.29 15.13
CA GLY A 7 1.66 -30.99 14.65
C GLY A 7 0.69 -30.41 13.62
N SER A 8 1.04 -29.24 13.12
CA SER A 8 0.21 -28.57 12.13
C SER A 8 1.02 -27.45 11.46
N THR A 9 0.31 -26.65 10.67
CA THR A 9 0.93 -25.54 9.97
C THR A 9 1.39 -24.47 10.95
N VAL A 10 2.51 -23.85 10.62
CA VAL A 10 3.06 -22.80 11.47
C VAL A 10 3.69 -21.72 10.60
N LYS A 11 2.83 -21.00 9.89
CA LYS A 11 3.29 -19.94 9.02
C LYS A 11 4.41 -19.15 9.71
N ARG A 12 5.29 -18.59 8.89
CA ARG A 12 6.41 -17.82 9.41
C ARG A 12 6.36 -16.39 8.88
N LYS A 13 6.48 -15.44 9.79
CA LYS A 13 6.46 -14.04 9.43
C LYS A 13 6.78 -13.19 10.66
N PRO A 14 7.23 -11.93 10.38
CA PRO A 14 7.56 -11.01 11.46
C PRO A 14 6.29 -10.45 12.12
N VAL A 15 6.51 -9.47 12.99
CA VAL A 15 5.40 -8.85 13.69
C VAL A 15 4.53 -8.09 12.70
N PHE A 16 5.18 -7.57 11.66
CA PHE A 16 4.48 -6.81 10.64
C PHE A 16 4.44 -7.59 9.32
N VAL A 17 3.64 -7.09 8.40
CA VAL A 17 3.50 -7.72 7.09
C VAL A 17 4.44 -7.04 6.10
N LYS A 18 4.50 -7.61 4.91
CA LYS A 18 5.35 -7.07 3.86
C LYS A 18 4.49 -6.73 2.64
N VAL A 19 5.13 -6.06 1.68
CA VAL A 19 4.44 -5.67 0.46
C VAL A 19 4.21 -6.91 -0.40
N GLU A 20 5.24 -7.74 -0.50
CA GLU A 20 5.15 -8.95 -1.28
C GLU A 20 4.19 -9.95 -0.64
N GLN A 21 3.74 -9.59 0.55
CA GLN A 21 2.81 -10.44 1.29
C GLN A 21 1.37 -10.03 0.99
N LEU A 22 1.23 -8.85 0.42
CA LEU A 22 -0.09 -8.34 0.07
C LEU A 22 -0.72 -9.23 -1.01
N LYS A 23 -2.04 -9.23 -1.03
CA LYS A 23 -2.77 -10.04 -1.99
C LYS A 23 -4.18 -9.46 -2.16
N PRO A 24 -4.79 -9.80 -3.33
CA PRO A 24 -6.14 -9.33 -3.62
C PRO A 24 -7.18 -10.09 -2.80
N GLY A 25 -7.01 -10.03 -1.49
CA GLY A 25 -7.93 -10.71 -0.58
C GLY A 25 -7.48 -10.55 0.86
N THR A 26 -7.18 -9.31 1.23
CA THR A 26 -6.74 -9.02 2.58
C THR A 26 -7.10 -7.57 2.94
N THR A 27 -7.30 -7.35 4.24
CA THR A 27 -7.65 -6.03 4.73
C THR A 27 -6.85 -5.72 6.00
N GLY A 28 -6.87 -4.44 6.37
CA GLY A 28 -6.17 -4.00 7.57
C GLY A 28 -4.78 -4.66 7.66
N HIS A 29 -3.80 -3.96 7.13
CA HIS A 29 -2.43 -4.46 7.15
C HIS A 29 -1.56 -3.54 8.00
N THR A 30 -0.44 -4.10 8.46
CA THR A 30 0.48 -3.34 9.29
C THR A 30 1.92 -3.64 8.88
N LEU A 31 2.53 -2.67 8.21
CA LEU A 31 3.90 -2.81 7.76
C LEU A 31 4.53 -1.43 7.60
N THR A 32 5.86 -1.42 7.54
CA THR A 32 6.60 -0.18 7.40
C THR A 32 6.95 0.06 5.93
N VAL A 33 6.27 1.04 5.34
CA VAL A 33 6.51 1.38 3.94
C VAL A 33 7.37 2.63 3.88
N LYS A 34 8.34 2.60 2.97
CA LYS A 34 9.24 3.73 2.79
C LYS A 34 8.91 4.43 1.47
N VAL A 35 8.57 5.71 1.59
CA VAL A 35 8.23 6.49 0.41
C VAL A 35 9.49 6.70 -0.43
N ILE A 36 9.28 6.72 -1.74
CA ILE A 36 10.38 6.90 -2.68
C ILE A 36 10.13 8.17 -3.51
N GLU A 37 8.93 8.25 -4.04
CA GLU A 37 8.55 9.40 -4.86
C GLU A 37 7.13 9.83 -4.53
N ALA A 38 6.79 11.04 -4.98
CA ALA A 38 5.47 11.59 -4.74
C ALA A 38 5.14 12.59 -5.85
N ASN A 39 4.25 12.17 -6.74
CA ASN A 39 3.83 13.02 -7.85
C ASN A 39 2.30 13.07 -7.89
N ILE A 40 1.80 14.25 -8.22
CA ILE A 40 0.36 14.45 -8.30
C ILE A 40 -0.24 13.37 -9.21
N VAL A 41 -1.52 13.11 -8.99
CA VAL A 41 -2.23 12.10 -9.77
C VAL A 41 -2.60 12.70 -11.14
N VAL A 42 -1.81 12.34 -12.13
CA VAL A 42 -2.04 12.82 -13.48
C VAL A 42 -2.45 11.65 -14.38
N PRO A 43 -3.13 11.99 -15.50
CA PRO A 43 -3.57 10.98 -16.44
C PRO A 43 -2.41 10.45 -17.27
N VAL A 44 -1.98 9.23 -16.93
CA VAL A 44 -0.89 8.60 -17.63
C VAL A 44 -0.67 7.19 -17.08
N THR A 45 -0.98 6.21 -17.91
CA THR A 45 -0.82 4.82 -17.51
C THR A 45 -1.98 4.39 -16.59
N ARG A 46 -2.15 5.16 -15.52
CA ARG A 46 -3.21 4.87 -14.56
C ARG A 46 -3.90 6.16 -14.13
N LYS A 47 -5.18 6.04 -13.83
CA LYS A 47 -5.96 7.19 -13.40
C LYS A 47 -7.33 6.71 -12.89
N THR A 48 -8.23 6.47 -13.83
CA THR A 48 -9.56 6.02 -13.49
C THR A 48 -10.32 7.09 -12.71
N ARG A 49 -10.54 8.21 -13.39
CA ARG A 49 -11.25 9.32 -12.77
C ARG A 49 -10.44 9.87 -11.58
N PRO A 50 -10.74 11.15 -11.24
CA PRO A 50 -10.06 11.79 -10.13
C PRO A 50 -10.57 11.27 -8.78
N ALA A 51 -11.88 11.07 -8.73
CA ALA A 51 -12.51 10.58 -7.52
C ALA A 51 -12.04 11.43 -6.32
N SER A 52 -12.82 12.48 -6.06
CA SER A 52 -12.50 13.37 -4.96
C SER A 52 -13.67 14.34 -4.72
N SER A 53 -14.68 13.82 -4.05
CA SER A 53 -15.86 14.62 -3.75
C SER A 53 -16.87 13.78 -2.96
N LEU A 54 -17.38 14.37 -1.89
CA LEU A 54 -18.35 13.70 -1.05
C LEU A 54 -19.40 14.70 -0.57
N SER A 55 -20.09 15.29 -1.53
CA SER A 55 -21.12 16.27 -1.22
C SER A 55 -20.49 17.47 -0.50
N ARG A 56 -20.99 18.65 -0.85
CA ARG A 56 -20.49 19.88 -0.26
C ARG A 56 -19.00 20.05 -0.57
N PRO A 57 -18.59 21.34 -0.66
CA PRO A 57 -17.20 21.65 -0.95
C PRO A 57 -16.32 21.41 0.27
N SER A 58 -15.71 20.24 0.31
CA SER A 58 -14.83 19.88 1.41
C SER A 58 -13.43 20.43 1.18
N GLN A 59 -12.51 20.04 2.04
CA GLN A 59 -11.14 20.49 1.94
C GLN A 59 -10.57 20.15 0.57
N PRO A 60 -9.62 21.02 0.11
CA PRO A 60 -8.99 20.82 -1.18
C PRO A 60 -7.97 19.68 -1.14
N SER A 61 -8.31 18.60 -1.83
CA SER A 61 -7.45 17.44 -1.88
C SER A 61 -7.22 17.01 -3.32
N ARG A 62 -6.10 17.44 -3.87
CA ARG A 62 -5.76 17.11 -5.25
C ARG A 62 -5.30 15.65 -5.34
N ILE A 63 -5.01 15.09 -4.18
CA ILE A 63 -4.56 13.70 -4.12
C ILE A 63 -3.25 13.56 -4.89
N VAL A 64 -2.27 12.96 -4.24
CA VAL A 64 -0.96 12.76 -4.85
C VAL A 64 -0.55 11.29 -4.69
N GLU A 65 0.07 10.77 -5.74
CA GLU A 65 0.52 9.39 -5.72
C GLU A 65 1.99 9.32 -5.29
N CYS A 66 2.23 8.48 -4.29
CA CYS A 66 3.58 8.31 -3.78
C CYS A 66 3.93 6.81 -3.83
N LEU A 67 5.22 6.55 -4.03
CA LEU A 67 5.69 5.18 -4.10
C LEU A 67 6.24 4.76 -2.74
N ILE A 68 5.60 3.75 -2.16
CA ILE A 68 6.02 3.25 -0.86
C ILE A 68 6.09 1.72 -0.90
N GLY A 69 6.94 1.17 -0.05
CA GLY A 69 7.10 -0.27 0.02
C GLY A 69 8.30 -0.64 0.90
N ASP A 70 8.64 -1.92 0.86
CA ASP A 70 9.76 -2.42 1.64
C ASP A 70 10.75 -3.14 0.72
N GLU A 71 11.81 -3.65 1.32
CA GLU A 71 12.83 -4.35 0.57
C GLU A 71 12.18 -5.36 -0.39
N THR A 72 11.04 -5.88 0.03
CA THR A 72 10.32 -6.85 -0.77
C THR A 72 9.85 -6.21 -2.08
N GLY A 73 8.78 -5.45 -1.99
CA GLY A 73 8.23 -4.79 -3.15
C GLY A 73 7.58 -3.45 -2.78
N CYS A 74 6.92 -2.85 -3.75
CA CYS A 74 6.25 -1.57 -3.53
C CYS A 74 4.89 -1.63 -4.21
N ILE A 75 4.07 -0.63 -3.91
CA ILE A 75 2.74 -0.54 -4.47
C ILE A 75 2.33 0.93 -4.59
N LEU A 76 1.30 1.16 -5.40
CA LEU A 76 0.81 2.52 -5.60
C LEU A 76 -0.26 2.82 -4.56
N PHE A 77 0.15 3.58 -3.55
CA PHE A 77 -0.77 3.95 -2.48
C PHE A 77 -1.14 5.43 -2.58
N THR A 78 -2.44 5.69 -2.45
CA THR A 78 -2.95 7.05 -2.53
C THR A 78 -2.90 7.71 -1.15
N ALA A 79 -2.44 8.95 -1.15
CA ALA A 79 -2.33 9.70 0.09
C ALA A 79 -3.15 10.99 -0.03
N ARG A 80 -3.99 11.22 0.97
CA ARG A 80 -4.83 12.41 0.98
C ARG A 80 -3.98 13.65 1.28
N ASN A 81 -4.58 14.80 1.03
CA ASN A 81 -3.89 16.07 1.25
C ASN A 81 -3.23 16.04 2.64
N ASP A 82 -3.77 15.19 3.50
CA ASP A 82 -3.25 15.05 4.85
C ASP A 82 -2.13 14.01 4.85
N GLN A 83 -2.49 12.79 4.49
CA GLN A 83 -1.52 11.70 4.45
C GLN A 83 -0.33 12.09 3.57
N VAL A 84 -0.63 12.77 2.48
CA VAL A 84 0.41 13.20 1.55
C VAL A 84 1.64 13.64 2.35
N ASP A 85 1.39 14.36 3.42
CA ASP A 85 2.46 14.84 4.27
C ASP A 85 3.26 13.65 4.80
N LEU A 86 2.55 12.76 5.45
CA LEU A 86 3.18 11.57 6.02
C LEU A 86 3.74 10.71 4.89
N MET A 87 3.13 10.86 3.71
CA MET A 87 3.57 10.10 2.55
C MET A 87 4.50 10.94 1.67
N LYS A 88 5.43 11.62 2.33
CA LYS A 88 6.38 12.46 1.62
C LYS A 88 7.47 11.58 1.01
N PRO A 89 8.08 12.10 -0.09
CA PRO A 89 9.13 11.37 -0.78
C PRO A 89 10.44 11.42 0.01
N GLY A 90 10.98 10.25 0.29
CA GLY A 90 12.22 10.14 1.02
C GLY A 90 11.96 10.07 2.53
N ALA A 91 10.79 9.55 2.88
CA ALA A 91 10.40 9.44 4.27
C ALA A 91 9.85 8.02 4.52
N THR A 92 9.83 7.66 5.79
CA THR A 92 9.33 6.34 6.18
C THR A 92 8.09 6.49 7.05
N VAL A 93 7.11 5.63 6.78
CA VAL A 93 5.86 5.65 7.52
C VAL A 93 5.24 4.26 7.49
N ILE A 94 4.39 4.00 8.48
CA ILE A 94 3.72 2.71 8.58
C ILE A 94 2.26 2.87 8.18
N LEU A 95 1.67 1.76 7.77
CA LEU A 95 0.27 1.77 7.36
C LEU A 95 -0.53 0.85 8.29
N ARG A 96 -1.42 1.47 9.04
CA ARG A 96 -2.26 0.71 9.98
C ARG A 96 -3.69 0.62 9.44
N ASN A 97 -4.20 -0.60 9.46
CA ASN A 97 -5.56 -0.84 8.98
C ASN A 97 -5.62 -0.57 7.47
N SER A 98 -4.51 -0.84 6.81
CA SER A 98 -4.43 -0.64 5.37
C SER A 98 -5.10 -1.80 4.63
N ARG A 99 -5.96 -1.45 3.69
CA ARG A 99 -6.66 -2.45 2.92
C ARG A 99 -6.10 -2.51 1.50
N ILE A 100 -6.45 -3.57 0.80
CA ILE A 100 -5.99 -3.76 -0.57
C ILE A 100 -7.20 -3.77 -1.51
N ASP A 101 -7.19 -2.84 -2.45
CA ASP A 101 -8.27 -2.74 -3.41
C ASP A 101 -7.89 -3.49 -4.69
N MET A 102 -8.76 -4.41 -5.08
CA MET A 102 -8.51 -5.19 -6.29
C MET A 102 -8.70 -4.35 -7.54
N PHE A 103 -7.57 -3.93 -8.11
CA PHE A 103 -7.61 -3.12 -9.31
C PHE A 103 -7.61 -3.99 -10.57
N LYS A 104 -8.06 -3.41 -11.67
CA LYS A 104 -8.12 -4.11 -12.93
C LYS A 104 -6.84 -4.93 -13.11
N GLY A 105 -6.94 -6.21 -12.78
CA GLY A 105 -5.79 -7.10 -12.90
C GLY A 105 -4.60 -6.58 -12.09
N THR A 106 -4.92 -5.91 -10.99
CA THR A 106 -3.88 -5.36 -10.13
C THR A 106 -4.46 -5.03 -8.75
N MET A 107 -3.63 -4.40 -7.94
CA MET A 107 -4.04 -4.02 -6.59
C MET A 107 -3.25 -2.81 -6.09
N ARG A 108 -3.78 -2.18 -5.05
CA ARG A 108 -3.13 -1.02 -4.47
C ARG A 108 -3.37 -0.98 -2.97
N LEU A 109 -2.47 -0.28 -2.28
CA LEU A 109 -2.57 -0.15 -0.84
C LEU A 109 -3.25 1.18 -0.49
N GLY A 110 -4.19 1.10 0.44
CA GLY A 110 -4.91 2.28 0.87
C GLY A 110 -5.33 2.18 2.34
N VAL A 111 -5.71 3.31 2.90
CA VAL A 111 -6.13 3.36 4.29
C VAL A 111 -7.54 3.95 4.38
N ASP A 112 -8.40 3.26 5.11
CA ASP A 112 -9.77 3.70 5.27
C ASP A 112 -9.83 4.75 6.40
N LYS A 113 -11.02 5.29 6.59
CA LYS A 113 -11.23 6.30 7.63
C LYS A 113 -10.85 5.71 8.99
N TRP A 114 -11.26 4.45 9.18
CA TRP A 114 -10.99 3.77 10.43
C TRP A 114 -9.48 3.52 10.51
N GLY A 115 -8.82 3.67 9.37
CA GLY A 115 -7.39 3.47 9.31
C GLY A 115 -6.64 4.81 9.26
N ARG A 116 -5.48 4.83 9.89
CA ARG A 116 -4.67 6.02 9.93
C ARG A 116 -3.18 5.68 9.82
N ILE A 117 -2.40 6.67 9.41
CA ILE A 117 -0.97 6.47 9.26
C ILE A 117 -0.30 6.50 10.64
N GLU A 118 0.86 5.87 10.73
CA GLU A 118 1.60 5.81 11.97
C GLU A 118 2.71 6.86 11.98
N ALA A 119 3.57 6.76 10.98
CA ALA A 119 4.69 7.69 10.86
C ALA A 119 5.84 7.21 11.74
N THR A 120 6.26 5.98 11.50
CA THR A 120 7.35 5.40 12.27
C THR A 120 8.47 6.42 12.46
N GLY A 121 9.01 6.88 11.34
CA GLY A 121 10.09 7.86 11.38
C GLY A 121 11.01 7.69 10.17
N ALA A 122 11.89 6.70 10.26
CA ALA A 122 12.83 6.42 9.19
C ALA A 122 12.85 4.91 8.91
N ALA A 123 13.25 4.58 7.70
CA ALA A 123 13.32 3.19 7.28
C ALA A 123 14.76 2.69 7.45
N SER A 124 14.87 1.45 7.91
CA SER A 124 16.17 0.85 8.11
C SER A 124 16.45 -0.18 7.00
N PHE A 125 15.54 -0.22 6.04
CA PHE A 125 15.68 -1.15 4.93
C PHE A 125 15.72 -0.40 3.60
N THR A 126 16.10 -1.12 2.56
CA THR A 126 16.19 -0.55 1.23
C THR A 126 15.08 -1.09 0.33
N VAL A 127 14.12 -0.23 0.03
CA VAL A 127 13.00 -0.62 -0.82
C VAL A 127 13.54 -1.18 -2.13
N LYS A 128 12.79 -2.14 -2.67
CA LYS A 128 13.18 -2.77 -3.92
C LYS A 128 12.29 -2.24 -5.06
N GLU A 129 12.81 -1.24 -5.75
CA GLU A 129 12.08 -0.63 -6.85
C GLU A 129 12.14 -1.54 -8.09
N ASP A 130 11.67 -2.77 -7.90
CA ASP A 130 11.66 -3.73 -8.98
C ASP A 130 10.45 -4.65 -8.84
N ASN A 131 10.25 -5.13 -7.62
CA ASN A 131 9.15 -6.02 -7.33
C ASN A 131 7.89 -5.18 -7.06
N ASN A 132 7.58 -4.32 -8.02
CA ASN A 132 6.40 -3.47 -7.90
C ASN A 132 5.14 -4.32 -8.03
N LEU A 133 4.20 -4.06 -7.13
CA LEU A 133 2.95 -4.78 -7.14
C LEU A 133 1.90 -3.98 -7.90
N SER A 134 2.17 -2.69 -8.05
CA SER A 134 1.26 -1.80 -8.76
C SER A 134 1.47 -1.94 -10.26
N LEU A 135 2.38 -2.83 -10.63
CA LEU A 135 2.67 -3.06 -12.03
C LEU A 135 2.23 -4.49 -12.40
N VAL A 136 2.78 -5.45 -11.67
CA VAL A 136 2.47 -6.85 -11.92
C VAL A 136 0.94 -7.02 -11.95
N GLU A 137 0.50 -7.97 -12.76
CA GLU A 137 -0.92 -8.24 -12.89
C GLU A 137 -1.22 -9.67 -12.45
N TYR A 138 -2.26 -9.79 -11.63
CA TYR A 138 -2.67 -11.10 -11.13
C TYR A 138 -3.75 -11.72 -12.02
N GLU A 139 -3.96 -13.02 -11.83
CA GLU A 139 -4.96 -13.73 -12.61
C GLU A 139 -6.36 -13.27 -12.22
N SER A 140 -6.64 -13.36 -10.93
CA SER A 140 -7.94 -12.96 -10.41
C SER A 140 -9.04 -13.42 -11.37
N GLY A 141 -9.48 -14.65 -11.17
CA GLY A 141 -10.54 -15.21 -12.01
C GLY A 141 -11.73 -15.66 -11.16
N PRO A 142 -12.55 -16.55 -11.76
CA PRO A 142 -13.73 -17.06 -11.07
C PRO A 142 -13.34 -18.08 -10.01
N SER A 143 -13.85 -17.84 -8.80
CA SER A 143 -13.56 -18.74 -7.68
C SER A 143 -12.09 -18.65 -7.31
N SER A 144 -11.82 -18.82 -6.02
CA SER A 144 -10.45 -18.76 -5.53
C SER A 144 -10.40 -19.30 -4.09
N GLY A 145 -9.60 -20.33 -3.91
CA GLY A 145 -9.44 -20.93 -2.59
C GLY A 145 -7.99 -20.85 -2.12
N GLY A 1 -20.09 -39.00 15.19
CA GLY A 1 -19.61 -38.80 16.55
C GLY A 1 -19.07 -37.37 16.73
N SER A 2 -18.36 -37.18 17.84
CA SER A 2 -17.79 -35.88 18.14
C SER A 2 -16.58 -36.04 19.06
N SER A 3 -15.42 -35.77 18.50
CA SER A 3 -14.18 -35.88 19.25
C SER A 3 -13.00 -35.37 18.41
N GLY A 4 -12.13 -34.61 19.06
CA GLY A 4 -10.96 -34.06 18.39
C GLY A 4 -9.89 -33.64 19.40
N SER A 5 -8.70 -33.38 18.88
CA SER A 5 -7.60 -32.97 19.72
C SER A 5 -6.34 -32.80 18.88
N SER A 6 -6.07 -31.56 18.51
CA SER A 6 -4.90 -31.24 17.70
C SER A 6 -4.75 -29.74 17.56
N GLY A 7 -3.50 -29.30 17.47
CA GLY A 7 -3.21 -27.89 17.33
C GLY A 7 -3.47 -27.42 15.90
N SER A 8 -2.70 -26.41 15.49
CA SER A 8 -2.84 -25.86 14.15
C SER A 8 -1.61 -25.02 13.81
N THR A 9 -0.81 -25.54 12.88
CA THR A 9 0.39 -24.86 12.45
C THR A 9 0.75 -25.26 11.02
N VAL A 10 1.32 -24.30 10.29
CA VAL A 10 1.72 -24.54 8.92
C VAL A 10 2.68 -23.43 8.47
N LYS A 11 2.31 -22.21 8.80
CA LYS A 11 3.14 -21.07 8.44
C LYS A 11 3.14 -20.07 9.60
N ARG A 12 4.14 -19.19 9.57
CA ARG A 12 4.26 -18.18 10.61
C ARG A 12 4.65 -16.84 9.99
N LYS A 13 4.24 -15.78 10.66
CA LYS A 13 4.53 -14.43 10.19
C LYS A 13 4.91 -13.55 11.39
N PRO A 14 5.65 -12.45 11.08
CA PRO A 14 6.08 -11.52 12.11
C PRO A 14 4.91 -10.64 12.57
N VAL A 15 5.25 -9.59 13.30
CA VAL A 15 4.25 -8.67 13.81
C VAL A 15 3.75 -7.79 12.67
N PHE A 16 4.64 -7.53 11.72
CA PHE A 16 4.31 -6.71 10.58
C PHE A 16 4.37 -7.52 9.28
N VAL A 17 3.55 -7.10 8.32
CA VAL A 17 3.50 -7.77 7.04
C VAL A 17 4.48 -7.11 6.08
N LYS A 18 4.57 -7.66 4.88
CA LYS A 18 5.46 -7.14 3.87
C LYS A 18 4.65 -6.80 2.61
N VAL A 19 5.26 -6.00 1.75
CA VAL A 19 4.62 -5.59 0.51
C VAL A 19 4.40 -6.83 -0.37
N GLU A 20 5.47 -7.60 -0.52
CA GLU A 20 5.40 -8.81 -1.33
C GLU A 20 4.44 -9.82 -0.70
N GLN A 21 4.02 -9.52 0.52
CA GLN A 21 3.11 -10.38 1.24
C GLN A 21 1.67 -9.90 1.06
N LEU A 22 1.53 -8.85 0.27
CA LEU A 22 0.21 -8.28 0.01
C LEU A 22 -0.50 -9.12 -1.05
N LYS A 23 -1.82 -9.14 -0.96
CA LYS A 23 -2.63 -9.90 -1.89
C LYS A 23 -4.06 -9.34 -1.91
N PRO A 24 -4.77 -9.61 -3.03
CA PRO A 24 -6.14 -9.13 -3.18
C PRO A 24 -7.10 -9.98 -2.33
N GLY A 25 -8.07 -9.30 -1.75
CA GLY A 25 -9.05 -9.96 -0.92
C GLY A 25 -8.67 -9.88 0.57
N THR A 26 -7.67 -9.05 0.84
CA THR A 26 -7.19 -8.87 2.20
C THR A 26 -7.38 -7.42 2.64
N THR A 27 -7.41 -7.23 3.96
CA THR A 27 -7.58 -5.90 4.52
C THR A 27 -6.81 -5.78 5.84
N GLY A 28 -6.89 -4.59 6.41
CA GLY A 28 -6.21 -4.33 7.67
C GLY A 28 -4.82 -4.99 7.69
N HIS A 29 -3.83 -4.21 7.28
CA HIS A 29 -2.47 -4.71 7.25
C HIS A 29 -1.57 -3.81 8.10
N THR A 30 -0.42 -4.34 8.46
CA THR A 30 0.53 -3.60 9.27
C THR A 30 1.96 -3.89 8.81
N LEU A 31 2.57 -2.87 8.21
CA LEU A 31 3.93 -3.00 7.71
C LEU A 31 4.56 -1.61 7.64
N THR A 32 5.87 -1.61 7.38
CA THR A 32 6.61 -0.37 7.28
C THR A 32 6.95 -0.06 5.81
N VAL A 33 6.24 0.92 5.27
CA VAL A 33 6.46 1.31 3.89
C VAL A 33 7.30 2.59 3.85
N LYS A 34 8.30 2.58 2.97
CA LYS A 34 9.18 3.72 2.83
C LYS A 34 8.89 4.43 1.51
N VAL A 35 8.52 5.69 1.62
CA VAL A 35 8.20 6.49 0.44
C VAL A 35 9.46 6.64 -0.41
N ILE A 36 9.25 6.66 -1.73
CA ILE A 36 10.36 6.81 -2.65
C ILE A 36 10.15 8.06 -3.50
N GLU A 37 8.95 8.14 -4.08
CA GLU A 37 8.61 9.28 -4.92
C GLU A 37 7.21 9.79 -4.57
N ALA A 38 6.95 11.02 -4.96
CA ALA A 38 5.67 11.64 -4.70
C ALA A 38 5.37 12.67 -5.79
N ASN A 39 4.47 12.29 -6.69
CA ASN A 39 4.09 13.16 -7.79
C ASN A 39 2.58 13.07 -8.01
N ILE A 40 2.00 14.20 -8.40
CA ILE A 40 0.56 14.26 -8.65
C ILE A 40 0.19 13.19 -9.67
N VAL A 41 -1.08 12.82 -9.65
CA VAL A 41 -1.59 11.81 -10.57
C VAL A 41 -1.81 12.44 -11.95
N VAL A 42 -1.01 11.99 -12.90
CA VAL A 42 -1.10 12.49 -14.26
C VAL A 42 -1.95 11.54 -15.10
N PRO A 43 -2.55 12.11 -16.18
CA PRO A 43 -3.39 11.32 -17.06
C PRO A 43 -2.55 10.42 -17.97
N VAL A 44 -2.84 9.12 -17.89
CA VAL A 44 -2.12 8.15 -18.68
C VAL A 44 -2.81 6.79 -18.57
N THR A 45 -3.08 6.40 -17.34
CA THR A 45 -3.74 5.13 -17.07
C THR A 45 -4.10 5.01 -15.59
N ARG A 46 -3.18 5.45 -14.75
CA ARG A 46 -3.38 5.40 -13.31
C ARG A 46 -4.09 6.67 -12.84
N LYS A 47 -5.38 6.51 -12.55
CA LYS A 47 -6.18 7.63 -12.08
C LYS A 47 -6.12 8.75 -13.11
N THR A 48 -6.96 9.76 -12.91
CA THR A 48 -7.02 10.90 -13.79
C THR A 48 -7.15 10.42 -15.25
N ARG A 49 -8.00 9.43 -15.45
CA ARG A 49 -8.22 8.89 -16.77
C ARG A 49 -8.86 9.94 -17.68
N PRO A 50 -9.98 10.52 -17.18
CA PRO A 50 -10.69 11.54 -17.93
C PRO A 50 -9.94 12.87 -17.90
N ALA A 51 -10.60 13.90 -18.40
CA ALA A 51 -10.01 15.23 -18.45
C ALA A 51 -10.50 16.05 -17.26
N SER A 52 -9.63 16.92 -16.77
CA SER A 52 -9.95 17.76 -15.64
C SER A 52 -10.30 16.90 -14.43
N SER A 53 -9.46 16.99 -13.42
CA SER A 53 -9.66 16.23 -12.19
C SER A 53 -10.97 16.63 -11.53
N LEU A 54 -11.01 17.88 -11.05
CA LEU A 54 -12.20 18.39 -10.39
C LEU A 54 -13.37 18.39 -11.39
N SER A 55 -14.17 17.34 -11.32
CA SER A 55 -15.32 17.21 -12.20
C SER A 55 -16.58 16.92 -11.38
N ARG A 56 -16.60 17.49 -10.18
CA ARG A 56 -17.74 17.31 -9.29
C ARG A 56 -17.75 18.38 -8.20
N PRO A 57 -18.98 18.74 -7.75
CA PRO A 57 -19.14 19.75 -6.72
C PRO A 57 -18.77 19.19 -5.35
N SER A 58 -17.46 19.04 -5.14
CA SER A 58 -16.97 18.51 -3.89
C SER A 58 -15.68 19.25 -3.49
N GLN A 59 -15.49 19.36 -2.18
CA GLN A 59 -14.31 20.04 -1.65
C GLN A 59 -13.06 19.52 -2.36
N PRO A 60 -12.03 20.42 -2.44
CA PRO A 60 -10.78 20.06 -3.07
C PRO A 60 -9.95 19.14 -2.17
N SER A 61 -9.52 18.02 -2.75
CA SER A 61 -8.72 17.06 -2.01
C SER A 61 -7.44 16.74 -2.78
N ARG A 62 -6.41 17.53 -2.49
CA ARG A 62 -5.13 17.35 -3.15
C ARG A 62 -4.66 15.91 -3.02
N ILE A 63 -4.74 15.19 -4.13
CA ILE A 63 -4.33 13.79 -4.16
C ILE A 63 -3.05 13.65 -4.99
N VAL A 64 -2.09 12.97 -4.42
CA VAL A 64 -0.81 12.74 -5.08
C VAL A 64 -0.38 11.29 -4.91
N GLU A 65 0.14 10.73 -5.99
CA GLU A 65 0.59 9.35 -5.97
C GLU A 65 2.04 9.27 -5.49
N CYS A 66 2.26 8.44 -4.48
CA CYS A 66 3.59 8.26 -3.93
C CYS A 66 3.93 6.77 -3.95
N LEU A 67 5.22 6.49 -4.07
CA LEU A 67 5.68 5.11 -4.10
C LEU A 67 6.22 4.73 -2.73
N ILE A 68 5.60 3.71 -2.14
CA ILE A 68 6.00 3.23 -0.83
C ILE A 68 6.11 1.71 -0.86
N GLY A 69 6.95 1.18 0.02
CA GLY A 69 7.15 -0.25 0.10
C GLY A 69 8.35 -0.58 0.99
N ASP A 70 8.80 -1.83 0.87
CA ASP A 70 9.94 -2.28 1.65
C ASP A 70 10.90 -3.06 0.75
N GLU A 71 11.97 -3.55 1.36
CA GLU A 71 12.97 -4.30 0.63
C GLU A 71 12.29 -5.32 -0.30
N THR A 72 11.15 -5.83 0.18
CA THR A 72 10.41 -6.81 -0.58
C THR A 72 9.93 -6.21 -1.91
N GLY A 73 8.87 -5.43 -1.82
CA GLY A 73 8.31 -4.78 -3.00
C GLY A 73 7.67 -3.45 -2.64
N CYS A 74 7.01 -2.86 -3.64
CA CYS A 74 6.35 -1.59 -3.44
C CYS A 74 5.00 -1.62 -4.18
N ILE A 75 4.14 -0.67 -3.83
CA ILE A 75 2.84 -0.59 -4.45
C ILE A 75 2.45 0.88 -4.61
N LEU A 76 1.46 1.12 -5.45
CA LEU A 76 0.98 2.47 -5.70
C LEU A 76 -0.13 2.81 -4.71
N PHE A 77 0.24 3.57 -3.69
CA PHE A 77 -0.71 3.97 -2.67
C PHE A 77 -1.13 5.43 -2.85
N THR A 78 -2.39 5.69 -2.54
CA THR A 78 -2.94 7.03 -2.66
C THR A 78 -2.96 7.72 -1.30
N ALA A 79 -2.48 8.96 -1.29
CA ALA A 79 -2.44 9.74 -0.07
C ALA A 79 -3.28 11.00 -0.24
N ARG A 80 -4.12 11.25 0.75
CA ARG A 80 -4.99 12.42 0.73
C ARG A 80 -4.17 13.70 0.95
N ASN A 81 -4.80 14.82 0.63
CA ASN A 81 -4.14 16.11 0.79
C ASN A 81 -3.48 16.17 2.17
N ASP A 82 -3.99 15.35 3.08
CA ASP A 82 -3.47 15.30 4.43
C ASP A 82 -2.32 14.29 4.49
N GLN A 83 -2.66 13.03 4.23
CA GLN A 83 -1.68 11.96 4.24
C GLN A 83 -0.48 12.32 3.35
N VAL A 84 -0.81 12.99 2.25
CA VAL A 84 0.23 13.39 1.30
C VAL A 84 1.46 13.86 2.08
N ASP A 85 1.20 14.62 3.14
CA ASP A 85 2.28 15.14 3.96
C ASP A 85 3.07 13.97 4.56
N LEU A 86 2.33 13.06 5.17
CA LEU A 86 2.94 11.90 5.79
C LEU A 86 3.63 11.06 4.72
N MET A 87 2.94 10.92 3.59
CA MET A 87 3.48 10.14 2.48
C MET A 87 4.49 10.98 1.67
N LYS A 88 5.42 11.57 2.38
CA LYS A 88 6.44 12.39 1.74
C LYS A 88 7.55 11.49 1.20
N PRO A 89 8.20 11.97 0.11
CA PRO A 89 9.28 11.22 -0.51
C PRO A 89 10.55 11.29 0.33
N GLY A 90 11.16 10.13 0.53
CA GLY A 90 12.38 10.04 1.31
C GLY A 90 12.07 9.96 2.80
N ALA A 91 10.86 9.51 3.11
CA ALA A 91 10.43 9.39 4.49
C ALA A 91 9.89 7.97 4.73
N THR A 92 9.83 7.60 6.00
CA THR A 92 9.34 6.29 6.37
C THR A 92 8.06 6.41 7.20
N VAL A 93 7.05 5.67 6.79
CA VAL A 93 5.77 5.68 7.48
C VAL A 93 5.20 4.26 7.52
N ILE A 94 4.35 4.03 8.51
CA ILE A 94 3.73 2.73 8.68
C ILE A 94 2.24 2.84 8.36
N LEU A 95 1.68 1.72 7.90
CA LEU A 95 0.27 1.68 7.56
C LEU A 95 -0.44 0.69 8.49
N ARG A 96 -1.38 1.22 9.25
CA ARG A 96 -2.15 0.41 10.19
C ARG A 96 -3.60 0.30 9.73
N ASN A 97 -4.07 -0.94 9.66
CA ASN A 97 -5.44 -1.21 9.24
C ASN A 97 -5.58 -0.88 7.75
N SER A 98 -4.45 -0.90 7.06
CA SER A 98 -4.43 -0.61 5.64
C SER A 98 -5.09 -1.75 4.87
N ARG A 99 -5.97 -1.38 3.95
CA ARG A 99 -6.68 -2.36 3.14
C ARG A 99 -6.17 -2.32 1.70
N ILE A 100 -6.37 -3.43 1.01
CA ILE A 100 -5.94 -3.53 -0.38
C ILE A 100 -7.17 -3.48 -1.30
N ASP A 101 -7.12 -2.56 -2.24
CA ASP A 101 -8.21 -2.39 -3.18
C ASP A 101 -7.89 -3.17 -4.47
N MET A 102 -8.82 -4.03 -4.85
CA MET A 102 -8.66 -4.83 -6.04
C MET A 102 -8.91 -3.99 -7.30
N PHE A 103 -7.81 -3.51 -7.88
CA PHE A 103 -7.90 -2.69 -9.09
C PHE A 103 -7.96 -3.57 -10.33
N LYS A 104 -8.50 -3.00 -11.40
CA LYS A 104 -8.62 -3.72 -12.66
C LYS A 104 -7.33 -4.50 -12.92
N GLY A 105 -7.37 -5.78 -12.57
CA GLY A 105 -6.21 -6.64 -12.76
C GLY A 105 -4.99 -6.08 -12.04
N THR A 106 -5.22 -5.61 -10.82
CA THR A 106 -4.15 -5.05 -10.01
C THR A 106 -4.66 -4.69 -8.62
N MET A 107 -3.76 -4.15 -7.81
CA MET A 107 -4.10 -3.76 -6.45
C MET A 107 -3.25 -2.58 -5.98
N ARG A 108 -3.68 -1.98 -4.88
CA ARG A 108 -2.97 -0.85 -4.33
C ARG A 108 -3.17 -0.79 -2.81
N LEU A 109 -2.31 -0.01 -2.16
CA LEU A 109 -2.38 0.13 -0.71
C LEU A 109 -3.15 1.41 -0.38
N GLY A 110 -4.03 1.28 0.60
CA GLY A 110 -4.83 2.42 1.03
C GLY A 110 -5.21 2.29 2.51
N VAL A 111 -5.76 3.38 3.04
CA VAL A 111 -6.16 3.41 4.43
C VAL A 111 -7.60 3.93 4.53
N ASP A 112 -8.49 3.04 4.94
CA ASP A 112 -9.89 3.38 5.08
C ASP A 112 -10.05 4.36 6.26
N LYS A 113 -11.28 4.81 6.44
CA LYS A 113 -11.58 5.75 7.52
C LYS A 113 -11.28 5.08 8.86
N TRP A 114 -11.23 3.75 8.83
CA TRP A 114 -10.95 2.98 10.03
C TRP A 114 -9.45 2.70 10.07
N GLY A 115 -8.70 3.53 9.36
CA GLY A 115 -7.26 3.38 9.31
C GLY A 115 -6.56 4.75 9.28
N ARG A 116 -5.42 4.81 9.95
CA ARG A 116 -4.66 6.04 10.01
C ARG A 116 -3.17 5.75 9.81
N ILE A 117 -2.46 6.77 9.32
CA ILE A 117 -1.04 6.64 9.08
C ILE A 117 -0.29 6.73 10.42
N GLU A 118 0.90 6.14 10.43
CA GLU A 118 1.73 6.15 11.62
C GLU A 118 2.77 7.27 11.55
N ALA A 119 3.60 7.19 10.52
CA ALA A 119 4.64 8.17 10.32
C ALA A 119 5.87 7.81 11.15
N THR A 120 6.21 6.52 11.10
CA THR A 120 7.36 6.02 11.83
C THR A 120 8.57 6.93 11.61
N GLY A 121 9.65 6.61 12.31
CA GLY A 121 10.88 7.38 12.20
C GLY A 121 11.44 7.31 10.78
N ALA A 122 12.42 6.43 10.62
CA ALA A 122 13.05 6.25 9.32
C ALA A 122 13.03 4.77 8.95
N ALA A 123 13.36 4.51 7.69
CA ALA A 123 13.39 3.13 7.20
C ALA A 123 14.81 2.59 7.31
N SER A 124 14.92 1.45 7.98
CA SER A 124 16.21 0.80 8.17
C SER A 124 16.45 -0.21 7.05
N PHE A 125 15.57 -0.18 6.06
CA PHE A 125 15.67 -1.09 4.94
C PHE A 125 15.67 -0.33 3.61
N THR A 126 16.16 -1.00 2.57
CA THR A 126 16.22 -0.39 1.26
C THR A 126 15.12 -0.96 0.36
N VAL A 127 14.17 -0.10 0.03
CA VAL A 127 13.06 -0.51 -0.82
C VAL A 127 13.61 -1.07 -2.14
N LYS A 128 12.96 -2.12 -2.61
CA LYS A 128 13.36 -2.75 -3.86
C LYS A 128 12.49 -2.24 -5.00
N GLU A 129 13.02 -1.24 -5.70
CA GLU A 129 12.29 -0.65 -6.82
C GLU A 129 12.34 -1.58 -8.04
N ASP A 130 11.88 -2.81 -7.82
CA ASP A 130 11.86 -3.79 -8.88
C ASP A 130 10.63 -4.70 -8.71
N ASN A 131 10.43 -5.14 -7.48
CA ASN A 131 9.30 -6.01 -7.17
C ASN A 131 8.07 -5.16 -6.89
N ASN A 132 7.63 -4.44 -7.91
CA ASN A 132 6.47 -3.59 -7.79
C ASN A 132 5.20 -4.43 -7.94
N LEU A 133 4.22 -4.13 -7.10
CA LEU A 133 2.96 -4.84 -7.13
C LEU A 133 1.88 -3.94 -7.71
N SER A 134 2.32 -2.81 -8.25
CA SER A 134 1.40 -1.86 -8.84
C SER A 134 1.52 -1.88 -10.37
N LEU A 135 2.40 -2.77 -10.84
CA LEU A 135 2.62 -2.91 -12.27
C LEU A 135 1.98 -4.21 -12.76
N VAL A 136 2.56 -5.32 -12.32
CA VAL A 136 2.07 -6.63 -12.70
C VAL A 136 0.54 -6.65 -12.58
N GLU A 137 -0.06 -7.68 -13.15
CA GLU A 137 -1.50 -7.84 -13.11
C GLU A 137 -1.88 -9.26 -12.68
N TYR A 138 -2.87 -9.33 -11.82
CA TYR A 138 -3.34 -10.62 -11.32
C TYR A 138 -4.53 -11.12 -12.13
N GLU A 139 -4.82 -12.41 -11.99
CA GLU A 139 -5.94 -13.01 -12.69
C GLU A 139 -7.24 -12.73 -11.95
N SER A 140 -8.15 -12.04 -12.64
CA SER A 140 -9.43 -11.70 -12.06
C SER A 140 -10.53 -11.85 -13.11
N GLY A 141 -11.77 -11.82 -12.64
CA GLY A 141 -12.91 -11.95 -13.52
C GLY A 141 -13.41 -13.39 -13.57
N PRO A 142 -14.74 -13.54 -13.81
CA PRO A 142 -15.36 -14.86 -13.88
C PRO A 142 -15.01 -15.54 -15.20
N SER A 143 -13.73 -15.79 -15.39
CA SER A 143 -13.26 -16.44 -16.60
C SER A 143 -14.01 -17.74 -16.82
N SER A 144 -14.88 -17.74 -17.82
CA SER A 144 -15.67 -18.92 -18.14
C SER A 144 -16.12 -18.86 -19.60
N GLY A 145 -15.51 -19.71 -20.42
CA GLY A 145 -15.84 -19.76 -21.82
C GLY A 145 -16.61 -21.04 -22.16
N GLY A 1 -10.26 -30.79 49.48
CA GLY A 1 -9.12 -30.93 48.59
C GLY A 1 -9.10 -29.80 47.55
N SER A 2 -8.13 -29.89 46.66
CA SER A 2 -7.98 -28.89 45.61
C SER A 2 -6.75 -29.19 44.77
N SER A 3 -6.62 -28.46 43.67
CA SER A 3 -5.49 -28.64 42.77
C SER A 3 -4.97 -27.28 42.30
N GLY A 4 -3.84 -27.32 41.61
CA GLY A 4 -3.24 -26.09 41.10
C GLY A 4 -2.14 -26.42 40.08
N SER A 5 -2.05 -25.58 39.07
CA SER A 5 -1.05 -25.75 38.03
C SER A 5 -1.18 -24.66 36.98
N SER A 6 -0.04 -24.13 36.57
CA SER A 6 -0.01 -23.07 35.58
C SER A 6 1.44 -22.70 35.23
N GLY A 7 1.58 -21.92 34.18
CA GLY A 7 2.90 -21.49 33.75
C GLY A 7 2.90 -20.00 33.39
N SER A 8 3.96 -19.59 32.70
CA SER A 8 4.10 -18.20 32.29
C SER A 8 5.12 -18.09 31.17
N THR A 9 4.72 -17.37 30.11
CA THR A 9 5.59 -17.18 28.97
C THR A 9 4.94 -16.23 27.97
N VAL A 10 5.76 -15.38 27.37
CA VAL A 10 5.28 -14.42 26.40
C VAL A 10 6.46 -13.57 25.91
N LYS A 11 6.58 -13.50 24.58
CA LYS A 11 7.65 -12.73 23.98
C LYS A 11 7.10 -11.38 23.51
N ARG A 12 8.01 -10.51 23.11
CA ARG A 12 7.63 -9.19 22.64
C ARG A 12 8.51 -8.77 21.46
N LYS A 13 8.19 -9.35 20.30
CA LYS A 13 8.94 -9.05 19.10
C LYS A 13 7.99 -8.47 18.04
N PRO A 14 8.58 -7.68 17.11
CA PRO A 14 7.80 -7.06 16.04
C PRO A 14 7.41 -8.09 14.98
N VAL A 15 6.30 -7.81 14.32
CA VAL A 15 5.82 -8.71 13.28
C VAL A 15 5.63 -7.91 11.98
N PHE A 16 4.50 -7.24 11.88
CA PHE A 16 4.19 -6.45 10.71
C PHE A 16 4.25 -7.29 9.43
N VAL A 17 3.48 -6.88 8.44
CA VAL A 17 3.43 -7.59 7.18
C VAL A 17 4.41 -6.94 6.20
N LYS A 18 4.43 -7.49 4.99
CA LYS A 18 5.32 -6.97 3.95
C LYS A 18 4.50 -6.64 2.71
N VAL A 19 5.16 -5.99 1.76
CA VAL A 19 4.51 -5.60 0.52
C VAL A 19 4.31 -6.85 -0.35
N GLU A 20 5.32 -7.71 -0.33
CA GLU A 20 5.28 -8.94 -1.11
C GLU A 20 4.26 -9.91 -0.52
N GLN A 21 3.70 -9.51 0.62
CA GLN A 21 2.72 -10.33 1.31
C GLN A 21 1.30 -9.87 0.95
N LEU A 22 1.24 -8.74 0.26
CA LEU A 22 -0.03 -8.19 -0.15
C LEU A 22 -0.65 -9.07 -1.24
N LYS A 23 -1.96 -9.24 -1.13
CA LYS A 23 -2.68 -10.06 -2.11
C LYS A 23 -3.99 -9.36 -2.48
N PRO A 24 -4.55 -9.78 -3.65
CA PRO A 24 -5.79 -9.20 -4.13
C PRO A 24 -6.98 -9.73 -3.34
N GLY A 25 -6.91 -9.56 -2.02
CA GLY A 25 -7.97 -10.01 -1.14
C GLY A 25 -7.51 -9.99 0.32
N THR A 26 -7.18 -8.80 0.80
CA THR A 26 -6.73 -8.63 2.17
C THR A 26 -7.05 -7.23 2.66
N THR A 27 -7.33 -7.14 3.96
CA THR A 27 -7.65 -5.87 4.58
C THR A 27 -6.87 -5.70 5.89
N GLY A 28 -6.90 -4.48 6.39
CA GLY A 28 -6.21 -4.16 7.63
C GLY A 28 -4.82 -4.81 7.66
N HIS A 29 -3.83 -4.02 7.26
CA HIS A 29 -2.45 -4.50 7.24
C HIS A 29 -1.57 -3.60 8.10
N THR A 30 -0.44 -4.14 8.51
CA THR A 30 0.48 -3.39 9.34
C THR A 30 1.93 -3.68 8.91
N LEU A 31 2.52 -2.71 8.22
CA LEU A 31 3.88 -2.85 7.75
C LEU A 31 4.52 -1.46 7.65
N THR A 32 5.84 -1.46 7.48
CA THR A 32 6.57 -0.21 7.37
C THR A 32 6.94 0.05 5.90
N VAL A 33 6.26 1.03 5.32
CA VAL A 33 6.51 1.39 3.94
C VAL A 33 7.33 2.68 3.89
N LYS A 34 8.34 2.66 3.04
CA LYS A 34 9.21 3.82 2.89
C LYS A 34 8.92 4.50 1.54
N VAL A 35 8.51 5.76 1.63
CA VAL A 35 8.21 6.52 0.44
C VAL A 35 9.47 6.72 -0.39
N ILE A 36 9.29 6.74 -1.70
CA ILE A 36 10.41 6.91 -2.61
C ILE A 36 10.19 8.17 -3.46
N GLU A 37 8.98 8.26 -4.00
CA GLU A 37 8.62 9.39 -4.84
C GLU A 37 7.20 9.87 -4.51
N ALA A 38 6.90 11.08 -4.95
CA ALA A 38 5.59 11.66 -4.71
C ALA A 38 5.30 12.71 -5.77
N ASN A 39 4.39 12.36 -6.68
CA ASN A 39 4.02 13.26 -7.75
C ASN A 39 2.51 13.19 -7.96
N ILE A 40 1.93 14.33 -8.32
CA ILE A 40 0.50 14.41 -8.56
C ILE A 40 0.09 13.32 -9.55
N VAL A 41 -1.19 13.00 -9.51
CA VAL A 41 -1.72 11.98 -10.40
C VAL A 41 -1.91 12.57 -11.80
N VAL A 42 -0.97 12.27 -12.67
CA VAL A 42 -1.02 12.76 -14.04
C VAL A 42 -1.66 11.69 -14.94
N PRO A 43 -2.17 12.16 -16.10
CA PRO A 43 -2.81 11.27 -17.05
C PRO A 43 -1.76 10.44 -17.81
N VAL A 44 -2.26 9.47 -18.55
CA VAL A 44 -1.39 8.59 -19.32
C VAL A 44 -0.17 8.23 -18.47
N THR A 45 -0.43 7.50 -17.39
CA THR A 45 0.64 7.08 -16.51
C THR A 45 0.46 5.61 -16.11
N ARG A 46 1.47 5.08 -15.44
CA ARG A 46 1.44 3.69 -15.00
C ARG A 46 1.41 2.76 -16.21
N LYS A 47 0.23 2.66 -16.81
CA LYS A 47 0.05 1.81 -17.98
C LYS A 47 -1.26 2.17 -18.67
N THR A 48 -2.32 2.24 -17.87
CA THR A 48 -3.63 2.57 -18.40
C THR A 48 -3.59 3.91 -19.13
N ARG A 49 -4.54 4.08 -20.04
CA ARG A 49 -4.63 5.30 -20.83
C ARG A 49 -5.47 6.35 -20.09
N PRO A 50 -5.43 7.60 -20.61
CA PRO A 50 -6.18 8.69 -20.02
C PRO A 50 -7.67 8.57 -20.34
N ALA A 51 -8.43 9.52 -19.83
CA ALA A 51 -9.87 9.53 -20.05
C ALA A 51 -10.47 8.23 -19.52
N SER A 52 -11.80 8.19 -19.52
CA SER A 52 -12.51 7.02 -19.04
C SER A 52 -12.28 6.84 -17.55
N SER A 53 -13.38 6.82 -16.81
CA SER A 53 -13.31 6.66 -15.36
C SER A 53 -12.54 7.82 -14.74
N LEU A 54 -13.25 8.94 -14.57
CA LEU A 54 -12.65 10.13 -13.99
C LEU A 54 -13.71 11.22 -13.85
N SER A 55 -14.56 11.04 -12.85
CA SER A 55 -15.63 11.99 -12.61
C SER A 55 -15.98 12.02 -11.11
N ARG A 56 -16.91 12.90 -10.76
CA ARG A 56 -17.33 13.02 -9.38
C ARG A 56 -16.12 13.28 -8.47
N PRO A 57 -15.78 14.60 -8.35
CA PRO A 57 -14.65 14.99 -7.52
C PRO A 57 -15.01 14.91 -6.04
N SER A 58 -16.15 15.46 -5.71
CA SER A 58 -16.62 15.46 -4.33
C SER A 58 -16.00 16.62 -3.56
N GLN A 59 -14.68 16.63 -3.53
CA GLN A 59 -13.95 17.68 -2.84
C GLN A 59 -12.52 17.79 -3.39
N PRO A 60 -11.96 19.02 -3.27
CA PRO A 60 -10.60 19.27 -3.75
C PRO A 60 -9.57 18.66 -2.80
N SER A 61 -9.56 17.33 -2.76
CA SER A 61 -8.63 16.61 -1.91
C SER A 61 -7.34 16.33 -2.68
N ARG A 62 -6.43 17.29 -2.64
CA ARG A 62 -5.15 17.14 -3.33
C ARG A 62 -4.62 15.72 -3.15
N ILE A 63 -4.84 14.91 -4.18
CA ILE A 63 -4.38 13.53 -4.15
C ILE A 63 -3.09 13.42 -4.96
N VAL A 64 -2.08 12.85 -4.32
CA VAL A 64 -0.79 12.67 -4.96
C VAL A 64 -0.36 11.20 -4.83
N GLU A 65 0.22 10.70 -5.92
CA GLU A 65 0.68 9.33 -5.94
C GLU A 65 2.14 9.25 -5.46
N CYS A 66 2.36 8.42 -4.45
CA CYS A 66 3.69 8.24 -3.90
C CYS A 66 4.04 6.75 -3.96
N LEU A 67 5.33 6.48 -4.06
CA LEU A 67 5.81 5.11 -4.12
C LEU A 67 6.34 4.70 -2.75
N ILE A 68 5.73 3.65 -2.22
CA ILE A 68 6.12 3.14 -0.91
C ILE A 68 6.28 1.62 -0.99
N GLY A 69 7.13 1.11 -0.11
CA GLY A 69 7.39 -0.33 -0.08
C GLY A 69 8.54 -0.66 0.87
N ASP A 70 8.90 -1.93 0.89
CA ASP A 70 10.00 -2.38 1.75
C ASP A 70 10.98 -3.20 0.91
N GLU A 71 12.01 -3.70 1.58
CA GLU A 71 13.02 -4.50 0.92
C GLU A 71 12.36 -5.53 0.00
N THR A 72 11.15 -5.92 0.36
CA THR A 72 10.41 -6.89 -0.41
C THR A 72 9.97 -6.29 -1.75
N GLY A 73 8.91 -5.50 -1.68
CA GLY A 73 8.38 -4.86 -2.88
C GLY A 73 7.73 -3.52 -2.54
N CYS A 74 7.09 -2.94 -3.53
CA CYS A 74 6.42 -1.66 -3.35
C CYS A 74 5.10 -1.70 -4.12
N ILE A 75 4.27 -0.69 -3.85
CA ILE A 75 2.98 -0.59 -4.51
C ILE A 75 2.59 0.87 -4.65
N LEU A 76 1.61 1.12 -5.52
CA LEU A 76 1.14 2.47 -5.75
C LEU A 76 0.06 2.82 -4.73
N PHE A 77 0.45 3.58 -3.72
CA PHE A 77 -0.48 3.98 -2.68
C PHE A 77 -0.96 5.42 -2.89
N THR A 78 -2.22 5.65 -2.58
CA THR A 78 -2.81 6.97 -2.72
C THR A 78 -2.90 7.66 -1.37
N ALA A 79 -2.34 8.87 -1.31
CA ALA A 79 -2.36 9.64 -0.08
C ALA A 79 -3.14 10.94 -0.33
N ARG A 80 -4.03 11.23 0.62
CA ARG A 80 -4.84 12.43 0.53
C ARG A 80 -4.00 13.67 0.81
N ASN A 81 -4.59 14.83 0.54
CA ASN A 81 -3.91 16.08 0.76
C ASN A 81 -3.28 16.09 2.16
N ASP A 82 -3.84 15.26 3.02
CA ASP A 82 -3.34 15.16 4.39
C ASP A 82 -2.26 14.09 4.45
N GLN A 83 -2.64 12.88 4.08
CA GLN A 83 -1.71 11.76 4.10
C GLN A 83 -0.46 12.10 3.29
N VAL A 84 -0.68 12.77 2.17
CA VAL A 84 0.42 13.16 1.30
C VAL A 84 1.61 13.60 2.15
N ASP A 85 1.30 14.42 3.16
CA ASP A 85 2.34 14.92 4.05
C ASP A 85 3.09 13.74 4.65
N LEU A 86 2.34 12.85 5.29
CA LEU A 86 2.92 11.67 5.92
C LEU A 86 3.55 10.79 4.83
N MET A 87 2.96 10.85 3.65
CA MET A 87 3.45 10.06 2.53
C MET A 87 4.40 10.88 1.65
N LYS A 88 5.28 11.62 2.32
CA LYS A 88 6.24 12.45 1.60
C LYS A 88 7.35 11.57 1.04
N PRO A 89 8.00 12.09 -0.04
CA PRO A 89 9.08 11.36 -0.68
C PRO A 89 10.36 11.42 0.16
N GLY A 90 10.98 10.26 0.30
CA GLY A 90 12.21 10.15 1.06
C GLY A 90 11.90 10.09 2.57
N ALA A 91 10.69 9.67 2.88
CA ALA A 91 10.27 9.57 4.27
C ALA A 91 9.70 8.17 4.51
N THR A 92 9.78 7.74 5.76
CA THR A 92 9.28 6.43 6.15
C THR A 92 8.02 6.57 7.02
N VAL A 93 7.05 5.73 6.72
CA VAL A 93 5.79 5.75 7.47
C VAL A 93 5.21 4.34 7.52
N ILE A 94 4.30 4.14 8.46
CA ILE A 94 3.67 2.85 8.62
C ILE A 94 2.19 2.95 8.25
N LEU A 95 1.61 1.82 7.86
CA LEU A 95 0.22 1.78 7.48
C LEU A 95 -0.52 0.81 8.40
N ARG A 96 -1.43 1.37 9.19
CA ARG A 96 -2.21 0.56 10.12
C ARG A 96 -3.66 0.47 9.65
N ASN A 97 -4.14 -0.76 9.56
CA ASN A 97 -5.51 -1.01 9.12
C ASN A 97 -5.61 -0.75 7.61
N SER A 98 -4.46 -0.76 6.97
CA SER A 98 -4.40 -0.54 5.53
C SER A 98 -5.02 -1.72 4.79
N ARG A 99 -5.95 -1.41 3.90
CA ARG A 99 -6.62 -2.43 3.11
C ARG A 99 -6.16 -2.37 1.66
N ILE A 100 -6.27 -3.52 1.00
CA ILE A 100 -5.88 -3.61 -0.40
C ILE A 100 -7.11 -3.51 -1.29
N ASP A 101 -7.08 -2.55 -2.20
CA ASP A 101 -8.19 -2.34 -3.11
C ASP A 101 -7.92 -3.10 -4.43
N MET A 102 -8.87 -3.93 -4.80
CA MET A 102 -8.75 -4.72 -6.01
C MET A 102 -9.05 -3.86 -7.25
N PHE A 103 -8.01 -3.57 -8.01
CA PHE A 103 -8.15 -2.76 -9.20
C PHE A 103 -8.19 -3.64 -10.46
N LYS A 104 -8.76 -3.09 -11.51
CA LYS A 104 -8.87 -3.81 -12.78
C LYS A 104 -7.57 -4.59 -13.02
N GLY A 105 -7.61 -5.86 -12.67
CA GLY A 105 -6.45 -6.72 -12.85
C GLY A 105 -5.21 -6.13 -12.16
N THR A 106 -5.44 -5.62 -10.96
CA THR A 106 -4.36 -5.04 -10.18
C THR A 106 -4.84 -4.69 -8.77
N MET A 107 -3.93 -4.15 -7.98
CA MET A 107 -4.25 -3.78 -6.61
C MET A 107 -3.35 -2.64 -6.13
N ARG A 108 -3.72 -2.06 -5.00
CA ARG A 108 -2.95 -0.97 -4.42
C ARG A 108 -3.16 -0.92 -2.91
N LEU A 109 -2.31 -0.15 -2.24
CA LEU A 109 -2.39 -0.01 -0.81
C LEU A 109 -3.19 1.25 -0.46
N GLY A 110 -4.05 1.11 0.52
CA GLY A 110 -4.89 2.22 0.95
C GLY A 110 -5.23 2.11 2.45
N VAL A 111 -5.96 3.11 2.93
CA VAL A 111 -6.35 3.14 4.33
C VAL A 111 -7.81 3.55 4.44
N ASP A 112 -8.56 2.81 5.24
CA ASP A 112 -9.97 3.09 5.43
C ASP A 112 -10.12 4.22 6.45
N LYS A 113 -11.36 4.64 6.65
CA LYS A 113 -11.65 5.71 7.59
C LYS A 113 -11.30 5.26 9.00
N TRP A 114 -11.34 3.94 9.19
CA TRP A 114 -11.03 3.37 10.49
C TRP A 114 -9.53 3.08 10.52
N GLY A 115 -8.84 3.58 9.52
CA GLY A 115 -7.40 3.38 9.42
C GLY A 115 -6.68 4.72 9.28
N ARG A 116 -5.52 4.80 9.92
CA ARG A 116 -4.72 6.02 9.88
C ARG A 116 -3.23 5.67 9.78
N ILE A 117 -2.45 6.66 9.39
CA ILE A 117 -1.01 6.47 9.26
C ILE A 117 -0.36 6.52 10.65
N GLU A 118 0.81 5.92 10.74
CA GLU A 118 1.53 5.88 12.00
C GLU A 118 2.68 6.90 11.98
N ALA A 119 3.41 6.89 10.88
CA ALA A 119 4.54 7.80 10.72
C ALA A 119 5.71 7.32 11.58
N THR A 120 6.20 6.14 11.25
CA THR A 120 7.31 5.55 11.97
C THR A 120 8.32 6.63 12.35
N GLY A 121 9.25 6.89 11.45
CA GLY A 121 10.28 7.90 11.68
C GLY A 121 11.46 7.71 10.73
N ALA A 122 11.75 6.44 10.44
CA ALA A 122 12.84 6.11 9.55
C ALA A 122 12.63 4.70 8.99
N ALA A 123 13.12 4.49 7.77
CA ALA A 123 13.01 3.20 7.12
C ALA A 123 13.99 2.22 7.77
N SER A 124 15.27 2.49 7.55
CA SER A 124 16.31 1.63 8.10
C SER A 124 16.58 0.46 7.16
N PHE A 125 15.72 0.34 6.16
CA PHE A 125 15.84 -0.73 5.19
C PHE A 125 15.84 -0.18 3.76
N THR A 126 16.43 -0.95 2.86
CA THR A 126 16.49 -0.56 1.46
C THR A 126 15.31 -1.15 0.68
N VAL A 127 14.41 -0.26 0.29
CA VAL A 127 13.24 -0.68 -0.47
C VAL A 127 13.68 -1.30 -1.80
N LYS A 128 12.90 -2.27 -2.25
CA LYS A 128 13.20 -2.94 -3.51
C LYS A 128 12.40 -2.28 -4.63
N GLU A 129 12.92 -1.16 -5.12
CA GLU A 129 12.26 -0.43 -6.19
C GLU A 129 12.37 -1.22 -7.50
N ASP A 130 11.77 -2.40 -7.49
CA ASP A 130 11.80 -3.25 -8.67
C ASP A 130 10.67 -4.29 -8.57
N ASN A 131 10.53 -4.85 -7.38
CA ASN A 131 9.50 -5.84 -7.14
C ASN A 131 8.17 -5.14 -6.82
N ASN A 132 7.83 -4.20 -7.68
CA ASN A 132 6.60 -3.44 -7.51
C ASN A 132 5.40 -4.34 -7.84
N LEU A 133 4.33 -4.14 -7.08
CA LEU A 133 3.12 -4.93 -7.28
C LEU A 133 2.01 -4.01 -7.77
N SER A 134 2.40 -2.89 -8.35
CA SER A 134 1.44 -1.92 -8.85
C SER A 134 1.38 -2.00 -10.38
N LEU A 135 2.21 -2.88 -10.93
CA LEU A 135 2.26 -3.06 -12.37
C LEU A 135 1.74 -4.46 -12.72
N VAL A 136 2.15 -5.43 -11.91
CA VAL A 136 1.75 -6.81 -12.12
C VAL A 136 0.22 -6.87 -12.16
N GLU A 137 -0.27 -7.75 -13.03
CA GLU A 137 -1.70 -7.93 -13.19
C GLU A 137 -2.11 -9.35 -12.78
N TYR A 138 -3.16 -9.42 -11.97
CA TYR A 138 -3.66 -10.70 -11.50
C TYR A 138 -4.83 -11.19 -12.36
N GLU A 139 -5.34 -12.36 -12.02
CA GLU A 139 -6.45 -12.94 -12.75
C GLU A 139 -6.30 -12.65 -14.25
N SER A 140 -5.41 -13.42 -14.87
CA SER A 140 -5.17 -13.26 -16.29
C SER A 140 -5.67 -14.50 -17.05
N GLY A 141 -6.62 -14.26 -17.95
CA GLY A 141 -7.18 -15.34 -18.74
C GLY A 141 -7.03 -15.07 -20.23
N PRO A 142 -7.46 -16.06 -21.05
CA PRO A 142 -7.37 -15.94 -22.50
C PRO A 142 -8.44 -14.98 -23.03
N SER A 143 -8.24 -14.56 -24.26
CA SER A 143 -9.17 -13.64 -24.90
C SER A 143 -9.21 -12.31 -24.14
N SER A 144 -8.23 -11.47 -24.44
CA SER A 144 -8.13 -10.17 -23.80
C SER A 144 -7.01 -9.36 -24.43
N GLY A 145 -7.02 -8.06 -24.15
CA GLY A 145 -6.01 -7.16 -24.68
C GLY A 145 -6.64 -5.94 -25.34
N GLY A 1 -12.34 -29.95 41.44
CA GLY A 1 -12.58 -30.24 40.03
C GLY A 1 -11.27 -30.30 39.25
N SER A 2 -11.37 -30.01 37.96
CA SER A 2 -10.20 -30.02 37.10
C SER A 2 -10.54 -29.42 35.74
N SER A 3 -9.51 -28.93 35.07
CA SER A 3 -9.69 -28.33 33.76
C SER A 3 -8.33 -28.13 33.08
N GLY A 4 -8.39 -27.76 31.81
CA GLY A 4 -7.18 -27.53 31.04
C GLY A 4 -7.45 -26.62 29.85
N SER A 5 -6.49 -26.60 28.93
CA SER A 5 -6.61 -25.77 27.74
C SER A 5 -5.51 -26.11 26.75
N SER A 6 -5.62 -25.53 25.56
CA SER A 6 -4.64 -25.77 24.51
C SER A 6 -4.85 -24.79 23.36
N GLY A 7 -3.92 -24.80 22.43
CA GLY A 7 -3.99 -23.93 21.27
C GLY A 7 -3.54 -24.66 19.99
N SER A 8 -3.14 -23.87 19.02
CA SER A 8 -2.68 -24.42 17.75
C SER A 8 -2.24 -23.29 16.82
N THR A 9 -0.92 -23.21 16.63
CA THR A 9 -0.36 -22.19 15.77
C THR A 9 1.12 -22.48 15.50
N VAL A 10 1.46 -22.50 14.21
CA VAL A 10 2.83 -22.77 13.81
C VAL A 10 3.23 -21.78 12.71
N LYS A 11 2.71 -20.57 12.83
CA LYS A 11 3.00 -19.52 11.87
C LYS A 11 4.43 -19.01 12.10
N ARG A 12 4.99 -18.43 11.05
CA ARG A 12 6.34 -17.89 11.13
C ARG A 12 6.40 -16.52 10.46
N LYS A 13 5.96 -15.52 11.20
CA LYS A 13 5.97 -14.16 10.69
C LYS A 13 5.90 -13.18 11.87
N PRO A 14 6.37 -11.93 11.61
CA PRO A 14 6.38 -10.90 12.63
C PRO A 14 4.96 -10.36 12.87
N VAL A 15 4.89 -9.31 13.69
CA VAL A 15 3.61 -8.71 14.00
C VAL A 15 3.10 -7.94 12.78
N PHE A 16 4.05 -7.42 12.01
CA PHE A 16 3.72 -6.67 10.81
C PHE A 16 3.95 -7.52 9.55
N VAL A 17 3.34 -7.07 8.47
CA VAL A 17 3.47 -7.77 7.19
C VAL A 17 4.43 -7.00 6.29
N LYS A 18 4.48 -7.42 5.04
CA LYS A 18 5.35 -6.79 4.07
C LYS A 18 4.55 -6.43 2.81
N VAL A 19 5.26 -5.91 1.82
CA VAL A 19 4.62 -5.53 0.57
C VAL A 19 4.35 -6.79 -0.26
N GLU A 20 5.36 -7.65 -0.31
CA GLU A 20 5.24 -8.89 -1.06
C GLU A 20 4.25 -9.84 -0.38
N GLN A 21 3.81 -9.43 0.81
CA GLN A 21 2.86 -10.22 1.57
C GLN A 21 1.43 -9.78 1.28
N LEU A 22 1.33 -8.72 0.48
CA LEU A 22 0.03 -8.18 0.11
C LEU A 22 -0.56 -9.01 -1.03
N LYS A 23 -1.89 -9.05 -1.07
CA LYS A 23 -2.57 -9.81 -2.09
C LYS A 23 -4.04 -9.36 -2.14
N PRO A 24 -4.72 -9.73 -3.27
CA PRO A 24 -6.12 -9.37 -3.45
C PRO A 24 -7.02 -10.24 -2.57
N GLY A 25 -7.87 -9.57 -1.79
CA GLY A 25 -8.78 -10.27 -0.91
C GLY A 25 -8.35 -10.13 0.55
N THR A 26 -7.65 -9.04 0.83
CA THR A 26 -7.16 -8.78 2.17
C THR A 26 -7.47 -7.34 2.58
N THR A 27 -7.42 -7.10 3.89
CA THR A 27 -7.69 -5.77 4.41
C THR A 27 -6.95 -5.57 5.74
N GLY A 28 -6.93 -4.32 6.18
CA GLY A 28 -6.28 -3.97 7.42
C GLY A 28 -4.93 -4.70 7.55
N HIS A 29 -3.88 -4.00 7.13
CA HIS A 29 -2.54 -4.56 7.18
C HIS A 29 -1.64 -3.64 8.01
N THR A 30 -0.54 -4.21 8.47
CA THR A 30 0.41 -3.46 9.28
C THR A 30 1.84 -3.77 8.83
N LEU A 31 2.48 -2.76 8.25
CA LEU A 31 3.85 -2.90 7.78
C LEU A 31 4.48 -1.52 7.63
N THR A 32 5.81 -1.53 7.51
CA THR A 32 6.54 -0.28 7.36
C THR A 32 6.86 -0.02 5.89
N VAL A 33 6.27 1.05 5.36
CA VAL A 33 6.49 1.41 3.97
C VAL A 33 7.34 2.68 3.91
N LYS A 34 8.29 2.67 2.99
CA LYS A 34 9.18 3.81 2.82
C LYS A 34 8.88 4.49 1.48
N VAL A 35 8.50 5.77 1.58
CA VAL A 35 8.18 6.54 0.39
C VAL A 35 9.44 6.72 -0.46
N ILE A 36 9.25 6.71 -1.76
CA ILE A 36 10.36 6.87 -2.69
C ILE A 36 10.13 8.13 -3.53
N GLU A 37 8.93 8.23 -4.07
CA GLU A 37 8.57 9.37 -4.89
C GLU A 37 7.16 9.86 -4.56
N ALA A 38 6.90 11.10 -4.91
CA ALA A 38 5.59 11.69 -4.65
C ALA A 38 5.30 12.74 -5.71
N ASN A 39 4.37 12.40 -6.60
CA ASN A 39 3.98 13.30 -7.67
C ASN A 39 2.46 13.25 -7.86
N ILE A 40 1.92 14.35 -8.34
CA ILE A 40 0.48 14.45 -8.56
C ILE A 40 0.03 13.29 -9.46
N VAL A 41 -1.24 12.96 -9.35
CA VAL A 41 -1.81 11.87 -10.14
C VAL A 41 -2.07 12.37 -11.56
N VAL A 42 -1.33 11.80 -12.50
CA VAL A 42 -1.48 12.17 -13.90
C VAL A 42 -1.90 10.95 -14.71
N PRO A 43 -2.55 11.22 -15.87
CA PRO A 43 -3.00 10.15 -16.75
C PRO A 43 -1.83 9.53 -17.50
N VAL A 44 -1.51 8.29 -17.13
CA VAL A 44 -0.41 7.58 -17.78
C VAL A 44 -0.80 6.11 -17.95
N THR A 45 -0.92 5.44 -16.82
CA THR A 45 -1.29 4.02 -16.83
C THR A 45 -1.93 3.64 -15.50
N ARG A 46 -2.99 4.36 -15.16
CA ARG A 46 -3.70 4.09 -13.92
C ARG A 46 -4.83 5.10 -13.74
N LYS A 47 -6.06 4.59 -13.82
CA LYS A 47 -7.23 5.45 -13.67
C LYS A 47 -8.12 4.89 -12.55
N THR A 48 -8.56 5.78 -11.68
CA THR A 48 -9.41 5.38 -10.57
C THR A 48 -10.89 5.52 -10.96
N ARG A 49 -11.65 6.13 -10.06
CA ARG A 49 -13.07 6.33 -10.30
C ARG A 49 -13.77 6.71 -8.99
N PRO A 50 -13.55 5.87 -7.95
CA PRO A 50 -14.16 6.10 -6.65
C PRO A 50 -13.44 7.25 -5.92
N ALA A 51 -13.55 8.44 -6.51
CA ALA A 51 -12.92 9.61 -5.92
C ALA A 51 -13.37 10.85 -6.68
N SER A 52 -14.62 11.23 -6.44
CA SER A 52 -15.19 12.40 -7.10
C SER A 52 -16.62 12.63 -6.61
N SER A 53 -16.75 13.63 -5.74
CA SER A 53 -18.06 13.96 -5.19
C SER A 53 -17.92 15.10 -4.19
N LEU A 54 -17.13 14.86 -3.15
CA LEU A 54 -16.90 15.86 -2.12
C LEU A 54 -15.87 15.31 -1.11
N SER A 55 -15.12 16.23 -0.53
CA SER A 55 -14.12 15.87 0.46
C SER A 55 -13.79 17.07 1.34
N ARG A 56 -13.40 18.16 0.69
CA ARG A 56 -13.06 19.38 1.40
C ARG A 56 -13.07 20.58 0.45
N PRO A 57 -13.22 21.79 1.06
CA PRO A 57 -13.26 23.01 0.27
C PRO A 57 -11.86 23.38 -0.23
N SER A 58 -11.74 24.63 -0.65
CA SER A 58 -10.47 25.12 -1.16
C SER A 58 -10.02 24.29 -2.36
N GLN A 59 -9.35 23.18 -2.06
CA GLN A 59 -8.86 22.30 -3.10
C GLN A 59 -9.56 20.94 -3.01
N PRO A 60 -9.68 20.27 -4.18
CA PRO A 60 -10.32 18.97 -4.26
C PRO A 60 -9.42 17.88 -3.68
N SER A 61 -9.15 18.00 -2.38
CA SER A 61 -8.30 17.04 -1.71
C SER A 61 -7.08 16.71 -2.57
N ARG A 62 -6.08 17.57 -2.47
CA ARG A 62 -4.85 17.39 -3.23
C ARG A 62 -4.37 15.94 -3.13
N ILE A 63 -4.75 15.16 -4.13
CA ILE A 63 -4.37 13.76 -4.17
C ILE A 63 -3.07 13.61 -4.97
N VAL A 64 -2.10 12.97 -4.33
CA VAL A 64 -0.81 12.75 -4.97
C VAL A 64 -0.42 11.27 -4.84
N GLU A 65 0.14 10.75 -5.92
CA GLU A 65 0.55 9.35 -5.95
C GLU A 65 2.02 9.22 -5.52
N CYS A 66 2.21 8.55 -4.40
CA CYS A 66 3.55 8.35 -3.87
C CYS A 66 3.89 6.86 -3.95
N LEU A 67 5.18 6.58 -4.09
CA LEU A 67 5.65 5.21 -4.18
C LEU A 67 6.20 4.78 -2.83
N ILE A 68 5.57 3.75 -2.26
CA ILE A 68 5.99 3.24 -0.97
C ILE A 68 6.12 1.72 -1.06
N GLY A 69 6.96 1.17 -0.18
CA GLY A 69 7.18 -0.26 -0.16
C GLY A 69 8.33 -0.61 0.80
N ASP A 70 8.80 -1.84 0.66
CA ASP A 70 9.90 -2.32 1.50
C ASP A 70 10.90 -3.09 0.63
N GLU A 71 11.94 -3.59 1.29
CA GLU A 71 12.96 -4.35 0.60
C GLU A 71 12.33 -5.38 -0.33
N THR A 72 11.24 -5.98 0.15
CA THR A 72 10.54 -6.98 -0.61
C THR A 72 10.04 -6.39 -1.93
N GLY A 73 8.91 -5.72 -1.85
CA GLY A 73 8.32 -5.10 -3.04
C GLY A 73 7.76 -3.71 -2.70
N CYS A 74 7.05 -3.15 -3.67
CA CYS A 74 6.46 -1.83 -3.49
C CYS A 74 5.12 -1.81 -4.22
N ILE A 75 4.29 -0.85 -3.84
CA ILE A 75 2.97 -0.71 -4.43
C ILE A 75 2.58 0.77 -4.47
N LEU A 76 1.57 1.07 -5.27
CA LEU A 76 1.10 2.44 -5.40
C LEU A 76 0.04 2.71 -4.34
N PHE A 77 0.30 3.72 -3.53
CA PHE A 77 -0.62 4.09 -2.46
C PHE A 77 -1.06 5.55 -2.60
N THR A 78 -2.36 5.76 -2.39
CA THR A 78 -2.92 7.09 -2.51
C THR A 78 -2.92 7.78 -1.14
N ALA A 79 -2.32 8.96 -1.11
CA ALA A 79 -2.24 9.73 0.12
C ALA A 79 -3.10 10.99 -0.02
N ARG A 80 -3.95 11.19 0.98
CA ARG A 80 -4.83 12.35 0.99
C ARG A 80 -4.04 13.62 1.27
N ASN A 81 -4.67 14.75 0.99
CA ASN A 81 -4.03 16.04 1.22
C ASN A 81 -3.34 16.03 2.59
N ASP A 82 -3.86 15.18 3.46
CA ASP A 82 -3.31 15.07 4.81
C ASP A 82 -2.16 14.06 4.80
N GLN A 83 -2.51 12.81 4.50
CA GLN A 83 -1.52 11.75 4.46
C GLN A 83 -0.35 12.15 3.55
N VAL A 84 -0.69 12.77 2.43
CA VAL A 84 0.31 13.19 1.47
C VAL A 84 1.54 13.70 2.23
N ASP A 85 1.28 14.45 3.29
CA ASP A 85 2.34 15.00 4.11
C ASP A 85 3.19 13.85 4.67
N LEU A 86 2.53 12.95 5.36
CA LEU A 86 3.20 11.80 5.96
C LEU A 86 3.77 10.93 4.84
N MET A 87 3.07 10.91 3.72
CA MET A 87 3.49 10.12 2.58
C MET A 87 4.44 10.92 1.68
N LYS A 88 5.32 11.67 2.33
CA LYS A 88 6.29 12.47 1.61
C LYS A 88 7.40 11.58 1.06
N PRO A 89 8.09 12.08 0.00
CA PRO A 89 9.17 11.34 -0.61
C PRO A 89 10.43 11.37 0.26
N GLY A 90 11.01 10.19 0.44
CA GLY A 90 12.21 10.07 1.25
C GLY A 90 11.87 10.09 2.74
N ALA A 91 10.67 9.64 3.05
CA ALA A 91 10.21 9.60 4.43
C ALA A 91 9.71 8.19 4.75
N THR A 92 9.78 7.86 6.03
CA THR A 92 9.33 6.55 6.48
C THR A 92 8.02 6.67 7.26
N VAL A 93 7.07 5.84 6.89
CA VAL A 93 5.77 5.84 7.53
C VAL A 93 5.22 4.41 7.57
N ILE A 94 4.32 4.18 8.52
CA ILE A 94 3.72 2.87 8.67
C ILE A 94 2.23 2.95 8.32
N LEU A 95 1.69 1.82 7.89
CA LEU A 95 0.30 1.75 7.51
C LEU A 95 -0.45 0.86 8.51
N ARG A 96 -1.38 1.49 9.22
CA ARG A 96 -2.17 0.77 10.22
C ARG A 96 -3.63 0.69 9.76
N ASN A 97 -4.10 -0.54 9.58
CA ASN A 97 -5.47 -0.76 9.16
C ASN A 97 -5.60 -0.47 7.67
N SER A 98 -4.53 -0.74 6.95
CA SER A 98 -4.50 -0.51 5.52
C SER A 98 -5.23 -1.64 4.79
N ARG A 99 -6.01 -1.25 3.79
CA ARG A 99 -6.76 -2.22 3.01
C ARG A 99 -6.21 -2.30 1.59
N ILE A 100 -6.56 -3.40 0.93
CA ILE A 100 -6.10 -3.61 -0.43
C ILE A 100 -7.29 -3.55 -1.38
N ASP A 101 -7.21 -2.62 -2.34
CA ASP A 101 -8.28 -2.45 -3.30
C ASP A 101 -7.95 -3.24 -4.57
N MET A 102 -8.88 -4.11 -4.94
CA MET A 102 -8.70 -4.93 -6.12
C MET A 102 -8.98 -4.13 -7.39
N PHE A 103 -7.91 -3.60 -7.97
CA PHE A 103 -8.02 -2.82 -9.19
C PHE A 103 -8.11 -3.72 -10.42
N LYS A 104 -8.67 -3.17 -11.48
CA LYS A 104 -8.81 -3.92 -12.73
C LYS A 104 -7.54 -4.72 -12.97
N GLY A 105 -7.60 -5.99 -12.59
CA GLY A 105 -6.47 -6.89 -12.77
C GLY A 105 -5.23 -6.35 -12.05
N THR A 106 -5.45 -5.89 -10.83
CA THR A 106 -4.37 -5.35 -10.03
C THR A 106 -4.86 -4.99 -8.63
N MET A 107 -3.94 -4.47 -7.83
CA MET A 107 -4.28 -4.08 -6.46
C MET A 107 -3.32 -3.00 -5.96
N ARG A 108 -3.82 -2.22 -5.02
CA ARG A 108 -3.02 -1.14 -4.44
C ARG A 108 -3.25 -1.06 -2.92
N LEU A 109 -2.38 -0.30 -2.27
CA LEU A 109 -2.48 -0.15 -0.83
C LEU A 109 -3.22 1.15 -0.51
N GLY A 110 -4.10 1.06 0.48
CA GLY A 110 -4.88 2.21 0.88
C GLY A 110 -5.26 2.12 2.36
N VAL A 111 -5.68 3.26 2.91
CA VAL A 111 -6.07 3.32 4.30
C VAL A 111 -7.52 3.81 4.41
N ASP A 112 -8.37 2.91 4.88
CA ASP A 112 -9.78 3.22 5.02
C ASP A 112 -9.95 4.26 6.13
N LYS A 113 -11.19 4.70 6.30
CA LYS A 113 -11.50 5.70 7.32
C LYS A 113 -11.21 5.12 8.70
N TRP A 114 -11.17 3.79 8.76
CA TRP A 114 -10.89 3.10 10.01
C TRP A 114 -9.40 2.79 10.06
N GLY A 115 -8.64 3.54 9.27
CA GLY A 115 -7.20 3.35 9.22
C GLY A 115 -6.48 4.70 9.11
N ARG A 116 -5.29 4.75 9.67
CA ARG A 116 -4.49 5.96 9.64
C ARG A 116 -3.01 5.62 9.54
N ILE A 117 -2.20 6.66 9.37
CA ILE A 117 -0.76 6.47 9.26
C ILE A 117 -0.12 6.66 10.63
N GLU A 118 1.07 6.11 10.78
CA GLU A 118 1.79 6.20 12.03
C GLU A 118 2.89 7.28 11.94
N ALA A 119 3.64 7.21 10.84
CA ALA A 119 4.70 8.17 10.61
C ALA A 119 5.96 7.72 11.38
N THR A 120 6.27 6.44 11.22
CA THR A 120 7.44 5.89 11.89
C THR A 120 8.66 6.78 11.67
N GLY A 121 9.73 6.46 12.40
CA GLY A 121 10.96 7.22 12.29
C GLY A 121 11.51 7.18 10.86
N ALA A 122 12.58 6.43 10.69
CA ALA A 122 13.22 6.30 9.39
C ALA A 122 13.30 4.82 9.01
N ALA A 123 13.35 4.58 7.71
CA ALA A 123 13.42 3.22 7.20
C ALA A 123 14.87 2.72 7.32
N SER A 124 15.00 1.45 7.65
CA SER A 124 16.30 0.83 7.79
C SER A 124 16.54 -0.19 6.67
N PHE A 125 15.61 -0.18 5.72
CA PHE A 125 15.69 -1.09 4.59
C PHE A 125 15.67 -0.33 3.26
N THR A 126 16.18 -0.99 2.23
CA THR A 126 16.22 -0.39 0.90
C THR A 126 15.06 -0.91 0.05
N VAL A 127 14.11 -0.02 -0.18
CA VAL A 127 12.94 -0.37 -0.98
C VAL A 127 13.41 -0.87 -2.35
N LYS A 128 12.89 -2.04 -2.72
CA LYS A 128 13.24 -2.64 -3.99
C LYS A 128 12.24 -2.18 -5.06
N GLU A 129 12.64 -1.15 -5.78
CA GLU A 129 11.79 -0.60 -6.83
C GLU A 129 11.86 -1.48 -8.08
N ASP A 130 11.60 -2.76 -7.88
CA ASP A 130 11.62 -3.71 -8.97
C ASP A 130 10.46 -4.69 -8.82
N ASN A 131 10.27 -5.17 -7.60
CA ASN A 131 9.20 -6.11 -7.30
C ASN A 131 7.92 -5.33 -6.99
N ASN A 132 7.63 -4.35 -7.84
CA ASN A 132 6.45 -3.53 -7.66
C ASN A 132 5.21 -4.41 -7.82
N LEU A 133 4.21 -4.11 -7.00
CA LEU A 133 2.96 -4.86 -7.04
C LEU A 133 1.86 -3.98 -7.65
N SER A 134 2.27 -2.80 -8.09
CA SER A 134 1.33 -1.86 -8.69
C SER A 134 1.45 -1.91 -10.21
N LEU A 135 2.31 -2.80 -10.68
CA LEU A 135 2.52 -2.96 -12.11
C LEU A 135 1.92 -4.29 -12.56
N VAL A 136 2.52 -5.38 -12.08
CA VAL A 136 2.03 -6.70 -12.43
C VAL A 136 0.51 -6.71 -12.43
N GLU A 137 -0.05 -7.59 -13.26
CA GLU A 137 -1.49 -7.70 -13.37
C GLU A 137 -1.95 -9.08 -12.90
N TYR A 138 -2.89 -9.08 -11.97
CA TYR A 138 -3.42 -10.32 -11.43
C TYR A 138 -4.82 -10.61 -11.98
N GLU A 139 -4.96 -11.80 -12.55
CA GLU A 139 -6.23 -12.21 -13.12
C GLU A 139 -7.37 -11.77 -12.21
N SER A 140 -8.46 -11.34 -12.85
CA SER A 140 -9.63 -10.90 -12.12
C SER A 140 -10.69 -10.36 -13.09
N GLY A 141 -11.61 -11.24 -13.43
CA GLY A 141 -12.68 -10.87 -14.37
C GLY A 141 -12.24 -11.05 -15.81
N PRO A 142 -13.24 -10.97 -16.73
CA PRO A 142 -12.96 -11.12 -18.15
C PRO A 142 -12.31 -9.86 -18.71
N SER A 143 -11.63 -10.04 -19.84
CA SER A 143 -10.95 -8.93 -20.49
C SER A 143 -11.73 -8.50 -21.74
N SER A 144 -11.35 -7.34 -22.27
CA SER A 144 -12.00 -6.82 -23.45
C SER A 144 -11.10 -5.78 -24.12
N GLY A 145 -10.82 -6.02 -25.40
CA GLY A 145 -9.98 -5.12 -26.16
C GLY A 145 -9.55 -5.76 -27.49
N GLY A 1 -1.99 -50.70 22.77
CA GLY A 1 -1.16 -49.83 21.95
C GLY A 1 -1.99 -48.72 21.30
N SER A 2 -1.33 -47.62 21.02
CA SER A 2 -1.99 -46.48 20.40
C SER A 2 -0.97 -45.38 20.09
N SER A 3 -1.14 -44.76 18.94
CA SER A 3 -0.25 -43.69 18.53
C SER A 3 -0.65 -43.18 17.14
N GLY A 4 -0.40 -41.89 16.92
CA GLY A 4 -0.72 -41.27 15.66
C GLY A 4 -0.72 -39.75 15.77
N SER A 5 -0.52 -39.10 14.63
CA SER A 5 -0.49 -37.65 14.60
C SER A 5 -0.48 -37.17 13.14
N SER A 6 -0.72 -35.87 12.98
CA SER A 6 -0.73 -35.28 11.66
C SER A 6 -0.92 -33.76 11.77
N GLY A 7 -0.58 -33.07 10.69
CA GLY A 7 -0.68 -31.62 10.65
C GLY A 7 0.66 -30.96 10.93
N SER A 8 0.88 -29.84 10.26
CA SER A 8 2.12 -29.10 10.42
C SER A 8 2.07 -27.80 9.61
N THR A 9 3.01 -26.93 9.89
CA THR A 9 3.09 -25.65 9.20
C THR A 9 4.45 -24.99 9.44
N VAL A 10 4.71 -23.97 8.64
CA VAL A 10 5.97 -23.24 8.76
C VAL A 10 5.80 -21.83 8.18
N LYS A 11 5.06 -21.02 8.91
CA LYS A 11 4.81 -19.64 8.47
C LYS A 11 6.05 -18.80 8.75
N ARG A 12 6.24 -18.50 10.03
CA ARG A 12 7.39 -17.70 10.43
C ARG A 12 7.28 -16.28 9.86
N LYS A 13 6.50 -15.46 10.55
CA LYS A 13 6.30 -14.08 10.13
C LYS A 13 6.25 -13.18 11.36
N PRO A 14 6.62 -11.88 11.14
CA PRO A 14 6.62 -10.92 12.21
C PRO A 14 5.18 -10.48 12.57
N VAL A 15 5.11 -9.41 13.34
CA VAL A 15 3.81 -8.89 13.75
C VAL A 15 3.18 -8.12 12.60
N PHE A 16 4.04 -7.56 11.75
CA PHE A 16 3.58 -6.80 10.61
C PHE A 16 3.72 -7.60 9.32
N VAL A 17 3.18 -7.04 8.25
CA VAL A 17 3.24 -7.71 6.96
C VAL A 17 4.24 -6.97 6.05
N LYS A 18 4.23 -7.34 4.78
CA LYS A 18 5.13 -6.73 3.82
C LYS A 18 4.35 -6.37 2.56
N VAL A 19 5.05 -5.74 1.62
CA VAL A 19 4.42 -5.34 0.37
C VAL A 19 4.16 -6.58 -0.48
N GLU A 20 5.18 -7.43 -0.56
CA GLU A 20 5.07 -8.66 -1.34
C GLU A 20 4.09 -9.63 -0.68
N GLN A 21 3.64 -9.24 0.51
CA GLN A 21 2.70 -10.07 1.26
C GLN A 21 1.28 -9.54 1.07
N LEU A 22 1.14 -8.61 0.13
CA LEU A 22 -0.16 -8.03 -0.15
C LEU A 22 -0.89 -8.90 -1.18
N LYS A 23 -2.21 -8.92 -1.05
CA LYS A 23 -3.03 -9.69 -1.97
C LYS A 23 -4.49 -9.28 -1.81
N PRO A 24 -5.34 -9.75 -2.76
CA PRO A 24 -6.76 -9.44 -2.73
C PRO A 24 -7.48 -10.25 -1.66
N GLY A 25 -8.59 -9.72 -1.21
CA GLY A 25 -9.39 -10.38 -0.19
C GLY A 25 -8.79 -10.16 1.20
N THR A 26 -7.90 -9.17 1.28
CA THR A 26 -7.25 -8.86 2.54
C THR A 26 -7.61 -7.44 2.98
N THR A 27 -7.44 -7.19 4.28
CA THR A 27 -7.74 -5.89 4.84
C THR A 27 -6.95 -5.66 6.13
N GLY A 28 -7.06 -4.45 6.66
CA GLY A 28 -6.37 -4.11 7.88
C GLY A 28 -4.97 -4.74 7.92
N HIS A 29 -4.06 -4.11 7.19
CA HIS A 29 -2.69 -4.60 7.14
C HIS A 29 -1.79 -3.68 7.96
N THR A 30 -0.65 -4.24 8.37
CA THR A 30 0.30 -3.49 9.17
C THR A 30 1.73 -3.80 8.71
N LEU A 31 2.32 -2.81 8.05
CA LEU A 31 3.69 -2.96 7.55
C LEU A 31 4.34 -1.58 7.44
N THR A 32 5.65 -1.59 7.32
CA THR A 32 6.41 -0.35 7.19
C THR A 32 6.76 -0.08 5.73
N VAL A 33 6.19 0.99 5.21
CA VAL A 33 6.44 1.37 3.82
C VAL A 33 7.28 2.64 3.79
N LYS A 34 8.34 2.59 2.98
CA LYS A 34 9.23 3.74 2.84
C LYS A 34 8.95 4.45 1.52
N VAL A 35 8.61 5.73 1.64
CA VAL A 35 8.31 6.53 0.47
C VAL A 35 9.58 6.69 -0.37
N ILE A 36 9.38 6.76 -1.68
CA ILE A 36 10.49 6.90 -2.60
C ILE A 36 10.30 8.18 -3.42
N GLU A 37 9.12 8.30 -4.01
CA GLU A 37 8.78 9.46 -4.81
C GLU A 37 7.35 9.92 -4.54
N ALA A 38 7.09 11.18 -4.86
CA ALA A 38 5.77 11.73 -4.67
C ALA A 38 5.47 12.74 -5.79
N ASN A 39 4.55 12.36 -6.65
CA ASN A 39 4.17 13.21 -7.78
C ASN A 39 2.65 13.15 -7.96
N ILE A 40 2.10 14.27 -8.39
CA ILE A 40 0.67 14.37 -8.61
C ILE A 40 0.22 13.19 -9.50
N VAL A 41 -1.06 12.86 -9.39
CA VAL A 41 -1.62 11.78 -10.17
C VAL A 41 -1.88 12.26 -11.60
N VAL A 42 -1.15 11.66 -12.53
CA VAL A 42 -1.29 12.01 -13.93
C VAL A 42 -2.43 11.21 -14.55
N PRO A 43 -3.03 11.79 -15.63
CA PRO A 43 -4.13 11.13 -16.31
C PRO A 43 -3.62 9.97 -17.18
N VAL A 44 -4.54 9.41 -17.96
CA VAL A 44 -4.21 8.30 -18.83
C VAL A 44 -3.85 7.08 -17.97
N THR A 45 -2.66 7.14 -17.38
CA THR A 45 -2.19 6.05 -16.55
C THR A 45 -2.92 6.07 -15.20
N ARG A 46 -3.30 4.87 -14.76
CA ARG A 46 -4.01 4.72 -13.51
C ARG A 46 -5.11 5.79 -13.39
N LYS A 47 -6.28 5.43 -13.88
CA LYS A 47 -7.42 6.33 -13.84
C LYS A 47 -7.00 7.69 -14.41
N THR A 48 -7.91 8.65 -14.30
CA THR A 48 -7.65 9.99 -14.80
C THR A 48 -7.35 10.94 -13.64
N ARG A 49 -8.16 10.83 -12.60
CA ARG A 49 -7.99 11.66 -11.42
C ARG A 49 -9.24 11.60 -10.53
N PRO A 50 -10.41 11.88 -11.16
CA PRO A 50 -11.67 11.84 -10.44
C PRO A 50 -12.11 10.40 -10.17
N ALA A 51 -12.08 10.03 -8.89
CA ALA A 51 -12.47 8.69 -8.50
C ALA A 51 -12.52 8.61 -6.97
N SER A 52 -13.26 9.54 -6.38
CA SER A 52 -13.40 9.58 -4.94
C SER A 52 -12.12 10.13 -4.31
N SER A 53 -12.26 10.62 -3.09
CA SER A 53 -11.12 11.16 -2.37
C SER A 53 -11.57 11.73 -1.02
N LEU A 54 -11.02 11.14 0.04
CA LEU A 54 -11.35 11.58 1.39
C LEU A 54 -12.87 11.45 1.59
N SER A 55 -13.29 11.76 2.81
CA SER A 55 -14.71 11.68 3.15
C SER A 55 -15.35 13.07 3.00
N ARG A 56 -15.61 13.43 1.76
CA ARG A 56 -16.23 14.72 1.47
C ARG A 56 -16.05 15.07 -0.01
N PRO A 57 -17.17 14.97 -0.77
CA PRO A 57 -17.14 15.27 -2.19
C PRO A 57 -17.09 16.78 -2.42
N SER A 58 -17.02 17.14 -3.69
CA SER A 58 -16.96 18.55 -4.07
C SER A 58 -15.53 19.07 -3.91
N GLN A 59 -15.01 18.96 -2.71
CA GLN A 59 -13.66 19.42 -2.42
C GLN A 59 -12.69 18.83 -3.43
N PRO A 60 -11.58 19.60 -3.69
CA PRO A 60 -10.57 19.16 -4.63
C PRO A 60 -9.70 18.06 -4.02
N SER A 61 -9.25 18.31 -2.79
CA SER A 61 -8.41 17.37 -2.10
C SER A 61 -7.20 16.98 -2.96
N ARG A 62 -6.15 17.77 -2.86
CA ARG A 62 -4.95 17.52 -3.62
C ARG A 62 -4.42 16.11 -3.35
N ILE A 63 -4.70 15.23 -4.31
CA ILE A 63 -4.27 13.84 -4.19
C ILE A 63 -2.98 13.65 -4.99
N VAL A 64 -2.01 13.01 -4.34
CA VAL A 64 -0.73 12.75 -4.98
C VAL A 64 -0.33 11.30 -4.74
N GLU A 65 0.22 10.69 -5.79
CA GLU A 65 0.65 9.31 -5.69
C GLU A 65 2.13 9.23 -5.31
N CYS A 66 2.38 8.55 -4.20
CA CYS A 66 3.73 8.40 -3.70
C CYS A 66 4.10 6.91 -3.73
N LEU A 67 5.35 6.64 -4.07
CA LEU A 67 5.82 5.27 -4.14
C LEU A 67 6.34 4.85 -2.76
N ILE A 68 5.74 3.78 -2.24
CA ILE A 68 6.14 3.27 -0.93
C ILE A 68 6.23 1.75 -1.00
N GLY A 69 7.07 1.20 -0.13
CA GLY A 69 7.27 -0.23 -0.08
C GLY A 69 8.40 -0.60 0.90
N ASP A 70 8.85 -1.84 0.79
CA ASP A 70 9.92 -2.32 1.65
C ASP A 70 10.91 -3.14 0.81
N GLU A 71 11.93 -3.64 1.50
CA GLU A 71 12.94 -4.44 0.84
C GLU A 71 12.30 -5.42 -0.14
N THR A 72 11.06 -5.79 0.17
CA THR A 72 10.32 -6.73 -0.66
C THR A 72 9.93 -6.06 -1.98
N GLY A 73 8.93 -5.20 -1.91
CA GLY A 73 8.45 -4.50 -3.07
C GLY A 73 7.70 -3.21 -2.69
N CYS A 74 7.10 -2.59 -3.69
CA CYS A 74 6.35 -1.36 -3.46
C CYS A 74 5.05 -1.45 -4.23
N ILE A 75 4.19 -0.46 -3.98
CA ILE A 75 2.89 -0.42 -4.64
C ILE A 75 2.45 1.04 -4.80
N LEU A 76 1.48 1.24 -5.67
CA LEU A 76 0.97 2.58 -5.92
C LEU A 76 -0.12 2.91 -4.90
N PHE A 77 0.28 3.68 -3.89
CA PHE A 77 -0.65 4.08 -2.84
C PHE A 77 -1.07 5.53 -3.00
N THR A 78 -2.29 5.81 -2.57
CA THR A 78 -2.84 7.16 -2.66
C THR A 78 -2.91 7.80 -1.28
N ALA A 79 -2.43 9.03 -1.19
CA ALA A 79 -2.44 9.76 0.07
C ALA A 79 -3.25 11.04 -0.10
N ARG A 80 -4.09 11.30 0.90
CA ARG A 80 -4.93 12.49 0.88
C ARG A 80 -4.10 13.73 1.21
N ASN A 81 -4.72 14.89 1.03
CA ASN A 81 -4.06 16.15 1.31
C ASN A 81 -3.39 16.07 2.68
N ASP A 82 -3.91 15.18 3.52
CA ASP A 82 -3.38 15.00 4.85
C ASP A 82 -2.23 13.98 4.81
N GLN A 83 -2.58 12.77 4.39
CA GLN A 83 -1.59 11.71 4.30
C GLN A 83 -0.41 12.16 3.43
N VAL A 84 -0.73 12.78 2.32
CA VAL A 84 0.30 13.27 1.40
C VAL A 84 1.48 13.81 2.21
N ASP A 85 1.15 14.56 3.24
CA ASP A 85 2.17 15.15 4.10
C ASP A 85 3.05 14.04 4.68
N LEU A 86 2.39 13.07 5.30
CA LEU A 86 3.10 11.95 5.89
C LEU A 86 3.80 11.15 4.79
N MET A 87 3.07 10.94 3.70
CA MET A 87 3.60 10.20 2.57
C MET A 87 4.57 11.07 1.76
N LYS A 88 5.56 11.62 2.46
CA LYS A 88 6.55 12.46 1.81
C LYS A 88 7.65 11.58 1.21
N PRO A 89 8.27 12.10 0.11
CA PRO A 89 9.33 11.38 -0.56
C PRO A 89 10.63 11.43 0.24
N GLY A 90 11.24 10.26 0.39
CA GLY A 90 12.49 10.16 1.13
C GLY A 90 12.23 10.08 2.64
N ALA A 91 11.04 9.60 2.97
CA ALA A 91 10.65 9.46 4.36
C ALA A 91 10.15 8.04 4.60
N THR A 92 9.94 7.72 5.88
CA THR A 92 9.46 6.41 6.25
C THR A 92 8.18 6.53 7.09
N VAL A 93 7.17 5.76 6.69
CA VAL A 93 5.90 5.77 7.39
C VAL A 93 5.34 4.35 7.46
N ILE A 94 4.44 4.15 8.39
CA ILE A 94 3.82 2.84 8.58
C ILE A 94 2.33 2.93 8.25
N LEU A 95 1.77 1.80 7.85
CA LEU A 95 0.36 1.74 7.51
C LEU A 95 -0.37 0.84 8.51
N ARG A 96 -1.47 1.34 9.03
CA ARG A 96 -2.26 0.59 9.99
C ARG A 96 -3.71 0.48 9.53
N ASN A 97 -4.28 -0.69 9.73
CA ASN A 97 -5.66 -0.94 9.33
C ASN A 97 -5.81 -0.68 7.84
N SER A 98 -4.68 -0.74 7.14
CA SER A 98 -4.67 -0.52 5.71
C SER A 98 -5.37 -1.68 5.00
N ARG A 99 -6.10 -1.33 3.95
CA ARG A 99 -6.84 -2.32 3.18
C ARG A 99 -6.35 -2.33 1.73
N ILE A 100 -6.51 -3.48 1.09
CA ILE A 100 -6.08 -3.64 -0.29
C ILE A 100 -7.32 -3.59 -1.20
N ASP A 101 -7.28 -2.65 -2.13
CA ASP A 101 -8.38 -2.50 -3.07
C ASP A 101 -8.08 -3.29 -4.34
N MET A 102 -9.03 -4.15 -4.71
CA MET A 102 -8.87 -4.96 -5.90
C MET A 102 -9.01 -4.12 -7.17
N PHE A 103 -7.88 -3.84 -7.79
CA PHE A 103 -7.86 -3.05 -9.01
C PHE A 103 -7.94 -3.94 -10.24
N LYS A 104 -8.36 -3.34 -11.34
CA LYS A 104 -8.48 -4.06 -12.59
C LYS A 104 -7.28 -4.98 -12.77
N GLY A 105 -7.47 -6.24 -12.39
CA GLY A 105 -6.41 -7.22 -12.50
C GLY A 105 -5.16 -6.76 -11.75
N THR A 106 -5.38 -6.02 -10.68
CA THR A 106 -4.29 -5.51 -9.87
C THR A 106 -4.80 -5.07 -8.49
N MET A 107 -3.90 -4.50 -7.71
CA MET A 107 -4.25 -4.04 -6.38
C MET A 107 -3.40 -2.82 -5.99
N ARG A 108 -3.75 -2.25 -4.84
CA ARG A 108 -3.04 -1.08 -4.35
C ARG A 108 -3.18 -0.99 -2.83
N LEU A 109 -2.33 -0.17 -2.24
CA LEU A 109 -2.33 0.02 -0.80
C LEU A 109 -3.12 1.29 -0.47
N GLY A 110 -3.97 1.18 0.55
CA GLY A 110 -4.77 2.31 0.97
C GLY A 110 -5.11 2.21 2.46
N VAL A 111 -5.86 3.20 2.93
CA VAL A 111 -6.24 3.25 4.33
C VAL A 111 -7.71 3.68 4.43
N ASP A 112 -8.51 2.81 5.03
CA ASP A 112 -9.93 3.09 5.20
C ASP A 112 -10.11 4.14 6.30
N LYS A 113 -11.35 4.56 6.47
CA LYS A 113 -11.67 5.56 7.48
C LYS A 113 -11.29 5.03 8.86
N TRP A 114 -11.22 3.71 8.95
CA TRP A 114 -10.88 3.07 10.21
C TRP A 114 -9.37 2.78 10.18
N GLY A 115 -8.66 3.52 9.34
CA GLY A 115 -7.23 3.35 9.21
C GLY A 115 -6.52 4.70 9.16
N ARG A 116 -5.34 4.74 9.76
CA ARG A 116 -4.56 5.97 9.80
C ARG A 116 -3.07 5.65 9.67
N ILE A 117 -2.32 6.63 9.20
CA ILE A 117 -0.89 6.47 9.03
C ILE A 117 -0.20 6.58 10.39
N GLU A 118 0.99 5.99 10.47
CA GLU A 118 1.75 6.03 11.70
C GLU A 118 2.82 7.12 11.64
N ALA A 119 3.57 7.11 10.55
CA ALA A 119 4.63 8.09 10.36
C ALA A 119 5.87 7.68 11.16
N THR A 120 6.19 6.39 11.06
CA THR A 120 7.34 5.86 11.77
C THR A 120 8.55 6.78 11.60
N GLY A 121 9.59 6.49 12.36
CA GLY A 121 10.81 7.28 12.30
C GLY A 121 11.41 7.26 10.89
N ALA A 122 12.43 6.43 10.73
CA ALA A 122 13.11 6.30 9.45
C ALA A 122 13.14 4.83 9.04
N ALA A 123 13.40 4.62 7.76
CA ALA A 123 13.46 3.26 7.22
C ALA A 123 14.90 2.74 7.32
N SER A 124 15.04 1.61 7.98
CA SER A 124 16.35 1.00 8.15
C SER A 124 16.61 -0.02 7.03
N PHE A 125 15.63 -0.12 6.14
CA PHE A 125 15.74 -1.04 5.03
C PHE A 125 15.72 -0.28 3.69
N THR A 126 16.14 -0.99 2.65
CA THR A 126 16.17 -0.40 1.32
C THR A 126 15.05 -0.97 0.46
N VAL A 127 14.10 -0.11 0.13
CA VAL A 127 12.97 -0.51 -0.69
C VAL A 127 13.48 -1.05 -2.03
N LYS A 128 12.79 -2.06 -2.52
CA LYS A 128 13.16 -2.67 -3.79
C LYS A 128 12.41 -1.97 -4.93
N GLU A 129 13.02 -0.89 -5.40
CA GLU A 129 12.42 -0.12 -6.48
C GLU A 129 12.48 -0.91 -7.79
N ASP A 130 11.82 -2.06 -7.78
CA ASP A 130 11.79 -2.93 -8.94
C ASP A 130 10.72 -4.00 -8.76
N ASN A 131 10.67 -4.53 -7.55
CA ASN A 131 9.70 -5.57 -7.22
C ASN A 131 8.37 -4.92 -6.88
N ASN A 132 7.93 -4.01 -7.75
CA ASN A 132 6.67 -3.32 -7.55
C ASN A 132 5.52 -4.28 -7.82
N LEU A 133 4.45 -4.09 -7.05
CA LEU A 133 3.27 -4.93 -7.20
C LEU A 133 2.11 -4.09 -7.72
N SER A 134 2.46 -2.90 -8.21
CA SER A 134 1.45 -2.00 -8.73
C SER A 134 1.32 -2.17 -10.25
N LEU A 135 2.16 -3.06 -10.78
CA LEU A 135 2.15 -3.34 -12.20
C LEU A 135 1.74 -4.79 -12.43
N VAL A 136 2.23 -5.65 -11.55
CA VAL A 136 1.93 -7.08 -11.64
C VAL A 136 0.42 -7.27 -11.72
N GLU A 137 0.00 -8.21 -12.55
CA GLU A 137 -1.41 -8.50 -12.72
C GLU A 137 -1.77 -9.80 -12.00
N TYR A 138 -2.85 -9.73 -11.22
CA TYR A 138 -3.30 -10.90 -10.48
C TYR A 138 -4.35 -11.68 -11.28
N GLU A 139 -4.08 -11.81 -12.58
CA GLU A 139 -4.98 -12.53 -13.46
C GLU A 139 -4.18 -13.38 -14.46
N SER A 140 -4.80 -14.46 -14.88
CA SER A 140 -4.16 -15.36 -15.83
C SER A 140 -3.75 -14.59 -17.09
N GLY A 141 -2.46 -14.61 -17.36
CA GLY A 141 -1.93 -13.91 -18.53
C GLY A 141 -0.57 -13.30 -18.22
N PRO A 142 0.44 -13.67 -19.05
CA PRO A 142 1.79 -13.15 -18.88
C PRO A 142 1.89 -11.71 -19.37
N SER A 143 3.04 -11.11 -19.12
CA SER A 143 3.27 -9.74 -19.52
C SER A 143 4.68 -9.31 -19.12
N SER A 144 5.39 -8.73 -20.08
CA SER A 144 6.75 -8.27 -19.84
C SER A 144 7.50 -9.29 -18.99
N GLY A 145 8.15 -10.22 -19.65
CA GLY A 145 8.91 -11.25 -18.96
C GLY A 145 9.89 -10.63 -17.97
N GLY A 1 -19.95 -2.99 42.66
CA GLY A 1 -19.45 -4.21 42.04
C GLY A 1 -18.13 -3.96 41.31
N SER A 2 -17.24 -4.93 41.41
CA SER A 2 -15.94 -4.82 40.77
C SER A 2 -15.21 -6.16 40.83
N SER A 3 -14.83 -6.65 39.65
CA SER A 3 -14.13 -7.92 39.56
C SER A 3 -13.46 -8.05 38.19
N GLY A 4 -12.37 -8.79 38.17
CA GLY A 4 -11.63 -9.00 36.93
C GLY A 4 -10.17 -9.36 37.22
N SER A 5 -9.30 -8.41 36.93
CA SER A 5 -7.88 -8.60 37.15
C SER A 5 -7.36 -9.77 36.29
N SER A 6 -6.98 -9.44 35.06
CA SER A 6 -6.48 -10.44 34.15
C SER A 6 -5.96 -9.78 32.87
N GLY A 7 -5.23 -10.55 32.09
CA GLY A 7 -4.67 -10.05 30.85
C GLY A 7 -3.17 -10.35 30.75
N SER A 8 -2.71 -10.48 29.51
CA SER A 8 -1.31 -10.78 29.26
C SER A 8 -1.03 -10.79 27.76
N THR A 9 0.10 -10.22 27.39
CA THR A 9 0.49 -10.16 25.99
C THR A 9 1.73 -11.02 25.75
N VAL A 10 1.82 -11.55 24.53
CA VAL A 10 2.94 -12.40 24.16
C VAL A 10 3.42 -11.99 22.77
N LYS A 11 3.60 -10.69 22.58
CA LYS A 11 4.05 -10.17 21.30
C LYS A 11 5.35 -10.89 20.91
N ARG A 12 6.41 -10.57 21.64
CA ARG A 12 7.71 -11.17 21.39
C ARG A 12 8.18 -10.80 19.97
N LYS A 13 9.02 -9.78 19.91
CA LYS A 13 9.55 -9.32 18.63
C LYS A 13 8.40 -8.79 17.77
N PRO A 14 8.76 -7.86 16.85
CA PRO A 14 7.78 -7.27 15.95
C PRO A 14 7.38 -8.24 14.86
N VAL A 15 6.16 -8.08 14.37
CA VAL A 15 5.65 -8.94 13.30
C VAL A 15 5.55 -8.13 12.01
N PHE A 16 4.44 -7.42 11.87
CA PHE A 16 4.21 -6.62 10.69
C PHE A 16 4.29 -7.46 9.42
N VAL A 17 3.63 -6.98 8.38
CA VAL A 17 3.62 -7.68 7.11
C VAL A 17 4.60 -6.99 6.14
N LYS A 18 4.66 -7.53 4.93
CA LYS A 18 5.54 -6.99 3.91
C LYS A 18 4.71 -6.63 2.67
N VAL A 19 5.35 -5.88 1.78
CA VAL A 19 4.69 -5.47 0.55
C VAL A 19 4.42 -6.69 -0.32
N GLU A 20 5.49 -7.43 -0.60
CA GLU A 20 5.39 -8.62 -1.42
C GLU A 20 4.43 -9.63 -0.78
N GLN A 21 4.13 -9.38 0.48
CA GLN A 21 3.23 -10.26 1.23
C GLN A 21 1.77 -9.90 0.92
N LEU A 22 1.60 -8.76 0.25
CA LEU A 22 0.27 -8.30 -0.10
C LEU A 22 -0.30 -9.19 -1.20
N LYS A 23 -1.62 -9.32 -1.20
CA LYS A 23 -2.29 -10.14 -2.20
C LYS A 23 -3.76 -9.72 -2.28
N PRO A 24 -4.45 -10.27 -3.32
CA PRO A 24 -5.86 -9.96 -3.52
C PRO A 24 -6.73 -10.68 -2.50
N GLY A 25 -7.72 -9.96 -1.98
CA GLY A 25 -8.63 -10.52 -1.00
C GLY A 25 -8.06 -10.38 0.42
N THR A 26 -7.39 -9.26 0.65
CA THR A 26 -6.80 -9.00 1.95
C THR A 26 -7.19 -7.61 2.44
N THR A 27 -7.15 -7.45 3.75
CA THR A 27 -7.50 -6.18 4.37
C THR A 27 -6.79 -6.02 5.71
N GLY A 28 -6.80 -4.78 6.21
CA GLY A 28 -6.16 -4.49 7.47
C GLY A 28 -4.75 -5.11 7.54
N HIS A 29 -3.78 -4.32 7.13
CA HIS A 29 -2.39 -4.77 7.14
C HIS A 29 -1.55 -3.82 8.00
N THR A 30 -0.40 -4.32 8.41
CA THR A 30 0.51 -3.54 9.23
C THR A 30 1.97 -3.79 8.82
N LEU A 31 2.56 -2.77 8.22
CA LEU A 31 3.94 -2.87 7.78
C LEU A 31 4.54 -1.46 7.68
N THR A 32 5.85 -1.43 7.48
CA THR A 32 6.56 -0.16 7.38
C THR A 32 6.94 0.12 5.92
N VAL A 33 6.26 1.09 5.33
CA VAL A 33 6.51 1.46 3.95
C VAL A 33 7.38 2.72 3.92
N LYS A 34 8.35 2.71 3.02
CA LYS A 34 9.26 3.84 2.88
C LYS A 34 8.99 4.54 1.54
N VAL A 35 8.58 5.80 1.64
CA VAL A 35 8.29 6.58 0.44
C VAL A 35 9.58 6.80 -0.34
N ILE A 36 9.43 6.81 -1.67
CA ILE A 36 10.57 7.00 -2.54
C ILE A 36 10.33 8.25 -3.41
N GLU A 37 9.16 8.29 -4.02
CA GLU A 37 8.79 9.40 -4.87
C GLU A 37 7.37 9.88 -4.55
N ALA A 38 7.04 11.05 -5.07
CA ALA A 38 5.73 11.62 -4.86
C ALA A 38 5.42 12.62 -5.97
N ASN A 39 4.54 12.20 -6.88
CA ASN A 39 4.15 13.05 -7.99
C ASN A 39 2.63 13.19 -8.01
N ILE A 40 2.18 14.39 -8.35
CA ILE A 40 0.76 14.68 -8.41
C ILE A 40 0.08 13.63 -9.28
N VAL A 41 -1.23 13.49 -9.06
CA VAL A 41 -2.01 12.53 -9.82
C VAL A 41 -2.29 13.10 -11.21
N VAL A 42 -1.49 12.66 -12.17
CA VAL A 42 -1.64 13.11 -13.55
C VAL A 42 -2.17 11.96 -14.40
N PRO A 43 -2.80 12.34 -15.54
CA PRO A 43 -3.35 11.35 -16.45
C PRO A 43 -2.24 10.65 -17.25
N VAL A 44 -2.65 9.67 -18.04
CA VAL A 44 -1.71 8.92 -18.85
C VAL A 44 -0.44 8.65 -18.04
N THR A 45 -0.50 7.59 -17.25
CA THR A 45 0.63 7.22 -16.41
C THR A 45 0.79 5.69 -16.37
N ARG A 46 0.08 5.09 -15.42
CA ARG A 46 0.13 3.64 -15.27
C ARG A 46 -0.87 2.97 -16.22
N LYS A 47 -0.48 2.93 -17.49
CA LYS A 47 -1.32 2.31 -18.50
C LYS A 47 -2.75 2.85 -18.36
N THR A 48 -3.03 3.92 -19.10
CA THR A 48 -4.34 4.54 -19.07
C THR A 48 -4.42 5.67 -20.09
N ARG A 49 -4.31 5.30 -21.36
CA ARG A 49 -4.37 6.28 -22.43
C ARG A 49 -5.63 7.13 -22.31
N PRO A 50 -6.80 6.43 -22.22
CA PRO A 50 -8.06 7.12 -22.09
C PRO A 50 -8.25 7.67 -20.68
N ALA A 51 -8.37 6.75 -19.73
CA ALA A 51 -8.55 7.14 -18.34
C ALA A 51 -10.00 7.57 -18.12
N SER A 52 -10.84 6.61 -17.77
CA SER A 52 -12.24 6.88 -17.54
C SER A 52 -12.40 8.15 -16.69
N SER A 53 -12.69 9.24 -17.38
CA SER A 53 -12.87 10.51 -16.70
C SER A 53 -14.32 10.66 -16.22
N LEU A 54 -14.46 11.05 -14.96
CA LEU A 54 -15.77 11.23 -14.37
C LEU A 54 -15.68 12.26 -13.24
N SER A 55 -16.81 12.90 -12.99
CA SER A 55 -16.87 13.91 -11.93
C SER A 55 -15.92 15.06 -12.25
N ARG A 56 -16.02 16.11 -11.45
CA ARG A 56 -15.19 17.28 -11.64
C ARG A 56 -13.72 16.86 -11.79
N PRO A 57 -12.96 17.67 -12.57
CA PRO A 57 -11.55 17.39 -12.79
C PRO A 57 -10.72 17.74 -11.56
N SER A 58 -11.06 18.87 -10.95
CA SER A 58 -10.35 19.32 -9.76
C SER A 58 -11.21 19.10 -8.52
N GLN A 59 -10.95 17.99 -7.85
CA GLN A 59 -11.69 17.65 -6.64
C GLN A 59 -11.04 18.30 -5.42
N PRO A 60 -11.90 18.59 -4.40
CA PRO A 60 -11.42 19.21 -3.18
C PRO A 60 -10.69 18.19 -2.30
N SER A 61 -9.41 18.00 -2.60
CA SER A 61 -8.59 17.06 -1.86
C SER A 61 -7.34 16.71 -2.66
N ARG A 62 -6.32 17.54 -2.49
CA ARG A 62 -5.07 17.33 -3.19
C ARG A 62 -4.61 15.87 -3.04
N ILE A 63 -4.65 15.15 -4.16
CA ILE A 63 -4.26 13.75 -4.16
C ILE A 63 -2.97 13.60 -4.98
N VAL A 64 -1.99 12.97 -4.36
CA VAL A 64 -0.71 12.75 -5.03
C VAL A 64 -0.26 11.31 -4.80
N GLU A 65 0.25 10.71 -5.86
CA GLU A 65 0.73 9.33 -5.78
C GLU A 65 2.18 9.29 -5.33
N CYS A 66 2.45 8.41 -4.38
CA CYS A 66 3.80 8.26 -3.85
C CYS A 66 4.15 6.77 -3.86
N LEU A 67 5.43 6.50 -4.06
CA LEU A 67 5.92 5.13 -4.09
C LEU A 67 6.43 4.75 -2.69
N ILE A 68 5.73 3.81 -2.08
CA ILE A 68 6.10 3.34 -0.76
C ILE A 68 6.13 1.80 -0.75
N GLY A 69 6.95 1.26 0.14
CA GLY A 69 7.07 -0.18 0.26
C GLY A 69 8.25 -0.56 1.17
N ASP A 70 8.74 -1.76 0.96
CA ASP A 70 9.86 -2.26 1.76
C ASP A 70 10.86 -2.96 0.83
N GLU A 71 11.93 -3.47 1.44
CA GLU A 71 12.96 -4.17 0.68
C GLU A 71 12.33 -5.20 -0.25
N THR A 72 11.19 -5.73 0.18
CA THR A 72 10.47 -6.72 -0.61
C THR A 72 10.03 -6.13 -1.94
N GLY A 73 9.03 -5.26 -1.85
CA GLY A 73 8.51 -4.61 -3.04
C GLY A 73 7.87 -3.26 -2.70
N CYS A 74 7.22 -2.68 -3.70
CA CYS A 74 6.57 -1.39 -3.51
C CYS A 74 5.21 -1.44 -4.22
N ILE A 75 4.31 -0.59 -3.74
CA ILE A 75 2.97 -0.53 -4.32
C ILE A 75 2.58 0.94 -4.53
N LEU A 76 1.56 1.12 -5.35
CA LEU A 76 1.08 2.47 -5.65
C LEU A 76 -0.05 2.82 -4.69
N PHE A 77 0.29 3.59 -3.66
CA PHE A 77 -0.69 4.01 -2.67
C PHE A 77 -1.10 5.46 -2.90
N THR A 78 -2.33 5.75 -2.51
CA THR A 78 -2.86 7.10 -2.66
C THR A 78 -2.94 7.80 -1.31
N ALA A 79 -2.43 9.03 -1.27
CA ALA A 79 -2.44 9.80 -0.06
C ALA A 79 -3.21 11.10 -0.28
N ARG A 80 -4.08 11.41 0.67
CA ARG A 80 -4.89 12.62 0.59
C ARG A 80 -4.03 13.85 0.85
N ASN A 81 -4.63 15.00 0.62
CA ASN A 81 -3.93 16.27 0.82
C ASN A 81 -3.26 16.25 2.20
N ASP A 82 -3.81 15.42 3.07
CA ASP A 82 -3.27 15.30 4.42
C ASP A 82 -2.18 14.22 4.44
N GLN A 83 -2.59 13.02 4.07
CA GLN A 83 -1.67 11.89 4.04
C GLN A 83 -0.44 12.23 3.20
N VAL A 84 -0.70 12.88 2.07
CA VAL A 84 0.38 13.27 1.17
C VAL A 84 1.59 13.72 2.00
N ASP A 85 1.31 14.58 2.97
CA ASP A 85 2.37 15.10 3.83
C ASP A 85 3.14 13.93 4.44
N LEU A 86 2.40 13.03 5.07
CA LEU A 86 3.01 11.87 5.70
C LEU A 86 3.65 11.00 4.62
N MET A 87 2.98 10.92 3.48
CA MET A 87 3.48 10.12 2.37
C MET A 87 4.45 10.94 1.51
N LYS A 88 5.31 11.68 2.19
CA LYS A 88 6.29 12.50 1.50
C LYS A 88 7.44 11.63 1.01
N PRO A 89 8.15 12.14 -0.03
CA PRO A 89 9.28 11.41 -0.60
C PRO A 89 10.49 11.46 0.32
N GLY A 90 11.09 10.30 0.53
CA GLY A 90 12.26 10.21 1.38
C GLY A 90 11.86 10.13 2.85
N ALA A 91 10.65 9.66 3.08
CA ALA A 91 10.13 9.54 4.44
C ALA A 91 9.56 8.14 4.63
N THR A 92 9.66 7.66 5.87
CA THR A 92 9.15 6.33 6.20
C THR A 92 7.91 6.45 7.08
N VAL A 93 6.87 5.74 6.68
CA VAL A 93 5.62 5.75 7.42
C VAL A 93 5.04 4.33 7.45
N ILE A 94 4.26 4.05 8.49
CA ILE A 94 3.64 2.76 8.63
C ILE A 94 2.15 2.86 8.31
N LEU A 95 1.58 1.75 7.88
CA LEU A 95 0.17 1.71 7.53
C LEU A 95 -0.54 0.71 8.43
N ARG A 96 -1.46 1.23 9.24
CA ARG A 96 -2.21 0.39 10.15
C ARG A 96 -3.65 0.22 9.65
N ASN A 97 -4.11 -1.02 9.67
CA ASN A 97 -5.45 -1.33 9.22
C ASN A 97 -5.58 -0.99 7.73
N SER A 98 -4.45 -1.06 7.05
CA SER A 98 -4.43 -0.77 5.62
C SER A 98 -5.05 -1.92 4.84
N ARG A 99 -6.01 -1.56 3.99
CA ARG A 99 -6.69 -2.56 3.19
C ARG A 99 -6.23 -2.47 1.73
N ILE A 100 -6.46 -3.55 1.00
CA ILE A 100 -6.06 -3.62 -0.39
C ILE A 100 -7.31 -3.57 -1.28
N ASP A 101 -7.31 -2.59 -2.19
CA ASP A 101 -8.43 -2.42 -3.09
C ASP A 101 -8.14 -3.15 -4.41
N MET A 102 -9.06 -4.02 -4.79
CA MET A 102 -8.91 -4.77 -6.01
C MET A 102 -9.13 -3.89 -7.24
N PHE A 103 -8.04 -3.56 -7.90
CA PHE A 103 -8.10 -2.72 -9.08
C PHE A 103 -8.17 -3.56 -10.35
N LYS A 104 -8.64 -2.93 -11.42
CA LYS A 104 -8.77 -3.62 -12.70
C LYS A 104 -7.54 -4.51 -12.92
N GLY A 105 -7.71 -5.78 -12.58
CA GLY A 105 -6.63 -6.74 -12.74
C GLY A 105 -5.36 -6.26 -12.02
N THR A 106 -5.57 -5.61 -10.88
CA THR A 106 -4.46 -5.10 -10.10
C THR A 106 -4.92 -4.79 -8.67
N MET A 107 -3.97 -4.32 -7.88
CA MET A 107 -4.25 -3.99 -6.50
C MET A 107 -3.33 -2.87 -5.99
N ARG A 108 -3.82 -2.15 -5.00
CA ARG A 108 -3.06 -1.05 -4.43
C ARG A 108 -3.27 -0.99 -2.91
N LEU A 109 -2.40 -0.22 -2.25
CA LEU A 109 -2.49 -0.08 -0.81
C LEU A 109 -3.28 1.18 -0.48
N GLY A 110 -4.15 1.06 0.51
CA GLY A 110 -4.98 2.17 0.93
C GLY A 110 -5.33 2.06 2.42
N VAL A 111 -5.96 3.11 2.93
CA VAL A 111 -6.36 3.14 4.32
C VAL A 111 -7.80 3.63 4.42
N ASP A 112 -8.60 2.86 5.16
CA ASP A 112 -10.00 3.20 5.34
C ASP A 112 -10.12 4.25 6.45
N LYS A 113 -11.35 4.71 6.66
CA LYS A 113 -11.61 5.71 7.68
C LYS A 113 -11.23 5.14 9.06
N TRP A 114 -11.24 3.82 9.13
CA TRP A 114 -10.89 3.14 10.37
C TRP A 114 -9.38 2.88 10.36
N GLY A 115 -8.71 3.54 9.44
CA GLY A 115 -7.27 3.38 9.31
C GLY A 115 -6.58 4.74 9.21
N ARG A 116 -5.40 4.82 9.79
CA ARG A 116 -4.62 6.05 9.76
C ARG A 116 -3.13 5.74 9.61
N ILE A 117 -2.41 6.74 9.13
CA ILE A 117 -0.97 6.59 8.92
C ILE A 117 -0.26 6.69 10.28
N GLU A 118 0.93 6.12 10.33
CA GLU A 118 1.72 6.14 11.55
C GLU A 118 2.75 7.28 11.49
N ALA A 119 3.62 7.19 10.51
CA ALA A 119 4.65 8.20 10.34
C ALA A 119 5.85 7.87 11.24
N THR A 120 6.20 6.59 11.25
CA THR A 120 7.32 6.13 12.05
C THR A 120 8.43 7.18 12.08
N GLY A 121 8.93 7.50 10.89
CA GLY A 121 9.99 8.49 10.77
C GLY A 121 10.91 8.16 9.60
N ALA A 122 11.76 7.16 9.83
CA ALA A 122 12.70 6.74 8.79
C ALA A 122 12.70 5.22 8.71
N ALA A 123 13.27 4.71 7.62
CA ALA A 123 13.34 3.28 7.41
C ALA A 123 14.79 2.82 7.50
N SER A 124 14.97 1.53 7.68
CA SER A 124 16.31 0.95 7.78
C SER A 124 16.55 -0.03 6.63
N PHE A 125 15.59 -0.06 5.71
CA PHE A 125 15.68 -0.95 4.57
C PHE A 125 15.61 -0.15 3.26
N THR A 126 16.10 -0.78 2.19
CA THR A 126 16.09 -0.15 0.89
C THR A 126 14.97 -0.72 0.03
N VAL A 127 14.00 0.14 -0.27
CA VAL A 127 12.86 -0.27 -1.07
C VAL A 127 13.36 -0.88 -2.39
N LYS A 128 12.66 -1.91 -2.84
CA LYS A 128 13.03 -2.58 -4.06
C LYS A 128 12.05 -2.18 -5.17
N GLU A 129 12.48 -1.22 -5.97
CA GLU A 129 11.65 -0.73 -7.06
C GLU A 129 11.63 -1.75 -8.21
N ASP A 130 12.38 -2.82 -8.01
CA ASP A 130 12.45 -3.87 -9.02
C ASP A 130 11.20 -4.74 -8.93
N ASN A 131 10.58 -4.73 -7.75
CA ASN A 131 9.38 -5.51 -7.54
C ASN A 131 8.24 -4.57 -7.13
N ASN A 132 7.61 -3.98 -8.14
CA ASN A 132 6.51 -3.06 -7.91
C ASN A 132 5.19 -3.82 -8.06
N LEU A 133 4.31 -3.61 -7.09
CA LEU A 133 3.01 -4.25 -7.12
C LEU A 133 1.99 -3.33 -7.78
N SER A 134 2.45 -2.13 -8.12
CA SER A 134 1.60 -1.16 -8.75
C SER A 134 1.49 -1.44 -10.25
N LEU A 135 2.33 -2.36 -10.70
CA LEU A 135 2.35 -2.74 -12.10
C LEU A 135 1.85 -4.18 -12.25
N VAL A 136 2.14 -4.97 -11.22
CA VAL A 136 1.72 -6.36 -11.22
C VAL A 136 0.26 -6.47 -11.68
N GLU A 137 -0.13 -7.69 -12.03
CA GLU A 137 -1.49 -7.93 -12.48
C GLU A 137 -1.95 -9.31 -12.04
N TYR A 138 -3.11 -9.34 -11.39
CA TYR A 138 -3.67 -10.59 -10.91
C TYR A 138 -4.87 -11.01 -11.76
N GLU A 139 -4.71 -10.87 -13.07
CA GLU A 139 -5.77 -11.23 -13.99
C GLU A 139 -5.17 -11.60 -15.36
N SER A 140 -5.02 -12.90 -15.58
CA SER A 140 -4.47 -13.38 -16.82
C SER A 140 -5.60 -13.88 -17.73
N GLY A 141 -5.91 -13.06 -18.73
CA GLY A 141 -6.96 -13.40 -19.68
C GLY A 141 -6.38 -13.80 -21.04
N PRO A 142 -6.76 -15.03 -21.49
CA PRO A 142 -6.27 -15.55 -22.76
C PRO A 142 -6.98 -14.85 -23.93
N SER A 143 -6.83 -13.54 -23.98
CA SER A 143 -7.44 -12.76 -25.04
C SER A 143 -8.85 -13.27 -25.31
N SER A 144 -9.80 -12.73 -24.54
CA SER A 144 -11.19 -13.12 -24.69
C SER A 144 -12.08 -11.88 -24.83
N GLY A 145 -13.06 -11.97 -25.71
CA GLY A 145 -13.97 -10.87 -25.93
C GLY A 145 -15.43 -11.34 -25.85
N GLY A 1 -4.99 -45.66 9.69
CA GLY A 1 -4.04 -45.55 10.78
C GLY A 1 -3.36 -44.18 10.79
N SER A 2 -2.56 -43.95 11.82
CA SER A 2 -1.86 -42.69 11.97
C SER A 2 -1.02 -42.70 13.25
N SER A 3 0.24 -42.33 13.10
CA SER A 3 1.15 -42.29 14.24
C SER A 3 2.45 -41.60 13.85
N GLY A 4 2.81 -40.58 14.63
CA GLY A 4 4.02 -39.84 14.37
C GLY A 4 3.87 -38.38 14.80
N SER A 5 4.87 -37.91 15.54
CA SER A 5 4.86 -36.53 16.03
C SER A 5 6.06 -36.30 16.94
N SER A 6 6.73 -35.19 16.70
CA SER A 6 7.90 -34.83 17.49
C SER A 6 8.55 -33.57 16.92
N GLY A 7 8.72 -32.59 17.79
CA GLY A 7 9.33 -31.33 17.39
C GLY A 7 8.44 -30.58 16.40
N SER A 8 8.26 -29.29 16.67
CA SER A 8 7.44 -28.44 15.82
C SER A 8 7.63 -26.98 16.19
N THR A 9 7.23 -26.11 15.28
CA THR A 9 7.35 -24.68 15.50
C THR A 9 8.81 -24.29 15.68
N VAL A 10 9.32 -23.53 14.73
CA VAL A 10 10.70 -23.08 14.77
C VAL A 10 10.89 -21.92 13.80
N LYS A 11 10.11 -20.87 14.03
CA LYS A 11 10.18 -19.69 13.19
C LYS A 11 10.96 -18.59 13.92
N ARG A 12 11.40 -17.61 13.14
CA ARG A 12 12.16 -16.50 13.70
C ARG A 12 12.02 -15.26 12.81
N LYS A 13 11.14 -14.36 13.22
CA LYS A 13 10.90 -13.14 12.47
C LYS A 13 10.01 -12.21 13.30
N PRO A 14 10.06 -10.90 12.93
CA PRO A 14 9.26 -9.90 13.63
C PRO A 14 7.79 -9.99 13.21
N VAL A 15 7.05 -8.95 13.54
CA VAL A 15 5.64 -8.89 13.21
C VAL A 15 5.46 -8.12 11.90
N PHE A 16 4.32 -7.45 11.80
CA PHE A 16 4.01 -6.68 10.60
C PHE A 16 4.13 -7.53 9.35
N VAL A 17 3.64 -6.99 8.24
CA VAL A 17 3.69 -7.68 6.97
C VAL A 17 4.64 -6.95 6.03
N LYS A 18 4.63 -7.39 4.78
CA LYS A 18 5.49 -6.79 3.76
C LYS A 18 4.67 -6.55 2.50
N VAL A 19 5.28 -5.83 1.57
CA VAL A 19 4.62 -5.52 0.31
C VAL A 19 4.44 -6.81 -0.49
N GLU A 20 5.49 -7.60 -0.51
CA GLU A 20 5.46 -8.87 -1.24
C GLU A 20 4.50 -9.85 -0.56
N GLN A 21 4.02 -9.44 0.61
CA GLN A 21 3.10 -10.27 1.37
C GLN A 21 1.65 -9.86 1.09
N LEU A 22 1.53 -8.87 0.21
CA LEU A 22 0.21 -8.36 -0.17
C LEU A 22 -0.38 -9.27 -1.25
N LYS A 23 -1.71 -9.29 -1.30
CA LYS A 23 -2.41 -10.09 -2.28
C LYS A 23 -3.88 -9.68 -2.33
N PRO A 24 -4.60 -10.22 -3.34
CA PRO A 24 -6.01 -9.91 -3.50
C PRO A 24 -6.86 -10.64 -2.46
N GLY A 25 -7.76 -9.90 -1.84
CA GLY A 25 -8.64 -10.46 -0.83
C GLY A 25 -8.03 -10.33 0.56
N THR A 26 -7.43 -9.18 0.81
CA THR A 26 -6.81 -8.91 2.09
C THR A 26 -7.16 -7.50 2.57
N THR A 27 -7.17 -7.35 3.89
CA THR A 27 -7.49 -6.06 4.49
C THR A 27 -6.70 -5.89 5.79
N GLY A 28 -6.79 -4.68 6.32
CA GLY A 28 -6.09 -4.35 7.57
C GLY A 28 -4.71 -5.00 7.59
N HIS A 29 -3.72 -4.21 7.16
CA HIS A 29 -2.35 -4.69 7.14
C HIS A 29 -1.47 -3.77 7.98
N THR A 30 -0.36 -4.32 8.46
CA THR A 30 0.57 -3.56 9.27
C THR A 30 2.00 -3.81 8.80
N LEU A 31 2.61 -2.77 8.24
CA LEU A 31 3.98 -2.86 7.77
C LEU A 31 4.56 -1.46 7.63
N THR A 32 5.88 -1.40 7.57
CA THR A 32 6.58 -0.14 7.44
C THR A 32 6.96 0.11 5.98
N VAL A 33 6.27 1.06 5.37
CA VAL A 33 6.53 1.41 3.99
C VAL A 33 7.36 2.69 3.93
N LYS A 34 8.34 2.68 3.04
CA LYS A 34 9.21 3.84 2.87
C LYS A 34 8.91 4.51 1.53
N VAL A 35 8.57 5.78 1.61
CA VAL A 35 8.25 6.55 0.41
C VAL A 35 9.53 6.75 -0.41
N ILE A 36 9.36 6.76 -1.72
CA ILE A 36 10.48 6.94 -2.62
C ILE A 36 10.24 8.19 -3.49
N GLU A 37 9.06 8.24 -4.08
CA GLU A 37 8.68 9.36 -4.93
C GLU A 37 7.28 9.84 -4.59
N ALA A 38 6.99 11.07 -4.99
CA ALA A 38 5.70 11.67 -4.73
C ALA A 38 5.42 12.74 -5.79
N ASN A 39 4.52 12.40 -6.71
CA ASN A 39 4.15 13.33 -7.77
C ASN A 39 2.64 13.27 -8.00
N ILE A 40 2.10 14.39 -8.45
CA ILE A 40 0.67 14.47 -8.70
C ILE A 40 0.25 13.31 -9.61
N VAL A 41 -1.03 12.98 -9.54
CA VAL A 41 -1.57 11.89 -10.34
C VAL A 41 -1.79 12.38 -11.77
N VAL A 42 -0.73 12.27 -12.56
CA VAL A 42 -0.79 12.70 -13.95
C VAL A 42 -2.05 12.13 -14.60
N PRO A 43 -2.47 12.80 -15.71
CA PRO A 43 -3.66 12.37 -16.42
C PRO A 43 -3.38 11.12 -17.26
N VAL A 44 -4.42 10.34 -17.47
CA VAL A 44 -4.30 9.11 -18.24
C VAL A 44 -2.96 8.44 -17.91
N THR A 45 -2.90 7.86 -16.73
CA THR A 45 -1.70 7.19 -16.28
C THR A 45 -2.00 6.27 -15.10
N ARG A 46 -2.40 5.05 -15.42
CA ARG A 46 -2.73 4.08 -14.40
C ARG A 46 -3.83 4.61 -13.48
N LYS A 47 -5.02 4.72 -14.04
CA LYS A 47 -6.16 5.21 -13.29
C LYS A 47 -7.37 5.31 -14.22
N THR A 48 -8.55 5.19 -13.62
CA THR A 48 -9.79 5.27 -14.37
C THR A 48 -10.94 5.67 -13.46
N ARG A 49 -10.86 6.89 -12.95
CA ARG A 49 -11.88 7.40 -12.06
C ARG A 49 -11.52 8.80 -11.58
N PRO A 50 -12.56 9.67 -11.50
CA PRO A 50 -12.37 11.04 -11.05
C PRO A 50 -12.15 11.11 -9.55
N ALA A 51 -12.12 12.33 -9.03
CA ALA A 51 -11.93 12.54 -7.61
C ALA A 51 -13.13 13.32 -7.05
N SER A 52 -13.01 13.70 -5.78
CA SER A 52 -14.06 14.44 -5.12
C SER A 52 -13.54 15.03 -3.80
N SER A 53 -14.35 15.89 -3.21
CA SER A 53 -13.99 16.52 -1.96
C SER A 53 -15.22 17.16 -1.32
N LEU A 54 -15.35 16.96 -0.02
CA LEU A 54 -16.47 17.51 0.72
C LEU A 54 -16.00 17.95 2.11
N SER A 55 -16.77 18.86 2.70
CA SER A 55 -16.45 19.37 4.02
C SER A 55 -15.25 20.33 3.92
N ARG A 56 -15.44 21.51 4.47
CA ARG A 56 -14.41 22.53 4.46
C ARG A 56 -14.01 22.87 3.01
N PRO A 57 -14.65 23.96 2.49
CA PRO A 57 -14.38 24.40 1.14
C PRO A 57 -13.03 25.10 1.04
N SER A 58 -11.98 24.35 1.38
CA SER A 58 -10.63 24.90 1.33
C SER A 58 -9.75 24.04 0.43
N GLN A 59 -9.71 24.41 -0.84
CA GLN A 59 -8.91 23.69 -1.82
C GLN A 59 -9.45 22.26 -1.99
N PRO A 60 -9.19 21.70 -3.19
CA PRO A 60 -9.64 20.35 -3.50
C PRO A 60 -8.77 19.31 -2.78
N SER A 61 -9.30 18.10 -2.70
CA SER A 61 -8.59 17.01 -2.04
C SER A 61 -7.30 16.69 -2.82
N ARG A 62 -6.30 17.54 -2.62
CA ARG A 62 -5.03 17.36 -3.29
C ARG A 62 -4.56 15.91 -3.16
N ILE A 63 -4.72 15.17 -4.25
CA ILE A 63 -4.33 13.78 -4.28
C ILE A 63 -3.01 13.63 -5.07
N VAL A 64 -2.07 12.93 -4.47
CA VAL A 64 -0.78 12.72 -5.10
C VAL A 64 -0.34 11.27 -4.87
N GLU A 65 0.21 10.68 -5.91
CA GLU A 65 0.68 9.30 -5.83
C GLU A 65 2.14 9.27 -5.37
N CYS A 66 2.41 8.36 -4.44
CA CYS A 66 3.75 8.22 -3.89
C CYS A 66 4.10 6.73 -3.87
N LEU A 67 5.37 6.44 -4.12
CA LEU A 67 5.83 5.07 -4.13
C LEU A 67 6.35 4.71 -2.74
N ILE A 68 5.72 3.72 -2.14
CA ILE A 68 6.11 3.27 -0.81
C ILE A 68 6.18 1.74 -0.80
N GLY A 69 7.01 1.22 0.10
CA GLY A 69 7.18 -0.21 0.23
C GLY A 69 8.42 -0.54 1.05
N ASP A 70 8.81 -1.81 0.98
CA ASP A 70 9.98 -2.27 1.71
C ASP A 70 10.96 -2.95 0.74
N GLU A 71 12.07 -3.42 1.30
CA GLU A 71 13.08 -4.08 0.49
C GLU A 71 12.42 -5.09 -0.46
N THR A 72 11.36 -5.72 0.04
CA THR A 72 10.65 -6.71 -0.75
C THR A 72 10.17 -6.09 -2.06
N GLY A 73 9.08 -5.34 -1.98
CA GLY A 73 8.52 -4.70 -3.15
C GLY A 73 7.84 -3.37 -2.77
N CYS A 74 7.19 -2.78 -3.75
CA CYS A 74 6.50 -1.52 -3.55
C CYS A 74 5.14 -1.58 -4.24
N ILE A 75 4.33 -0.57 -4.00
CA ILE A 75 3.01 -0.49 -4.59
C ILE A 75 2.60 0.97 -4.73
N LEU A 76 1.59 1.19 -5.57
CA LEU A 76 1.08 2.54 -5.80
C LEU A 76 -0.03 2.84 -4.79
N PHE A 77 0.34 3.60 -3.76
CA PHE A 77 -0.62 3.96 -2.73
C PHE A 77 -1.05 5.42 -2.89
N THR A 78 -2.35 5.64 -2.69
CA THR A 78 -2.90 6.98 -2.80
C THR A 78 -2.96 7.65 -1.42
N ALA A 79 -2.45 8.87 -1.37
CA ALA A 79 -2.44 9.63 -0.13
C ALA A 79 -3.27 10.90 -0.30
N ARG A 80 -4.11 11.16 0.70
CA ARG A 80 -4.95 12.34 0.67
C ARG A 80 -4.13 13.60 0.92
N ASN A 81 -4.78 14.74 0.75
CA ASN A 81 -4.12 16.02 0.96
C ASN A 81 -3.46 16.03 2.35
N ASP A 82 -3.93 15.13 3.20
CA ASP A 82 -3.39 15.03 4.54
C ASP A 82 -2.28 13.98 4.56
N GLN A 83 -2.63 12.78 4.11
CA GLN A 83 -1.69 11.69 4.07
C GLN A 83 -0.48 12.06 3.20
N VAL A 84 -0.78 12.67 2.07
CA VAL A 84 0.27 13.09 1.15
C VAL A 84 1.47 13.60 1.95
N ASP A 85 1.17 14.32 3.02
CA ASP A 85 2.21 14.86 3.87
C ASP A 85 3.02 13.72 4.49
N LEU A 86 2.30 12.84 5.17
CA LEU A 86 2.94 11.70 5.81
C LEU A 86 3.56 10.79 4.74
N MET A 87 3.00 10.90 3.55
CA MET A 87 3.48 10.09 2.43
C MET A 87 4.48 10.88 1.57
N LYS A 88 5.30 11.67 2.26
CA LYS A 88 6.30 12.48 1.58
C LYS A 88 7.42 11.58 1.07
N PRO A 89 8.13 12.07 0.01
CA PRO A 89 9.23 11.32 -0.56
C PRO A 89 10.46 11.39 0.34
N GLY A 90 11.06 10.22 0.57
CA GLY A 90 12.24 10.14 1.40
C GLY A 90 11.87 10.08 2.88
N ALA A 91 10.63 9.68 3.13
CA ALA A 91 10.13 9.58 4.50
C ALA A 91 9.63 8.17 4.74
N THR A 92 9.69 7.76 6.01
CA THR A 92 9.23 6.44 6.40
C THR A 92 7.95 6.52 7.23
N VAL A 93 6.95 5.78 6.80
CA VAL A 93 5.68 5.76 7.49
C VAL A 93 5.13 4.34 7.52
N ILE A 94 4.26 4.08 8.49
CA ILE A 94 3.65 2.77 8.64
C ILE A 94 2.17 2.86 8.31
N LEU A 95 1.61 1.72 7.94
CA LEU A 95 0.19 1.66 7.60
C LEU A 95 -0.52 0.71 8.56
N ARG A 96 -1.49 1.25 9.28
CA ARG A 96 -2.25 0.47 10.24
C ARG A 96 -3.70 0.31 9.76
N ASN A 97 -4.10 -0.94 9.59
CA ASN A 97 -5.45 -1.24 9.13
C ASN A 97 -5.56 -0.92 7.64
N SER A 98 -4.42 -0.88 6.98
CA SER A 98 -4.37 -0.59 5.56
C SER A 98 -5.03 -1.72 4.78
N ARG A 99 -6.05 -1.37 4.02
CA ARG A 99 -6.78 -2.34 3.22
C ARG A 99 -6.35 -2.25 1.75
N ILE A 100 -6.28 -3.41 1.12
CA ILE A 100 -5.89 -3.47 -0.28
C ILE A 100 -7.13 -3.29 -1.16
N ASP A 101 -7.01 -2.39 -2.12
CA ASP A 101 -8.11 -2.10 -3.03
C ASP A 101 -7.93 -2.93 -4.30
N MET A 102 -8.97 -3.69 -4.63
CA MET A 102 -8.93 -4.53 -5.82
C MET A 102 -9.18 -3.70 -7.09
N PHE A 103 -8.08 -3.36 -7.75
CA PHE A 103 -8.17 -2.57 -8.96
C PHE A 103 -8.32 -3.47 -10.19
N LYS A 104 -8.81 -2.87 -11.27
CA LYS A 104 -9.00 -3.61 -12.50
C LYS A 104 -7.83 -4.55 -12.73
N GLY A 105 -8.03 -5.80 -12.34
CA GLY A 105 -6.98 -6.81 -12.49
C GLY A 105 -5.68 -6.35 -11.84
N THR A 106 -5.83 -5.61 -10.75
CA THR A 106 -4.68 -5.11 -10.01
C THR A 106 -5.06 -4.77 -8.58
N MET A 107 -4.08 -4.30 -7.82
CA MET A 107 -4.30 -3.93 -6.44
C MET A 107 -3.37 -2.79 -6.01
N ARG A 108 -3.71 -2.19 -4.88
CA ARG A 108 -2.91 -1.09 -4.36
C ARG A 108 -3.08 -0.99 -2.84
N LEU A 109 -2.20 -0.23 -2.23
CA LEU A 109 -2.23 -0.03 -0.79
C LEU A 109 -2.97 1.26 -0.46
N GLY A 110 -3.82 1.18 0.55
CA GLY A 110 -4.60 2.33 0.97
C GLY A 110 -5.02 2.21 2.44
N VAL A 111 -5.75 3.22 2.90
CA VAL A 111 -6.22 3.22 4.27
C VAL A 111 -7.68 3.68 4.30
N ASP A 112 -8.48 2.94 5.05
CA ASP A 112 -9.90 3.25 5.17
C ASP A 112 -10.09 4.25 6.31
N LYS A 113 -11.34 4.69 6.46
CA LYS A 113 -11.68 5.65 7.50
C LYS A 113 -11.37 5.04 8.87
N TRP A 114 -11.35 3.71 8.90
CA TRP A 114 -11.06 3.00 10.14
C TRP A 114 -9.57 2.68 10.16
N GLY A 115 -8.81 3.52 9.48
CA GLY A 115 -7.37 3.33 9.42
C GLY A 115 -6.66 4.69 9.29
N ARG A 116 -5.52 4.79 9.97
CA ARG A 116 -4.74 6.01 9.95
C ARG A 116 -3.24 5.68 9.80
N ILE A 117 -2.51 6.67 9.31
CA ILE A 117 -1.07 6.50 9.12
C ILE A 117 -0.37 6.62 10.47
N GLU A 118 0.82 6.03 10.54
CA GLU A 118 1.61 6.07 11.76
C GLU A 118 2.66 7.18 11.69
N ALA A 119 3.45 7.13 10.62
CA ALA A 119 4.49 8.13 10.41
C ALA A 119 5.74 7.71 11.20
N THR A 120 6.01 6.42 11.19
CA THR A 120 7.16 5.89 11.89
C THR A 120 8.38 6.79 11.66
N GLY A 121 9.41 6.56 12.47
CA GLY A 121 10.64 7.33 12.37
C GLY A 121 11.19 7.28 10.94
N ALA A 122 12.28 6.54 10.78
CA ALA A 122 12.92 6.41 9.49
C ALA A 122 12.92 4.93 9.07
N ALA A 123 13.31 4.70 7.84
CA ALA A 123 13.36 3.35 7.31
C ALA A 123 14.79 2.83 7.39
N SER A 124 14.93 1.66 8.00
CA SER A 124 16.24 1.04 8.15
C SER A 124 16.52 0.09 6.99
N PHE A 125 15.64 0.16 5.99
CA PHE A 125 15.77 -0.68 4.82
C PHE A 125 15.68 0.16 3.53
N THR A 126 16.06 -0.47 2.44
CA THR A 126 16.01 0.19 1.14
C THR A 126 14.97 -0.46 0.24
N VAL A 127 13.94 0.31 -0.09
CA VAL A 127 12.88 -0.19 -0.95
C VAL A 127 13.48 -0.70 -2.25
N LYS A 128 12.86 -1.75 -2.78
CA LYS A 128 13.32 -2.35 -4.02
C LYS A 128 12.43 -1.87 -5.17
N GLU A 129 12.85 -0.79 -5.80
CA GLU A 129 12.11 -0.23 -6.92
C GLU A 129 12.22 -1.14 -8.14
N ASP A 130 11.81 -2.38 -7.95
CA ASP A 130 11.85 -3.35 -9.03
C ASP A 130 10.73 -4.38 -8.84
N ASN A 131 10.61 -4.86 -7.61
CA ASN A 131 9.59 -5.84 -7.28
C ASN A 131 8.30 -5.12 -6.92
N ASN A 132 7.83 -4.31 -7.86
CA ASN A 132 6.60 -3.55 -7.66
C ASN A 132 5.40 -4.47 -7.90
N LEU A 133 4.35 -4.24 -7.12
CA LEU A 133 3.14 -5.03 -7.24
C LEU A 133 1.99 -4.13 -7.70
N SER A 134 2.36 -2.94 -8.15
CA SER A 134 1.37 -1.99 -8.63
C SER A 134 1.18 -2.13 -10.14
N LEU A 135 1.98 -3.02 -10.73
CA LEU A 135 1.91 -3.25 -12.16
C LEU A 135 1.42 -4.69 -12.40
N VAL A 136 1.69 -5.54 -11.43
CA VAL A 136 1.28 -6.93 -11.53
C VAL A 136 -0.25 -7.01 -11.60
N GLU A 137 -0.72 -8.03 -12.30
CA GLU A 137 -2.15 -8.22 -12.46
C GLU A 137 -2.56 -9.62 -11.97
N TYR A 138 -3.57 -9.64 -11.11
CA TYR A 138 -4.05 -10.89 -10.57
C TYR A 138 -5.24 -11.42 -11.37
N GLU A 139 -5.44 -12.73 -11.30
CA GLU A 139 -6.53 -13.35 -12.02
C GLU A 139 -7.58 -13.89 -11.03
N SER A 140 -8.80 -14.03 -11.53
CA SER A 140 -9.89 -14.52 -10.70
C SER A 140 -11.12 -14.79 -11.58
N GLY A 141 -11.25 -16.04 -12.00
CA GLY A 141 -12.36 -16.44 -12.84
C GLY A 141 -11.88 -16.90 -14.22
N PRO A 142 -12.60 -17.92 -14.76
CA PRO A 142 -12.26 -18.47 -16.06
C PRO A 142 -12.69 -17.52 -17.18
N SER A 143 -12.00 -16.38 -17.24
CA SER A 143 -12.32 -15.39 -18.26
C SER A 143 -11.08 -14.53 -18.54
N SER A 144 -10.54 -13.97 -17.47
CA SER A 144 -9.36 -13.12 -17.57
C SER A 144 -9.64 -11.96 -18.52
N GLY A 145 -9.78 -10.77 -17.93
CA GLY A 145 -10.05 -9.57 -18.71
C GLY A 145 -11.49 -9.10 -18.50
N GLY A 1 18.03 -42.70 26.81
CA GLY A 1 16.76 -42.27 27.38
C GLY A 1 16.27 -40.98 26.72
N SER A 2 15.02 -41.03 26.28
CA SER A 2 14.42 -39.87 25.63
C SER A 2 12.97 -40.18 25.24
N SER A 3 12.20 -39.13 25.05
CA SER A 3 10.80 -39.26 24.67
C SER A 3 10.15 -37.89 24.57
N GLY A 4 9.09 -37.83 23.76
CA GLY A 4 8.37 -36.59 23.56
C GLY A 4 8.37 -36.18 22.09
N SER A 5 7.23 -35.66 21.65
CA SER A 5 7.08 -35.23 20.28
C SER A 5 5.66 -34.71 20.04
N SER A 6 5.58 -33.46 19.61
CA SER A 6 4.30 -32.84 19.34
C SER A 6 4.50 -31.46 18.73
N GLY A 7 3.45 -30.98 18.06
CA GLY A 7 3.51 -29.68 17.42
C GLY A 7 2.53 -29.61 16.24
N SER A 8 2.11 -28.39 15.93
CA SER A 8 1.19 -28.16 14.84
C SER A 8 1.15 -26.68 14.47
N THR A 9 1.98 -26.32 13.51
CA THR A 9 2.06 -24.94 13.07
C THR A 9 2.94 -24.83 11.82
N VAL A 10 2.72 -23.74 11.08
CA VAL A 10 3.49 -23.51 9.86
C VAL A 10 3.47 -22.02 9.54
N LYS A 11 3.79 -21.22 10.55
CA LYS A 11 3.81 -19.78 10.39
C LYS A 11 5.26 -19.32 10.17
N ARG A 12 5.39 -18.23 9.44
CA ARG A 12 6.71 -17.67 9.15
C ARG A 12 6.58 -16.22 8.70
N LYS A 13 6.61 -15.33 9.68
CA LYS A 13 6.50 -13.91 9.40
C LYS A 13 6.71 -13.12 10.70
N PRO A 14 7.20 -11.86 10.54
CA PRO A 14 7.44 -11.00 11.68
C PRO A 14 6.13 -10.45 12.25
N VAL A 15 6.26 -9.47 13.12
CA VAL A 15 5.10 -8.85 13.74
C VAL A 15 4.31 -8.07 12.68
N PHE A 16 5.05 -7.58 11.69
CA PHE A 16 4.43 -6.82 10.62
C PHE A 16 4.44 -7.62 9.31
N VAL A 17 3.64 -7.15 8.37
CA VAL A 17 3.54 -7.80 7.07
C VAL A 17 4.47 -7.10 6.08
N LYS A 18 4.56 -7.68 4.89
CA LYS A 18 5.41 -7.13 3.85
C LYS A 18 4.54 -6.74 2.64
N VAL A 19 5.16 -6.03 1.71
CA VAL A 19 4.46 -5.59 0.52
C VAL A 19 4.19 -6.81 -0.38
N GLU A 20 5.21 -7.63 -0.54
CA GLU A 20 5.10 -8.82 -1.36
C GLU A 20 4.10 -9.80 -0.73
N GLN A 21 3.71 -9.49 0.50
CA GLN A 21 2.76 -10.34 1.21
C GLN A 21 1.33 -9.91 0.91
N LEU A 22 1.22 -8.75 0.28
CA LEU A 22 -0.08 -8.21 -0.07
C LEU A 22 -0.72 -9.10 -1.14
N LYS A 23 -2.05 -9.08 -1.17
CA LYS A 23 -2.79 -9.88 -2.13
C LYS A 23 -4.25 -9.42 -2.15
N PRO A 24 -4.98 -9.86 -3.20
CA PRO A 24 -6.37 -9.51 -3.35
C PRO A 24 -7.25 -10.30 -2.37
N GLY A 25 -8.17 -9.58 -1.75
CA GLY A 25 -9.07 -10.20 -0.78
C GLY A 25 -8.56 -10.01 0.65
N THR A 26 -7.51 -9.21 0.77
CA THR A 26 -6.92 -8.95 2.07
C THR A 26 -7.32 -7.56 2.57
N THR A 27 -7.20 -7.38 3.88
CA THR A 27 -7.54 -6.11 4.49
C THR A 27 -6.77 -5.92 5.80
N GLY A 28 -6.88 -4.72 6.35
CA GLY A 28 -6.20 -4.40 7.59
C GLY A 28 -4.82 -5.04 7.64
N HIS A 29 -3.83 -4.27 7.19
CA HIS A 29 -2.45 -4.74 7.17
C HIS A 29 -1.58 -3.83 8.03
N THR A 30 -0.45 -4.37 8.45
CA THR A 30 0.47 -3.60 9.28
C THR A 30 1.91 -3.86 8.83
N LEU A 31 2.47 -2.86 8.16
CA LEU A 31 3.84 -2.96 7.68
C LEU A 31 4.45 -1.56 7.58
N THR A 32 5.76 -1.54 7.37
CA THR A 32 6.47 -0.28 7.26
C THR A 32 6.84 0.00 5.81
N VAL A 33 6.17 0.99 5.24
CA VAL A 33 6.41 1.37 3.86
C VAL A 33 7.27 2.63 3.82
N LYS A 34 8.26 2.62 2.95
CA LYS A 34 9.16 3.75 2.81
C LYS A 34 8.87 4.47 1.49
N VAL A 35 8.49 5.73 1.60
CA VAL A 35 8.18 6.52 0.43
C VAL A 35 9.45 6.69 -0.42
N ILE A 36 9.25 6.68 -1.72
CA ILE A 36 10.36 6.82 -2.66
C ILE A 36 10.14 8.08 -3.51
N GLU A 37 8.95 8.16 -4.07
CA GLU A 37 8.61 9.30 -4.91
C GLU A 37 7.19 9.79 -4.60
N ALA A 38 6.95 11.05 -4.90
CA ALA A 38 5.65 11.66 -4.65
C ALA A 38 5.36 12.70 -5.73
N ASN A 39 4.45 12.34 -6.63
CA ASN A 39 4.08 13.24 -7.71
C ASN A 39 2.55 13.20 -7.89
N ILE A 40 2.01 14.33 -8.32
CA ILE A 40 0.58 14.43 -8.54
C ILE A 40 0.16 13.43 -9.62
N VAL A 41 -1.05 12.91 -9.45
CA VAL A 41 -1.58 11.95 -10.40
C VAL A 41 -3.05 12.26 -10.68
N VAL A 42 -3.33 12.59 -11.93
CA VAL A 42 -4.69 12.92 -12.33
C VAL A 42 -5.44 11.62 -12.65
N PRO A 43 -6.80 11.70 -12.51
CA PRO A 43 -7.64 10.55 -12.78
C PRO A 43 -7.77 10.31 -14.28
N VAL A 44 -7.12 9.25 -14.74
CA VAL A 44 -7.16 8.90 -16.15
C VAL A 44 -6.94 7.39 -16.30
N THR A 45 -5.68 7.00 -16.24
CA THR A 45 -5.32 5.59 -16.37
C THR A 45 -3.96 5.34 -15.74
N ARG A 46 -4.00 4.82 -14.51
CA ARG A 46 -2.78 4.51 -13.79
C ARG A 46 -1.74 3.89 -14.73
N LYS A 47 -2.16 2.83 -15.40
CA LYS A 47 -1.28 2.14 -16.33
C LYS A 47 -0.96 3.06 -17.50
N THR A 48 0.15 3.77 -17.37
CA THR A 48 0.58 4.69 -18.40
C THR A 48 1.81 4.14 -19.12
N ARG A 49 1.59 3.72 -20.36
CA ARG A 49 2.66 3.17 -21.17
C ARG A 49 3.67 4.27 -21.54
N PRO A 50 3.13 5.37 -22.11
CA PRO A 50 3.96 6.49 -22.51
C PRO A 50 4.41 7.30 -21.29
N ALA A 51 4.97 8.47 -21.56
CA ALA A 51 5.44 9.35 -20.51
C ALA A 51 4.25 10.14 -19.94
N SER A 52 4.55 10.95 -18.94
CA SER A 52 3.52 11.75 -18.31
C SER A 52 3.47 13.14 -18.96
N SER A 53 2.41 13.87 -18.63
CA SER A 53 2.24 15.20 -19.18
C SER A 53 2.23 16.23 -18.05
N LEU A 54 1.28 16.06 -17.14
CA LEU A 54 1.15 16.96 -16.01
C LEU A 54 0.86 18.38 -16.52
N SER A 55 0.37 19.21 -15.62
CA SER A 55 0.05 20.59 -15.97
C SER A 55 0.27 21.49 -14.75
N ARG A 56 -0.61 21.33 -13.77
CA ARG A 56 -0.53 22.11 -12.55
C ARG A 56 -1.49 21.57 -11.49
N PRO A 57 -1.05 21.64 -10.21
CA PRO A 57 -1.85 21.15 -9.11
C PRO A 57 -3.00 22.13 -8.80
N SER A 58 -4.20 21.59 -8.80
CA SER A 58 -5.39 22.39 -8.54
C SER A 58 -6.49 21.51 -7.92
N GLN A 59 -7.67 22.09 -7.84
CA GLN A 59 -8.81 21.37 -7.28
C GLN A 59 -8.54 20.98 -5.83
N PRO A 60 -9.64 20.78 -5.07
CA PRO A 60 -9.53 20.40 -3.66
C PRO A 60 -9.13 18.93 -3.53
N SER A 61 -9.16 18.45 -2.29
CA SER A 61 -8.81 17.07 -2.02
C SER A 61 -7.31 16.85 -2.25
N ARG A 62 -6.90 17.06 -3.50
CA ARG A 62 -5.51 16.89 -3.87
C ARG A 62 -5.07 15.44 -3.64
N ILE A 63 -4.94 14.71 -4.73
CA ILE A 63 -4.53 13.32 -4.66
C ILE A 63 -3.17 13.16 -5.35
N VAL A 64 -2.26 12.49 -4.66
CA VAL A 64 -0.93 12.26 -5.19
C VAL A 64 -0.57 10.79 -5.04
N GLU A 65 0.04 10.24 -6.08
CA GLU A 65 0.45 8.85 -6.07
C GLU A 65 1.92 8.72 -5.66
N CYS A 66 2.14 8.44 -4.39
CA CYS A 66 3.48 8.28 -3.87
C CYS A 66 3.84 6.79 -3.88
N LEU A 67 5.12 6.53 -4.09
CA LEU A 67 5.60 5.16 -4.11
C LEU A 67 6.12 4.77 -2.73
N ILE A 68 5.51 3.75 -2.16
CA ILE A 68 5.92 3.28 -0.85
C ILE A 68 5.99 1.75 -0.85
N GLY A 69 6.84 1.22 0.02
CA GLY A 69 7.01 -0.21 0.12
C GLY A 69 8.23 -0.56 0.97
N ASP A 70 8.69 -1.81 0.84
CA ASP A 70 9.84 -2.26 1.59
C ASP A 70 10.74 -3.10 0.67
N GLU A 71 11.82 -3.60 1.25
CA GLU A 71 12.76 -4.41 0.50
C GLU A 71 12.02 -5.30 -0.49
N THR A 72 11.13 -6.12 0.05
CA THR A 72 10.36 -7.03 -0.78
C THR A 72 9.91 -6.34 -2.07
N GLY A 73 8.85 -5.55 -1.96
CA GLY A 73 8.33 -4.83 -3.10
C GLY A 73 7.67 -3.52 -2.67
N CYS A 74 7.02 -2.88 -3.64
CA CYS A 74 6.34 -1.63 -3.37
C CYS A 74 5.01 -1.63 -4.13
N ILE A 75 4.16 -0.68 -3.79
CA ILE A 75 2.87 -0.56 -4.42
C ILE A 75 2.45 0.92 -4.47
N LEU A 76 1.47 1.20 -5.32
CA LEU A 76 0.98 2.56 -5.46
C LEU A 76 -0.10 2.81 -4.42
N PHE A 77 0.14 3.83 -3.60
CA PHE A 77 -0.81 4.18 -2.55
C PHE A 77 -1.21 5.66 -2.67
N THR A 78 -2.52 5.89 -2.57
CA THR A 78 -3.04 7.24 -2.67
C THR A 78 -3.04 7.90 -1.29
N ALA A 79 -2.48 9.10 -1.24
CA ALA A 79 -2.42 9.85 0.01
C ALA A 79 -3.24 11.13 -0.12
N ARG A 80 -4.06 11.37 0.89
CA ARG A 80 -4.91 12.55 0.90
C ARG A 80 -4.08 13.80 1.17
N ASN A 81 -4.69 14.95 0.91
CA ASN A 81 -4.01 16.22 1.14
C ASN A 81 -3.34 16.22 2.51
N ASP A 82 -3.86 15.36 3.38
CA ASP A 82 -3.33 15.24 4.73
C ASP A 82 -2.21 14.21 4.74
N GLN A 83 -2.57 12.97 4.40
CA GLN A 83 -1.61 11.89 4.36
C GLN A 83 -0.41 12.27 3.49
N VAL A 84 -0.73 12.93 2.38
CA VAL A 84 0.31 13.35 1.44
C VAL A 84 1.53 13.83 2.22
N ASP A 85 1.27 14.60 3.27
CA ASP A 85 2.33 15.13 4.10
C ASP A 85 3.18 13.97 4.63
N LEU A 86 2.50 13.03 5.27
CA LEU A 86 3.18 11.88 5.83
C LEU A 86 3.80 11.06 4.70
N MET A 87 3.05 10.97 3.61
CA MET A 87 3.51 10.21 2.46
C MET A 87 4.45 11.06 1.59
N LYS A 88 5.44 11.64 2.25
CA LYS A 88 6.41 12.48 1.56
C LYS A 88 7.52 11.59 1.00
N PRO A 89 8.16 12.10 -0.10
CA PRO A 89 9.24 11.36 -0.74
C PRO A 89 10.52 11.43 0.10
N GLY A 90 11.05 10.27 0.41
CA GLY A 90 12.27 10.19 1.20
C GLY A 90 11.95 10.15 2.70
N ALA A 91 10.81 9.55 3.01
CA ALA A 91 10.39 9.44 4.40
C ALA A 91 9.83 8.03 4.65
N THR A 92 9.88 7.63 5.91
CA THR A 92 9.39 6.33 6.30
C THR A 92 8.10 6.45 7.11
N VAL A 93 7.08 5.71 6.68
CA VAL A 93 5.80 5.73 7.37
C VAL A 93 5.23 4.31 7.43
N ILE A 94 4.43 4.08 8.45
CA ILE A 94 3.83 2.77 8.64
C ILE A 94 2.33 2.86 8.32
N LEU A 95 1.76 1.72 7.95
CA LEU A 95 0.34 1.65 7.62
C LEU A 95 -0.35 0.68 8.58
N ARG A 96 -1.45 1.16 9.15
CA ARG A 96 -2.21 0.35 10.09
C ARG A 96 -3.67 0.24 9.63
N ASN A 97 -4.14 -0.99 9.55
CA ASN A 97 -5.51 -1.24 9.13
C ASN A 97 -5.64 -0.92 7.64
N SER A 98 -4.50 -0.89 6.97
CA SER A 98 -4.47 -0.60 5.54
C SER A 98 -5.17 -1.72 4.77
N ARG A 99 -6.10 -1.33 3.92
CA ARG A 99 -6.84 -2.28 3.12
C ARG A 99 -6.37 -2.23 1.66
N ILE A 100 -6.22 -3.41 1.08
CA ILE A 100 -5.78 -3.52 -0.30
C ILE A 100 -6.99 -3.41 -1.23
N ASP A 101 -6.89 -2.48 -2.17
CA ASP A 101 -7.96 -2.27 -3.12
C ASP A 101 -7.68 -3.06 -4.40
N MET A 102 -8.64 -3.90 -4.76
CA MET A 102 -8.51 -4.73 -5.95
C MET A 102 -8.80 -3.91 -7.22
N PHE A 103 -7.73 -3.51 -7.88
CA PHE A 103 -7.86 -2.72 -9.10
C PHE A 103 -7.96 -3.63 -10.33
N LYS A 104 -8.53 -3.09 -11.39
CA LYS A 104 -8.70 -3.84 -12.62
C LYS A 104 -7.43 -4.65 -12.90
N GLY A 105 -7.49 -5.91 -12.51
CA GLY A 105 -6.35 -6.81 -12.71
C GLY A 105 -5.11 -6.27 -12.00
N THR A 106 -5.32 -5.79 -10.78
CA THR A 106 -4.23 -5.25 -9.99
C THR A 106 -4.70 -4.88 -8.59
N MET A 107 -3.80 -4.32 -7.81
CA MET A 107 -4.11 -3.92 -6.45
C MET A 107 -3.24 -2.75 -6.00
N ARG A 108 -3.64 -2.15 -4.89
CA ARG A 108 -2.90 -1.02 -4.35
C ARG A 108 -3.11 -0.92 -2.84
N LEU A 109 -2.26 -0.13 -2.20
CA LEU A 109 -2.34 0.05 -0.77
C LEU A 109 -3.11 1.33 -0.46
N GLY A 110 -4.01 1.23 0.51
CA GLY A 110 -4.82 2.37 0.90
C GLY A 110 -5.25 2.26 2.37
N VAL A 111 -5.71 3.37 2.91
CA VAL A 111 -6.16 3.41 4.29
C VAL A 111 -7.59 3.98 4.34
N ASP A 112 -8.49 3.16 4.88
CA ASP A 112 -9.88 3.56 5.00
C ASP A 112 -10.04 4.47 6.22
N LYS A 113 -11.26 4.97 6.38
CA LYS A 113 -11.56 5.85 7.50
C LYS A 113 -11.22 5.14 8.81
N TRP A 114 -11.19 3.82 8.74
CA TRP A 114 -10.89 3.02 9.91
C TRP A 114 -9.39 2.69 9.88
N GLY A 115 -8.64 3.58 9.25
CA GLY A 115 -7.20 3.41 9.15
C GLY A 115 -6.47 4.75 9.19
N ARG A 116 -5.37 4.77 9.92
CA ARG A 116 -4.59 5.99 10.05
C ARG A 116 -3.10 5.69 9.88
N ILE A 117 -2.36 6.68 9.41
CA ILE A 117 -0.94 6.53 9.21
C ILE A 117 -0.21 6.63 10.55
N GLU A 118 0.98 6.03 10.60
CA GLU A 118 1.77 6.06 11.81
C GLU A 118 2.83 7.15 11.73
N ALA A 119 3.63 7.09 10.69
CA ALA A 119 4.68 8.06 10.48
C ALA A 119 5.92 7.66 11.28
N THR A 120 6.28 6.39 11.15
CA THR A 120 7.44 5.86 11.84
C THR A 120 8.66 6.77 11.63
N GLY A 121 9.73 6.43 12.33
CA GLY A 121 10.95 7.21 12.23
C GLY A 121 11.52 7.15 10.82
N ALA A 122 12.49 6.27 10.64
CA ALA A 122 13.13 6.11 9.34
C ALA A 122 13.08 4.63 8.93
N ALA A 123 13.37 4.39 7.67
CA ALA A 123 13.37 3.03 7.15
C ALA A 123 14.76 2.42 7.31
N SER A 124 14.78 1.22 7.86
CA SER A 124 16.03 0.51 8.08
C SER A 124 16.27 -0.48 6.94
N PHE A 125 15.37 -0.47 5.98
CA PHE A 125 15.47 -1.36 4.84
C PHE A 125 15.54 -0.57 3.54
N THR A 126 16.02 -1.24 2.50
CA THR A 126 16.14 -0.61 1.19
C THR A 126 15.02 -1.09 0.27
N VAL A 127 14.09 -0.18 0.00
CA VAL A 127 12.97 -0.49 -0.86
C VAL A 127 13.49 -0.99 -2.21
N LYS A 128 12.71 -1.89 -2.81
CA LYS A 128 13.09 -2.46 -4.10
C LYS A 128 12.16 -1.90 -5.18
N GLU A 129 12.65 -0.87 -5.86
CA GLU A 129 11.88 -0.24 -6.92
C GLU A 129 11.94 -1.08 -8.19
N ASP A 130 11.56 -2.34 -8.04
CA ASP A 130 11.57 -3.26 -9.17
C ASP A 130 10.41 -4.24 -9.03
N ASN A 131 10.27 -4.78 -7.83
CA ASN A 131 9.20 -5.73 -7.54
C ASN A 131 7.93 -4.96 -7.19
N ASN A 132 7.59 -4.01 -8.04
CA ASN A 132 6.40 -3.21 -7.84
C ASN A 132 5.16 -4.10 -7.97
N LEU A 133 4.22 -3.88 -7.06
CA LEU A 133 2.99 -4.66 -7.05
C LEU A 133 1.89 -3.87 -7.76
N SER A 134 2.20 -2.60 -8.02
CA SER A 134 1.25 -1.73 -8.70
C SER A 134 1.41 -1.86 -10.21
N LEU A 135 2.26 -2.79 -10.61
CA LEU A 135 2.52 -3.02 -12.02
C LEU A 135 1.96 -4.39 -12.41
N VAL A 136 2.57 -5.43 -11.85
CA VAL A 136 2.14 -6.78 -12.13
C VAL A 136 0.60 -6.85 -12.10
N GLU A 137 0.08 -7.79 -12.87
CA GLU A 137 -1.36 -7.97 -12.94
C GLU A 137 -1.75 -9.36 -12.43
N TYR A 138 -2.78 -9.38 -11.60
CA TYR A 138 -3.25 -10.63 -11.03
C TYR A 138 -4.43 -11.19 -11.84
N GLU A 139 -4.32 -12.47 -12.17
CA GLU A 139 -5.37 -13.14 -12.93
C GLU A 139 -6.43 -13.70 -12.00
N SER A 140 -7.69 -13.50 -12.39
CA SER A 140 -8.80 -13.98 -11.60
C SER A 140 -10.12 -13.74 -12.35
N GLY A 141 -10.41 -14.66 -13.27
CA GLY A 141 -11.62 -14.56 -14.07
C GLY A 141 -11.32 -14.07 -15.48
N PRO A 142 -12.21 -14.47 -16.43
CA PRO A 142 -12.04 -14.08 -17.82
C PRO A 142 -12.41 -12.61 -18.03
N SER A 143 -11.56 -11.74 -17.52
CA SER A 143 -11.79 -10.30 -17.63
C SER A 143 -11.57 -9.86 -19.08
N SER A 144 -12.68 -9.60 -19.76
CA SER A 144 -12.63 -9.17 -21.15
C SER A 144 -11.56 -9.97 -21.91
N GLY A 145 -11.95 -11.16 -22.34
CA GLY A 145 -11.04 -12.02 -23.07
C GLY A 145 -10.58 -13.21 -22.20
N GLY A 1 3.78 -37.54 33.48
CA GLY A 1 3.99 -36.84 32.24
C GLY A 1 2.67 -36.60 31.51
N SER A 2 2.64 -35.51 30.75
CA SER A 2 1.44 -35.14 30.00
C SER A 2 1.77 -34.05 29.00
N SER A 3 1.12 -34.13 27.84
CA SER A 3 1.32 -33.16 26.79
C SER A 3 0.12 -33.13 25.85
N GLY A 4 0.08 -32.10 25.02
CA GLY A 4 -1.02 -31.94 24.07
C GLY A 4 -0.65 -32.53 22.71
N SER A 5 -1.50 -32.26 21.73
CA SER A 5 -1.28 -32.76 20.38
C SER A 5 -2.22 -32.04 19.40
N SER A 6 -1.88 -32.16 18.13
CA SER A 6 -2.68 -31.53 17.09
C SER A 6 -2.64 -30.01 17.25
N GLY A 7 -2.63 -29.33 16.10
CA GLY A 7 -2.60 -27.88 16.09
C GLY A 7 -1.19 -27.37 15.83
N SER A 8 -1.08 -26.54 14.79
CA SER A 8 0.20 -25.97 14.42
C SER A 8 0.23 -24.48 14.73
N THR A 9 -0.14 -23.69 13.73
CA THR A 9 -0.17 -22.24 13.89
C THR A 9 1.17 -21.74 14.43
N VAL A 10 2.03 -21.35 13.50
CA VAL A 10 3.35 -20.85 13.86
C VAL A 10 3.82 -19.85 12.80
N LYS A 11 3.68 -20.27 11.54
CA LYS A 11 4.09 -19.43 10.43
C LYS A 11 5.57 -19.10 10.56
N ARG A 12 6.04 -18.23 9.68
CA ARG A 12 7.43 -17.83 9.69
C ARG A 12 7.56 -16.35 9.29
N LYS A 13 6.50 -15.60 9.58
CA LYS A 13 6.48 -14.18 9.26
C LYS A 13 6.78 -13.38 10.53
N PRO A 14 7.29 -12.13 10.32
CA PRO A 14 7.61 -11.26 11.43
C PRO A 14 6.34 -10.67 12.05
N VAL A 15 6.54 -9.65 12.88
CA VAL A 15 5.43 -8.99 13.54
C VAL A 15 4.65 -8.16 12.52
N PHE A 16 5.39 -7.65 11.54
CA PHE A 16 4.78 -6.84 10.50
C PHE A 16 4.79 -7.58 9.15
N VAL A 17 3.88 -7.16 8.29
CA VAL A 17 3.76 -7.77 6.97
C VAL A 17 4.70 -7.04 6.00
N LYS A 18 4.79 -7.59 4.79
CA LYS A 18 5.63 -7.00 3.77
C LYS A 18 4.79 -6.70 2.53
N VAL A 19 5.38 -5.94 1.62
CA VAL A 19 4.69 -5.58 0.38
C VAL A 19 4.51 -6.83 -0.47
N GLU A 20 5.58 -7.59 -0.60
CA GLU A 20 5.54 -8.81 -1.38
C GLU A 20 4.58 -9.82 -0.76
N GLN A 21 4.15 -9.50 0.45
CA GLN A 21 3.22 -10.38 1.18
C GLN A 21 1.77 -9.98 0.87
N LEU A 22 1.64 -8.88 0.14
CA LEU A 22 0.32 -8.39 -0.23
C LEU A 22 -0.28 -9.31 -1.30
N LYS A 23 -1.60 -9.37 -1.31
CA LYS A 23 -2.30 -10.20 -2.28
C LYS A 23 -3.79 -9.82 -2.29
N PRO A 24 -4.51 -10.36 -3.29
CA PRO A 24 -5.94 -10.09 -3.42
C PRO A 24 -6.74 -10.86 -2.36
N GLY A 25 -7.69 -10.16 -1.77
CA GLY A 25 -8.53 -10.76 -0.74
C GLY A 25 -7.92 -10.56 0.65
N THR A 26 -7.23 -9.45 0.81
CA THR A 26 -6.59 -9.14 2.08
C THR A 26 -7.02 -7.74 2.55
N THR A 27 -6.94 -7.56 3.86
CA THR A 27 -7.31 -6.29 4.45
C THR A 27 -6.53 -6.05 5.76
N GLY A 28 -6.68 -4.86 6.29
CA GLY A 28 -6.00 -4.50 7.53
C GLY A 28 -4.58 -5.10 7.57
N HIS A 29 -3.63 -4.31 7.10
CA HIS A 29 -2.25 -4.75 7.08
C HIS A 29 -1.40 -3.83 7.97
N THR A 30 -0.30 -4.38 8.46
CA THR A 30 0.60 -3.62 9.32
C THR A 30 2.05 -3.84 8.90
N LEU A 31 2.60 -2.84 8.23
CA LEU A 31 3.98 -2.91 7.76
C LEU A 31 4.55 -1.49 7.66
N THR A 32 5.87 -1.43 7.50
CA THR A 32 6.55 -0.15 7.39
C THR A 32 6.88 0.14 5.92
N VAL A 33 6.15 1.11 5.37
CA VAL A 33 6.36 1.50 3.98
C VAL A 33 7.19 2.78 3.94
N LYS A 34 8.23 2.76 3.11
CA LYS A 34 9.10 3.90 2.96
C LYS A 34 8.85 4.57 1.62
N VAL A 35 8.43 5.82 1.67
CA VAL A 35 8.14 6.58 0.47
C VAL A 35 9.44 6.79 -0.31
N ILE A 36 9.32 6.79 -1.63
CA ILE A 36 10.47 6.99 -2.49
C ILE A 36 10.24 8.24 -3.36
N GLU A 37 9.07 8.26 -3.98
CA GLU A 37 8.72 9.38 -4.85
C GLU A 37 7.27 9.81 -4.59
N ALA A 38 6.99 11.06 -4.94
CA ALA A 38 5.66 11.60 -4.75
C ALA A 38 5.38 12.65 -5.84
N ASN A 39 4.49 12.30 -6.74
CA ASN A 39 4.12 13.20 -7.83
C ASN A 39 2.61 13.14 -8.05
N ILE A 40 2.07 14.25 -8.52
CA ILE A 40 0.65 14.35 -8.78
C ILE A 40 0.23 13.18 -9.68
N VAL A 41 -1.06 12.85 -9.59
CA VAL A 41 -1.60 11.76 -10.39
C VAL A 41 -1.84 12.25 -11.82
N VAL A 42 -0.84 11.99 -12.67
CA VAL A 42 -0.93 12.40 -14.06
C VAL A 42 -2.17 11.77 -14.69
N PRO A 43 -2.65 12.41 -15.80
CA PRO A 43 -3.81 11.93 -16.51
C PRO A 43 -3.49 10.69 -17.33
N VAL A 44 -4.53 9.92 -17.63
CA VAL A 44 -4.36 8.71 -18.40
C VAL A 44 -3.11 7.98 -17.94
N THR A 45 -3.26 7.24 -16.86
CA THR A 45 -2.14 6.48 -16.30
C THR A 45 -2.65 5.37 -15.39
N ARG A 46 -3.48 5.77 -14.42
CA ARG A 46 -4.04 4.82 -13.48
C ARG A 46 -5.50 5.18 -13.16
N LYS A 47 -5.71 6.46 -12.87
CA LYS A 47 -7.04 6.95 -12.55
C LYS A 47 -7.44 6.45 -11.16
N THR A 48 -8.41 7.14 -10.58
CA THR A 48 -8.89 6.79 -9.26
C THR A 48 -10.42 6.75 -9.23
N ARG A 49 -10.96 5.55 -9.05
CA ARG A 49 -12.39 5.37 -9.01
C ARG A 49 -12.99 6.10 -7.81
N PRO A 50 -12.40 5.82 -6.62
CA PRO A 50 -12.86 6.45 -5.39
C PRO A 50 -12.40 7.91 -5.31
N ALA A 51 -12.77 8.66 -6.34
CA ALA A 51 -12.40 10.07 -6.39
C ALA A 51 -13.53 10.90 -5.78
N SER A 52 -14.66 10.92 -6.46
CA SER A 52 -15.81 11.67 -6.00
C SER A 52 -15.93 11.54 -4.47
N SER A 53 -15.93 12.69 -3.81
CA SER A 53 -16.04 12.72 -2.36
C SER A 53 -16.56 14.09 -1.91
N LEU A 54 -16.91 14.15 -0.63
CA LEU A 54 -17.41 15.39 -0.05
C LEU A 54 -18.70 15.79 -0.78
N SER A 55 -19.46 16.66 -0.12
CA SER A 55 -20.71 17.13 -0.68
C SER A 55 -20.63 18.62 -1.00
N ARG A 56 -20.32 19.40 0.03
CA ARG A 56 -20.19 20.84 -0.12
C ARG A 56 -19.05 21.17 -1.08
N PRO A 57 -19.21 22.33 -1.77
CA PRO A 57 -18.20 22.77 -2.72
C PRO A 57 -16.97 23.33 -1.99
N SER A 58 -16.29 22.44 -1.29
CA SER A 58 -15.10 22.83 -0.55
C SER A 58 -13.85 22.58 -1.39
N GLN A 59 -12.73 23.10 -0.92
CA GLN A 59 -11.46 22.94 -1.61
C GLN A 59 -11.36 21.52 -2.17
N PRO A 60 -10.53 21.39 -3.25
CA PRO A 60 -10.33 20.11 -3.89
C PRO A 60 -9.43 19.21 -3.05
N SER A 61 -9.70 17.91 -3.12
CA SER A 61 -8.92 16.94 -2.37
C SER A 61 -7.63 16.60 -3.13
N ARG A 62 -6.61 17.40 -2.86
CA ARG A 62 -5.32 17.20 -3.52
C ARG A 62 -4.84 15.77 -3.31
N ILE A 63 -4.82 15.02 -4.41
CA ILE A 63 -4.39 13.63 -4.36
C ILE A 63 -3.09 13.49 -5.15
N VAL A 64 -2.14 12.81 -4.53
CA VAL A 64 -0.84 12.60 -5.15
C VAL A 64 -0.39 11.15 -4.89
N GLU A 65 0.15 10.54 -5.94
CA GLU A 65 0.61 9.17 -5.84
C GLU A 65 2.09 9.14 -5.41
N CYS A 66 2.36 8.32 -4.41
CA CYS A 66 3.71 8.20 -3.89
C CYS A 66 4.08 6.72 -3.88
N LEU A 67 5.36 6.45 -4.13
CA LEU A 67 5.85 5.09 -4.14
C LEU A 67 6.33 4.71 -2.74
N ILE A 68 5.66 3.72 -2.17
CA ILE A 68 6.01 3.25 -0.83
C ILE A 68 6.06 1.73 -0.83
N GLY A 69 6.85 1.20 0.09
CA GLY A 69 6.99 -0.25 0.21
C GLY A 69 8.13 -0.61 1.17
N ASP A 70 8.64 -1.82 1.00
CA ASP A 70 9.73 -2.29 1.83
C ASP A 70 10.80 -2.94 0.96
N GLU A 71 11.84 -3.44 1.61
CA GLU A 71 12.94 -4.08 0.90
C GLU A 71 12.39 -5.14 -0.05
N THR A 72 11.18 -5.59 0.24
CA THR A 72 10.54 -6.60 -0.58
C THR A 72 10.10 -6.01 -1.92
N GLY A 73 9.00 -5.28 -1.86
CA GLY A 73 8.46 -4.65 -3.07
C GLY A 73 7.80 -3.31 -2.73
N CYS A 74 7.15 -2.74 -3.73
CA CYS A 74 6.48 -1.46 -3.56
C CYS A 74 5.09 -1.56 -4.21
N ILE A 75 4.28 -0.54 -3.95
CA ILE A 75 2.94 -0.49 -4.51
C ILE A 75 2.47 0.96 -4.57
N LEU A 76 1.43 1.18 -5.35
CA LEU A 76 0.87 2.52 -5.51
C LEU A 76 -0.16 2.76 -4.41
N PHE A 77 0.10 3.76 -3.59
CA PHE A 77 -0.79 4.11 -2.50
C PHE A 77 -1.19 5.58 -2.57
N THR A 78 -2.50 5.81 -2.66
CA THR A 78 -3.02 7.16 -2.73
C THR A 78 -3.00 7.82 -1.35
N ALA A 79 -2.51 9.05 -1.31
CA ALA A 79 -2.44 9.79 -0.06
C ALA A 79 -3.27 11.06 -0.18
N ARG A 80 -4.10 11.28 0.83
CA ARG A 80 -4.97 12.44 0.86
C ARG A 80 -4.14 13.71 1.13
N ASN A 81 -4.76 14.84 0.84
CA ASN A 81 -4.09 16.12 1.05
C ASN A 81 -3.40 16.12 2.42
N ASP A 82 -3.93 15.28 3.30
CA ASP A 82 -3.37 15.17 4.64
C ASP A 82 -2.24 14.15 4.64
N GLN A 83 -2.61 12.91 4.33
CA GLN A 83 -1.64 11.83 4.28
C GLN A 83 -0.47 12.20 3.37
N VAL A 84 -0.79 12.87 2.28
CA VAL A 84 0.22 13.29 1.33
C VAL A 84 1.48 13.72 2.09
N ASP A 85 1.26 14.46 3.16
CA ASP A 85 2.35 14.93 3.98
C ASP A 85 3.12 13.74 4.57
N LEU A 86 2.37 12.88 5.25
CA LEU A 86 2.95 11.70 5.85
C LEU A 86 3.51 10.79 4.76
N MET A 87 2.97 10.96 3.56
CA MET A 87 3.39 10.17 2.43
C MET A 87 4.39 10.95 1.55
N LYS A 88 5.18 11.77 2.22
CA LYS A 88 6.18 12.57 1.51
C LYS A 88 7.29 11.66 1.01
N PRO A 89 8.02 12.17 -0.03
CA PRO A 89 9.13 11.41 -0.60
C PRO A 89 10.35 11.44 0.31
N GLY A 90 10.92 10.25 0.52
CA GLY A 90 12.09 10.13 1.37
C GLY A 90 11.70 10.08 2.84
N ALA A 91 10.44 9.72 3.08
CA ALA A 91 9.93 9.63 4.43
C ALA A 91 9.41 8.22 4.68
N THR A 92 9.61 7.75 5.90
CA THR A 92 9.16 6.42 6.28
C THR A 92 7.92 6.51 7.16
N VAL A 93 6.90 5.74 6.78
CA VAL A 93 5.65 5.73 7.52
C VAL A 93 5.08 4.32 7.51
N ILE A 94 4.37 3.99 8.59
CA ILE A 94 3.77 2.67 8.71
C ILE A 94 2.28 2.76 8.33
N LEU A 95 1.75 1.64 7.87
CA LEU A 95 0.36 1.58 7.47
C LEU A 95 -0.39 0.59 8.38
N ARG A 96 -1.35 1.13 9.12
CA ARG A 96 -2.14 0.32 10.03
C ARG A 96 -3.55 0.14 9.49
N ASN A 97 -4.07 -1.07 9.65
CA ASN A 97 -5.41 -1.38 9.18
C ASN A 97 -5.51 -1.06 7.69
N SER A 98 -4.36 -1.06 7.03
CA SER A 98 -4.31 -0.76 5.61
C SER A 98 -4.97 -1.89 4.82
N ARG A 99 -5.98 -1.52 4.05
CA ARG A 99 -6.71 -2.49 3.24
C ARG A 99 -6.28 -2.37 1.78
N ILE A 100 -6.20 -3.53 1.13
CA ILE A 100 -5.81 -3.57 -0.28
C ILE A 100 -7.06 -3.41 -1.15
N ASP A 101 -6.97 -2.48 -2.09
CA ASP A 101 -8.07 -2.21 -2.99
C ASP A 101 -7.86 -2.99 -4.28
N MET A 102 -8.88 -3.77 -4.63
CA MET A 102 -8.83 -4.59 -5.84
C MET A 102 -9.10 -3.73 -7.08
N PHE A 103 -8.05 -3.50 -7.84
CA PHE A 103 -8.17 -2.70 -9.06
C PHE A 103 -8.28 -3.60 -10.29
N LYS A 104 -8.82 -3.03 -11.35
CA LYS A 104 -8.98 -3.76 -12.60
C LYS A 104 -7.74 -4.63 -12.85
N GLY A 105 -7.87 -5.90 -12.47
CA GLY A 105 -6.78 -6.83 -12.63
C GLY A 105 -5.50 -6.32 -11.97
N THR A 106 -5.68 -5.71 -10.81
CA THR A 106 -4.56 -5.16 -10.07
C THR A 106 -4.98 -4.83 -8.63
N MET A 107 -4.01 -4.37 -7.86
CA MET A 107 -4.26 -4.01 -6.47
C MET A 107 -3.36 -2.85 -6.03
N ARG A 108 -3.81 -2.17 -4.99
CA ARG A 108 -3.05 -1.05 -4.46
C ARG A 108 -3.22 -0.96 -2.94
N LEU A 109 -2.33 -0.21 -2.31
CA LEU A 109 -2.36 -0.04 -0.87
C LEU A 109 -3.09 1.27 -0.54
N GLY A 110 -3.93 1.20 0.48
CA GLY A 110 -4.69 2.37 0.90
C GLY A 110 -5.11 2.24 2.36
N VAL A 111 -5.64 3.34 2.89
CA VAL A 111 -6.08 3.37 4.28
C VAL A 111 -7.50 3.95 4.33
N ASP A 112 -8.43 3.13 4.81
CA ASP A 112 -9.81 3.56 4.93
C ASP A 112 -9.95 4.50 6.13
N LYS A 113 -11.15 5.04 6.29
CA LYS A 113 -11.43 5.94 7.38
C LYS A 113 -11.25 5.21 8.71
N TRP A 114 -11.21 3.89 8.62
CA TRP A 114 -11.04 3.06 9.80
C TRP A 114 -9.54 2.77 9.97
N GLY A 115 -8.74 3.58 9.29
CA GLY A 115 -7.30 3.42 9.35
C GLY A 115 -6.60 4.78 9.31
N ARG A 116 -5.40 4.81 9.89
CA ARG A 116 -4.62 6.03 9.93
C ARG A 116 -3.14 5.72 9.78
N ILE A 117 -2.40 6.71 9.31
CA ILE A 117 -0.97 6.56 9.12
C ILE A 117 -0.26 6.65 10.47
N GLU A 118 0.93 6.06 10.51
CA GLU A 118 1.71 6.06 11.74
C GLU A 118 2.74 7.19 11.70
N ALA A 119 3.65 7.10 10.75
CA ALA A 119 4.69 8.11 10.61
C ALA A 119 5.89 7.74 11.48
N THR A 120 6.22 6.46 11.45
CA THR A 120 7.34 5.96 12.24
C THR A 120 8.48 6.98 12.25
N GLY A 121 8.98 7.25 11.05
CA GLY A 121 10.08 8.20 10.90
C GLY A 121 11.37 7.50 10.47
N ALA A 122 11.73 7.74 9.22
CA ALA A 122 12.93 7.13 8.66
C ALA A 122 12.79 5.61 8.70
N ALA A 123 13.32 4.98 7.65
CA ALA A 123 13.27 3.53 7.55
C ALA A 123 14.66 2.95 7.76
N SER A 124 14.70 1.69 8.17
CA SER A 124 15.96 1.01 8.41
C SER A 124 16.22 0.00 7.29
N PHE A 125 15.54 0.20 6.18
CA PHE A 125 15.69 -0.68 5.04
C PHE A 125 15.64 0.10 3.72
N THR A 126 16.05 -0.57 2.65
CA THR A 126 16.05 0.06 1.34
C THR A 126 14.96 -0.56 0.46
N VAL A 127 14.00 0.26 0.10
CA VAL A 127 12.90 -0.19 -0.74
C VAL A 127 13.47 -0.81 -2.02
N LYS A 128 12.97 -2.00 -2.33
CA LYS A 128 13.41 -2.71 -3.52
C LYS A 128 12.70 -2.14 -4.75
N GLU A 129 13.29 -1.08 -5.29
CA GLU A 129 12.73 -0.43 -6.46
C GLU A 129 12.88 -1.34 -7.69
N ASP A 130 12.22 -2.48 -7.63
CA ASP A 130 12.27 -3.43 -8.71
C ASP A 130 11.07 -4.39 -8.62
N ASN A 131 10.83 -4.85 -7.39
CA ASN A 131 9.73 -5.77 -7.15
C ASN A 131 8.48 -4.96 -6.78
N ASN A 132 7.95 -4.27 -7.78
CA ASN A 132 6.76 -3.46 -7.58
C ASN A 132 5.51 -4.33 -7.79
N LEU A 133 4.46 -3.98 -7.07
CA LEU A 133 3.21 -4.72 -7.17
C LEU A 133 2.12 -3.79 -7.70
N SER A 134 2.54 -2.61 -8.10
CA SER A 134 1.61 -1.62 -8.64
C SER A 134 1.41 -1.85 -10.14
N LEU A 135 2.12 -2.85 -10.65
CA LEU A 135 2.04 -3.17 -12.06
C LEU A 135 1.52 -4.61 -12.22
N VAL A 136 1.96 -5.46 -11.30
CA VAL A 136 1.54 -6.85 -11.33
C VAL A 136 0.03 -6.92 -11.51
N GLU A 137 -0.41 -7.99 -12.17
CA GLU A 137 -1.83 -8.19 -12.42
C GLU A 137 -2.26 -9.58 -11.95
N TYR A 138 -3.28 -9.60 -11.11
CA TYR A 138 -3.80 -10.84 -10.58
C TYR A 138 -4.95 -11.37 -11.44
N GLU A 139 -5.29 -12.63 -11.21
CA GLU A 139 -6.36 -13.28 -11.96
C GLU A 139 -7.72 -12.79 -11.44
N SER A 140 -8.46 -12.17 -12.33
CA SER A 140 -9.78 -11.67 -11.98
C SER A 140 -10.79 -12.02 -13.07
N GLY A 141 -11.81 -12.77 -12.67
CA GLY A 141 -12.84 -13.19 -13.60
C GLY A 141 -12.86 -14.71 -13.77
N PRO A 142 -14.01 -15.23 -14.26
CA PRO A 142 -14.17 -16.65 -14.47
C PRO A 142 -13.38 -17.13 -15.69
N SER A 143 -13.44 -16.32 -16.74
CA SER A 143 -12.75 -16.63 -17.98
C SER A 143 -12.86 -15.47 -18.96
N SER A 144 -14.10 -15.11 -19.26
CA SER A 144 -14.36 -14.01 -20.19
C SER A 144 -13.84 -14.37 -21.58
N GLY A 145 -14.27 -13.58 -22.55
CA GLY A 145 -13.86 -13.80 -23.93
C GLY A 145 -13.41 -12.49 -24.58
#